data_8UVQ
#
_entry.id   8UVQ
#
_cell.length_a   1.00
_cell.length_b   1.00
_cell.length_c   1.00
_cell.angle_alpha   90.00
_cell.angle_beta   90.00
_cell.angle_gamma   90.00
#
_symmetry.space_group_name_H-M   'P 1'
#
loop_
_entity.id
_entity.type
_entity.pdbx_description
1 polymer 'Transitional endoplasmic reticulum ATPase'
2 non-polymer "ADENOSINE-5'-DIPHOSPHATE"
3 non-polymer 2-[(4P)-4-(4-{[(4P)-5-(cyclohexylsulfanyl)-4-(pyridin-3-yl)-4H-1,2,4-triazol-3-yl]methoxy}-2,5-difluorophenyl)-2H-1,2,3-triazol-2-yl]-1-[(2R,6S)-2,6-dimethylmorpholin-4-yl]ethan-1-one
#
_entity_poly.entity_id   1
_entity_poly.type   'polypeptide(L)'
_entity_poly.pdbx_seq_one_letter_code
;MASGADSKGDDLSTAILKQKNRPNRLIVDEAINEDNSVVSLSQPKMDELQLFRGDTVLLKGKKRREAVCIVLSDDTCSDE
KIRMNRVVRNNLRVRLGDVISIQPCPDVKYGKRIHVLPIDDTVEGITGNLFEVYLKPYFLEAYRPIRKGDIFLVHGGMRA
VEFKVVETDPSPYCIVAPDTVIHCEGEPIKREDEEESLNEVGYDDIGGCRKQLAQIKEMVELPLRHPALFKAIGVKPPRG
ILLYGPPGTGKTLIARAVANETGAFFFLINGPEIMSKLAGESESNLRKAFEEAEKNAPAIIFIDELDAIAPKREKTHGEV
ERRIVSQLLTLMDGLKQRAHVIVMAATNRPNSIDPALRRFGRFDREVDIGIPDATGRLEILQIHTKNMKLADDVDLEQVA
NETHGHVGADLAALCSEAALQAIRKKMDLIDLEDETIDAEVMNSLAVTMDDFRWALSQSNPSALRETVVEVPQVTWEDIG
GLEDVKRELQELVQYPVEHPDKFLKFGMTPSKGVLFYGPPGCGKTLLAKAIANECQANFISIKGPELLTMWFGESEANVR
EIFDKARQAAPCVLFFDELDSIAKARGGNIGDGGGAADRVINQILTEMDGMSTKKNVFIIGATNRPDIIDPAILRPGRLD
QLIYIPLPDEKSRVAILKANLRKSPVAKDVDLEFLAKMTNGFSGADLTEICQRACKLAIRESIESEIRRERERQTNPSAM
EVEEDDPVPEIRRDHFEEAMRFARRSVSDNDIRKYEMFAQTLQQSRGFGSFRFPSGNQGGAGPSQGSGGGTGGSVYTEDN
DDDLYG
;
_entity_poly.pdbx_strand_id   A,B,C,D,E,F
#
# COMPACT_ATOMS: atom_id res chain seq x y z
N ARG A 22 -36.65 -60.31 -12.38
CA ARG A 22 -36.50 -60.56 -13.81
C ARG A 22 -35.04 -60.34 -14.23
N PRO A 23 -34.30 -61.41 -14.48
CA PRO A 23 -32.88 -61.27 -14.81
C PRO A 23 -32.61 -60.81 -16.24
N ASN A 24 -33.65 -60.62 -17.06
CA ASN A 24 -33.43 -60.25 -18.45
C ASN A 24 -32.79 -58.88 -18.57
N ARG A 25 -33.21 -57.92 -17.76
CA ARG A 25 -32.82 -56.52 -17.90
C ARG A 25 -32.13 -56.03 -16.63
N LEU A 26 -31.09 -55.24 -16.80
CA LEU A 26 -30.33 -54.70 -15.67
C LEU A 26 -29.73 -53.35 -16.05
N ILE A 27 -29.41 -52.56 -15.03
CA ILE A 27 -28.82 -51.24 -15.20
C ILE A 27 -27.31 -51.37 -15.05
N VAL A 28 -26.56 -50.77 -15.99
CA VAL A 28 -25.11 -50.94 -16.04
C VAL A 28 -24.45 -50.09 -14.97
N ASP A 29 -23.17 -50.37 -14.69
CA ASP A 29 -22.42 -49.65 -13.68
C ASP A 29 -20.94 -49.81 -13.96
N GLU A 30 -20.13 -49.03 -13.25
CA GLU A 30 -18.68 -49.07 -13.45
C GLU A 30 -18.09 -50.36 -12.89
N ALA A 31 -17.16 -50.94 -13.65
CA ALA A 31 -16.43 -52.13 -13.23
C ALA A 31 -15.05 -51.75 -12.70
N ILE A 32 -14.47 -52.64 -11.90
CA ILE A 32 -13.19 -52.39 -11.26
C ILE A 32 -12.19 -53.48 -11.62
N ASN A 33 -12.69 -54.68 -11.93
CA ASN A 33 -11.79 -55.77 -12.29
C ASN A 33 -11.38 -55.70 -13.76
N GLU A 34 -12.29 -55.26 -14.62
CA GLU A 34 -12.00 -55.04 -16.03
C GLU A 34 -11.56 -56.32 -16.74
N ASP A 35 -10.25 -56.53 -16.88
CA ASP A 35 -9.66 -57.58 -17.70
C ASP A 35 -10.04 -57.45 -19.17
N ASN A 36 -10.65 -56.32 -19.56
CA ASN A 36 -11.01 -56.05 -20.95
C ASN A 36 -12.18 -56.91 -21.40
N SER A 37 -12.66 -57.81 -20.54
CA SER A 37 -13.70 -58.76 -20.91
C SER A 37 -14.74 -59.05 -19.83
N VAL A 38 -14.42 -58.85 -18.55
CA VAL A 38 -15.24 -59.40 -17.48
C VAL A 38 -16.47 -58.54 -17.25
N VAL A 39 -17.61 -59.19 -17.08
CA VAL A 39 -18.85 -58.55 -16.65
C VAL A 39 -19.22 -59.12 -15.29
N SER A 40 -19.39 -58.25 -14.30
CA SER A 40 -19.50 -58.66 -12.91
C SER A 40 -20.95 -58.65 -12.45
N LEU A 41 -21.38 -59.78 -11.88
CA LEU A 41 -22.72 -59.90 -11.29
C LEU A 41 -22.56 -60.36 -9.84
N SER A 42 -23.67 -60.72 -9.18
CA SER A 42 -23.64 -61.25 -7.82
C SER A 42 -24.15 -62.69 -7.85
N GLN A 43 -23.45 -63.57 -7.14
CA GLN A 43 -23.86 -64.98 -7.13
C GLN A 43 -25.29 -65.16 -6.63
N PRO A 44 -25.71 -64.54 -5.52
CA PRO A 44 -27.14 -64.55 -5.18
C PRO A 44 -28.03 -64.01 -6.28
N LYS A 45 -27.46 -63.26 -7.23
CA LYS A 45 -28.20 -62.81 -8.41
C LYS A 45 -27.88 -63.65 -9.64
N MET A 46 -26.64 -64.17 -9.75
CA MET A 46 -26.30 -65.01 -10.88
C MET A 46 -27.09 -66.31 -10.87
N ASP A 47 -27.47 -66.80 -9.69
CA ASP A 47 -28.33 -67.97 -9.62
C ASP A 47 -29.62 -67.71 -10.38
N GLU A 48 -30.21 -66.53 -10.21
CA GLU A 48 -31.33 -66.13 -11.04
C GLU A 48 -30.91 -65.96 -12.48
N LEU A 49 -29.69 -65.50 -12.72
CA LEU A 49 -29.17 -65.37 -14.08
C LEU A 49 -28.72 -66.69 -14.68
N GLN A 50 -28.72 -67.78 -13.91
CA GLN A 50 -28.40 -69.11 -14.40
C GLN A 50 -26.93 -69.26 -14.78
N LEU A 51 -26.05 -68.49 -14.15
CA LEU A 51 -24.61 -68.60 -14.34
C LEU A 51 -23.97 -68.82 -12.98
N PHE A 52 -22.93 -69.66 -12.93
CA PHE A 52 -22.34 -70.08 -11.67
C PHE A 52 -20.90 -69.62 -11.49
N ARG A 53 -19.97 -70.05 -12.35
CA ARG A 53 -18.55 -69.78 -12.15
C ARG A 53 -17.97 -68.87 -13.24
N GLY A 54 -18.07 -69.26 -14.50
CA GLY A 54 -17.50 -68.49 -15.58
C GLY A 54 -18.28 -68.63 -16.88
N ASP A 55 -19.55 -69.02 -16.78
CA ASP A 55 -20.32 -69.33 -17.96
C ASP A 55 -20.51 -68.09 -18.83
N THR A 56 -20.69 -68.32 -20.13
CA THR A 56 -20.88 -67.23 -21.07
C THR A 56 -22.16 -66.46 -20.75
N VAL A 57 -22.14 -65.16 -21.02
CA VAL A 57 -23.23 -64.28 -20.68
C VAL A 57 -24.10 -63.95 -21.89
N LEU A 58 -23.49 -63.81 -23.06
CA LEU A 58 -24.20 -63.35 -24.26
C LEU A 58 -24.89 -62.01 -23.98
N LEU A 59 -24.07 -61.03 -23.60
CA LEU A 59 -24.58 -59.71 -23.28
C LEU A 59 -25.35 -59.13 -24.47
N LYS A 60 -26.51 -58.57 -24.19
CA LYS A 60 -27.35 -57.93 -25.20
C LYS A 60 -27.20 -56.42 -25.09
N GLY A 61 -26.99 -55.78 -26.24
CA GLY A 61 -26.75 -54.35 -26.30
C GLY A 61 -28.00 -53.54 -26.53
N LYS A 62 -27.82 -52.38 -27.14
CA LYS A 62 -28.91 -51.45 -27.41
C LYS A 62 -29.42 -51.54 -28.84
N LYS A 63 -28.56 -51.38 -29.84
CA LYS A 63 -29.04 -51.18 -31.21
C LYS A 63 -29.12 -52.50 -32.00
N ARG A 64 -27.96 -53.06 -32.36
CA ARG A 64 -27.98 -54.27 -33.18
C ARG A 64 -26.76 -55.16 -32.88
N ARG A 65 -26.41 -55.33 -31.61
CA ARG A 65 -25.21 -56.10 -31.30
C ARG A 65 -25.33 -56.76 -29.94
N GLU A 66 -24.54 -57.82 -29.77
CA GLU A 66 -24.45 -58.57 -28.53
C GLU A 66 -23.00 -58.98 -28.32
N ALA A 67 -22.65 -59.24 -27.06
CA ALA A 67 -21.30 -59.67 -26.69
C ALA A 67 -21.39 -60.89 -25.77
N VAL A 68 -20.40 -61.76 -25.89
CA VAL A 68 -20.39 -62.99 -25.09
C VAL A 68 -20.07 -62.68 -23.63
N CYS A 69 -18.97 -61.98 -23.39
CA CYS A 69 -18.58 -61.57 -22.03
C CYS A 69 -18.37 -62.77 -21.12
N ILE A 70 -17.81 -62.53 -19.94
CA ILE A 70 -17.61 -63.56 -18.92
C ILE A 70 -18.22 -63.06 -17.61
N VAL A 71 -18.81 -63.99 -16.86
CA VAL A 71 -19.49 -63.66 -15.61
C VAL A 71 -18.50 -63.77 -14.46
N LEU A 72 -18.62 -62.87 -13.50
CA LEU A 72 -17.79 -62.86 -12.31
C LEU A 72 -18.51 -62.01 -11.26
N SER A 73 -17.96 -61.95 -10.05
CA SER A 73 -18.59 -61.20 -8.97
C SER A 73 -17.54 -60.46 -8.14
N ASP A 74 -18.02 -59.41 -7.49
CA ASP A 74 -17.21 -58.64 -6.54
C ASP A 74 -18.17 -58.01 -5.52
N ASP A 75 -17.65 -57.08 -4.72
CA ASP A 75 -18.41 -56.57 -3.58
C ASP A 75 -19.53 -55.62 -4.01
N THR A 76 -19.25 -54.73 -4.96
CA THR A 76 -20.11 -53.59 -5.24
C THR A 76 -21.36 -53.93 -6.03
N CYS A 77 -21.69 -55.22 -6.21
CA CYS A 77 -22.86 -55.56 -7.01
C CYS A 77 -24.16 -55.10 -6.35
N SER A 78 -24.33 -55.43 -5.07
CA SER A 78 -25.54 -55.10 -4.32
C SER A 78 -26.78 -55.78 -4.89
N ASP A 79 -26.60 -56.81 -5.72
CA ASP A 79 -27.71 -57.56 -6.32
C ASP A 79 -28.65 -56.67 -7.10
N GLU A 80 -28.18 -55.52 -7.58
CA GLU A 80 -29.04 -54.55 -8.24
C GLU A 80 -28.49 -54.13 -9.60
N LYS A 81 -27.17 -54.05 -9.71
CA LYS A 81 -26.52 -53.45 -10.87
C LYS A 81 -25.57 -54.44 -11.52
N ILE A 82 -25.30 -54.21 -12.81
CA ILE A 82 -24.35 -55.00 -13.59
C ILE A 82 -23.21 -54.09 -14.00
N ARG A 83 -21.98 -54.58 -13.84
CA ARG A 83 -20.78 -53.77 -14.03
C ARG A 83 -20.07 -54.19 -15.32
N MET A 84 -19.68 -53.21 -16.12
CA MET A 84 -18.98 -53.44 -17.37
C MET A 84 -17.95 -52.35 -17.58
N ASN A 85 -16.74 -52.75 -17.98
CA ASN A 85 -15.68 -51.80 -18.27
C ASN A 85 -15.93 -51.11 -19.60
N ARG A 86 -15.20 -50.02 -19.84
CA ARG A 86 -15.46 -49.19 -21.01
C ARG A 86 -15.27 -49.97 -22.31
N VAL A 87 -14.47 -51.04 -22.29
CA VAL A 87 -14.31 -51.84 -23.51
C VAL A 87 -15.66 -52.41 -23.93
N VAL A 88 -16.37 -53.04 -23.00
CA VAL A 88 -17.67 -53.60 -23.32
C VAL A 88 -18.69 -52.48 -23.58
N ARG A 89 -18.69 -51.45 -22.74
CA ARG A 89 -19.68 -50.38 -22.88
C ARG A 89 -19.60 -49.74 -24.25
N ASN A 90 -18.39 -49.37 -24.68
CA ASN A 90 -18.21 -48.80 -26.00
C ASN A 90 -18.47 -49.83 -27.09
N ASN A 91 -18.12 -51.10 -26.84
CA ASN A 91 -18.42 -52.13 -27.83
C ASN A 91 -19.92 -52.27 -28.05
N LEU A 92 -20.71 -52.19 -26.97
CA LEU A 92 -22.15 -52.39 -27.05
C LEU A 92 -22.91 -51.09 -27.30
N ARG A 93 -22.20 -49.97 -27.51
CA ARG A 93 -22.84 -48.67 -27.71
C ARG A 93 -23.66 -48.27 -26.49
N VAL A 94 -23.14 -48.55 -25.31
CA VAL A 94 -23.84 -48.31 -24.05
C VAL A 94 -23.04 -47.30 -23.25
N ARG A 95 -23.72 -46.27 -22.75
CA ARG A 95 -23.11 -45.30 -21.85
C ARG A 95 -23.39 -45.71 -20.41
N LEU A 96 -22.43 -45.41 -19.53
CA LEU A 96 -22.58 -45.77 -18.13
C LEU A 96 -23.83 -45.10 -17.55
N GLY A 97 -24.65 -45.90 -16.86
CA GLY A 97 -25.92 -45.44 -16.34
C GLY A 97 -27.13 -45.85 -17.16
N ASP A 98 -26.92 -46.55 -18.27
CA ASP A 98 -28.02 -46.96 -19.13
C ASP A 98 -28.60 -48.29 -18.64
N VAL A 99 -29.65 -48.74 -19.31
CA VAL A 99 -30.31 -50.01 -19.00
C VAL A 99 -30.17 -50.92 -20.21
N ILE A 100 -29.73 -52.16 -19.97
CA ILE A 100 -29.45 -53.12 -21.02
C ILE A 100 -30.11 -54.45 -20.66
N SER A 101 -29.98 -55.41 -21.57
CA SER A 101 -30.57 -56.73 -21.42
C SER A 101 -29.49 -57.79 -21.43
N ILE A 102 -29.83 -58.98 -20.93
CA ILE A 102 -28.93 -60.12 -20.88
C ILE A 102 -29.68 -61.35 -21.38
N GLN A 103 -28.97 -62.23 -22.08
CA GLN A 103 -29.53 -63.46 -22.64
C GLN A 103 -28.62 -64.61 -22.22
N PRO A 104 -28.71 -65.05 -20.95
CA PRO A 104 -27.79 -66.08 -20.47
C PRO A 104 -27.88 -67.35 -21.30
N CYS A 105 -26.72 -67.97 -21.51
CA CYS A 105 -26.62 -69.22 -22.25
C CYS A 105 -25.33 -69.94 -21.90
N PRO A 106 -25.30 -70.73 -20.81
CA PRO A 106 -24.06 -71.42 -20.44
C PRO A 106 -23.74 -72.57 -21.38
N ASP A 107 -23.19 -72.25 -22.55
CA ASP A 107 -22.86 -73.24 -23.55
C ASP A 107 -21.47 -72.95 -24.11
N VAL A 108 -20.85 -74.00 -24.65
CA VAL A 108 -19.50 -73.92 -25.21
C VAL A 108 -19.58 -74.28 -26.69
N LYS A 109 -19.09 -73.38 -27.55
CA LYS A 109 -19.03 -73.60 -28.98
C LYS A 109 -17.77 -72.94 -29.53
N TYR A 110 -17.01 -73.67 -30.33
CA TYR A 110 -15.72 -73.22 -30.82
C TYR A 110 -15.82 -72.74 -32.26
N GLY A 111 -14.96 -71.77 -32.60
CA GLY A 111 -14.87 -71.26 -33.94
C GLY A 111 -13.55 -71.64 -34.59
N LYS A 112 -13.46 -71.37 -35.89
CA LYS A 112 -12.28 -71.73 -36.67
C LYS A 112 -11.79 -70.65 -37.62
N ARG A 113 -12.55 -69.57 -37.85
CA ARG A 113 -12.20 -68.53 -38.80
C ARG A 113 -12.29 -67.15 -38.15
N ILE A 114 -11.71 -67.01 -36.96
CA ILE A 114 -11.67 -65.73 -36.28
C ILE A 114 -10.60 -64.87 -36.94
N HIS A 115 -11.01 -63.76 -37.53
CA HIS A 115 -10.11 -62.83 -38.21
C HIS A 115 -10.26 -61.45 -37.58
N VAL A 116 -9.13 -60.81 -37.29
CA VAL A 116 -9.10 -59.55 -36.56
C VAL A 116 -8.24 -58.56 -37.32
N LEU A 117 -8.59 -57.28 -37.20
CA LEU A 117 -7.84 -56.19 -37.83
C LEU A 117 -7.70 -55.05 -36.82
N PRO A 118 -6.54 -54.39 -36.76
CA PRO A 118 -6.40 -53.27 -35.84
C PRO A 118 -7.13 -52.02 -36.33
N ILE A 119 -7.37 -51.10 -35.41
CA ILE A 119 -8.10 -49.88 -35.67
C ILE A 119 -7.09 -48.76 -35.93
N ASP A 120 -7.21 -48.10 -37.08
CA ASP A 120 -6.26 -47.06 -37.46
C ASP A 120 -6.17 -45.97 -36.40
N ASP A 121 -7.30 -45.67 -35.74
CA ASP A 121 -7.28 -44.66 -34.68
C ASP A 121 -6.32 -45.05 -33.56
N THR A 122 -6.03 -46.35 -33.42
CA THR A 122 -5.12 -46.84 -32.39
C THR A 122 -3.79 -47.31 -32.97
N VAL A 123 -3.72 -47.58 -34.27
CA VAL A 123 -2.47 -47.90 -34.93
C VAL A 123 -2.27 -46.93 -36.09
N GLU A 124 -1.46 -45.90 -35.86
CA GLU A 124 -1.18 -44.86 -36.85
C GLU A 124 0.29 -44.45 -36.78
N GLY A 125 1.17 -45.43 -36.81
CA GLY A 125 2.60 -45.18 -36.71
C GLY A 125 3.36 -46.29 -36.00
N ILE A 126 2.65 -47.26 -35.45
CA ILE A 126 3.25 -48.45 -34.89
C ILE A 126 3.03 -49.60 -35.87
N THR A 127 4.13 -50.21 -36.31
CA THR A 127 4.07 -51.27 -37.30
C THR A 127 4.89 -52.45 -36.80
N GLY A 128 4.33 -53.65 -36.95
CA GLY A 128 5.01 -54.85 -36.51
C GLY A 128 4.07 -56.03 -36.58
N ASN A 129 4.52 -57.13 -35.98
CA ASN A 129 3.73 -58.36 -35.93
C ASN A 129 2.68 -58.25 -34.82
N LEU A 130 1.64 -57.46 -35.09
CA LEU A 130 0.62 -57.21 -34.08
C LEU A 130 -0.11 -58.49 -33.69
N PHE A 131 -0.01 -59.53 -34.51
CA PHE A 131 -0.52 -60.84 -34.10
C PHE A 131 0.33 -61.46 -33.00
N GLU A 132 1.56 -60.99 -32.82
CA GLU A 132 2.44 -61.54 -31.79
C GLU A 132 2.87 -60.51 -30.76
N VAL A 133 2.96 -59.24 -31.11
CA VAL A 133 3.59 -58.27 -30.21
C VAL A 133 2.61 -57.83 -29.12
N TYR A 134 1.32 -57.70 -29.46
CA TYR A 134 0.32 -57.16 -28.52
C TYR A 134 -0.95 -58.03 -28.57
N LEU A 135 -0.80 -59.31 -28.93
CA LEU A 135 -1.99 -60.15 -29.09
C LEU A 135 -1.88 -61.45 -28.32
N LYS A 136 -0.68 -62.03 -28.22
CA LYS A 136 -0.52 -63.35 -27.60
C LYS A 136 -1.09 -63.42 -26.20
N PRO A 137 -0.80 -62.46 -25.31
CA PRO A 137 -1.29 -62.57 -23.93
C PRO A 137 -2.76 -62.24 -23.73
N TYR A 138 -3.55 -62.14 -24.79
CA TYR A 138 -4.96 -61.78 -24.67
C TYR A 138 -5.92 -62.70 -25.43
N PHE A 139 -5.46 -63.43 -26.43
CA PHE A 139 -6.36 -64.26 -27.23
C PHE A 139 -6.64 -65.62 -26.60
N LEU A 140 -6.04 -65.93 -25.46
CA LEU A 140 -6.37 -67.15 -24.73
C LEU A 140 -6.25 -66.88 -23.23
N GLU A 141 -7.17 -67.44 -22.45
CA GLU A 141 -7.17 -67.35 -21.00
C GLU A 141 -7.60 -65.97 -20.51
N ALA A 142 -7.83 -65.04 -21.45
CA ALA A 142 -8.40 -63.73 -21.11
C ALA A 142 -9.87 -63.63 -21.50
N TYR A 143 -10.34 -64.51 -22.38
CA TYR A 143 -11.75 -64.59 -22.76
C TYR A 143 -12.23 -63.26 -23.35
N ARG A 144 -11.63 -62.89 -24.47
CA ARG A 144 -12.04 -61.68 -25.16
C ARG A 144 -13.50 -61.79 -25.61
N PRO A 145 -14.24 -60.68 -25.66
CA PRO A 145 -15.62 -60.75 -26.13
C PRO A 145 -15.69 -61.00 -27.64
N ILE A 146 -15.22 -62.18 -28.06
CA ILE A 146 -15.07 -62.45 -29.48
C ILE A 146 -16.45 -62.61 -30.10
N ARG A 147 -16.75 -61.78 -31.09
CA ARG A 147 -18.00 -61.83 -31.83
C ARG A 147 -17.89 -60.87 -33.00
N LYS A 148 -18.43 -61.26 -34.15
CA LYS A 148 -18.29 -60.44 -35.35
C LYS A 148 -18.76 -59.02 -35.09
N GLY A 149 -17.91 -58.06 -35.44
CA GLY A 149 -18.17 -56.66 -35.16
C GLY A 149 -17.69 -56.18 -33.81
N ASP A 150 -17.15 -57.06 -32.98
CA ASP A 150 -16.68 -56.65 -31.66
C ASP A 150 -15.38 -55.87 -31.76
N ILE A 151 -15.25 -54.88 -30.87
CA ILE A 151 -14.05 -54.07 -30.76
C ILE A 151 -13.55 -54.19 -29.33
N PHE A 152 -12.25 -54.48 -29.18
CA PHE A 152 -11.66 -54.70 -27.87
C PHE A 152 -10.29 -54.05 -27.77
N LEU A 153 -10.00 -53.46 -26.60
CA LEU A 153 -8.69 -52.92 -26.30
C LEU A 153 -7.84 -53.98 -25.62
N VAL A 154 -6.57 -54.05 -26.02
CA VAL A 154 -5.63 -55.01 -25.44
C VAL A 154 -4.52 -54.36 -24.62
N HIS A 155 -4.25 -53.06 -24.78
CA HIS A 155 -3.24 -52.35 -23.99
C HIS A 155 -1.86 -53.02 -24.12
N GLY A 156 -1.25 -52.83 -25.28
CA GLY A 156 0.03 -53.45 -25.61
C GLY A 156 1.25 -52.64 -25.20
N GLY A 157 2.10 -52.33 -26.17
CA GLY A 157 3.35 -51.67 -25.91
C GLY A 157 3.25 -50.15 -25.88
N MET A 158 3.03 -49.61 -24.69
CA MET A 158 3.06 -48.17 -24.47
C MET A 158 2.06 -47.44 -25.38
N ARG A 159 0.94 -48.09 -25.66
CA ARG A 159 -0.17 -47.44 -26.34
C ARG A 159 -1.41 -48.32 -26.27
N ALA A 160 -2.57 -47.72 -25.99
CA ALA A 160 -3.83 -48.46 -25.84
C ALA A 160 -4.32 -48.93 -27.21
N VAL A 161 -3.56 -49.86 -27.79
CA VAL A 161 -3.91 -50.39 -29.09
C VAL A 161 -5.18 -51.21 -28.99
N GLU A 162 -6.11 -51.00 -29.92
CA GLU A 162 -7.38 -51.70 -29.94
C GLU A 162 -7.55 -52.37 -31.30
N PHE A 163 -8.36 -53.43 -31.30
CA PHE A 163 -8.60 -54.23 -32.49
C PHE A 163 -10.10 -54.45 -32.66
N LYS A 164 -10.49 -54.86 -33.87
CA LYS A 164 -11.85 -55.26 -34.17
C LYS A 164 -11.82 -56.63 -34.82
N VAL A 165 -12.60 -57.56 -34.27
CA VAL A 165 -12.74 -58.89 -34.84
C VAL A 165 -13.85 -58.81 -35.88
N VAL A 166 -13.49 -59.01 -37.16
CA VAL A 166 -14.44 -58.77 -38.24
C VAL A 166 -15.36 -59.96 -38.42
N GLU A 167 -14.80 -61.16 -38.45
CA GLU A 167 -15.56 -62.38 -38.74
C GLU A 167 -15.41 -63.36 -37.58
N THR A 168 -16.54 -63.90 -37.13
CA THR A 168 -16.56 -64.97 -36.13
C THR A 168 -17.67 -65.94 -36.52
N ASP A 169 -17.29 -67.08 -37.09
CA ASP A 169 -18.25 -68.06 -37.59
C ASP A 169 -19.15 -68.75 -36.55
N PRO A 170 -18.77 -68.88 -35.28
CA PRO A 170 -19.80 -68.91 -34.23
C PRO A 170 -20.25 -67.51 -33.83
N SER A 171 -21.48 -67.46 -33.32
CA SER A 171 -22.06 -66.22 -32.84
C SER A 171 -23.38 -66.51 -32.12
N PRO A 172 -23.76 -65.70 -31.12
CA PRO A 172 -23.06 -64.52 -30.59
C PRO A 172 -22.03 -64.89 -29.53
N TYR A 173 -21.76 -66.18 -29.32
CA TYR A 173 -20.82 -66.63 -28.30
C TYR A 173 -19.85 -67.64 -28.91
N CYS A 174 -18.64 -67.68 -28.35
CA CYS A 174 -17.62 -68.60 -28.81
C CYS A 174 -16.65 -68.87 -27.69
N ILE A 175 -15.93 -69.98 -27.80
CA ILE A 175 -14.91 -70.34 -26.82
C ILE A 175 -13.62 -69.60 -27.17
N VAL A 176 -13.08 -68.88 -26.20
CA VAL A 176 -11.80 -68.20 -26.35
C VAL A 176 -10.76 -69.13 -25.74
N ALA A 177 -10.18 -69.99 -26.58
CA ALA A 177 -9.25 -71.02 -26.13
C ALA A 177 -8.37 -71.41 -27.32
N PRO A 178 -7.21 -72.01 -27.06
CA PRO A 178 -6.32 -72.34 -28.18
C PRO A 178 -6.91 -73.33 -29.17
N ASP A 179 -7.96 -74.07 -28.79
CA ASP A 179 -8.65 -74.91 -29.76
C ASP A 179 -9.24 -74.08 -30.88
N THR A 180 -9.84 -72.93 -30.55
CA THR A 180 -10.33 -72.00 -31.55
C THR A 180 -9.16 -71.39 -32.30
N VAL A 181 -9.34 -71.21 -33.62
CA VAL A 181 -8.28 -70.75 -34.50
C VAL A 181 -8.42 -69.24 -34.70
N ILE A 182 -7.33 -68.51 -34.48
CA ILE A 182 -7.26 -67.08 -34.71
C ILE A 182 -6.22 -66.83 -35.80
N HIS A 183 -6.60 -66.04 -36.80
CA HIS A 183 -5.79 -65.83 -37.99
C HIS A 183 -5.08 -64.48 -37.94
N CYS A 184 -4.07 -64.34 -38.80
CA CYS A 184 -3.28 -63.12 -38.85
C CYS A 184 -4.07 -61.99 -39.48
N GLU A 185 -3.72 -60.76 -39.10
CA GLU A 185 -4.41 -59.58 -39.59
C GLU A 185 -3.73 -59.07 -40.87
N GLY A 186 -4.16 -57.88 -41.31
CA GLY A 186 -3.57 -57.25 -42.47
C GLY A 186 -3.28 -55.78 -42.23
N GLU A 187 -3.53 -54.95 -43.23
CA GLU A 187 -3.34 -53.51 -43.06
C GLU A 187 -4.39 -52.95 -42.12
N PRO A 188 -4.07 -51.87 -41.41
CA PRO A 188 -5.04 -51.30 -40.45
C PRO A 188 -6.25 -50.73 -41.16
N ILE A 189 -7.38 -50.75 -40.44
CA ILE A 189 -8.64 -50.26 -40.96
C ILE A 189 -9.01 -48.98 -40.21
N LYS A 190 -9.82 -48.16 -40.86
CA LYS A 190 -10.26 -46.90 -40.28
C LYS A 190 -11.37 -47.12 -39.26
N ARG A 191 -11.39 -46.27 -38.25
CA ARG A 191 -12.44 -46.29 -37.24
C ARG A 191 -13.75 -45.79 -37.83
N GLU A 192 -14.86 -46.33 -37.32
CA GLU A 192 -16.17 -45.98 -37.84
C GLU A 192 -16.57 -44.57 -37.42
N ASP A 193 -16.37 -43.60 -38.31
CA ASP A 193 -16.75 -42.21 -38.00
C ASP A 193 -18.25 -42.04 -37.88
N GLU A 194 -19.04 -42.97 -38.42
CA GLU A 194 -20.49 -42.88 -38.28
C GLU A 194 -20.91 -42.88 -36.81
N GLU A 195 -20.14 -43.57 -35.96
CA GLU A 195 -20.36 -43.58 -34.53
C GLU A 195 -19.17 -43.07 -33.73
N GLU A 196 -17.97 -43.08 -34.30
CA GLU A 196 -16.76 -42.52 -33.70
C GLU A 196 -16.21 -43.37 -32.57
N SER A 197 -16.95 -44.41 -32.16
CA SER A 197 -16.51 -45.36 -31.14
C SER A 197 -16.36 -44.75 -29.75
N LEU A 198 -16.44 -43.43 -29.65
CA LEU A 198 -16.30 -42.71 -28.38
C LEU A 198 -15.22 -43.31 -27.48
N ASN A 199 -13.98 -43.38 -27.97
CA ASN A 199 -12.90 -43.91 -27.14
C ASN A 199 -12.46 -42.88 -26.10
N GLU A 200 -11.91 -41.75 -26.57
CA GLU A 200 -11.50 -40.62 -25.74
C GLU A 200 -10.99 -41.07 -24.37
N VAL A 201 -11.70 -40.71 -23.30
CA VAL A 201 -11.38 -41.11 -21.95
C VAL A 201 -12.68 -41.46 -21.23
N GLY A 202 -12.56 -41.85 -19.96
CA GLY A 202 -13.73 -42.19 -19.19
C GLY A 202 -13.39 -42.43 -17.74
N TYR A 203 -14.35 -43.02 -17.03
CA TYR A 203 -14.17 -43.22 -15.59
C TYR A 203 -13.05 -44.21 -15.28
N ASP A 204 -12.79 -45.17 -16.17
CA ASP A 204 -11.81 -46.20 -15.87
C ASP A 204 -10.40 -45.65 -15.75
N ASP A 205 -10.09 -44.52 -16.38
CA ASP A 205 -8.77 -43.91 -16.31
C ASP A 205 -8.75 -42.71 -15.37
N ILE A 206 -9.64 -42.67 -14.39
CA ILE A 206 -9.65 -41.67 -13.34
C ILE A 206 -9.33 -42.37 -12.04
N GLY A 207 -8.30 -41.90 -11.34
CA GLY A 207 -7.87 -42.54 -10.10
C GLY A 207 -7.50 -41.50 -9.06
N GLY A 208 -7.73 -41.87 -7.81
CA GLY A 208 -7.37 -41.01 -6.69
C GLY A 208 -8.45 -40.04 -6.27
N CYS A 209 -9.52 -39.91 -7.04
CA CYS A 209 -10.66 -39.04 -6.71
C CYS A 209 -11.96 -39.78 -6.96
N ARG A 210 -12.02 -41.03 -6.49
CA ARG A 210 -13.22 -41.84 -6.71
C ARG A 210 -14.42 -41.23 -6.00
N LYS A 211 -14.24 -40.73 -4.78
CA LYS A 211 -15.35 -40.11 -4.08
C LYS A 211 -15.84 -38.86 -4.79
N GLN A 212 -14.92 -38.00 -5.23
CA GLN A 212 -15.32 -36.79 -5.93
C GLN A 212 -15.95 -37.12 -7.28
N LEU A 213 -15.41 -38.12 -7.99
CA LEU A 213 -16.01 -38.52 -9.25
C LEU A 213 -17.41 -39.08 -9.03
N ALA A 214 -17.62 -39.84 -7.95
CA ALA A 214 -18.95 -40.33 -7.64
C ALA A 214 -19.90 -39.19 -7.32
N GLN A 215 -19.41 -38.18 -6.58
CA GLN A 215 -20.24 -37.02 -6.30
C GLN A 215 -20.65 -36.32 -7.59
N ILE A 216 -19.70 -36.12 -8.50
CA ILE A 216 -20.01 -35.48 -9.77
C ILE A 216 -20.99 -36.34 -10.57
N LYS A 217 -20.80 -37.66 -10.56
CA LYS A 217 -21.70 -38.53 -11.29
C LYS A 217 -23.12 -38.40 -10.77
N GLU A 218 -23.31 -38.55 -9.46
CA GLU A 218 -24.64 -38.39 -8.90
C GLU A 218 -25.17 -36.98 -9.08
N MET A 219 -24.30 -36.00 -9.27
CA MET A 219 -24.75 -34.62 -9.45
C MET A 219 -25.19 -34.33 -10.88
N VAL A 220 -24.56 -34.96 -11.87
CA VAL A 220 -24.71 -34.53 -13.26
C VAL A 220 -25.30 -35.60 -14.16
N GLU A 221 -25.43 -36.85 -13.72
CA GLU A 221 -25.88 -37.92 -14.61
C GLU A 221 -27.31 -37.69 -15.08
N LEU A 222 -28.22 -37.38 -14.15
CA LEU A 222 -29.63 -37.24 -14.51
C LEU A 222 -29.87 -36.13 -15.52
N PRO A 223 -29.41 -34.89 -15.31
CA PRO A 223 -29.71 -33.84 -16.29
C PRO A 223 -29.15 -34.13 -17.67
N LEU A 224 -28.02 -34.82 -17.77
CA LEU A 224 -27.43 -35.09 -19.08
C LEU A 224 -28.06 -36.31 -19.73
N ARG A 225 -28.21 -37.40 -18.97
CA ARG A 225 -28.80 -38.61 -19.52
C ARG A 225 -30.32 -38.49 -19.67
N HIS A 226 -30.97 -37.71 -18.81
CA HIS A 226 -32.43 -37.62 -18.78
C HIS A 226 -32.88 -36.17 -18.86
N PRO A 227 -32.56 -35.49 -19.96
CA PRO A 227 -33.10 -34.14 -20.15
C PRO A 227 -34.60 -34.11 -20.31
N ALA A 228 -35.22 -35.23 -20.69
CA ALA A 228 -36.67 -35.25 -20.91
C ALA A 228 -37.44 -35.00 -19.62
N LEU A 229 -37.02 -35.64 -18.52
CA LEU A 229 -37.75 -35.48 -17.28
C LEU A 229 -37.55 -34.10 -16.67
N PHE A 230 -36.39 -33.49 -16.92
CA PHE A 230 -36.10 -32.20 -16.28
C PHE A 230 -36.93 -31.06 -16.86
N LYS A 231 -37.64 -31.29 -17.96
CA LYS A 231 -38.65 -30.35 -18.40
C LYS A 231 -40.00 -30.60 -17.74
N ALA A 232 -40.14 -31.71 -17.01
CA ALA A 232 -41.37 -32.05 -16.30
C ALA A 232 -41.17 -32.16 -14.80
N ILE A 233 -39.95 -32.51 -14.35
CA ILE A 233 -39.71 -32.67 -12.92
C ILE A 233 -39.89 -31.35 -12.21
N GLY A 234 -39.47 -30.24 -12.83
CA GLY A 234 -39.60 -28.92 -12.27
C GLY A 234 -38.41 -28.48 -11.42
N VAL A 235 -37.84 -29.38 -10.63
CA VAL A 235 -36.74 -28.99 -9.74
C VAL A 235 -35.51 -28.68 -10.56
N LYS A 236 -34.89 -27.55 -10.25
CA LYS A 236 -33.73 -27.08 -11.00
C LYS A 236 -32.50 -27.92 -10.67
N PRO A 237 -31.82 -28.52 -11.65
CA PRO A 237 -30.54 -29.15 -11.38
C PRO A 237 -29.43 -28.11 -11.34
N PRO A 238 -28.22 -28.49 -10.92
CA PRO A 238 -27.12 -27.51 -10.88
C PRO A 238 -26.77 -26.98 -12.26
N ARG A 239 -27.02 -25.69 -12.48
CA ARG A 239 -26.73 -25.09 -13.78
C ARG A 239 -25.23 -25.15 -14.08
N GLY A 240 -24.40 -24.98 -13.07
CA GLY A 240 -22.96 -25.06 -13.25
C GLY A 240 -22.30 -25.72 -12.07
N ILE A 241 -21.21 -26.42 -12.35
CA ILE A 241 -20.43 -27.13 -11.34
C ILE A 241 -19.02 -26.57 -11.36
N LEU A 242 -18.54 -26.10 -10.21
CA LEU A 242 -17.25 -25.45 -10.12
C LEU A 242 -16.22 -26.44 -9.58
N LEU A 243 -15.71 -27.29 -10.47
CA LEU A 243 -14.57 -28.13 -10.13
C LEU A 243 -13.39 -27.25 -9.75
N TYR A 244 -12.63 -27.68 -8.75
CA TYR A 244 -11.43 -26.93 -8.41
C TYR A 244 -10.45 -27.83 -7.67
N GLY A 245 -9.20 -27.40 -7.68
CA GLY A 245 -8.11 -28.13 -7.07
C GLY A 245 -6.78 -27.63 -7.59
N PRO A 246 -5.68 -28.16 -7.06
CA PRO A 246 -4.38 -27.74 -7.55
C PRO A 246 -4.22 -28.07 -9.02
N PRO A 247 -3.40 -27.31 -9.75
CA PRO A 247 -3.26 -27.55 -11.18
C PRO A 247 -2.75 -28.95 -11.46
N GLY A 248 -3.26 -29.55 -12.54
CA GLY A 248 -2.88 -30.91 -12.88
C GLY A 248 -3.54 -31.98 -12.04
N THR A 249 -4.65 -31.65 -11.36
CA THR A 249 -5.33 -32.61 -10.51
C THR A 249 -6.31 -33.50 -11.27
N GLY A 250 -6.58 -33.20 -12.53
CA GLY A 250 -7.52 -33.96 -13.32
C GLY A 250 -8.86 -33.29 -13.56
N LYS A 251 -8.98 -32.00 -13.24
CA LYS A 251 -10.25 -31.30 -13.43
C LYS A 251 -10.73 -31.46 -14.86
N THR A 252 -9.87 -31.14 -15.83
CA THR A 252 -10.23 -31.34 -17.23
C THR A 252 -10.49 -32.81 -17.52
N LEU A 253 -9.68 -33.70 -16.93
CA LEU A 253 -9.85 -35.12 -17.20
C LEU A 253 -11.19 -35.62 -16.68
N ILE A 254 -11.54 -35.27 -15.44
CA ILE A 254 -12.81 -35.75 -14.89
C ILE A 254 -13.99 -35.10 -15.62
N ALA A 255 -13.86 -33.83 -16.00
CA ALA A 255 -14.93 -33.19 -16.77
C ALA A 255 -15.14 -33.91 -18.09
N ARG A 256 -14.06 -34.20 -18.81
CA ARG A 256 -14.18 -34.89 -20.09
C ARG A 256 -14.68 -36.31 -19.91
N ALA A 257 -14.32 -36.98 -18.82
CA ALA A 257 -14.81 -38.32 -18.57
C ALA A 257 -16.31 -38.32 -18.32
N VAL A 258 -16.78 -37.44 -17.43
CA VAL A 258 -18.21 -37.38 -17.16
C VAL A 258 -18.99 -36.86 -18.36
N ALA A 259 -18.32 -36.17 -19.29
CA ALA A 259 -18.97 -35.78 -20.53
C ALA A 259 -19.11 -36.97 -21.47
N ASN A 260 -17.98 -37.56 -21.86
CA ASN A 260 -18.01 -38.68 -22.82
C ASN A 260 -18.74 -39.88 -22.23
N GLU A 261 -18.47 -40.21 -20.96
CA GLU A 261 -19.07 -41.40 -20.37
C GLU A 261 -20.59 -41.33 -20.40
N THR A 262 -21.16 -40.14 -20.26
CA THR A 262 -22.60 -39.95 -20.33
C THR A 262 -23.10 -39.60 -21.72
N GLY A 263 -22.21 -39.51 -22.70
CA GLY A 263 -22.59 -39.18 -24.06
C GLY A 263 -22.81 -37.70 -24.32
N ALA A 264 -22.62 -36.85 -23.32
CA ALA A 264 -22.84 -35.42 -23.52
C ALA A 264 -21.71 -34.82 -24.35
N PHE A 265 -22.07 -33.90 -25.23
CA PHE A 265 -21.08 -33.18 -26.02
C PHE A 265 -20.28 -32.26 -25.11
N PHE A 266 -18.96 -32.31 -25.24
CA PHE A 266 -18.04 -31.58 -24.38
C PHE A 266 -17.44 -30.44 -25.18
N PHE A 267 -17.66 -29.20 -24.72
CA PHE A 267 -17.13 -28.02 -25.40
C PHE A 267 -16.14 -27.34 -24.45
N LEU A 268 -14.86 -27.40 -24.81
CA LEU A 268 -13.80 -26.82 -23.99
C LEU A 268 -13.53 -25.40 -24.48
N ILE A 269 -13.67 -24.43 -23.57
CA ILE A 269 -13.50 -23.02 -23.89
C ILE A 269 -12.41 -22.43 -22.99
N ASN A 270 -11.37 -23.22 -22.73
CA ASN A 270 -10.27 -22.85 -21.84
C ASN A 270 -9.95 -21.36 -21.93
N GLY A 271 -9.86 -20.71 -20.78
CA GLY A 271 -9.80 -19.27 -20.66
C GLY A 271 -8.89 -18.59 -21.65
N PRO A 272 -7.59 -18.94 -21.64
CA PRO A 272 -6.64 -18.23 -22.51
C PRO A 272 -7.02 -18.27 -23.99
N GLU A 273 -7.68 -19.33 -24.45
CA GLU A 273 -8.07 -19.40 -25.85
C GLU A 273 -9.03 -18.28 -26.23
N ILE A 274 -9.78 -17.76 -25.28
CA ILE A 274 -10.73 -16.70 -25.52
C ILE A 274 -10.18 -15.34 -25.09
N MET A 275 -9.49 -15.29 -23.96
CA MET A 275 -8.93 -14.03 -23.48
C MET A 275 -7.85 -13.49 -24.43
N SER A 276 -7.33 -14.34 -25.32
CA SER A 276 -6.31 -13.92 -26.27
C SER A 276 -6.88 -13.25 -27.51
N LYS A 277 -8.19 -13.24 -27.68
CA LYS A 277 -8.81 -12.67 -28.88
C LYS A 277 -9.18 -11.21 -28.64
N LEU A 278 -9.53 -10.54 -29.75
CA LEU A 278 -9.80 -9.11 -29.69
C LEU A 278 -10.94 -8.80 -28.72
N ALA A 279 -10.78 -7.73 -27.95
CA ALA A 279 -11.82 -7.30 -27.04
C ALA A 279 -13.10 -7.02 -27.81
N GLY A 280 -14.22 -7.51 -27.27
CA GLY A 280 -15.49 -7.48 -27.95
C GLY A 280 -15.69 -8.68 -28.84
N GLU A 281 -14.65 -9.05 -29.60
CA GLU A 281 -14.71 -10.27 -30.39
C GLU A 281 -14.57 -11.52 -29.52
N SER A 282 -13.80 -11.42 -28.43
CA SER A 282 -13.74 -12.54 -27.49
C SER A 282 -15.07 -12.73 -26.78
N GLU A 283 -15.77 -11.63 -26.49
CA GLU A 283 -17.12 -11.74 -25.95
C GLU A 283 -18.03 -12.50 -26.93
N SER A 284 -17.93 -12.17 -28.21
CA SER A 284 -18.72 -12.88 -29.21
C SER A 284 -18.32 -14.35 -29.29
N ASN A 285 -17.02 -14.64 -29.14
CA ASN A 285 -16.57 -16.03 -29.17
C ASN A 285 -17.15 -16.82 -28.01
N LEU A 286 -17.14 -16.24 -26.81
CA LEU A 286 -17.73 -16.92 -25.67
C LEU A 286 -19.23 -17.09 -25.84
N ARG A 287 -19.90 -16.05 -26.34
CA ARG A 287 -21.34 -16.13 -26.54
C ARG A 287 -21.69 -17.22 -27.55
N LYS A 288 -20.96 -17.29 -28.67
CA LYS A 288 -21.23 -18.33 -29.65
C LYS A 288 -20.81 -19.71 -29.17
N ALA A 289 -19.84 -19.79 -28.24
CA ALA A 289 -19.57 -21.08 -27.60
C ALA A 289 -20.77 -21.54 -26.80
N PHE A 290 -21.38 -20.63 -26.03
CA PHE A 290 -22.60 -20.99 -25.31
C PHE A 290 -23.73 -21.34 -26.26
N GLU A 291 -23.83 -20.63 -27.39
CA GLU A 291 -24.85 -20.97 -28.39
C GLU A 291 -24.61 -22.36 -28.97
N GLU A 292 -23.34 -22.71 -29.23
CA GLU A 292 -23.02 -24.05 -29.69
C GLU A 292 -23.42 -25.09 -28.67
N ALA A 293 -23.17 -24.81 -27.38
CA ALA A 293 -23.60 -25.73 -26.34
C ALA A 293 -25.12 -25.87 -26.31
N GLU A 294 -25.84 -24.76 -26.54
CA GLU A 294 -27.29 -24.79 -26.44
C GLU A 294 -27.96 -25.43 -27.64
N LYS A 295 -27.37 -25.31 -28.83
CA LYS A 295 -28.02 -25.82 -30.03
C LYS A 295 -28.27 -27.32 -29.94
N ASN A 296 -27.42 -28.04 -29.20
CA ASN A 296 -27.63 -29.44 -28.89
C ASN A 296 -27.89 -29.58 -27.39
N ALA A 297 -28.98 -30.26 -27.04
CA ALA A 297 -29.45 -30.25 -25.65
C ALA A 297 -28.45 -30.86 -24.68
N PRO A 298 -27.93 -32.08 -24.89
CA PRO A 298 -27.14 -32.73 -23.84
C PRO A 298 -25.73 -32.20 -23.67
N ALA A 299 -25.32 -31.19 -24.45
CA ALA A 299 -23.95 -30.73 -24.39
C ALA A 299 -23.64 -30.07 -23.05
N ILE A 300 -22.36 -30.12 -22.69
CA ILE A 300 -21.85 -29.40 -21.52
C ILE A 300 -20.65 -28.58 -21.94
N ILE A 301 -20.52 -27.39 -21.36
CA ILE A 301 -19.44 -26.46 -21.66
C ILE A 301 -18.54 -26.38 -20.44
N PHE A 302 -17.25 -26.60 -20.64
CA PHE A 302 -16.26 -26.65 -19.57
C PHE A 302 -15.33 -25.46 -19.71
N ILE A 303 -15.26 -24.64 -18.66
CA ILE A 303 -14.45 -23.43 -18.65
C ILE A 303 -13.18 -23.74 -17.87
N ASP A 304 -12.09 -24.01 -18.59
CA ASP A 304 -10.82 -24.28 -17.95
C ASP A 304 -10.10 -22.98 -17.62
N GLU A 305 -9.36 -22.99 -16.51
CA GLU A 305 -8.64 -21.82 -16.04
C GLU A 305 -9.58 -20.63 -15.88
N LEU A 306 -10.65 -20.83 -15.12
CA LEU A 306 -11.61 -19.77 -14.88
C LEU A 306 -11.00 -18.63 -14.09
N ASP A 307 -9.85 -18.83 -13.43
CA ASP A 307 -9.17 -17.74 -12.74
C ASP A 307 -8.83 -16.62 -13.71
N ALA A 308 -8.30 -16.97 -14.88
CA ALA A 308 -7.97 -15.94 -15.87
C ALA A 308 -9.21 -15.24 -16.38
N ILE A 309 -10.28 -15.99 -16.64
CA ILE A 309 -11.49 -15.40 -17.20
C ILE A 309 -12.15 -14.47 -16.18
N ALA A 310 -12.32 -14.94 -14.95
CA ALA A 310 -13.07 -14.21 -13.93
C ALA A 310 -12.33 -14.22 -12.60
N PRO A 311 -11.27 -13.44 -12.49
CA PRO A 311 -10.62 -13.25 -11.18
C PRO A 311 -11.43 -12.30 -10.30
N LYS A 312 -10.90 -11.92 -9.15
CA LYS A 312 -11.61 -11.02 -8.25
C LYS A 312 -11.97 -9.73 -8.98
N ARG A 313 -13.23 -9.31 -8.84
CA ARG A 313 -13.73 -8.18 -9.62
C ARG A 313 -12.93 -6.92 -9.35
N GLU A 314 -12.73 -6.57 -8.08
CA GLU A 314 -12.01 -5.34 -7.75
C GLU A 314 -10.52 -5.43 -8.07
N LYS A 315 -9.99 -6.64 -8.26
CA LYS A 315 -8.58 -6.80 -8.59
C LYS A 315 -8.32 -6.81 -10.09
N THR A 316 -9.37 -6.80 -10.92
CA THR A 316 -9.18 -6.66 -12.36
C THR A 316 -8.77 -5.24 -12.71
N HIS A 317 -8.07 -5.11 -13.83
CA HIS A 317 -7.65 -3.79 -14.30
C HIS A 317 -8.78 -3.08 -15.03
N GLY A 318 -9.23 -3.65 -16.14
CA GLY A 318 -10.32 -3.05 -16.89
C GLY A 318 -10.46 -3.66 -18.26
N GLU A 319 -11.46 -3.16 -18.98
CA GLU A 319 -11.80 -3.66 -20.31
C GLU A 319 -12.03 -5.17 -20.23
N VAL A 320 -11.24 -5.96 -20.97
CA VAL A 320 -11.57 -7.36 -21.20
C VAL A 320 -11.76 -8.08 -19.87
N GLU A 321 -10.85 -7.87 -18.92
CA GLU A 321 -10.88 -8.65 -17.68
C GLU A 321 -12.22 -8.53 -16.96
N ARG A 322 -12.95 -7.44 -17.19
CA ARG A 322 -14.32 -7.34 -16.68
C ARG A 322 -15.36 -7.45 -17.78
N ARG A 323 -15.04 -7.01 -19.00
CA ARG A 323 -16.00 -7.16 -20.10
C ARG A 323 -16.40 -8.61 -20.28
N ILE A 324 -15.45 -9.53 -20.15
CA ILE A 324 -15.78 -10.94 -20.23
C ILE A 324 -16.66 -11.34 -19.05
N VAL A 325 -16.29 -10.90 -17.83
CA VAL A 325 -16.95 -11.40 -16.63
C VAL A 325 -18.45 -11.11 -16.69
N SER A 326 -18.80 -9.85 -16.94
CA SER A 326 -20.21 -9.53 -17.14
C SER A 326 -20.77 -10.33 -18.30
N GLN A 327 -20.06 -10.32 -19.43
CA GLN A 327 -20.50 -11.13 -20.57
C GLN A 327 -20.63 -12.60 -20.17
N LEU A 328 -19.79 -13.06 -19.26
CA LEU A 328 -19.93 -14.42 -18.75
C LEU A 328 -21.16 -14.53 -17.86
N LEU A 329 -21.32 -13.58 -16.92
CA LEU A 329 -22.42 -13.67 -15.97
C LEU A 329 -23.76 -13.66 -16.69
N THR A 330 -23.96 -12.70 -17.59
CA THR A 330 -25.22 -12.63 -18.34
C THR A 330 -25.47 -13.90 -19.14
N LEU A 331 -24.42 -14.67 -19.45
CA LEU A 331 -24.59 -15.97 -20.08
C LEU A 331 -24.57 -17.12 -19.09
N MET A 332 -23.90 -16.95 -17.94
CA MET A 332 -23.84 -18.02 -16.96
C MET A 332 -25.22 -18.32 -16.39
N ASP A 333 -25.97 -17.27 -16.02
CA ASP A 333 -27.33 -17.42 -15.53
C ASP A 333 -28.38 -17.06 -16.56
N GLY A 334 -27.98 -16.50 -17.70
CA GLY A 334 -28.95 -16.23 -18.76
C GLY A 334 -29.62 -17.49 -19.27
N LEU A 335 -28.89 -18.61 -19.29
CA LEU A 335 -29.48 -19.87 -19.70
C LEU A 335 -30.65 -20.22 -18.79
N LYS A 336 -31.71 -20.76 -19.39
CA LYS A 336 -32.94 -21.06 -18.65
C LYS A 336 -32.90 -22.43 -17.98
N GLN A 337 -31.88 -23.25 -18.27
CA GLN A 337 -31.73 -24.58 -17.68
C GLN A 337 -32.71 -25.59 -18.29
N ARG A 338 -33.64 -25.11 -19.11
CA ARG A 338 -34.50 -26.00 -19.89
C ARG A 338 -33.85 -26.42 -21.20
N ALA A 339 -32.73 -25.79 -21.57
CA ALA A 339 -31.96 -26.22 -22.73
C ALA A 339 -31.03 -27.38 -22.41
N HIS A 340 -30.90 -27.76 -21.13
CA HIS A 340 -30.10 -28.91 -20.71
C HIS A 340 -28.60 -28.67 -20.89
N VAL A 341 -28.16 -27.41 -20.77
CA VAL A 341 -26.76 -27.05 -20.87
C VAL A 341 -26.19 -26.93 -19.47
N ILE A 342 -25.05 -27.56 -19.22
CA ILE A 342 -24.38 -27.53 -17.93
C ILE A 342 -23.01 -26.88 -18.12
N VAL A 343 -22.73 -25.88 -17.30
CA VAL A 343 -21.47 -25.14 -17.39
C VAL A 343 -20.55 -25.55 -16.26
N MET A 344 -19.67 -26.51 -16.53
CA MET A 344 -18.64 -26.89 -15.58
C MET A 344 -17.49 -25.90 -15.66
N ALA A 345 -16.76 -25.76 -14.56
CA ALA A 345 -15.64 -24.83 -14.51
C ALA A 345 -14.51 -25.44 -13.70
N ALA A 346 -13.28 -25.03 -14.04
CA ALA A 346 -12.08 -25.45 -13.33
C ALA A 346 -11.38 -24.22 -12.79
N THR A 347 -11.03 -24.26 -11.51
CA THR A 347 -10.34 -23.15 -10.87
C THR A 347 -9.44 -23.72 -9.78
N ASN A 348 -8.69 -22.84 -9.13
CA ASN A 348 -7.77 -23.20 -8.06
C ASN A 348 -8.19 -22.46 -6.81
N ARG A 349 -8.81 -23.18 -5.86
CA ARG A 349 -9.20 -22.58 -4.59
C ARG A 349 -10.05 -21.34 -4.86
N PRO A 350 -11.34 -21.52 -5.20
CA PRO A 350 -12.11 -20.43 -5.83
C PRO A 350 -12.21 -19.14 -5.05
N ASN A 351 -11.56 -19.05 -3.88
CA ASN A 351 -11.43 -17.75 -3.22
C ASN A 351 -10.82 -16.70 -4.15
N SER A 352 -10.15 -17.13 -5.23
CA SER A 352 -9.54 -16.20 -6.17
C SER A 352 -10.47 -15.73 -7.28
N ILE A 353 -11.46 -16.54 -7.68
CA ILE A 353 -12.34 -16.16 -8.77
C ILE A 353 -13.32 -15.11 -8.28
N ASP A 354 -14.03 -14.48 -9.21
CA ASP A 354 -14.94 -13.41 -8.87
C ASP A 354 -16.00 -13.92 -7.88
N PRO A 355 -16.20 -13.25 -6.74
CA PRO A 355 -17.27 -13.68 -5.84
C PRO A 355 -18.65 -13.67 -6.49
N ALA A 356 -18.87 -12.83 -7.49
CA ALA A 356 -20.17 -12.77 -8.13
C ALA A 356 -20.53 -14.10 -8.79
N LEU A 357 -19.52 -14.84 -9.26
CA LEU A 357 -19.79 -16.15 -9.85
C LEU A 357 -20.14 -17.20 -8.81
N ARG A 358 -19.85 -16.93 -7.53
CA ARG A 358 -20.15 -17.89 -6.47
C ARG A 358 -21.62 -17.92 -6.09
N ARG A 359 -22.42 -16.99 -6.60
CA ARG A 359 -23.84 -16.97 -6.28
C ARG A 359 -24.52 -18.25 -6.80
N PHE A 360 -25.76 -18.43 -6.40
CA PHE A 360 -26.54 -19.61 -6.78
C PHE A 360 -27.36 -19.34 -8.02
N GLY A 361 -27.65 -20.41 -8.76
CA GLY A 361 -28.19 -20.30 -10.09
C GLY A 361 -27.14 -20.23 -11.18
N ARG A 362 -25.88 -20.02 -10.82
CA ARG A 362 -24.77 -20.05 -11.75
C ARG A 362 -23.72 -21.10 -11.38
N PHE A 363 -23.21 -21.07 -10.15
CA PHE A 363 -22.29 -22.08 -9.62
C PHE A 363 -22.77 -22.43 -8.22
N ASP A 364 -23.67 -23.40 -8.12
CA ASP A 364 -24.27 -23.80 -6.85
C ASP A 364 -23.64 -25.04 -6.24
N ARG A 365 -22.66 -25.65 -6.91
CA ARG A 365 -22.01 -26.84 -6.38
C ARG A 365 -20.54 -26.80 -6.78
N GLU A 366 -19.66 -26.95 -5.80
CA GLU A 366 -18.25 -26.60 -5.91
C GLU A 366 -17.36 -27.70 -5.34
N VAL A 367 -17.53 -28.92 -5.85
CA VAL A 367 -16.78 -30.07 -5.36
C VAL A 367 -15.29 -29.78 -5.39
N ASP A 368 -14.54 -30.33 -4.43
CA ASP A 368 -13.10 -30.12 -4.30
C ASP A 368 -12.40 -31.43 -4.64
N ILE A 369 -11.68 -31.46 -5.76
CA ILE A 369 -10.99 -32.66 -6.17
C ILE A 369 -9.83 -32.97 -5.22
N GLY A 370 -9.02 -31.97 -4.92
CA GLY A 370 -7.89 -32.15 -4.03
C GLY A 370 -6.82 -33.06 -4.62
N ILE A 371 -5.63 -33.06 -4.03
CA ILE A 371 -4.54 -33.89 -4.51
C ILE A 371 -4.85 -35.35 -4.17
N PRO A 372 -4.42 -36.31 -4.98
CA PRO A 372 -4.63 -37.72 -4.63
C PRO A 372 -3.96 -38.07 -3.31
N ASP A 373 -4.61 -38.96 -2.56
CA ASP A 373 -4.09 -39.41 -1.28
C ASP A 373 -3.06 -40.51 -1.49
N ALA A 374 -2.64 -41.16 -0.41
CA ALA A 374 -1.57 -42.17 -0.52
C ALA A 374 -2.02 -43.35 -1.38
N THR A 375 -3.21 -43.89 -1.12
CA THR A 375 -3.70 -45.04 -1.88
C THR A 375 -4.34 -44.65 -3.21
N GLY A 376 -4.60 -43.35 -3.43
CA GLY A 376 -5.09 -42.92 -4.73
C GLY A 376 -3.98 -42.81 -5.77
N ARG A 377 -2.78 -42.44 -5.34
CA ARG A 377 -1.65 -42.40 -6.27
C ARG A 377 -1.32 -43.79 -6.77
N LEU A 378 -1.58 -44.83 -5.97
CA LEU A 378 -1.39 -46.19 -6.46
C LEU A 378 -2.29 -46.47 -7.66
N GLU A 379 -3.56 -46.10 -7.55
CA GLU A 379 -4.49 -46.31 -8.67
C GLU A 379 -4.11 -45.45 -9.86
N ILE A 380 -3.67 -44.21 -9.61
CA ILE A 380 -3.25 -43.34 -10.71
C ILE A 380 -2.07 -43.95 -11.45
N LEU A 381 -1.10 -44.48 -10.71
CA LEU A 381 0.03 -45.14 -11.33
C LEU A 381 -0.42 -46.37 -12.10
N GLN A 382 -1.33 -47.15 -11.54
CA GLN A 382 -1.80 -48.35 -12.21
C GLN A 382 -2.45 -48.01 -13.54
N ILE A 383 -3.29 -46.98 -13.57
CA ILE A 383 -3.96 -46.61 -14.81
C ILE A 383 -2.97 -46.00 -15.80
N HIS A 384 -2.06 -45.16 -15.32
CA HIS A 384 -1.07 -44.57 -16.22
C HIS A 384 0.00 -45.58 -16.64
N THR A 385 0.46 -46.43 -15.72
CA THR A 385 1.35 -47.53 -16.07
C THR A 385 0.58 -48.74 -16.56
N LYS A 386 -0.32 -48.54 -17.53
CA LYS A 386 -1.04 -49.65 -18.14
C LYS A 386 -0.27 -50.20 -19.33
N ASN A 387 0.13 -49.32 -20.25
CA ASN A 387 0.77 -49.73 -21.50
C ASN A 387 2.29 -49.80 -21.40
N MET A 388 2.89 -49.31 -20.30
CA MET A 388 4.34 -49.35 -20.19
C MET A 388 4.91 -50.75 -20.18
N LYS A 389 4.08 -51.77 -19.91
CA LYS A 389 4.57 -53.13 -19.73
C LYS A 389 5.59 -53.16 -18.60
N LEU A 390 5.14 -52.74 -17.41
CA LEU A 390 6.02 -52.65 -16.27
C LEU A 390 6.56 -54.03 -15.90
N ALA A 391 7.80 -54.06 -15.44
CA ALA A 391 8.46 -55.32 -15.08
C ALA A 391 7.76 -55.93 -13.87
N ASP A 392 8.19 -57.12 -13.48
CA ASP A 392 7.61 -57.81 -12.34
C ASP A 392 8.17 -57.30 -11.01
N ASP A 393 9.44 -56.92 -10.97
CA ASP A 393 10.07 -56.47 -9.74
C ASP A 393 9.51 -55.15 -9.23
N VAL A 394 8.83 -54.38 -10.07
CA VAL A 394 8.23 -53.12 -9.67
C VAL A 394 6.88 -53.40 -9.04
N ASP A 395 6.54 -52.62 -8.01
CA ASP A 395 5.33 -52.82 -7.22
C ASP A 395 4.28 -51.74 -7.39
N LEU A 396 4.69 -50.48 -7.59
CA LEU A 396 3.83 -49.32 -7.76
C LEU A 396 3.18 -48.86 -6.47
N GLU A 397 3.33 -49.60 -5.37
CA GLU A 397 2.83 -49.17 -4.07
C GLU A 397 3.88 -48.41 -3.27
N GLN A 398 5.15 -48.83 -3.37
CA GLN A 398 6.24 -48.03 -2.79
C GLN A 398 6.36 -46.70 -3.50
N VAL A 399 6.21 -46.69 -4.82
CA VAL A 399 6.29 -45.44 -5.58
C VAL A 399 5.18 -44.50 -5.16
N ALA A 400 3.95 -45.03 -5.03
CA ALA A 400 2.83 -44.18 -4.63
C ALA A 400 3.05 -43.61 -3.24
N ASN A 401 3.51 -44.44 -2.30
CA ASN A 401 3.75 -43.96 -0.94
C ASN A 401 4.84 -42.89 -0.91
N GLU A 402 5.91 -43.10 -1.69
CA GLU A 402 7.02 -42.16 -1.69
C GLU A 402 6.65 -40.85 -2.38
N THR A 403 5.71 -40.89 -3.33
CA THR A 403 5.30 -39.69 -4.07
C THR A 403 4.27 -38.92 -3.26
N HIS A 404 4.71 -38.46 -2.08
CA HIS A 404 3.84 -37.68 -1.22
C HIS A 404 3.80 -36.23 -1.70
N GLY A 405 2.58 -35.73 -1.91
CA GLY A 405 2.39 -34.40 -2.45
C GLY A 405 2.29 -34.34 -3.96
N HIS A 406 2.71 -35.39 -4.66
CA HIS A 406 2.57 -35.42 -6.11
C HIS A 406 1.10 -35.36 -6.50
N VAL A 407 0.79 -34.51 -7.47
CA VAL A 407 -0.56 -34.43 -8.02
C VAL A 407 -0.62 -35.42 -9.19
N GLY A 408 -1.83 -35.74 -9.65
CA GLY A 408 -1.96 -36.68 -10.74
C GLY A 408 -1.12 -36.33 -11.95
N ALA A 409 -0.97 -35.03 -12.22
CA ALA A 409 -0.09 -34.60 -13.30
C ALA A 409 1.35 -34.99 -13.00
N ASP A 410 1.78 -34.87 -11.74
CA ASP A 410 3.12 -35.33 -11.39
C ASP A 410 3.25 -36.84 -11.56
N LEU A 411 2.19 -37.59 -11.25
CA LEU A 411 2.24 -39.03 -11.47
C LEU A 411 2.40 -39.36 -12.95
N ALA A 412 1.66 -38.65 -13.81
CA ALA A 412 1.82 -38.86 -15.25
C ALA A 412 3.22 -38.50 -15.71
N ALA A 413 3.77 -37.40 -15.17
CA ALA A 413 5.13 -37.00 -15.54
C ALA A 413 6.14 -38.04 -15.10
N LEU A 414 5.97 -38.60 -13.91
CA LEU A 414 6.87 -39.65 -13.44
C LEU A 414 6.75 -40.90 -14.31
N CYS A 415 5.53 -41.26 -14.68
CA CYS A 415 5.31 -42.34 -15.63
C CYS A 415 6.09 -42.12 -16.92
N SER A 416 5.94 -40.94 -17.52
CA SER A 416 6.60 -40.64 -18.78
C SER A 416 8.12 -40.63 -18.60
N GLU A 417 8.61 -40.10 -17.48
CA GLU A 417 10.05 -40.06 -17.25
C GLU A 417 10.63 -41.46 -17.13
N ALA A 418 9.94 -42.35 -16.41
CA ALA A 418 10.41 -43.73 -16.32
C ALA A 418 10.43 -44.39 -17.69
N ALA A 419 9.37 -44.17 -18.48
CA ALA A 419 9.35 -44.73 -19.83
C ALA A 419 10.51 -44.19 -20.67
N LEU A 420 10.76 -42.88 -20.59
CA LEU A 420 11.81 -42.28 -21.38
C LEU A 420 13.19 -42.79 -20.96
N GLN A 421 13.39 -43.00 -19.66
CA GLN A 421 14.66 -43.55 -19.21
C GLN A 421 14.83 -44.98 -19.67
N ALA A 422 13.76 -45.78 -19.65
CA ALA A 422 13.85 -47.13 -20.17
C ALA A 422 14.21 -47.14 -21.65
N ILE A 423 13.60 -46.26 -22.43
CA ILE A 423 14.01 -46.10 -23.82
C ILE A 423 15.48 -45.70 -23.90
N ARG A 424 15.89 -44.78 -23.04
CA ARG A 424 17.22 -44.18 -23.09
C ARG A 424 18.30 -45.08 -22.52
N LYS A 425 17.94 -46.06 -21.70
CA LYS A 425 18.86 -47.11 -21.27
C LYS A 425 18.86 -48.28 -22.25
N LYS A 426 18.04 -48.22 -23.29
CA LYS A 426 18.03 -49.23 -24.35
C LYS A 426 18.23 -48.61 -25.73
N MET A 427 18.62 -47.33 -25.80
CA MET A 427 18.87 -46.71 -27.10
C MET A 427 20.04 -47.37 -27.80
N ASP A 428 20.93 -48.04 -27.05
CA ASP A 428 22.07 -48.71 -27.66
C ASP A 428 21.62 -49.83 -28.59
N LEU A 429 20.63 -50.62 -28.16
CA LEU A 429 20.12 -51.73 -28.95
C LEU A 429 18.76 -51.40 -29.59
N ILE A 430 18.35 -50.14 -29.57
CA ILE A 430 17.12 -49.70 -30.21
C ILE A 430 17.39 -48.95 -31.50
N ASP A 431 18.52 -48.26 -31.59
CA ASP A 431 18.90 -47.50 -32.78
C ASP A 431 19.78 -48.32 -33.72
N LEU A 432 19.63 -49.65 -33.70
CA LEU A 432 20.45 -50.50 -34.57
C LEU A 432 20.19 -50.20 -36.04
N GLU A 433 18.93 -50.07 -36.42
CA GLU A 433 18.52 -49.72 -37.76
C GLU A 433 18.41 -48.19 -37.80
N ASP A 434 17.82 -47.63 -38.84
CA ASP A 434 17.71 -46.19 -38.94
C ASP A 434 16.76 -45.65 -37.88
N GLU A 435 17.30 -45.42 -36.68
CA GLU A 435 16.52 -45.02 -35.51
C GLU A 435 15.53 -46.16 -35.20
N THR A 436 14.27 -45.85 -34.87
CA THR A 436 13.33 -46.87 -34.45
C THR A 436 12.53 -47.38 -35.64
N ILE A 437 12.37 -48.71 -35.72
CA ILE A 437 11.52 -49.33 -36.70
C ILE A 437 10.20 -49.83 -36.08
N ASP A 438 9.82 -49.24 -34.94
CA ASP A 438 8.63 -49.71 -34.21
C ASP A 438 8.87 -51.14 -33.73
N ALA A 439 8.25 -52.13 -34.39
CA ALA A 439 8.61 -53.52 -34.18
C ALA A 439 8.33 -54.01 -32.77
N GLU A 440 8.56 -55.31 -32.54
CA GLU A 440 8.24 -55.92 -31.25
C GLU A 440 9.13 -55.38 -30.14
N VAL A 441 10.26 -54.75 -30.49
CA VAL A 441 11.28 -54.36 -29.53
C VAL A 441 10.69 -53.54 -28.38
N MET A 442 9.59 -52.85 -28.64
CA MET A 442 8.98 -51.98 -27.64
C MET A 442 8.57 -52.75 -26.39
N ASN A 443 8.28 -54.05 -26.53
CA ASN A 443 7.90 -54.84 -25.36
C ASN A 443 9.07 -55.09 -24.43
N SER A 444 10.30 -54.96 -24.95
CA SER A 444 11.47 -55.35 -24.17
C SER A 444 11.81 -54.34 -23.09
N LEU A 445 11.28 -53.11 -23.19
CA LEU A 445 11.63 -52.05 -22.26
C LEU A 445 11.56 -52.51 -20.82
N ALA A 446 10.39 -52.93 -20.36
CA ALA A 446 10.29 -53.51 -19.02
C ALA A 446 10.78 -52.53 -17.96
N VAL A 447 10.05 -51.44 -17.73
CA VAL A 447 10.53 -50.40 -16.83
C VAL A 447 10.57 -50.94 -15.41
N THR A 448 11.77 -51.26 -14.94
CA THR A 448 11.95 -51.81 -13.60
C THR A 448 11.89 -50.72 -12.55
N MET A 449 11.88 -51.11 -11.28
CA MET A 449 11.90 -50.12 -10.21
C MET A 449 13.08 -49.17 -10.35
N ASP A 450 14.23 -49.70 -10.77
CA ASP A 450 15.44 -48.88 -10.84
C ASP A 450 15.24 -47.61 -11.67
N ASP A 451 14.30 -47.61 -12.60
CA ASP A 451 13.99 -46.41 -13.37
C ASP A 451 12.96 -45.53 -12.68
N PHE A 452 11.96 -46.14 -12.04
CA PHE A 452 11.00 -45.35 -11.27
C PHE A 452 11.73 -44.56 -10.20
N ARG A 453 12.53 -45.22 -9.36
CA ARG A 453 13.35 -44.54 -8.37
C ARG A 453 13.95 -43.25 -8.92
N TRP A 454 14.60 -43.34 -10.08
CA TRP A 454 15.19 -42.15 -10.69
C TRP A 454 14.13 -41.10 -10.99
N ALA A 455 13.05 -41.51 -11.66
CA ALA A 455 12.04 -40.53 -12.05
C ALA A 455 11.43 -39.84 -10.84
N LEU A 456 11.13 -40.61 -9.80
CA LEU A 456 10.59 -40.06 -8.56
C LEU A 456 11.57 -39.09 -7.93
N SER A 457 12.86 -39.44 -7.90
CA SER A 457 13.85 -38.55 -7.31
C SER A 457 14.13 -37.33 -8.17
N GLN A 458 13.73 -37.33 -9.44
CA GLN A 458 13.99 -36.24 -10.37
C GLN A 458 12.72 -35.51 -10.75
N SER A 459 11.70 -35.53 -9.89
CA SER A 459 10.45 -34.84 -10.12
C SER A 459 10.07 -34.06 -8.87
N ASN A 460 9.66 -32.80 -9.05
CA ASN A 460 9.31 -31.94 -7.94
C ASN A 460 7.81 -31.97 -7.72
N PRO A 461 7.33 -32.33 -6.53
CA PRO A 461 5.88 -32.28 -6.29
C PRO A 461 5.29 -30.93 -6.65
N SER A 462 4.16 -30.96 -7.36
CA SER A 462 3.49 -29.72 -7.75
C SER A 462 2.85 -29.05 -6.54
N ALA A 463 2.10 -29.80 -5.75
CA ALA A 463 1.33 -29.28 -4.62
C ALA A 463 1.83 -29.97 -3.35
N LEU A 464 2.87 -29.39 -2.75
CA LEU A 464 3.43 -29.88 -1.51
C LEU A 464 3.11 -28.97 -0.33
N ARG A 465 2.49 -27.81 -0.56
CA ARG A 465 2.20 -26.83 0.47
C ARG A 465 0.71 -26.55 0.54
N GLU A 466 -0.09 -27.61 0.34
CA GLU A 466 -1.54 -27.53 0.41
C GLU A 466 -2.04 -28.55 1.42
N THR A 467 -2.94 -28.13 2.31
CA THR A 467 -3.52 -29.04 3.29
C THR A 467 -4.15 -30.22 2.57
N VAL A 468 -3.62 -31.41 2.78
CA VAL A 468 -4.04 -32.61 2.06
C VAL A 468 -5.19 -33.25 2.83
N VAL A 469 -6.30 -33.47 2.15
CA VAL A 469 -7.44 -34.19 2.71
C VAL A 469 -7.29 -35.66 2.35
N GLU A 470 -7.26 -36.53 3.35
CA GLU A 470 -7.02 -37.94 3.10
C GLU A 470 -7.65 -38.76 4.23
N VAL A 471 -7.92 -40.03 3.93
CA VAL A 471 -8.37 -40.98 4.93
C VAL A 471 -7.14 -41.73 5.44
N PRO A 472 -6.63 -41.41 6.63
CA PRO A 472 -5.37 -42.04 7.07
C PRO A 472 -5.53 -43.54 7.25
N GLN A 473 -4.44 -44.25 7.00
CA GLN A 473 -4.43 -45.71 7.01
C GLN A 473 -3.75 -46.27 8.26
N VAL A 474 -3.88 -45.58 9.39
CA VAL A 474 -3.42 -46.06 10.68
C VAL A 474 -4.65 -46.56 11.43
N THR A 475 -4.75 -47.88 11.56
CA THR A 475 -5.94 -48.49 12.16
C THR A 475 -5.86 -48.43 13.68
N TRP A 476 -6.93 -48.92 14.32
CA TRP A 476 -6.96 -48.96 15.78
C TRP A 476 -5.84 -49.84 16.33
N GLU A 477 -5.44 -50.87 15.59
CA GLU A 477 -4.43 -51.81 16.09
C GLU A 477 -3.10 -51.11 16.32
N ASP A 478 -2.74 -50.16 15.44
CA ASP A 478 -1.43 -49.53 15.56
C ASP A 478 -1.29 -48.82 16.90
N ILE A 479 -2.34 -48.15 17.36
CA ILE A 479 -2.29 -47.41 18.62
C ILE A 479 -2.66 -48.38 19.73
N GLY A 480 -1.64 -49.05 20.28
CA GLY A 480 -1.85 -49.92 21.42
C GLY A 480 -1.82 -49.14 22.72
N GLY A 481 -2.11 -49.84 23.80
CA GLY A 481 -2.04 -49.22 25.11
C GLY A 481 -3.30 -48.51 25.51
N LEU A 482 -3.35 -47.20 25.27
CA LEU A 482 -4.51 -46.39 25.61
C LEU A 482 -5.78 -47.10 25.13
N GLU A 483 -6.62 -47.51 26.06
CA GLU A 483 -7.82 -48.30 25.75
C GLU A 483 -9.09 -47.59 26.19
N ASP A 484 -9.13 -47.07 27.41
CA ASP A 484 -10.29 -46.29 27.84
C ASP A 484 -10.54 -45.13 26.89
N VAL A 485 -9.48 -44.54 26.33
CA VAL A 485 -9.62 -43.47 25.36
C VAL A 485 -9.99 -43.99 23.98
N LYS A 486 -9.65 -45.23 23.65
CA LYS A 486 -10.11 -45.81 22.40
C LYS A 486 -11.60 -46.12 22.43
N ARG A 487 -12.18 -46.26 23.62
CA ARG A 487 -13.62 -46.45 23.76
C ARG A 487 -14.35 -45.18 24.20
N GLU A 488 -13.67 -44.29 24.91
CA GLU A 488 -14.22 -42.98 25.23
C GLU A 488 -14.14 -42.02 24.04
N LEU A 489 -13.33 -42.34 23.04
CA LEU A 489 -13.28 -41.60 21.79
C LEU A 489 -14.09 -42.24 20.68
N GLN A 490 -14.13 -43.58 20.62
CA GLN A 490 -15.03 -44.23 19.67
C GLN A 490 -16.47 -43.87 19.94
N GLU A 491 -16.83 -43.64 21.20
CA GLU A 491 -18.20 -43.28 21.54
C GLU A 491 -18.63 -42.00 20.84
N LEU A 492 -17.97 -40.88 21.16
CA LEU A 492 -18.40 -39.58 20.64
C LEU A 492 -18.49 -39.57 19.12
N VAL A 493 -17.65 -40.34 18.44
CA VAL A 493 -17.57 -40.29 16.99
C VAL A 493 -18.55 -41.25 16.34
N GLN A 494 -18.62 -42.48 16.82
CA GLN A 494 -19.38 -43.52 16.13
C GLN A 494 -20.79 -43.73 16.65
N TYR A 495 -21.11 -43.25 17.87
CA TYR A 495 -22.48 -43.40 18.35
C TYR A 495 -23.44 -42.43 17.69
N PRO A 496 -23.15 -41.13 17.60
CA PRO A 496 -24.11 -40.20 16.97
C PRO A 496 -24.22 -40.34 15.47
N VAL A 497 -23.48 -41.25 14.85
CA VAL A 497 -23.62 -41.55 13.44
C VAL A 497 -24.31 -42.89 13.22
N GLU A 498 -24.00 -43.89 14.04
CA GLU A 498 -24.58 -45.21 13.87
C GLU A 498 -26.03 -45.26 14.33
N HIS A 499 -26.34 -44.63 15.47
CA HIS A 499 -27.69 -44.58 16.02
C HIS A 499 -28.05 -43.15 16.38
N PRO A 500 -28.21 -42.28 15.39
CA PRO A 500 -28.63 -40.90 15.67
C PRO A 500 -30.04 -40.80 16.23
N ASP A 501 -30.87 -41.83 16.05
CA ASP A 501 -32.25 -41.77 16.52
C ASP A 501 -32.31 -41.63 18.04
N LYS A 502 -31.45 -42.35 18.75
CA LYS A 502 -31.44 -42.24 20.21
C LYS A 502 -31.03 -40.84 20.66
N PHE A 503 -30.03 -40.25 20.00
CA PHE A 503 -29.53 -38.94 20.43
C PHE A 503 -30.59 -37.85 20.28
N LEU A 504 -31.48 -37.94 19.30
CA LEU A 504 -32.55 -36.97 19.14
C LEU A 504 -33.75 -37.30 20.02
N LYS A 505 -33.69 -38.39 20.79
CA LYS A 505 -34.73 -38.74 21.75
C LYS A 505 -34.44 -38.19 23.13
N PHE A 506 -33.25 -38.46 23.67
CA PHE A 506 -32.87 -37.92 24.97
C PHE A 506 -32.61 -36.42 24.93
N GLY A 507 -32.45 -35.83 23.75
CA GLY A 507 -32.37 -34.39 23.61
C GLY A 507 -30.96 -33.82 23.56
N MET A 508 -29.95 -34.57 23.99
CA MET A 508 -28.59 -34.06 23.98
C MET A 508 -28.11 -33.87 22.54
N THR A 509 -27.38 -32.79 22.31
CA THR A 509 -26.72 -32.58 21.02
C THR A 509 -25.34 -33.22 21.05
N PRO A 510 -24.97 -34.02 20.05
CA PRO A 510 -23.65 -34.67 20.08
C PRO A 510 -22.53 -33.63 20.16
N SER A 511 -21.49 -33.96 20.91
CA SER A 511 -20.39 -33.04 21.16
C SER A 511 -19.44 -33.06 19.96
N LYS A 512 -19.48 -32.02 19.14
CA LYS A 512 -18.58 -31.90 18.00
C LYS A 512 -17.33 -31.13 18.43
N GLY A 513 -16.58 -31.76 19.34
CA GLY A 513 -15.34 -31.18 19.81
C GLY A 513 -14.65 -32.02 20.85
N VAL A 514 -13.34 -32.23 20.66
CA VAL A 514 -12.54 -33.03 21.58
C VAL A 514 -11.11 -32.52 21.51
N LEU A 515 -10.51 -32.19 22.66
CA LEU A 515 -9.12 -31.81 22.72
C LEU A 515 -8.38 -32.81 23.60
N PHE A 516 -7.27 -33.33 23.10
CA PHE A 516 -6.45 -34.28 23.84
C PHE A 516 -5.32 -33.53 24.53
N TYR A 517 -5.29 -33.58 25.86
CA TYR A 517 -4.23 -32.96 26.64
C TYR A 517 -3.49 -34.03 27.41
N GLY A 518 -2.16 -34.00 27.33
CA GLY A 518 -1.33 -34.99 27.96
C GLY A 518 0.14 -34.73 27.70
N PRO A 519 1.00 -35.68 28.07
CA PRO A 519 2.42 -35.49 27.84
C PRO A 519 2.72 -35.39 26.37
N PRO A 520 3.72 -34.60 25.98
CA PRO A 520 4.02 -34.46 24.55
C PRO A 520 4.40 -35.80 23.93
N GLY A 521 3.97 -36.01 22.70
CA GLY A 521 4.28 -37.24 22.01
C GLY A 521 3.70 -38.46 22.70
N CYS A 522 2.36 -38.56 22.72
CA CYS A 522 1.70 -39.69 23.38
C CYS A 522 0.56 -40.26 22.54
N GLY A 523 0.52 -39.99 21.25
CA GLY A 523 -0.45 -40.58 20.36
C GLY A 523 -1.66 -39.74 20.02
N LYS A 524 -1.66 -38.44 20.38
CA LYS A 524 -2.79 -37.59 20.04
C LYS A 524 -3.03 -37.58 18.54
N THR A 525 -1.99 -37.33 17.75
CA THR A 525 -2.13 -37.37 16.30
C THR A 525 -2.52 -38.77 15.85
N LEU A 526 -1.92 -39.80 16.46
CA LEU A 526 -2.25 -41.17 16.10
C LEU A 526 -3.71 -41.49 16.42
N LEU A 527 -4.18 -41.05 17.59
CA LEU A 527 -5.58 -41.31 17.94
C LEU A 527 -6.53 -40.60 16.99
N ALA A 528 -6.23 -39.34 16.64
CA ALA A 528 -7.09 -38.62 15.70
C ALA A 528 -7.09 -39.31 14.34
N LYS A 529 -5.92 -39.76 13.87
CA LYS A 529 -5.85 -40.44 12.59
C LYS A 529 -6.62 -41.76 12.63
N ALA A 530 -6.54 -42.48 13.75
CA ALA A 530 -7.30 -43.72 13.87
C ALA A 530 -8.80 -43.45 13.86
N ILE A 531 -9.23 -42.39 14.54
CA ILE A 531 -10.64 -42.01 14.49
C ILE A 531 -11.07 -41.72 13.06
N ALA A 532 -10.24 -40.99 12.31
CA ALA A 532 -10.54 -40.74 10.91
C ALA A 532 -10.64 -42.04 10.14
N ASN A 533 -9.71 -42.98 10.40
CA ASN A 533 -9.69 -44.24 9.68
C ASN A 533 -10.96 -45.04 9.93
N GLU A 534 -11.41 -45.08 11.19
CA GLU A 534 -12.53 -45.96 11.53
C GLU A 534 -13.77 -45.62 10.73
N CYS A 535 -14.25 -44.38 10.82
CA CYS A 535 -15.43 -43.97 10.07
C CYS A 535 -15.05 -43.32 8.74
N GLN A 536 -14.13 -43.97 8.01
CA GLN A 536 -13.78 -43.61 6.64
C GLN A 536 -13.84 -42.11 6.40
N ALA A 537 -13.17 -41.33 7.25
CA ALA A 537 -13.33 -39.89 7.28
C ALA A 537 -12.02 -39.19 6.91
N ASN A 538 -12.15 -38.06 6.23
CA ASN A 538 -10.99 -37.25 5.90
C ASN A 538 -10.36 -36.69 7.17
N PHE A 539 -9.06 -36.42 7.10
CA PHE A 539 -8.27 -36.01 8.26
C PHE A 539 -7.37 -34.84 7.85
N ILE A 540 -7.80 -33.63 8.21
CA ILE A 540 -7.04 -32.42 7.92
C ILE A 540 -6.33 -32.02 9.20
N SER A 541 -5.02 -32.20 9.23
CA SER A 541 -4.20 -31.82 10.37
C SER A 541 -3.52 -30.50 10.07
N ILE A 542 -3.87 -29.47 10.84
CA ILE A 542 -3.16 -28.19 10.79
C ILE A 542 -2.21 -28.13 11.97
N LYS A 543 -0.97 -28.56 11.75
CA LYS A 543 0.00 -28.66 12.82
C LYS A 543 0.29 -27.29 13.41
N GLY A 544 0.92 -27.30 14.59
CA GLY A 544 1.22 -26.09 15.32
C GLY A 544 2.05 -25.10 14.52
N PRO A 545 3.06 -25.59 13.79
CA PRO A 545 3.84 -24.68 12.95
C PRO A 545 3.00 -23.93 11.92
N GLU A 546 1.94 -24.54 11.38
CA GLU A 546 1.08 -23.80 10.45
C GLU A 546 0.33 -22.68 11.16
N LEU A 547 -0.19 -22.95 12.36
CA LEU A 547 -0.84 -21.89 13.11
C LEU A 547 0.14 -20.78 13.49
N LEU A 548 1.38 -21.14 13.79
CA LEU A 548 2.39 -20.12 14.03
C LEU A 548 2.69 -19.33 12.75
N THR A 549 2.69 -19.99 11.60
CA THR A 549 2.87 -19.26 10.34
C THR A 549 1.76 -18.24 10.14
N MET A 550 0.52 -18.61 10.45
CA MET A 550 -0.59 -17.65 10.35
C MET A 550 -0.46 -16.53 11.39
N TRP A 551 -0.08 -16.86 12.63
CA TRP A 551 -0.01 -15.86 13.68
C TRP A 551 1.11 -14.85 13.39
N PHE A 552 2.31 -15.34 13.09
CA PHE A 552 3.43 -14.45 12.79
C PHE A 552 3.15 -13.63 11.53
N GLY A 553 2.57 -14.26 10.51
CA GLY A 553 2.36 -13.60 9.24
C GLY A 553 1.27 -12.55 9.23
N GLU A 554 0.59 -12.34 10.35
CA GLU A 554 -0.49 -11.36 10.43
C GLU A 554 -1.56 -11.68 9.38
N SER A 555 -1.85 -12.97 9.22
CA SER A 555 -2.78 -13.47 8.22
C SER A 555 -3.73 -14.49 8.84
N GLU A 556 -4.30 -14.13 10.00
CA GLU A 556 -5.26 -15.03 10.65
C GLU A 556 -6.48 -15.29 9.78
N ALA A 557 -6.76 -14.42 8.80
CA ALA A 557 -7.88 -14.66 7.90
C ALA A 557 -7.69 -15.95 7.12
N ASN A 558 -6.44 -16.40 6.94
CA ASN A 558 -6.20 -17.67 6.28
C ASN A 558 -6.89 -18.81 6.99
N VAL A 559 -7.13 -18.66 8.30
CA VAL A 559 -7.84 -19.70 9.05
C VAL A 559 -9.21 -19.94 8.42
N ARG A 560 -9.88 -18.87 7.98
CA ARG A 560 -11.18 -19.01 7.34
C ARG A 560 -11.12 -20.01 6.20
N GLU A 561 -9.99 -20.05 5.47
CA GLU A 561 -9.85 -21.02 4.39
C GLU A 561 -9.78 -22.44 4.94
N ILE A 562 -8.96 -22.66 5.98
CA ILE A 562 -8.75 -24.01 6.48
C ILE A 562 -10.08 -24.64 6.88
N PHE A 563 -10.86 -23.91 7.70
CA PHE A 563 -12.17 -24.42 8.08
C PHE A 563 -13.01 -24.71 6.85
N ASP A 564 -13.00 -23.79 5.88
CA ASP A 564 -13.72 -24.03 4.63
C ASP A 564 -13.20 -25.29 3.94
N LYS A 565 -11.88 -25.48 3.94
CA LYS A 565 -11.32 -26.69 3.35
C LYS A 565 -11.91 -27.94 4.00
N ALA A 566 -12.22 -27.86 5.29
CA ALA A 566 -12.87 -28.98 5.97
C ALA A 566 -14.34 -29.07 5.62
N ARG A 567 -15.00 -27.91 5.45
CA ARG A 567 -16.44 -27.93 5.19
C ARG A 567 -16.75 -28.58 3.86
N GLN A 568 -16.00 -28.24 2.81
CA GLN A 568 -16.29 -28.77 1.48
C GLN A 568 -15.99 -30.26 1.37
N ALA A 569 -15.32 -30.84 2.36
CA ALA A 569 -14.95 -32.25 2.31
C ALA A 569 -16.04 -33.12 2.93
N ALA A 570 -15.83 -34.43 2.86
CA ALA A 570 -16.72 -35.41 3.44
C ALA A 570 -16.51 -35.38 4.96
N PRO A 571 -17.20 -36.27 5.72
CA PRO A 571 -16.97 -36.30 7.18
C PRO A 571 -15.50 -36.16 7.52
N CYS A 572 -15.17 -35.12 8.29
CA CYS A 572 -13.79 -34.64 8.40
C CYS A 572 -13.47 -34.35 9.86
N VAL A 573 -12.44 -35.01 10.38
CA VAL A 573 -11.94 -34.69 11.73
C VAL A 573 -10.87 -33.62 11.54
N LEU A 574 -11.32 -32.37 11.45
CA LEU A 574 -10.38 -31.26 11.37
C LEU A 574 -9.59 -31.22 12.67
N PHE A 575 -8.31 -31.55 12.60
CA PHE A 575 -7.50 -31.85 13.77
C PHE A 575 -6.46 -30.76 13.96
N PHE A 576 -6.59 -30.00 15.06
CA PHE A 576 -5.65 -28.93 15.37
C PHE A 576 -4.49 -29.52 16.17
N ASP A 577 -3.60 -30.20 15.46
CA ASP A 577 -2.45 -30.82 16.09
C ASP A 577 -1.58 -29.78 16.77
N GLU A 578 -1.05 -30.14 17.94
CA GLU A 578 -0.17 -29.24 18.70
C GLU A 578 -0.82 -27.89 18.94
N LEU A 579 -2.10 -27.92 19.28
CA LEU A 579 -2.80 -26.69 19.64
C LEU A 579 -2.16 -26.09 20.89
N ASP A 580 -2.33 -24.77 21.04
CA ASP A 580 -1.72 -23.90 22.04
C ASP A 580 -0.29 -23.51 21.65
N SER A 581 0.22 -24.00 20.52
CA SER A 581 1.55 -23.57 20.09
C SER A 581 1.62 -22.07 19.92
N ILE A 582 0.51 -21.44 19.53
CA ILE A 582 0.49 -19.98 19.41
C ILE A 582 0.78 -19.34 20.76
N ALA A 583 0.13 -19.84 21.81
CA ALA A 583 0.37 -19.31 23.15
C ALA A 583 1.73 -19.74 23.68
N LYS A 584 2.15 -20.96 23.38
CA LYS A 584 3.46 -21.43 23.82
C LYS A 584 4.58 -20.60 23.21
N ALA A 585 4.34 -20.00 22.03
CA ALA A 585 5.34 -19.20 21.36
C ALA A 585 5.46 -17.79 21.92
N ARG A 586 4.60 -17.41 22.86
CA ARG A 586 4.63 -16.08 23.48
C ARG A 586 4.48 -16.21 25.00
N GLY A 587 5.21 -17.17 25.58
CA GLY A 587 5.17 -17.37 27.01
C GLY A 587 3.92 -18.10 27.47
N GLY A 588 2.77 -17.43 27.35
CA GLY A 588 1.51 -18.02 27.73
C GLY A 588 0.62 -17.06 28.49
N ASN A 589 -0.25 -17.59 29.34
CA ASN A 589 -1.13 -16.73 30.13
C ASN A 589 -0.34 -15.84 31.08
N ILE A 590 0.87 -16.26 31.45
CA ILE A 590 1.75 -15.48 32.32
C ILE A 590 3.11 -15.40 31.66
N GLY A 591 3.85 -14.35 32.02
CA GLY A 591 5.15 -14.07 31.41
C GLY A 591 5.10 -13.18 30.19
N ASP A 592 3.91 -12.81 29.72
CA ASP A 592 3.76 -11.93 28.57
C ASP A 592 2.73 -10.85 28.91
N GLY A 593 2.90 -9.68 28.29
CA GLY A 593 1.97 -8.59 28.55
C GLY A 593 0.56 -8.91 28.13
N GLY A 594 0.41 -9.65 27.02
CA GLY A 594 -0.90 -9.99 26.53
C GLY A 594 -1.57 -11.11 27.32
N GLY A 595 -2.85 -11.31 27.02
CA GLY A 595 -3.64 -12.33 27.68
C GLY A 595 -3.57 -13.67 26.96
N ALA A 596 -4.44 -14.58 27.39
CA ALA A 596 -4.45 -15.92 26.81
C ALA A 596 -4.84 -15.89 25.34
N ALA A 597 -5.83 -15.07 24.99
CA ALA A 597 -6.32 -15.03 23.61
C ALA A 597 -5.28 -14.39 22.69
N ASP A 598 -5.37 -14.74 21.41
CA ASP A 598 -4.45 -14.23 20.40
C ASP A 598 -5.15 -14.27 19.04
N ARG A 599 -4.39 -13.96 17.99
CA ARG A 599 -4.97 -13.88 16.65
C ARG A 599 -5.53 -15.22 16.21
N VAL A 600 -4.66 -16.23 16.07
CA VAL A 600 -5.04 -17.47 15.40
C VAL A 600 -6.03 -18.25 16.25
N ILE A 601 -5.80 -18.33 17.56
CA ILE A 601 -6.74 -19.06 18.41
C ILE A 601 -8.10 -18.38 18.40
N ASN A 602 -8.13 -17.05 18.43
CA ASN A 602 -9.40 -16.34 18.39
C ASN A 602 -10.13 -16.57 17.08
N GLN A 603 -9.40 -16.56 15.96
CA GLN A 603 -10.04 -16.82 14.68
C GLN A 603 -10.55 -18.25 14.60
N ILE A 604 -9.79 -19.20 15.14
CA ILE A 604 -10.25 -20.59 15.21
C ILE A 604 -11.54 -20.67 16.02
N LEU A 605 -11.58 -19.98 17.15
CA LEU A 605 -12.78 -19.97 17.98
C LEU A 605 -13.96 -19.39 17.22
N THR A 606 -13.75 -18.28 16.52
CA THR A 606 -14.83 -17.62 15.80
C THR A 606 -15.37 -18.52 14.69
N GLU A 607 -14.47 -19.12 13.90
CA GLU A 607 -14.92 -19.93 12.77
C GLU A 607 -15.48 -21.27 13.22
N MET A 608 -15.06 -21.76 14.40
CA MET A 608 -15.55 -23.04 14.88
C MET A 608 -17.05 -23.00 15.15
N ASP A 609 -17.54 -21.90 15.73
CA ASP A 609 -18.96 -21.78 16.00
C ASP A 609 -19.80 -21.92 14.74
N GLY A 610 -19.27 -21.52 13.58
CA GLY A 610 -19.97 -21.76 12.35
C GLY A 610 -20.08 -23.24 12.02
N MET A 611 -19.01 -23.99 12.28
CA MET A 611 -19.00 -25.43 12.04
C MET A 611 -19.48 -26.22 13.24
N SER A 612 -20.21 -25.59 14.16
CA SER A 612 -20.88 -26.31 15.23
C SER A 612 -22.23 -26.88 14.79
N THR A 613 -22.66 -26.59 13.56
CA THR A 613 -23.91 -27.09 13.02
C THR A 613 -23.69 -27.77 11.68
N LYS A 614 -22.46 -28.23 11.42
CA LYS A 614 -22.14 -28.90 10.17
C LYS A 614 -22.34 -30.41 10.24
N LYS A 615 -22.47 -30.96 11.45
CA LYS A 615 -22.90 -32.34 11.72
C LYS A 615 -22.14 -33.37 10.90
N ASN A 616 -20.97 -33.01 10.37
CA ASN A 616 -20.10 -33.98 9.72
C ASN A 616 -18.66 -33.78 10.18
N VAL A 617 -18.33 -32.56 10.58
CA VAL A 617 -16.99 -32.25 11.06
C VAL A 617 -16.95 -32.42 12.56
N PHE A 618 -15.83 -32.96 13.05
CA PHE A 618 -15.68 -33.41 14.43
C PHE A 618 -14.41 -32.78 15.03
N ILE A 619 -14.33 -31.46 14.98
CA ILE A 619 -13.10 -30.71 15.28
C ILE A 619 -12.39 -31.35 16.46
N ILE A 620 -11.10 -31.65 16.30
CA ILE A 620 -10.28 -32.25 17.35
C ILE A 620 -9.13 -31.33 17.63
N GLY A 621 -8.74 -31.23 18.90
CA GLY A 621 -7.58 -30.48 19.31
C GLY A 621 -6.56 -31.38 19.98
N ALA A 622 -5.31 -30.94 19.97
CA ALA A 622 -4.23 -31.65 20.66
C ALA A 622 -3.34 -30.61 21.33
N THR A 623 -2.99 -30.85 22.59
CA THR A 623 -2.20 -29.90 23.36
C THR A 623 -1.21 -30.66 24.23
N ASN A 624 0.04 -30.24 24.20
CA ASN A 624 1.09 -30.78 25.06
C ASN A 624 1.19 -30.03 26.38
N ARG A 625 0.44 -28.95 26.55
CA ARG A 625 0.50 -28.12 27.75
C ARG A 625 -0.81 -27.36 27.87
N PRO A 626 -1.86 -27.98 28.42
CA PRO A 626 -3.20 -27.40 28.30
C PRO A 626 -3.43 -26.15 29.14
N ASP A 627 -2.76 -26.02 30.29
CA ASP A 627 -3.11 -24.96 31.23
C ASP A 627 -2.97 -23.56 30.63
N ILE A 628 -2.15 -23.40 29.59
CA ILE A 628 -2.03 -22.08 28.96
C ILE A 628 -3.17 -21.81 27.99
N ILE A 629 -3.87 -22.83 27.52
CA ILE A 629 -4.96 -22.61 26.57
C ILE A 629 -6.01 -21.71 27.20
N ASP A 630 -6.49 -20.75 26.42
CA ASP A 630 -7.59 -19.91 26.88
C ASP A 630 -8.84 -20.77 27.05
N PRO A 631 -9.53 -20.71 28.19
CA PRO A 631 -10.70 -21.56 28.40
C PRO A 631 -11.90 -21.19 27.55
N ALA A 632 -11.79 -20.18 26.69
CA ALA A 632 -12.92 -19.79 25.85
C ALA A 632 -13.31 -20.87 24.85
N ILE A 633 -12.38 -21.76 24.49
CA ILE A 633 -12.67 -22.78 23.49
C ILE A 633 -13.23 -24.06 24.11
N LEU A 634 -12.87 -24.36 25.36
CA LEU A 634 -13.28 -25.61 25.99
C LEU A 634 -14.57 -25.43 26.79
N ARG A 635 -15.58 -24.90 26.10
CA ARG A 635 -16.91 -24.74 26.66
C ARG A 635 -17.93 -25.16 25.62
N PRO A 636 -19.18 -25.49 26.04
CA PRO A 636 -20.14 -26.16 25.13
C PRO A 636 -20.20 -25.58 23.73
N GLY A 637 -20.46 -26.44 22.76
CA GLY A 637 -20.44 -26.09 21.34
C GLY A 637 -19.06 -26.21 20.74
N ARG A 638 -18.06 -25.68 21.43
CA ARG A 638 -16.66 -25.75 21.02
C ARG A 638 -16.04 -26.99 21.66
N LEU A 639 -14.71 -27.05 21.70
CA LEU A 639 -14.03 -28.27 22.14
C LEU A 639 -14.26 -28.49 23.63
N ASP A 640 -15.52 -28.76 23.99
CA ASP A 640 -15.89 -28.82 25.40
C ASP A 640 -15.38 -30.08 26.08
N GLN A 641 -15.36 -31.22 25.37
CA GLN A 641 -15.05 -32.50 25.97
C GLN A 641 -13.55 -32.66 26.05
N LEU A 642 -12.99 -32.48 27.25
CA LEU A 642 -11.59 -32.76 27.47
C LEU A 642 -11.36 -34.26 27.60
N ILE A 643 -10.26 -34.74 27.01
CA ILE A 643 -9.87 -36.14 27.13
C ILE A 643 -8.40 -36.19 27.53
N TYR A 644 -8.09 -36.96 28.57
CA TYR A 644 -6.73 -37.11 29.07
C TYR A 644 -6.17 -38.45 28.60
N ILE A 645 -5.08 -38.39 27.84
CA ILE A 645 -4.31 -39.58 27.51
C ILE A 645 -3.08 -39.59 28.43
N PRO A 646 -2.97 -40.54 29.36
CA PRO A 646 -1.82 -40.55 30.26
C PRO A 646 -0.59 -41.15 29.58
N LEU A 647 0.56 -40.95 30.23
CA LEU A 647 1.75 -41.64 29.77
C LEU A 647 1.53 -43.15 29.88
N PRO A 648 1.97 -43.94 28.91
CA PRO A 648 1.59 -45.36 28.89
C PRO A 648 2.07 -46.10 30.14
N ASP A 649 1.25 -47.04 30.60
CA ASP A 649 1.56 -47.88 31.74
C ASP A 649 2.29 -49.14 31.27
N GLU A 650 2.51 -50.08 32.20
CA GLU A 650 3.28 -51.28 31.91
C GLU A 650 2.72 -52.03 30.71
N LYS A 651 1.48 -52.54 30.85
CA LYS A 651 0.86 -53.28 29.75
C LYS A 651 0.73 -52.40 28.52
N SER A 652 0.41 -51.12 28.71
CA SER A 652 0.29 -50.23 27.58
C SER A 652 1.63 -50.03 26.89
N ARG A 653 2.72 -49.94 27.65
CA ARG A 653 4.03 -49.83 27.03
C ARG A 653 4.40 -51.10 26.28
N VAL A 654 4.03 -52.26 26.81
CA VAL A 654 4.24 -53.51 26.08
C VAL A 654 3.49 -53.46 24.75
N ALA A 655 2.23 -53.03 24.78
CA ALA A 655 1.44 -52.95 23.56
C ALA A 655 2.04 -51.97 22.57
N ILE A 656 2.51 -50.82 23.05
CA ILE A 656 3.11 -49.82 22.16
C ILE A 656 4.39 -50.36 21.54
N LEU A 657 5.21 -51.03 22.34
CA LEU A 657 6.43 -51.64 21.80
C LEU A 657 6.09 -52.63 20.69
N LYS A 658 5.16 -53.55 20.97
CA LYS A 658 4.80 -54.55 19.97
C LYS A 658 4.21 -53.90 18.72
N ALA A 659 3.44 -52.82 18.90
CA ALA A 659 2.75 -52.21 17.76
C ALA A 659 3.72 -51.42 16.89
N ASN A 660 4.67 -50.73 17.49
CA ASN A 660 5.60 -49.90 16.71
C ASN A 660 6.83 -50.66 16.25
N LEU A 661 7.09 -51.86 16.79
CA LEU A 661 8.07 -52.74 16.18
C LEU A 661 7.45 -53.65 15.13
N ARG A 662 6.11 -53.66 15.03
CA ARG A 662 5.44 -54.41 13.98
C ARG A 662 5.83 -53.87 12.61
N LYS A 663 5.74 -54.74 11.60
CA LYS A 663 6.14 -54.41 10.24
C LYS A 663 7.65 -54.20 10.14
N SER A 664 8.40 -54.94 10.97
CA SER A 664 9.85 -54.89 10.96
C SER A 664 10.36 -56.19 11.54
N PRO A 665 11.39 -56.83 10.96
CA PRO A 665 11.89 -58.09 11.53
C PRO A 665 12.34 -57.90 12.97
N VAL A 666 12.06 -58.91 13.79
CA VAL A 666 12.45 -58.91 15.19
C VAL A 666 12.71 -60.36 15.61
N ALA A 667 13.72 -60.54 16.45
CA ALA A 667 14.15 -61.88 16.84
C ALA A 667 13.23 -62.45 17.92
N LYS A 668 13.31 -63.77 18.10
CA LYS A 668 12.60 -64.42 19.18
C LYS A 668 13.28 -64.20 20.53
N ASP A 669 14.54 -63.81 20.53
CA ASP A 669 15.27 -63.63 21.79
C ASP A 669 14.66 -62.53 22.63
N VAL A 670 14.27 -61.41 21.99
CA VAL A 670 13.75 -60.27 22.74
C VAL A 670 12.45 -60.65 23.42
N ASP A 671 12.29 -60.21 24.67
CA ASP A 671 11.04 -60.32 25.42
C ASP A 671 10.63 -58.91 25.81
N LEU A 672 9.61 -58.38 25.14
CA LEU A 672 9.25 -56.97 25.27
C LEU A 672 8.70 -56.63 26.65
N GLU A 673 8.27 -57.62 27.45
CA GLU A 673 7.78 -57.32 28.78
C GLU A 673 8.87 -56.72 29.65
N PHE A 674 10.08 -57.29 29.61
CA PHE A 674 11.18 -56.78 30.41
C PHE A 674 11.56 -55.38 29.96
N LEU A 675 11.61 -55.15 28.64
CA LEU A 675 11.91 -53.81 28.14
C LEU A 675 10.85 -52.81 28.60
N ALA A 676 9.59 -53.20 28.54
CA ALA A 676 8.51 -52.30 28.93
C ALA A 676 8.62 -51.93 30.41
N LYS A 677 8.82 -52.92 31.27
CA LYS A 677 8.93 -52.61 32.70
C LYS A 677 10.17 -51.77 32.98
N MET A 678 11.29 -52.07 32.31
CA MET A 678 12.45 -51.20 32.40
C MET A 678 12.16 -49.84 31.80
N THR A 679 11.29 -49.78 30.80
CA THR A 679 10.83 -48.51 30.24
C THR A 679 9.85 -47.88 31.21
N ASN A 680 10.37 -47.33 32.31
CA ASN A 680 9.52 -46.97 33.44
C ASN A 680 8.63 -45.78 33.15
N GLY A 681 9.21 -44.70 32.60
CA GLY A 681 8.48 -43.46 32.44
C GLY A 681 8.63 -42.82 31.09
N PHE A 682 8.71 -43.62 30.04
CA PHE A 682 8.92 -43.13 28.69
C PHE A 682 7.57 -43.00 27.97
N SER A 683 7.38 -41.87 27.30
CA SER A 683 6.16 -41.62 26.57
C SER A 683 6.13 -42.44 25.28
N GLY A 684 5.07 -42.27 24.50
CA GLY A 684 4.98 -42.99 23.23
C GLY A 684 6.04 -42.55 22.24
N ALA A 685 6.24 -41.23 22.12
CA ALA A 685 7.19 -40.72 21.12
C ALA A 685 8.60 -41.19 21.41
N ASP A 686 9.07 -41.02 22.65
CA ASP A 686 10.41 -41.46 23.00
C ASP A 686 10.55 -42.98 23.07
N LEU A 687 9.47 -43.72 23.32
CA LEU A 687 9.54 -45.17 23.22
C LEU A 687 9.71 -45.62 21.77
N THR A 688 8.96 -45.03 20.85
CA THR A 688 9.21 -45.29 19.44
C THR A 688 10.60 -44.82 19.04
N GLU A 689 11.11 -43.77 19.70
CA GLU A 689 12.49 -43.36 19.46
C GLU A 689 13.46 -44.45 19.89
N ILE A 690 13.21 -45.10 21.03
CA ILE A 690 14.03 -46.22 21.45
C ILE A 690 14.00 -47.32 20.41
N CYS A 691 12.80 -47.64 19.91
CA CYS A 691 12.71 -48.67 18.87
C CYS A 691 13.47 -48.27 17.61
N GLN A 692 13.37 -47.00 17.24
CA GLN A 692 14.07 -46.51 16.05
C GLN A 692 15.58 -46.57 16.25
N ARG A 693 16.07 -46.25 17.44
CA ARG A 693 17.50 -46.38 17.71
C ARG A 693 17.95 -47.83 17.63
N ALA A 694 17.13 -48.74 18.16
CA ALA A 694 17.46 -50.16 18.05
C ALA A 694 17.55 -50.58 16.59
N CYS A 695 16.57 -50.16 15.79
CA CYS A 695 16.59 -50.51 14.37
C CYS A 695 17.75 -49.85 13.65
N LYS A 696 18.10 -48.63 14.05
CA LYS A 696 19.23 -47.93 13.44
C LYS A 696 20.55 -48.64 13.71
N LEU A 697 20.74 -49.09 14.96
CA LEU A 697 21.96 -49.83 15.27
C LEU A 697 21.96 -51.18 14.58
N ALA A 698 20.79 -51.83 14.48
CA ALA A 698 20.72 -53.11 13.78
C ALA A 698 21.08 -52.95 12.31
N ILE A 699 20.57 -51.91 11.66
CA ILE A 699 20.87 -51.68 10.25
C ILE A 699 22.34 -51.30 10.08
N ARG A 700 22.90 -50.55 11.03
CA ARG A 700 24.32 -50.25 10.96
C ARG A 700 25.15 -51.52 11.05
N GLU A 701 24.80 -52.42 11.97
CA GLU A 701 25.51 -53.69 12.06
C GLU A 701 25.37 -54.50 10.78
N SER A 702 24.16 -54.55 10.24
CA SER A 702 23.92 -55.32 9.02
C SER A 702 24.72 -54.78 7.86
N ILE A 703 24.75 -53.46 7.69
CA ILE A 703 25.48 -52.88 6.56
C ILE A 703 26.99 -53.04 6.76
N GLU A 704 27.47 -52.92 8.00
CA GLU A 704 28.88 -53.17 8.25
C GLU A 704 29.25 -54.60 7.91
N SER A 705 28.41 -55.56 8.30
CA SER A 705 28.67 -56.96 7.95
C SER A 705 28.61 -57.16 6.44
N GLU A 706 27.70 -56.45 5.76
CA GLU A 706 27.58 -56.58 4.31
C GLU A 706 28.84 -56.09 3.61
N ILE A 707 29.36 -54.93 4.04
CA ILE A 707 30.58 -54.42 3.41
C ILE A 707 31.77 -55.30 3.76
N ARG A 708 31.79 -55.87 4.98
CA ARG A 708 32.86 -56.82 5.30
C ARG A 708 32.78 -58.06 4.41
N ARG A 709 31.56 -58.55 4.15
CA ARG A 709 31.40 -59.68 3.25
C ARG A 709 31.85 -59.32 1.84
N GLU A 710 31.58 -58.09 1.40
CA GLU A 710 32.10 -57.63 0.12
C GLU A 710 33.62 -57.64 0.12
N ARG A 711 34.24 -57.22 1.23
CA ARG A 711 35.69 -57.28 1.35
C ARG A 711 36.18 -58.72 1.17
N GLU A 712 35.52 -59.68 1.84
CA GLU A 712 35.91 -61.07 1.67
C GLU A 712 35.75 -61.51 0.22
N ARG A 713 34.65 -61.09 -0.43
CA ARG A 713 34.42 -61.46 -1.82
C ARG A 713 35.52 -60.94 -2.73
N GLN A 714 35.95 -59.69 -2.52
CA GLN A 714 36.94 -59.09 -3.41
C GLN A 714 38.32 -59.73 -3.23
N THR A 715 38.67 -60.14 -2.02
CA THR A 715 39.98 -60.69 -1.74
C THR A 715 40.07 -62.13 -2.25
N ASN A 716 41.15 -62.83 -1.90
CA ASN A 716 41.42 -64.12 -2.51
C ASN A 716 40.33 -65.17 -2.26
N PRO A 717 39.76 -65.33 -1.06
CA PRO A 717 38.83 -66.46 -0.86
C PRO A 717 37.61 -66.41 -1.77
N SER A 718 37.23 -65.23 -2.25
CA SER A 718 36.08 -65.10 -3.16
C SER A 718 34.81 -65.61 -2.50
N GLU A 724 24.93 -68.35 5.36
CA GLU A 724 26.03 -67.44 5.67
C GLU A 724 25.84 -66.07 5.03
N ASP A 725 24.73 -65.91 4.29
CA ASP A 725 24.42 -64.65 3.62
C ASP A 725 23.57 -63.72 4.48
N ASP A 726 23.28 -64.09 5.72
CA ASP A 726 22.43 -63.30 6.61
C ASP A 726 23.13 -63.16 7.96
N PRO A 727 24.15 -62.30 8.04
CA PRO A 727 24.77 -62.05 9.35
C PRO A 727 23.80 -61.53 10.39
N VAL A 728 22.86 -60.68 10.00
CA VAL A 728 21.88 -60.12 10.92
C VAL A 728 20.56 -59.96 10.17
N PRO A 729 19.77 -61.02 10.03
CA PRO A 729 18.49 -60.91 9.30
C PRO A 729 17.34 -60.36 10.12
N GLU A 730 17.57 -59.86 11.33
CA GLU A 730 16.53 -59.15 12.07
C GLU A 730 17.19 -58.29 13.13
N ILE A 731 16.41 -57.38 13.70
CA ILE A 731 16.87 -56.54 14.80
C ILE A 731 17.15 -57.45 15.99
N ARG A 732 18.42 -57.57 16.35
CA ARG A 732 18.82 -58.49 17.40
C ARG A 732 18.63 -57.86 18.78
N ARG A 733 18.76 -58.69 19.81
CA ARG A 733 18.39 -58.28 21.16
C ARG A 733 19.39 -57.29 21.73
N ASP A 734 20.69 -57.55 21.56
CA ASP A 734 21.70 -56.62 22.07
C ASP A 734 21.63 -55.27 21.37
N HIS A 735 21.08 -55.22 20.14
CA HIS A 735 20.81 -53.94 19.52
C HIS A 735 19.79 -53.15 20.33
N PHE A 736 18.73 -53.82 20.79
CA PHE A 736 17.77 -53.17 21.68
C PHE A 736 18.43 -52.77 22.99
N GLU A 737 19.32 -53.61 23.52
CA GLU A 737 20.06 -53.26 24.72
C GLU A 737 20.80 -51.93 24.54
N GLU A 738 21.59 -51.82 23.46
CA GLU A 738 22.37 -50.61 23.26
C GLU A 738 21.47 -49.40 23.00
N ALA A 739 20.39 -49.60 22.24
CA ALA A 739 19.47 -48.50 21.98
C ALA A 739 18.84 -47.99 23.28
N MET A 740 18.42 -48.91 24.15
CA MET A 740 17.87 -48.50 25.45
C MET A 740 18.92 -47.77 26.27
N ARG A 741 20.17 -48.25 26.22
CA ARG A 741 21.27 -47.51 26.84
C ARG A 741 21.40 -46.11 26.24
N PHE A 742 21.00 -45.93 24.98
CA PHE A 742 21.05 -44.64 24.30
C PHE A 742 19.71 -43.92 24.35
N ALA A 743 18.77 -44.38 25.17
CA ALA A 743 17.43 -43.82 25.20
C ALA A 743 17.44 -42.44 25.86
N ARG A 744 16.27 -41.79 25.86
CA ARG A 744 16.12 -40.49 26.50
C ARG A 744 14.65 -40.24 26.75
N ARG A 745 14.35 -39.61 27.89
CA ARG A 745 12.99 -39.32 28.30
C ARG A 745 12.76 -37.81 28.26
N SER A 746 11.57 -37.41 27.80
CA SER A 746 11.25 -36.01 27.56
C SER A 746 10.29 -35.41 28.58
N VAL A 747 9.82 -36.19 29.56
CA VAL A 747 8.84 -35.72 30.53
C VAL A 747 9.37 -35.99 31.93
N SER A 748 9.27 -34.99 32.80
CA SER A 748 9.72 -35.10 34.19
C SER A 748 8.49 -35.28 35.10
N ASP A 749 8.77 -35.47 36.39
CA ASP A 749 7.70 -35.71 37.34
C ASP A 749 6.75 -34.52 37.43
N ASN A 750 7.32 -33.30 37.50
CA ASN A 750 6.47 -32.12 37.57
C ASN A 750 5.63 -31.94 36.32
N ASP A 751 6.20 -32.18 35.13
CA ASP A 751 5.44 -32.02 33.90
C ASP A 751 4.26 -32.99 33.83
N ILE A 752 4.49 -34.26 34.20
CA ILE A 752 3.39 -35.24 34.14
C ILE A 752 2.36 -34.93 35.22
N ARG A 753 2.78 -34.47 36.40
CA ARG A 753 1.82 -34.12 37.43
C ARG A 753 1.01 -32.88 37.03
N LYS A 754 1.58 -32.00 36.21
CA LYS A 754 0.88 -30.79 35.81
C LYS A 754 -0.40 -31.13 35.06
N TYR A 755 -0.36 -32.15 34.19
CA TYR A 755 -1.53 -32.51 33.41
C TYR A 755 -2.68 -32.96 34.30
N GLU A 756 -2.39 -33.81 35.29
CA GLU A 756 -3.46 -34.25 36.19
C GLU A 756 -3.94 -33.10 37.08
N MET A 757 -3.03 -32.21 37.50
CA MET A 757 -3.45 -31.06 38.28
C MET A 757 -4.40 -30.18 37.47
N PHE A 758 -4.10 -29.97 36.19
CA PHE A 758 -5.03 -29.24 35.32
C PHE A 758 -6.34 -30.00 35.17
N ALA A 759 -6.27 -31.32 35.02
CA ALA A 759 -7.49 -32.12 34.90
C ALA A 759 -8.38 -31.93 36.12
N GLN A 760 -7.80 -31.72 37.29
CA GLN A 760 -8.61 -31.46 38.48
C GLN A 760 -9.49 -30.23 38.32
N THR A 761 -9.13 -29.31 37.42
CA THR A 761 -9.94 -28.10 37.25
C THR A 761 -11.35 -28.44 36.78
N LEU A 762 -11.47 -29.34 35.80
CA LEU A 762 -12.76 -29.77 35.29
C LEU A 762 -13.14 -31.16 35.80
N GLN A 763 -12.54 -31.61 36.90
CA GLN A 763 -12.85 -32.88 37.52
C GLN A 763 -13.18 -32.65 38.99
N GLN A 764 -13.80 -33.67 39.60
CA GLN A 764 -14.17 -33.60 41.01
C GLN A 764 -14.12 -34.99 41.62
N SER A 765 -14.00 -35.02 42.94
CA SER A 765 -14.01 -36.27 43.71
C SER A 765 -15.24 -36.33 44.60
N ARG A 766 -16.36 -35.73 44.15
CA ARG A 766 -17.58 -35.64 44.95
C ARG A 766 -18.30 -36.99 44.94
N GLY A 767 -17.66 -37.97 45.56
CA GLY A 767 -18.31 -39.26 45.81
C GLY A 767 -19.21 -39.26 47.03
N PHE A 768 -19.24 -38.17 47.79
CA PHE A 768 -20.09 -38.10 48.97
C PHE A 768 -21.56 -38.20 48.63
N GLY A 769 -21.98 -37.62 47.51
CA GLY A 769 -23.38 -37.62 47.14
C GLY A 769 -23.84 -38.96 46.59
N SER A 770 -23.60 -40.04 47.35
CA SER A 770 -23.97 -41.37 46.91
C SER A 770 -25.47 -41.60 46.89
N PHE A 771 -26.27 -40.70 47.47
CA PHE A 771 -27.72 -40.84 47.52
C PHE A 771 -28.32 -40.54 46.14
N ARG A 772 -27.99 -41.41 45.19
CA ARG A 772 -28.59 -41.36 43.86
C ARG A 772 -28.49 -39.98 43.24
N ARG B 22 30.91 -56.35 -31.70
CA ARG B 22 31.18 -55.91 -33.06
C ARG B 22 31.78 -54.49 -33.05
N PRO B 23 33.09 -54.37 -33.30
CA PRO B 23 33.73 -53.05 -33.21
C PRO B 23 33.47 -52.15 -34.41
N ASN B 24 32.75 -52.64 -35.43
CA ASN B 24 32.54 -51.85 -36.63
C ASN B 24 31.73 -50.58 -36.34
N ARG B 25 30.69 -50.70 -35.51
CA ARG B 25 29.74 -49.61 -35.30
C ARG B 25 29.70 -49.22 -33.83
N LEU B 26 29.59 -47.91 -33.58
CA LEU B 26 29.56 -47.39 -32.22
C LEU B 26 28.75 -46.09 -32.20
N ILE B 27 28.27 -45.75 -31.01
CA ILE B 27 27.47 -44.55 -30.79
C ILE B 27 28.39 -43.45 -30.28
N VAL B 28 28.29 -42.26 -30.88
CA VAL B 28 29.21 -41.17 -30.58
C VAL B 28 28.86 -40.53 -29.25
N ASP B 29 29.78 -39.74 -28.71
CA ASP B 29 29.59 -39.08 -27.43
C ASP B 29 30.53 -37.88 -27.34
N GLU B 30 30.31 -37.06 -26.32
CA GLU B 30 31.12 -35.85 -26.15
C GLU B 30 32.53 -36.21 -25.70
N ALA B 31 33.52 -35.52 -26.27
CA ALA B 31 34.91 -35.68 -25.89
C ALA B 31 35.34 -34.54 -24.97
N ILE B 32 36.42 -34.78 -24.22
CA ILE B 32 36.90 -33.81 -23.24
C ILE B 32 38.35 -33.46 -23.52
N ASN B 33 39.09 -34.38 -24.15
CA ASN B 33 40.50 -34.11 -24.45
C ASN B 33 40.64 -33.28 -25.73
N GLU B 34 39.77 -33.52 -26.71
CA GLU B 34 39.73 -32.74 -27.93
C GLU B 34 41.03 -32.82 -28.71
N ASP B 35 41.91 -31.84 -28.55
CA ASP B 35 43.11 -31.65 -29.37
C ASP B 35 42.78 -31.42 -30.84
N ASN B 36 41.50 -31.21 -31.17
CA ASN B 36 41.07 -30.94 -32.54
C ASN B 36 41.15 -32.17 -33.41
N SER B 37 41.66 -33.29 -32.87
CA SER B 37 41.90 -34.48 -33.66
C SER B 37 41.60 -35.80 -32.96
N VAL B 38 41.62 -35.84 -31.63
CA VAL B 38 41.65 -37.11 -30.91
C VAL B 38 40.26 -37.73 -30.86
N VAL B 39 40.19 -39.05 -31.08
CA VAL B 39 38.99 -39.84 -30.89
C VAL B 39 39.29 -40.85 -29.78
N SER B 40 38.47 -40.85 -28.74
CA SER B 40 38.77 -41.57 -27.51
C SER B 40 37.98 -42.87 -27.45
N LEU B 41 38.70 -43.97 -27.22
CA LEU B 41 38.10 -45.28 -27.02
C LEU B 41 38.58 -45.85 -25.68
N SER B 42 38.29 -47.11 -25.39
CA SER B 42 38.77 -47.77 -24.19
C SER B 42 39.68 -48.92 -24.57
N GLN B 43 40.83 -49.04 -23.90
CA GLN B 43 41.79 -50.08 -24.24
C GLN B 43 41.17 -51.48 -24.15
N PRO B 44 40.43 -51.84 -23.10
CA PRO B 44 39.67 -53.10 -23.14
C PRO B 44 38.74 -53.19 -24.34
N LYS B 45 38.40 -52.06 -24.96
CA LYS B 45 37.62 -52.06 -26.20
C LYS B 45 38.49 -51.85 -27.43
N MET B 46 39.58 -51.10 -27.30
CA MET B 46 40.47 -50.89 -28.44
C MET B 46 41.14 -52.19 -28.85
N ASP B 47 41.36 -53.11 -27.91
CA ASP B 47 41.88 -54.42 -28.27
C ASP B 47 40.96 -55.10 -29.28
N GLU B 48 39.65 -55.01 -29.06
CA GLU B 48 38.69 -55.46 -30.07
C GLU B 48 38.76 -54.59 -31.31
N LEU B 49 39.03 -53.29 -31.15
CA LEU B 49 39.19 -52.39 -32.28
C LEU B 49 40.54 -52.52 -32.97
N GLN B 50 41.46 -53.31 -32.42
CA GLN B 50 42.76 -53.58 -33.04
C GLN B 50 43.67 -52.36 -33.06
N LEU B 51 43.50 -51.45 -32.09
CA LEU B 51 44.37 -50.30 -31.92
C LEU B 51 44.92 -50.31 -30.50
N PHE B 52 46.18 -49.92 -30.34
CA PHE B 52 46.87 -50.05 -29.07
C PHE B 52 47.26 -48.72 -28.44
N ARG B 53 48.10 -47.93 -29.10
CA ARG B 53 48.65 -46.72 -28.50
C ARG B 53 48.19 -45.45 -29.23
N GLY B 54 48.45 -45.34 -30.52
CA GLY B 54 48.09 -44.15 -31.28
C GLY B 54 47.77 -44.44 -32.72
N ASP B 55 47.43 -45.69 -33.03
CA ASP B 55 47.25 -46.11 -34.41
C ASP B 55 46.10 -45.35 -35.06
N THR B 56 46.19 -45.21 -36.38
CA THR B 56 45.15 -44.51 -37.13
C THR B 56 43.83 -45.25 -37.02
N VAL B 57 42.74 -44.49 -37.04
CA VAL B 57 41.40 -45.02 -36.84
C VAL B 57 40.65 -45.18 -38.16
N LEU B 58 40.85 -44.25 -39.10
CA LEU B 58 40.08 -44.22 -40.33
C LEU B 58 38.58 -44.17 -40.02
N LEU B 59 38.20 -43.14 -39.28
CA LEU B 59 36.81 -42.97 -38.87
C LEU B 59 35.89 -42.92 -40.08
N LYS B 60 34.79 -43.65 -40.02
CA LYS B 60 33.80 -43.69 -41.09
C LYS B 60 32.61 -42.83 -40.69
N GLY B 61 32.18 -41.97 -41.61
CA GLY B 61 31.11 -41.03 -41.35
C GLY B 61 29.75 -41.56 -41.76
N LYS B 62 28.86 -40.62 -42.08
CA LYS B 62 27.49 -40.95 -42.45
C LYS B 62 27.26 -40.97 -43.96
N LYS B 63 27.59 -39.88 -44.66
CA LYS B 63 27.15 -39.74 -46.05
C LYS B 63 28.20 -40.23 -47.05
N ARG B 64 29.30 -39.48 -47.20
CA ARG B 64 30.30 -39.85 -48.19
C ARG B 64 31.71 -39.42 -47.75
N ARG B 65 32.05 -39.62 -46.48
CA ARG B 65 33.35 -39.15 -46.02
C ARG B 65 33.86 -40.01 -44.87
N GLU B 66 35.18 -39.96 -44.70
CA GLU B 66 35.88 -40.66 -43.63
C GLU B 66 37.01 -39.77 -43.12
N ALA B 67 37.42 -40.02 -41.88
CA ALA B 67 38.51 -39.28 -41.26
C ALA B 67 39.50 -40.24 -40.62
N VAL B 68 40.78 -39.85 -40.63
CA VAL B 68 41.81 -40.72 -40.09
C VAL B 68 41.74 -40.76 -38.57
N CYS B 69 41.74 -39.59 -37.93
CA CYS B 69 41.63 -39.49 -36.47
C CYS B 69 42.76 -40.22 -35.75
N ILE B 70 42.87 -40.02 -34.44
CA ILE B 70 43.85 -40.69 -33.61
C ILE B 70 43.12 -41.34 -32.44
N VAL B 71 43.59 -42.51 -32.03
CA VAL B 71 42.95 -43.27 -30.96
C VAL B 71 43.60 -42.91 -29.63
N LEU B 72 42.78 -42.83 -28.59
CA LEU B 72 43.24 -42.53 -27.23
C LEU B 72 42.14 -43.00 -26.29
N SER B 73 42.40 -42.90 -24.98
CA SER B 73 41.44 -43.35 -23.98
C SER B 73 41.39 -42.39 -22.80
N ASP B 74 40.25 -42.44 -22.12
CA ASP B 74 40.04 -41.70 -20.87
C ASP B 74 39.02 -42.47 -20.03
N ASP B 75 38.51 -41.81 -18.98
CA ASP B 75 37.68 -42.52 -18.01
C ASP B 75 36.28 -42.80 -18.54
N THR B 76 35.67 -41.82 -19.21
CA THR B 76 34.23 -41.85 -19.50
C THR B 76 33.85 -42.79 -20.63
N CYS B 77 34.74 -43.65 -21.11
CA CYS B 77 34.40 -44.51 -22.24
C CYS B 77 33.32 -45.52 -21.85
N SER B 78 33.52 -46.23 -20.74
CA SER B 78 32.61 -47.27 -20.27
C SER B 78 32.51 -48.44 -21.26
N ASP B 79 33.45 -48.55 -22.18
CA ASP B 79 33.49 -49.63 -23.17
C ASP B 79 32.22 -49.70 -24.00
N GLU B 80 31.49 -48.58 -24.12
CA GLU B 80 30.21 -48.58 -24.81
C GLU B 80 30.14 -47.50 -25.88
N LYS B 81 30.78 -46.36 -25.63
CA LYS B 81 30.61 -45.18 -26.47
C LYS B 81 31.96 -44.71 -27.02
N ILE B 82 31.89 -43.99 -28.13
CA ILE B 82 33.06 -43.38 -28.77
C ILE B 82 32.90 -41.87 -28.70
N ARG B 83 33.98 -41.18 -28.33
CA ARG B 83 33.95 -39.75 -28.06
C ARG B 83 34.67 -39.00 -29.17
N MET B 84 34.05 -37.93 -29.66
CA MET B 84 34.61 -37.11 -30.72
C MET B 84 34.25 -35.65 -30.47
N ASN B 85 35.23 -34.77 -30.61
CA ASN B 85 35.00 -33.34 -30.45
C ASN B 85 34.26 -32.78 -31.65
N ARG B 86 33.74 -31.56 -31.49
CA ARG B 86 32.90 -30.99 -32.54
C ARG B 86 33.65 -30.83 -33.86
N VAL B 87 34.97 -30.74 -33.82
CA VAL B 87 35.72 -30.64 -35.08
C VAL B 87 35.46 -31.88 -35.93
N VAL B 88 35.63 -33.06 -35.33
CA VAL B 88 35.38 -34.30 -36.06
C VAL B 88 33.90 -34.46 -36.38
N ARG B 89 33.03 -34.20 -35.40
CA ARG B 89 31.61 -34.41 -35.60
C ARG B 89 31.08 -33.58 -36.76
N ASN B 90 31.43 -32.29 -36.80
CA ASN B 90 31.03 -31.44 -37.91
C ASN B 90 31.75 -31.84 -39.19
N ASN B 91 33.00 -32.29 -39.09
CA ASN B 91 33.71 -32.75 -40.29
C ASN B 91 33.02 -33.96 -40.91
N LEU B 92 32.54 -34.88 -40.07
CA LEU B 92 31.92 -36.11 -40.55
C LEU B 92 30.42 -35.99 -40.75
N ARG B 93 29.86 -34.79 -40.57
CA ARG B 93 28.41 -34.56 -40.70
C ARG B 93 27.64 -35.41 -39.69
N VAL B 94 28.17 -35.49 -38.47
CA VAL B 94 27.61 -36.32 -37.41
C VAL B 94 27.19 -35.42 -36.26
N ARG B 95 25.96 -35.58 -35.79
CA ARG B 95 25.48 -34.88 -34.61
C ARG B 95 25.68 -35.76 -33.38
N LEU B 96 25.97 -35.11 -32.25
CA LEU B 96 26.19 -35.86 -31.02
C LEU B 96 24.97 -36.69 -30.67
N GLY B 97 25.21 -37.97 -30.36
CA GLY B 97 24.14 -38.92 -30.11
C GLY B 97 23.82 -39.83 -31.27
N ASP B 98 24.51 -39.68 -32.40
CA ASP B 98 24.27 -40.51 -33.57
C ASP B 98 25.08 -41.80 -33.49
N VAL B 99 24.88 -42.68 -34.47
CA VAL B 99 25.60 -43.94 -34.57
C VAL B 99 26.43 -43.92 -35.84
N ILE B 100 27.71 -44.27 -35.72
CA ILE B 100 28.66 -44.21 -36.81
C ILE B 100 29.42 -45.52 -36.87
N SER B 101 30.30 -45.64 -37.87
CA SER B 101 31.08 -46.83 -38.11
C SER B 101 32.57 -46.50 -38.03
N ILE B 102 33.38 -47.54 -37.85
CA ILE B 102 34.83 -47.42 -37.77
C ILE B 102 35.46 -48.49 -38.66
N GLN B 103 36.58 -48.14 -39.29
CA GLN B 103 37.31 -49.05 -40.18
C GLN B 103 38.77 -49.05 -39.74
N PRO B 104 39.10 -49.73 -38.64
CA PRO B 104 40.47 -49.67 -38.13
C PRO B 104 41.49 -50.13 -39.16
N CYS B 105 42.64 -49.44 -39.17
CA CYS B 105 43.73 -49.78 -40.07
C CYS B 105 45.04 -49.21 -39.53
N PRO B 106 45.72 -49.93 -38.63
CA PRO B 106 46.98 -49.41 -38.08
C PRO B 106 48.11 -49.44 -39.09
N ASP B 107 48.13 -48.48 -40.00
CA ASP B 107 49.13 -48.41 -41.05
C ASP B 107 49.63 -46.98 -41.17
N VAL B 108 50.84 -46.84 -41.71
CA VAL B 108 51.49 -45.54 -41.88
C VAL B 108 51.74 -45.33 -43.37
N LYS B 109 51.23 -44.22 -43.90
CA LYS B 109 51.46 -43.84 -45.29
C LYS B 109 51.56 -42.32 -45.37
N TYR B 110 52.58 -41.84 -46.07
CA TYR B 110 52.90 -40.41 -46.12
C TYR B 110 52.42 -39.80 -47.44
N GLY B 111 52.07 -38.52 -47.37
CA GLY B 111 51.67 -37.75 -48.53
C GLY B 111 52.70 -36.69 -48.88
N LYS B 112 52.51 -36.08 -50.05
CA LYS B 112 53.43 -35.08 -50.55
C LYS B 112 52.77 -33.84 -51.14
N ARG B 113 51.46 -33.84 -51.36
CA ARG B 113 50.77 -32.72 -52.00
C ARG B 113 49.56 -32.30 -51.16
N ILE B 114 49.77 -32.13 -49.86
CA ILE B 114 48.72 -31.65 -48.97
C ILE B 114 48.56 -30.15 -49.17
N HIS B 115 47.39 -29.73 -49.64
CA HIS B 115 47.09 -28.33 -49.90
C HIS B 115 45.86 -27.94 -49.10
N VAL B 116 45.93 -26.79 -48.42
CA VAL B 116 44.90 -26.36 -47.50
C VAL B 116 44.51 -24.92 -47.83
N LEU B 117 43.25 -24.58 -47.58
CA LEU B 117 42.74 -23.24 -47.79
C LEU B 117 41.87 -22.85 -46.60
N PRO B 118 41.92 -21.61 -46.15
CA PRO B 118 41.06 -21.20 -45.03
C PRO B 118 39.62 -21.00 -45.46
N ILE B 119 38.72 -21.02 -44.48
CA ILE B 119 37.30 -20.89 -44.72
C ILE B 119 36.89 -19.43 -44.50
N ASP B 120 36.26 -18.84 -45.51
CA ASP B 120 35.90 -17.42 -45.44
C ASP B 120 35.03 -17.12 -44.22
N ASP B 121 34.18 -18.07 -43.83
CA ASP B 121 33.35 -17.88 -42.64
C ASP B 121 34.21 -17.66 -41.40
N THR B 122 35.46 -18.13 -41.41
CA THR B 122 36.38 -17.97 -40.29
C THR B 122 37.48 -16.96 -40.58
N VAL B 123 37.74 -16.64 -41.85
CA VAL B 123 38.68 -15.58 -42.21
C VAL B 123 37.96 -14.59 -43.09
N GLU B 124 37.53 -13.48 -42.50
CA GLU B 124 36.80 -12.41 -43.18
C GLU B 124 37.23 -11.05 -42.66
N GLY B 125 38.54 -10.83 -42.63
CA GLY B 125 39.10 -9.60 -42.10
C GLY B 125 40.44 -9.76 -41.44
N ILE B 126 40.89 -11.01 -41.29
CA ILE B 126 42.23 -11.31 -40.80
C ILE B 126 43.06 -11.76 -41.99
N THR B 127 44.16 -11.06 -42.25
CA THR B 127 45.02 -11.34 -43.38
C THR B 127 46.46 -11.44 -42.91
N GLY B 128 47.16 -12.45 -43.40
CA GLY B 128 48.54 -12.65 -43.02
C GLY B 128 49.02 -13.98 -43.53
N ASN B 129 50.21 -14.37 -43.04
CA ASN B 129 50.80 -15.65 -43.41
C ASN B 129 50.17 -16.78 -42.60
N LEU B 130 48.93 -17.13 -42.99
CA LEU B 130 48.18 -18.14 -42.25
C LEU B 130 48.86 -19.49 -42.29
N PHE B 131 49.79 -19.69 -43.23
CA PHE B 131 50.62 -20.88 -43.20
C PHE B 131 51.61 -20.87 -42.05
N GLU B 132 51.89 -19.70 -41.47
CA GLU B 132 52.83 -19.57 -40.37
C GLU B 132 52.21 -19.03 -39.08
N VAL B 133 51.18 -18.20 -39.18
CA VAL B 133 50.72 -17.48 -38.00
C VAL B 133 49.83 -18.38 -37.14
N TYR B 134 49.01 -19.24 -37.76
CA TYR B 134 48.04 -20.07 -37.04
C TYR B 134 48.08 -21.51 -37.56
N LEU B 135 49.23 -21.94 -38.09
CA LEU B 135 49.31 -23.27 -38.68
C LEU B 135 50.47 -24.09 -38.15
N LYS B 136 51.60 -23.45 -37.85
CA LYS B 136 52.80 -24.17 -37.46
C LYS B 136 52.57 -25.11 -36.28
N PRO B 137 51.92 -24.67 -35.19
CA PRO B 137 51.77 -25.53 -34.02
C PRO B 137 50.70 -26.61 -34.15
N TYR B 138 50.18 -26.87 -35.35
CA TYR B 138 49.12 -27.86 -35.52
C TYR B 138 49.37 -28.86 -36.65
N PHE B 139 50.23 -28.56 -37.62
CA PHE B 139 50.43 -29.45 -38.75
C PHE B 139 51.43 -30.56 -38.46
N LEU B 140 52.03 -30.59 -37.27
CA LEU B 140 52.88 -31.70 -36.88
C LEU B 140 52.73 -31.92 -35.38
N GLU B 141 52.72 -33.20 -34.98
CA GLU B 141 52.65 -33.60 -33.58
C GLU B 141 51.26 -33.40 -32.99
N ALA B 142 50.34 -32.80 -33.76
CA ALA B 142 48.94 -32.71 -33.36
C ALA B 142 48.06 -33.72 -34.09
N TYR B 143 48.54 -34.26 -35.21
CA TYR B 143 47.84 -35.32 -35.94
C TYR B 143 46.45 -34.86 -36.39
N ARG B 144 46.45 -33.83 -37.23
CA ARG B 144 45.21 -33.33 -37.78
C ARG B 144 44.52 -34.41 -38.60
N PRO B 145 43.18 -34.41 -38.65
CA PRO B 145 42.49 -35.42 -39.46
C PRO B 145 42.65 -35.15 -40.95
N ILE B 146 43.89 -35.23 -41.44
CA ILE B 146 44.19 -34.82 -42.80
C ILE B 146 43.57 -35.81 -43.78
N ARG B 147 42.70 -35.31 -44.65
CA ARG B 147 42.06 -36.12 -45.68
C ARG B 147 41.29 -35.18 -46.59
N LYS B 148 41.30 -35.46 -47.89
CA LYS B 148 40.69 -34.56 -48.86
C LYS B 148 39.24 -34.29 -48.49
N GLY B 149 38.89 -33.01 -48.43
CA GLY B 149 37.57 -32.59 -48.00
C GLY B 149 37.44 -32.37 -46.50
N ASP B 150 38.48 -32.65 -45.72
CA ASP B 150 38.42 -32.48 -44.28
C ASP B 150 38.45 -31.00 -43.90
N ILE B 151 37.70 -30.66 -42.85
CA ILE B 151 37.66 -29.31 -42.29
C ILE B 151 38.05 -29.41 -40.83
N PHE B 152 38.99 -28.58 -40.40
CA PHE B 152 39.51 -28.63 -39.03
C PHE B 152 39.70 -27.23 -38.49
N LEU B 153 39.38 -27.06 -37.20
CA LEU B 153 39.63 -25.82 -36.49
C LEU B 153 40.99 -25.89 -35.80
N VAL B 154 41.73 -24.78 -35.86
CA VAL B 154 43.04 -24.70 -35.25
C VAL B 154 43.11 -23.73 -34.08
N HIS B 155 42.16 -22.80 -33.94
CA HIS B 155 42.12 -21.88 -32.80
C HIS B 155 43.42 -21.08 -32.69
N GLY B 156 43.58 -20.11 -33.60
CA GLY B 156 44.78 -19.32 -33.68
C GLY B 156 44.77 -18.05 -32.85
N GLY B 157 44.95 -16.90 -33.50
CA GLY B 157 45.09 -15.64 -32.80
C GLY B 157 43.76 -14.95 -32.55
N MET B 158 43.18 -15.22 -31.38
CA MET B 158 41.99 -14.52 -30.91
C MET B 158 40.82 -14.67 -31.88
N ARG B 159 40.77 -15.81 -32.56
CA ARG B 159 39.61 -16.17 -33.37
C ARG B 159 39.69 -17.64 -33.78
N ALA B 160 38.55 -18.34 -33.72
CA ALA B 160 38.50 -19.76 -34.02
C ALA B 160 38.62 -20.00 -35.53
N VAL B 161 39.81 -19.67 -36.05
CA VAL B 161 40.05 -19.82 -37.48
C VAL B 161 40.06 -21.31 -37.84
N GLU B 162 39.37 -21.63 -38.93
CA GLU B 162 39.28 -23.01 -39.40
C GLU B 162 39.74 -23.09 -40.85
N PHE B 163 40.20 -24.27 -41.25
CA PHE B 163 40.73 -24.50 -42.57
C PHE B 163 40.10 -25.76 -43.16
N LYS B 164 40.22 -25.91 -44.47
CA LYS B 164 39.82 -27.11 -45.18
C LYS B 164 40.99 -27.59 -46.03
N VAL B 165 41.36 -28.86 -45.87
CA VAL B 165 42.40 -29.46 -46.68
C VAL B 165 41.72 -30.00 -47.95
N VAL B 166 42.06 -29.42 -49.09
CA VAL B 166 41.35 -29.72 -50.32
C VAL B 166 41.85 -31.02 -50.94
N GLU B 167 43.17 -31.18 -51.03
CA GLU B 167 43.77 -32.32 -51.70
C GLU B 167 44.70 -33.05 -50.74
N THR B 168 44.56 -34.37 -50.69
CA THR B 168 45.47 -35.24 -49.94
C THR B 168 45.68 -36.50 -50.77
N ASP B 169 46.84 -36.60 -51.41
CA ASP B 169 47.13 -37.71 -52.32
C ASP B 169 47.24 -39.11 -51.67
N PRO B 170 47.57 -39.28 -50.39
CA PRO B 170 47.04 -40.43 -49.66
C PRO B 170 45.62 -40.22 -49.16
N SER B 171 44.92 -41.33 -48.97
CA SER B 171 43.57 -41.31 -48.45
C SER B 171 43.10 -42.73 -48.15
N PRO B 172 42.23 -42.94 -47.17
CA PRO B 172 41.62 -41.93 -46.27
C PRO B 172 42.49 -41.62 -45.06
N TYR B 173 43.71 -42.13 -45.01
CA TYR B 173 44.62 -41.92 -43.89
C TYR B 173 45.98 -41.48 -44.39
N CYS B 174 46.67 -40.70 -43.56
CA CYS B 174 47.99 -40.20 -43.91
C CYS B 174 48.77 -39.91 -42.63
N ILE B 175 50.08 -39.87 -42.75
CA ILE B 175 50.94 -39.53 -41.61
C ILE B 175 51.02 -38.02 -41.49
N VAL B 176 50.70 -37.51 -40.30
CA VAL B 176 50.83 -36.09 -40.00
C VAL B 176 52.18 -35.92 -39.32
N ALA B 177 53.20 -35.64 -40.11
CA ALA B 177 54.57 -35.55 -39.63
C ALA B 177 55.35 -34.68 -40.59
N PRO B 178 56.49 -34.13 -40.16
CA PRO B 178 57.25 -33.24 -41.05
C PRO B 178 57.75 -33.91 -42.32
N ASP B 179 57.81 -35.24 -42.36
CA ASP B 179 58.16 -35.92 -43.61
C ASP B 179 57.11 -35.63 -44.68
N THR B 180 55.83 -35.64 -44.31
CA THR B 180 54.77 -35.24 -45.23
C THR B 180 54.88 -33.76 -45.54
N VAL B 181 54.61 -33.41 -46.80
CA VAL B 181 54.78 -32.05 -47.29
C VAL B 181 53.44 -31.33 -47.25
N ILE B 182 53.41 -30.15 -46.63
CA ILE B 182 52.24 -29.29 -46.58
C ILE B 182 52.58 -28.00 -47.31
N HIS B 183 51.70 -27.59 -48.22
CA HIS B 183 51.96 -26.46 -49.10
C HIS B 183 51.20 -25.22 -48.64
N CYS B 184 51.62 -24.08 -49.17
CA CYS B 184 51.02 -22.80 -48.81
C CYS B 184 49.63 -22.66 -49.42
N GLU B 185 48.80 -21.87 -48.76
CA GLU B 185 47.42 -21.65 -49.19
C GLU B 185 47.34 -20.47 -50.13
N GLY B 186 46.11 -20.06 -50.46
CA GLY B 186 45.88 -18.91 -51.30
C GLY B 186 44.80 -18.01 -50.74
N GLU B 187 43.95 -17.47 -51.61
CA GLU B 187 42.85 -16.63 -51.15
C GLU B 187 41.82 -17.49 -50.43
N PRO B 188 41.09 -16.89 -49.48
CA PRO B 188 40.10 -17.67 -48.72
C PRO B 188 38.95 -18.14 -49.60
N ILE B 189 38.38 -19.28 -49.21
CA ILE B 189 37.27 -19.88 -49.94
C ILE B 189 36.00 -19.76 -49.10
N LYS B 190 34.86 -19.79 -49.78
CA LYS B 190 33.58 -19.68 -49.11
C LYS B 190 33.18 -21.00 -48.47
N ARG B 191 32.45 -20.89 -47.36
CA ARG B 191 31.93 -22.07 -46.68
C ARG B 191 30.79 -22.68 -47.49
N GLU B 192 30.64 -24.00 -47.38
CA GLU B 192 29.64 -24.71 -48.15
C GLU B 192 28.24 -24.44 -47.61
N ASP B 193 27.52 -23.51 -48.23
CA ASP B 193 26.17 -23.20 -47.80
C ASP B 193 25.20 -24.35 -48.03
N GLU B 194 25.56 -25.30 -48.91
CA GLU B 194 24.70 -26.46 -49.14
C GLU B 194 24.49 -27.24 -47.85
N GLU B 195 25.48 -27.24 -46.96
CA GLU B 195 25.39 -27.87 -45.66
C GLU B 195 25.62 -26.91 -44.51
N GLU B 196 26.27 -25.76 -44.75
CA GLU B 196 26.45 -24.70 -43.77
C GLU B 196 27.48 -25.05 -42.70
N SER B 197 27.95 -26.29 -42.68
CA SER B 197 29.00 -26.73 -41.77
C SER B 197 28.58 -26.74 -40.30
N LEU B 198 27.43 -26.16 -39.99
CA LEU B 198 26.91 -26.08 -38.62
C LEU B 198 28.00 -25.80 -37.60
N ASN B 199 28.72 -24.69 -37.76
CA ASN B 199 29.76 -24.35 -36.78
C ASN B 199 29.15 -23.78 -35.51
N GLU B 200 28.50 -22.61 -35.61
CA GLU B 200 27.76 -21.98 -34.52
C GLU B 200 28.43 -22.22 -33.16
N VAL B 201 27.75 -22.95 -32.27
CA VAL B 201 28.28 -23.31 -30.97
C VAL B 201 27.89 -24.76 -30.68
N GLY B 202 28.27 -25.24 -29.50
CA GLY B 202 27.92 -26.60 -29.14
C GLY B 202 28.32 -26.89 -27.71
N TYR B 203 28.34 -28.19 -27.38
CA TYR B 203 28.61 -28.60 -26.01
C TYR B 203 30.05 -28.29 -25.60
N ASP B 204 30.99 -28.29 -26.55
CA ASP B 204 32.39 -28.13 -26.19
C ASP B 204 32.69 -26.75 -25.62
N ASP B 205 31.89 -25.73 -25.94
CA ASP B 205 32.10 -24.39 -25.43
C ASP B 205 31.10 -24.04 -24.32
N ILE B 206 30.60 -25.05 -23.61
CA ILE B 206 29.76 -24.86 -22.44
C ILE B 206 30.54 -25.37 -21.24
N GLY B 207 30.71 -24.53 -20.23
CA GLY B 207 31.48 -24.89 -19.06
C GLY B 207 30.83 -24.38 -17.79
N GLY B 208 31.02 -25.13 -16.72
CA GLY B 208 30.50 -24.76 -15.42
C GLY B 208 29.10 -25.26 -15.12
N CYS B 209 28.41 -25.82 -16.11
CA CYS B 209 27.08 -26.38 -15.94
C CYS B 209 26.99 -27.73 -16.63
N ARG B 210 28.01 -28.56 -16.42
CA ARG B 210 28.04 -29.86 -17.08
C ARG B 210 26.89 -30.75 -16.61
N LYS B 211 26.58 -30.72 -15.31
CA LYS B 211 25.47 -31.52 -14.82
C LYS B 211 24.14 -31.05 -15.40
N GLN B 212 23.91 -29.73 -15.43
CA GLN B 212 22.67 -29.21 -16.00
C GLN B 212 22.60 -29.48 -17.49
N LEU B 213 23.72 -29.34 -18.20
CA LEU B 213 23.72 -29.63 -19.63
C LEU B 213 23.45 -31.11 -19.88
N ALA B 214 23.98 -31.99 -19.03
CA ALA B 214 23.69 -33.41 -19.16
C ALA B 214 22.21 -33.68 -18.90
N GLN B 215 21.63 -33.01 -17.90
CA GLN B 215 20.20 -33.17 -17.64
C GLN B 215 19.38 -32.73 -18.85
N ILE B 216 19.72 -31.59 -19.45
CA ILE B 216 18.99 -31.13 -20.63
C ILE B 216 19.19 -32.10 -21.79
N LYS B 217 20.40 -32.62 -21.95
CA LYS B 217 20.64 -33.57 -23.03
C LYS B 217 19.77 -34.81 -22.87
N GLU B 218 19.81 -35.43 -21.70
CA GLU B 218 18.97 -36.60 -21.47
C GLU B 218 17.48 -36.25 -21.54
N MET B 219 17.13 -34.98 -21.33
CA MET B 219 15.73 -34.59 -21.37
C MET B 219 15.23 -34.36 -22.79
N VAL B 220 16.08 -33.87 -23.69
CA VAL B 220 15.63 -33.34 -24.97
C VAL B 220 16.21 -34.08 -26.17
N GLU B 221 17.20 -34.96 -25.99
CA GLU B 221 17.85 -35.58 -27.14
C GLU B 221 16.88 -36.46 -27.91
N LEU B 222 16.14 -37.32 -27.21
CA LEU B 222 15.27 -38.27 -27.89
C LEU B 222 14.18 -37.59 -28.72
N PRO B 223 13.38 -36.66 -28.19
CA PRO B 223 12.33 -36.06 -29.01
C PRO B 223 12.86 -35.33 -30.23
N LEU B 224 14.06 -34.75 -30.16
CA LEU B 224 14.58 -34.01 -31.30
C LEU B 224 15.28 -34.94 -32.30
N ARG B 225 16.11 -35.85 -31.80
CA ARG B 225 16.81 -36.77 -32.69
C ARG B 225 15.88 -37.87 -33.19
N HIS B 226 14.88 -38.26 -32.39
CA HIS B 226 14.02 -39.40 -32.72
C HIS B 226 12.55 -38.98 -32.66
N PRO B 227 12.13 -38.03 -33.50
CA PRO B 227 10.71 -37.72 -33.58
C PRO B 227 9.86 -38.86 -34.10
N ALA B 228 10.46 -39.82 -34.82
CA ALA B 228 9.69 -40.91 -35.40
C ALA B 228 9.08 -41.80 -34.32
N LEU B 229 9.85 -42.14 -33.28
CA LEU B 229 9.34 -43.04 -32.27
C LEU B 229 8.30 -42.38 -31.40
N PHE B 230 8.39 -41.06 -31.21
CA PHE B 230 7.47 -40.38 -30.31
C PHE B 230 6.06 -40.29 -30.86
N LYS B 231 5.86 -40.57 -32.15
CA LYS B 231 4.52 -40.74 -32.68
C LYS B 231 3.98 -42.15 -32.45
N ALA B 232 4.85 -43.09 -32.08
CA ALA B 232 4.47 -44.48 -31.83
C ALA B 232 4.65 -44.89 -30.37
N ILE B 233 5.65 -44.33 -29.69
CA ILE B 233 5.92 -44.75 -28.32
C ILE B 233 4.79 -44.33 -27.40
N GLY B 234 4.18 -43.17 -27.67
CA GLY B 234 3.01 -42.70 -26.96
C GLY B 234 3.28 -41.77 -25.79
N VAL B 235 4.31 -42.06 -24.98
CA VAL B 235 4.54 -41.27 -23.78
C VAL B 235 4.94 -39.85 -24.17
N LYS B 236 4.31 -38.88 -23.53
CA LYS B 236 4.53 -37.47 -23.85
C LYS B 236 5.90 -37.01 -23.37
N PRO B 237 6.76 -36.46 -24.22
CA PRO B 237 7.98 -35.84 -23.74
C PRO B 237 7.71 -34.43 -23.24
N PRO B 238 8.68 -33.78 -22.59
CA PRO B 238 8.45 -32.42 -22.10
C PRO B 238 8.18 -31.44 -23.22
N ARG B 239 6.95 -30.91 -23.28
CA ARG B 239 6.60 -29.97 -24.33
C ARG B 239 7.44 -28.70 -24.25
N GLY B 240 7.75 -28.26 -23.04
CA GLY B 240 8.59 -27.09 -22.85
C GLY B 240 9.52 -27.28 -21.68
N ILE B 241 10.70 -26.66 -21.79
CA ILE B 241 11.73 -26.72 -20.75
C ILE B 241 12.02 -25.29 -20.32
N LEU B 242 11.90 -25.03 -19.02
CA LEU B 242 12.04 -23.68 -18.48
C LEU B 242 13.44 -23.53 -17.87
N LEU B 243 14.41 -23.27 -18.74
CA LEU B 243 15.73 -22.90 -18.27
C LEU B 243 15.64 -21.62 -17.46
N TYR B 244 16.42 -21.53 -16.39
CA TYR B 244 16.44 -20.29 -15.63
C TYR B 244 17.73 -20.19 -14.84
N GLY B 245 18.05 -18.96 -14.46
CA GLY B 245 19.26 -18.66 -13.73
C GLY B 245 19.56 -17.18 -13.78
N PRO B 246 20.60 -16.74 -13.10
CA PRO B 246 20.96 -15.33 -13.14
C PRO B 246 21.32 -14.91 -14.56
N PRO B 247 21.09 -13.64 -14.91
CA PRO B 247 21.34 -13.21 -16.29
C PRO B 247 22.80 -13.42 -16.67
N GLY B 248 23.02 -13.79 -17.93
CA GLY B 248 24.35 -14.08 -18.41
C GLY B 248 24.91 -15.41 -17.96
N THR B 249 24.04 -16.34 -17.55
CA THR B 249 24.47 -17.64 -17.07
C THR B 249 24.70 -18.65 -18.19
N GLY B 250 24.29 -18.33 -19.41
CA GLY B 250 24.42 -19.23 -20.53
C GLY B 250 23.12 -19.90 -20.97
N LYS B 251 21.97 -19.45 -20.47
CA LYS B 251 20.71 -20.04 -20.85
C LYS B 251 20.55 -20.07 -22.37
N THR B 252 20.74 -18.91 -23.01
CA THR B 252 20.70 -18.86 -24.46
C THR B 252 21.79 -19.73 -25.06
N LEU B 253 22.98 -19.71 -24.46
CA LEU B 253 24.10 -20.49 -25.01
C LEU B 253 23.81 -21.99 -24.95
N ILE B 254 23.33 -22.47 -23.80
CA ILE B 254 23.05 -23.91 -23.69
C ILE B 254 21.87 -24.29 -24.58
N ALA B 255 20.86 -23.43 -24.68
CA ALA B 255 19.74 -23.71 -25.57
C ALA B 255 20.22 -23.84 -27.02
N ARG B 256 21.04 -22.89 -27.46
CA ARG B 256 21.54 -22.95 -28.83
C ARG B 256 22.48 -24.13 -29.04
N ALA B 257 23.24 -24.52 -28.02
CA ALA B 257 24.11 -25.67 -28.14
C ALA B 257 23.30 -26.95 -28.30
N VAL B 258 22.32 -27.17 -27.42
CA VAL B 258 21.49 -28.37 -27.51
C VAL B 258 20.63 -28.34 -28.76
N ALA B 259 20.40 -27.17 -29.35
CA ALA B 259 19.71 -27.12 -30.63
C ALA B 259 20.63 -27.54 -31.78
N ASN B 260 21.74 -26.82 -31.95
CA ASN B 260 22.64 -27.11 -33.06
C ASN B 260 23.28 -28.49 -32.91
N GLU B 261 23.71 -28.84 -31.69
CA GLU B 261 24.39 -30.11 -31.49
C GLU B 261 23.51 -31.29 -31.89
N THR B 262 22.20 -31.18 -31.70
CA THR B 262 21.25 -32.21 -32.09
C THR B 262 20.69 -32.01 -33.49
N GLY B 263 21.07 -30.93 -34.17
CA GLY B 263 20.57 -30.67 -35.50
C GLY B 263 19.21 -30.01 -35.55
N ALA B 264 18.60 -29.74 -34.40
CA ALA B 264 17.28 -29.11 -34.39
C ALA B 264 17.37 -27.65 -34.79
N PHE B 265 16.39 -27.19 -35.56
CA PHE B 265 16.32 -25.78 -35.93
C PHE B 265 15.98 -24.95 -34.71
N PHE B 266 16.75 -23.89 -34.50
CA PHE B 266 16.64 -23.03 -33.32
C PHE B 266 15.99 -21.72 -33.73
N PHE B 267 14.84 -21.40 -33.13
CA PHE B 267 14.12 -20.17 -33.43
C PHE B 267 14.10 -19.32 -32.16
N LEU B 268 14.84 -18.22 -32.17
CA LEU B 268 14.93 -17.32 -31.03
C LEU B 268 13.86 -16.24 -31.17
N ILE B 269 12.98 -16.14 -30.17
CA ILE B 269 11.88 -15.17 -30.19
C ILE B 269 11.99 -14.28 -28.96
N ASN B 270 13.22 -13.92 -28.59
CA ASN B 270 13.49 -13.13 -27.39
C ASN B 270 12.41 -12.08 -27.14
N GLY B 271 11.93 -12.03 -25.90
CA GLY B 271 10.76 -11.29 -25.53
C GLY B 271 10.67 -9.89 -26.11
N PRO B 272 11.66 -9.04 -25.82
CA PRO B 272 11.56 -7.64 -26.28
C PRO B 272 11.38 -7.51 -27.79
N GLU B 273 11.90 -8.44 -28.58
CA GLU B 273 11.74 -8.35 -30.03
C GLU B 273 10.29 -8.42 -30.44
N ILE B 274 9.45 -9.09 -29.65
CA ILE B 274 8.03 -9.22 -29.94
C ILE B 274 7.19 -8.22 -29.16
N MET B 275 7.53 -8.00 -27.89
CA MET B 275 6.78 -7.05 -27.08
C MET B 275 6.91 -5.63 -27.60
N SER B 276 7.88 -5.36 -28.46
CA SER B 276 8.07 -4.03 -29.03
C SER B 276 7.19 -3.76 -30.24
N LYS B 277 6.47 -4.76 -30.73
CA LYS B 277 5.65 -4.59 -31.92
C LYS B 277 4.22 -4.21 -31.55
N LEU B 278 3.45 -3.82 -32.55
CA LEU B 278 2.10 -3.32 -32.33
C LEU B 278 1.23 -4.38 -31.65
N ALA B 279 0.44 -3.93 -30.68
CA ALA B 279 -0.49 -4.83 -30.01
C ALA B 279 -1.42 -5.48 -31.02
N GLY B 280 -1.60 -6.79 -30.88
CA GLY B 280 -2.33 -7.58 -31.85
C GLY B 280 -1.43 -8.07 -32.96
N GLU B 281 -0.56 -7.21 -33.47
CA GLU B 281 0.43 -7.63 -34.46
C GLU B 281 1.55 -8.42 -33.81
N SER B 282 1.91 -8.09 -32.56
CA SER B 282 2.89 -8.91 -31.85
C SER B 282 2.33 -10.29 -31.54
N GLU B 283 1.03 -10.39 -31.26
CA GLU B 283 0.41 -11.70 -31.11
C GLU B 283 0.55 -12.50 -32.40
N SER B 284 0.31 -11.85 -33.55
CA SER B 284 0.47 -12.54 -34.83
C SER B 284 1.93 -12.94 -35.04
N ASN B 285 2.87 -12.10 -34.63
CA ASN B 285 4.29 -12.43 -34.78
C ASN B 285 4.64 -13.66 -33.97
N LEU B 286 4.18 -13.73 -32.72
CA LEU B 286 4.44 -14.90 -31.90
C LEU B 286 3.77 -16.14 -32.47
N ARG B 287 2.53 -16.00 -32.94
CA ARG B 287 1.82 -17.13 -33.52
C ARG B 287 2.54 -17.66 -34.76
N LYS B 288 2.99 -16.76 -35.64
CA LYS B 288 3.70 -17.20 -36.83
C LYS B 288 5.10 -17.71 -36.50
N ALA B 289 5.70 -17.27 -35.39
CA ALA B 289 6.94 -17.90 -34.93
C ALA B 289 6.68 -19.36 -34.56
N PHE B 290 5.60 -19.62 -33.83
CA PHE B 290 5.25 -20.99 -33.52
C PHE B 290 4.93 -21.79 -34.78
N GLU B 291 4.25 -21.16 -35.75
CA GLU B 291 3.99 -21.83 -37.01
C GLU B 291 5.28 -22.17 -37.75
N GLU B 292 6.25 -21.25 -37.73
CA GLU B 292 7.56 -21.54 -38.33
C GLU B 292 8.22 -22.71 -37.63
N ALA B 293 8.14 -22.76 -36.30
CA ALA B 293 8.69 -23.90 -35.58
C ALA B 293 7.99 -25.19 -35.97
N GLU B 294 6.68 -25.14 -36.17
CA GLU B 294 5.90 -26.35 -36.45
C GLU B 294 6.08 -26.84 -37.88
N LYS B 295 6.28 -25.94 -38.85
CA LYS B 295 6.35 -26.35 -40.25
C LYS B 295 7.48 -27.34 -40.48
N ASN B 296 8.55 -27.26 -39.70
CA ASN B 296 9.62 -28.24 -39.69
C ASN B 296 9.61 -28.98 -38.35
N ALA B 297 9.60 -30.31 -38.42
CA ALA B 297 9.35 -31.11 -37.22
C ALA B 297 10.41 -30.92 -36.14
N PRO B 298 11.72 -31.05 -36.42
CA PRO B 298 12.69 -31.08 -35.33
C PRO B 298 13.01 -29.73 -34.71
N ALA B 299 12.38 -28.65 -35.18
CA ALA B 299 12.72 -27.32 -34.70
C ALA B 299 12.35 -27.15 -33.23
N ILE B 300 13.10 -26.28 -32.55
CA ILE B 300 12.78 -25.87 -31.18
C ILE B 300 12.73 -24.35 -31.14
N ILE B 301 11.80 -23.82 -30.35
CA ILE B 301 11.60 -22.39 -30.21
C ILE B 301 12.03 -22.00 -28.80
N PHE B 302 12.90 -21.00 -28.70
CA PHE B 302 13.49 -20.57 -27.44
C PHE B 302 12.98 -19.17 -27.12
N ILE B 303 12.36 -19.02 -25.96
CA ILE B 303 11.76 -17.76 -25.53
C ILE B 303 12.72 -17.14 -24.52
N ASP B 304 13.53 -16.18 -24.97
CA ASP B 304 14.45 -15.51 -24.08
C ASP B 304 13.74 -14.37 -23.36
N GLU B 305 14.16 -14.13 -22.11
CA GLU B 305 13.56 -13.08 -21.27
C GLU B 305 12.06 -13.29 -21.16
N LEU B 306 11.67 -14.49 -20.74
CA LEU B 306 10.25 -14.79 -20.57
C LEU B 306 9.62 -13.95 -19.46
N ASP B 307 10.42 -13.35 -18.60
CA ASP B 307 9.87 -12.46 -17.56
C ASP B 307 9.10 -11.31 -18.20
N ALA B 308 9.66 -10.69 -19.24
CA ALA B 308 8.98 -9.61 -19.92
C ALA B 308 7.70 -10.09 -20.59
N ILE B 309 7.77 -11.25 -21.25
CA ILE B 309 6.61 -11.74 -21.98
C ILE B 309 5.48 -12.11 -21.02
N ALA B 310 5.80 -12.87 -19.99
CA ALA B 310 4.79 -13.43 -19.07
C ALA B 310 5.21 -13.24 -17.62
N PRO B 311 5.12 -12.02 -17.11
CA PRO B 311 5.32 -11.82 -15.66
C PRO B 311 4.10 -12.25 -14.87
N LYS B 312 4.08 -11.99 -13.57
CA LYS B 312 2.95 -12.38 -12.74
C LYS B 312 1.66 -11.79 -13.31
N ARG B 313 0.62 -12.63 -13.42
CA ARG B 313 -0.60 -12.21 -14.09
C ARG B 313 -1.22 -11.00 -13.41
N GLU B 314 -1.40 -11.06 -12.08
CA GLU B 314 -2.05 -9.97 -11.38
C GLU B 314 -1.18 -8.72 -11.30
N LYS B 315 0.12 -8.84 -11.57
CA LYS B 315 1.02 -7.70 -11.55
C LYS B 315 1.15 -7.02 -12.91
N THR B 316 0.57 -7.60 -13.97
CA THR B 316 0.54 -6.93 -15.26
C THR B 316 -0.44 -5.76 -15.24
N HIS B 317 -0.18 -4.78 -16.10
CA HIS B 317 -1.08 -3.64 -16.22
C HIS B 317 -2.29 -3.96 -17.08
N GLY B 318 -2.05 -4.27 -18.35
CA GLY B 318 -3.16 -4.60 -19.23
C GLY B 318 -2.73 -4.60 -20.68
N GLU B 319 -3.70 -4.93 -21.54
CA GLU B 319 -3.47 -5.04 -22.96
C GLU B 319 -2.33 -6.02 -23.22
N VAL B 320 -1.24 -5.55 -23.86
CA VAL B 320 -0.25 -6.47 -24.40
C VAL B 320 0.27 -7.41 -23.32
N GLU B 321 0.59 -6.86 -22.14
CA GLU B 321 1.25 -7.67 -21.11
C GLU B 321 0.43 -8.89 -20.75
N ARG B 322 -0.88 -8.86 -20.94
CA ARG B 322 -1.69 -10.05 -20.81
C ARG B 322 -2.17 -10.61 -22.14
N ARG B 323 -2.38 -9.76 -23.14
CA ARG B 323 -2.79 -10.25 -24.46
C ARG B 323 -1.80 -11.27 -24.98
N ILE B 324 -0.50 -11.01 -24.78
CA ILE B 324 0.52 -11.98 -25.18
C ILE B 324 0.39 -13.25 -24.35
N VAL B 325 0.23 -13.10 -23.03
CA VAL B 325 0.31 -14.26 -22.15
C VAL B 325 -0.75 -15.28 -22.53
N SER B 326 -2.01 -14.86 -22.63
CA SER B 326 -3.05 -15.75 -23.13
C SER B 326 -2.68 -16.25 -24.52
N GLN B 327 -2.31 -15.33 -25.41
CA GLN B 327 -1.87 -15.74 -26.75
C GLN B 327 -0.71 -16.72 -26.66
N LEU B 328 0.15 -16.57 -25.66
CA LEU B 328 1.22 -17.54 -25.45
C LEU B 328 0.66 -18.86 -24.94
N LEU B 329 -0.22 -18.79 -23.92
CA LEU B 329 -0.73 -20.01 -23.32
C LEU B 329 -1.48 -20.86 -24.35
N THR B 330 -2.39 -20.24 -25.09
CA THR B 330 -3.14 -20.98 -26.10
C THR B 330 -2.21 -21.59 -27.15
N LEU B 331 -1.00 -21.05 -27.31
CA LEU B 331 0.00 -21.65 -28.17
C LEU B 331 0.98 -22.53 -27.43
N MET B 332 1.21 -22.26 -26.14
CA MET B 332 2.15 -23.07 -25.38
C MET B 332 1.66 -24.51 -25.24
N ASP B 333 0.38 -24.67 -24.91
CA ASP B 333 -0.22 -25.99 -24.80
C ASP B 333 -1.09 -26.35 -26.00
N GLY B 334 -1.36 -25.40 -26.89
CA GLY B 334 -2.11 -25.71 -28.09
C GLY B 334 -1.41 -26.73 -28.96
N LEU B 335 -0.09 -26.70 -28.99
CA LEU B 335 0.67 -27.69 -29.75
C LEU B 335 0.34 -29.09 -29.24
N LYS B 336 0.18 -30.02 -30.18
CA LYS B 336 -0.21 -31.39 -29.85
C LYS B 336 0.97 -32.27 -29.44
N GLN B 337 2.20 -31.78 -29.59
CA GLN B 337 3.42 -32.50 -29.24
C GLN B 337 3.73 -33.62 -30.24
N ARG B 338 2.82 -33.88 -31.17
CA ARG B 338 3.10 -34.77 -32.28
C ARG B 338 3.79 -34.07 -33.44
N ALA B 339 3.87 -32.73 -33.40
CA ALA B 339 4.64 -31.98 -34.38
C ALA B 339 6.12 -31.91 -34.02
N HIS B 340 6.51 -32.40 -32.85
CA HIS B 340 7.91 -32.48 -32.44
C HIS B 340 8.52 -31.10 -32.20
N VAL B 341 7.70 -30.15 -31.74
CA VAL B 341 8.15 -28.80 -31.42
C VAL B 341 8.37 -28.72 -29.91
N ILE B 342 9.53 -28.19 -29.51
CA ILE B 342 9.87 -28.04 -28.10
C ILE B 342 10.06 -26.56 -27.82
N VAL B 343 9.38 -26.07 -26.79
CA VAL B 343 9.42 -24.66 -26.42
C VAL B 343 10.28 -24.48 -25.18
N MET B 344 11.55 -24.18 -25.39
CA MET B 344 12.43 -23.84 -24.28
C MET B 344 12.22 -22.37 -23.89
N ALA B 345 12.50 -22.07 -22.63
CA ALA B 345 12.32 -20.71 -22.13
C ALA B 345 13.46 -20.36 -21.20
N ALA B 346 13.78 -19.07 -21.13
CA ALA B 346 14.79 -18.54 -20.22
C ALA B 346 14.15 -17.51 -19.31
N THR B 347 14.37 -17.64 -18.00
CA THR B 347 13.83 -16.72 -17.03
C THR B 347 14.80 -16.62 -15.86
N ASN B 348 14.46 -15.79 -14.90
CA ASN B 348 15.27 -15.57 -13.70
C ASN B 348 14.43 -15.93 -12.49
N ARG B 349 14.72 -17.08 -11.88
CA ARG B 349 14.01 -17.49 -10.67
C ARG B 349 12.51 -17.45 -10.92
N PRO B 350 11.96 -18.47 -11.61
CA PRO B 350 10.63 -18.33 -12.22
C PRO B 350 9.48 -17.99 -11.27
N ASN B 351 9.77 -17.81 -9.98
CA ASN B 351 8.77 -17.23 -9.10
C ASN B 351 8.19 -15.93 -9.64
N SER B 352 8.89 -15.27 -10.57
CA SER B 352 8.45 -14.01 -11.13
C SER B 352 7.54 -14.18 -12.34
N ILE B 353 7.69 -15.25 -13.11
CA ILE B 353 6.88 -15.43 -14.33
C ILE B 353 5.46 -15.84 -13.93
N ASP B 354 4.55 -15.80 -14.88
CA ASP B 354 3.15 -16.09 -14.60
C ASP B 354 3.02 -17.50 -14.02
N PRO B 355 2.35 -17.67 -12.87
CA PRO B 355 2.15 -19.03 -12.37
C PRO B 355 1.40 -19.93 -13.33
N ALA B 356 0.55 -19.36 -14.19
CA ALA B 356 -0.20 -20.17 -15.13
C ALA B 356 0.72 -20.94 -16.07
N LEU B 357 1.88 -20.37 -16.40
CA LEU B 357 2.84 -21.06 -17.25
C LEU B 357 3.54 -22.19 -16.53
N ARG B 358 3.49 -22.23 -15.21
CA ARG B 358 4.13 -23.28 -14.44
C ARG B 358 3.37 -24.60 -14.46
N ARG B 359 2.15 -24.61 -14.98
CA ARG B 359 1.37 -25.84 -15.05
C ARG B 359 2.08 -26.87 -15.93
N PHE B 360 1.57 -28.09 -15.90
CA PHE B 360 2.14 -29.19 -16.66
C PHE B 360 1.44 -29.34 -18.01
N GLY B 361 2.18 -29.88 -18.97
CA GLY B 361 1.80 -29.85 -20.36
C GLY B 361 2.29 -28.64 -21.11
N ARG B 362 2.79 -27.63 -20.40
CA ARG B 362 3.42 -26.45 -21.01
C ARG B 362 4.86 -26.27 -20.58
N PHE B 363 5.12 -26.23 -19.27
CA PHE B 363 6.47 -26.17 -18.71
C PHE B 363 6.52 -27.18 -17.56
N ASP B 364 6.87 -28.42 -17.87
CA ASP B 364 6.89 -29.49 -16.89
C ASP B 364 8.28 -29.80 -16.36
N ARG B 365 9.31 -29.12 -16.85
CA ARG B 365 10.68 -29.37 -16.39
C ARG B 365 11.42 -28.04 -16.38
N GLU B 366 12.05 -27.72 -15.26
CA GLU B 366 12.51 -26.37 -14.94
C GLU B 366 13.92 -26.39 -14.37
N VAL B 367 14.85 -27.00 -15.10
CA VAL B 367 16.23 -27.14 -14.64
C VAL B 367 16.79 -25.78 -14.25
N ASP B 368 17.66 -25.77 -13.24
CA ASP B 368 18.26 -24.55 -12.70
C ASP B 368 19.74 -24.54 -13.07
N ILE B 369 20.13 -23.63 -13.96
CA ILE B 369 21.53 -23.56 -14.39
C ILE B 369 22.41 -23.08 -13.26
N GLY B 370 22.00 -22.01 -12.58
CA GLY B 370 22.78 -21.47 -11.48
C GLY B 370 24.11 -20.91 -11.93
N ILE B 371 24.76 -20.13 -11.06
CA ILE B 371 26.05 -19.53 -11.37
C ILE B 371 27.12 -20.63 -11.39
N PRO B 372 28.15 -20.52 -12.23
CA PRO B 372 29.23 -21.52 -12.19
C PRO B 372 29.89 -21.58 -10.82
N ASP B 373 30.30 -22.78 -10.43
CA ASP B 373 30.97 -22.99 -9.15
C ASP B 373 32.45 -22.65 -9.28
N ALA B 374 33.24 -22.98 -8.26
CA ALA B 374 34.65 -22.61 -8.26
C ALA B 374 35.41 -23.30 -9.40
N THR B 375 35.20 -24.62 -9.57
CA THR B 375 35.91 -25.36 -10.60
C THR B 375 35.23 -25.27 -11.97
N GLY B 376 34.00 -24.74 -12.03
CA GLY B 376 33.37 -24.51 -13.32
C GLY B 376 33.86 -23.24 -13.99
N ARG B 377 34.19 -22.22 -13.22
CA ARG B 377 34.76 -21.00 -13.79
C ARG B 377 36.11 -21.29 -14.43
N LEU B 378 36.84 -22.28 -13.92
CA LEU B 378 38.09 -22.67 -14.57
C LEU B 378 37.83 -23.16 -15.99
N GLU B 379 36.83 -24.04 -16.15
CA GLU B 379 36.50 -24.53 -17.49
C GLU B 379 35.97 -23.42 -18.37
N ILE B 380 35.17 -22.51 -17.81
CA ILE B 380 34.65 -21.39 -18.59
C ILE B 380 35.79 -20.53 -19.10
N LEU B 381 36.77 -20.25 -18.24
CA LEU B 381 37.93 -19.48 -18.66
C LEU B 381 38.73 -20.24 -19.72
N GLN B 382 38.88 -21.54 -19.55
CA GLN B 382 39.63 -22.33 -20.52
C GLN B 382 38.98 -22.26 -21.90
N ILE B 383 37.66 -22.39 -21.95
CA ILE B 383 36.98 -22.36 -23.24
C ILE B 383 36.99 -20.95 -23.83
N HIS B 384 36.75 -19.93 -23.00
CA HIS B 384 36.79 -18.56 -23.49
C HIS B 384 38.21 -18.09 -23.79
N THR B 385 39.18 -18.46 -22.94
CA THR B 385 40.58 -18.19 -23.23
C THR B 385 41.19 -19.27 -24.11
N LYS B 386 40.53 -19.59 -25.22
CA LYS B 386 41.07 -20.53 -26.19
C LYS B 386 41.94 -19.82 -27.21
N ASN B 387 41.39 -18.78 -27.83
CA ASN B 387 42.07 -18.08 -28.92
C ASN B 387 42.95 -16.92 -28.45
N MET B 388 42.89 -16.55 -27.17
CA MET B 388 43.70 -15.43 -26.70
C MET B 388 45.19 -15.70 -26.79
N LYS B 389 45.60 -16.96 -26.94
CA LYS B 389 47.02 -17.32 -26.88
C LYS B 389 47.60 -16.87 -25.55
N LEU B 390 47.03 -17.39 -24.47
CA LEU B 390 47.44 -16.99 -23.13
C LEU B 390 48.89 -17.38 -22.88
N ALA B 391 49.59 -16.53 -22.14
CA ALA B 391 51.00 -16.76 -21.84
C ALA B 391 51.15 -18.01 -20.97
N ASP B 392 52.40 -18.39 -20.70
CA ASP B 392 52.67 -19.56 -19.89
C ASP B 392 52.55 -19.26 -18.40
N ASP B 393 52.93 -18.06 -17.97
CA ASP B 393 52.90 -17.70 -16.56
C ASP B 393 51.48 -17.64 -15.98
N VAL B 394 50.47 -17.54 -16.83
CA VAL B 394 49.09 -17.49 -16.37
C VAL B 394 48.59 -18.93 -16.16
N ASP B 395 47.76 -19.11 -15.14
CA ASP B 395 47.30 -20.43 -14.74
C ASP B 395 45.82 -20.66 -14.98
N LEU B 396 44.98 -19.64 -14.84
CA LEU B 396 43.52 -19.67 -15.02
C LEU B 396 42.81 -20.37 -13.88
N GLU B 397 43.52 -20.97 -12.93
CA GLU B 397 42.89 -21.54 -11.74
C GLU B 397 42.84 -20.56 -10.59
N GLN B 398 43.87 -19.73 -10.42
CA GLN B 398 43.79 -18.64 -9.45
C GLN B 398 42.73 -17.64 -9.86
N VAL B 399 42.63 -17.34 -11.16
CA VAL B 399 41.62 -16.40 -11.64
C VAL B 399 40.22 -16.95 -11.36
N ALA B 400 40.01 -18.24 -11.64
CA ALA B 400 38.69 -18.84 -11.40
C ALA B 400 38.34 -18.80 -9.92
N ASN B 401 39.30 -19.14 -9.06
CA ASN B 401 39.03 -19.13 -7.62
C ASN B 401 38.73 -17.71 -7.13
N GLU B 402 39.47 -16.72 -7.63
CA GLU B 402 39.27 -15.35 -7.17
C GLU B 402 37.96 -14.77 -7.70
N THR B 403 37.49 -15.23 -8.86
CA THR B 403 36.26 -14.72 -9.46
C THR B 403 35.06 -15.41 -8.81
N HIS B 404 34.92 -15.19 -7.50
CA HIS B 404 33.80 -15.76 -6.76
C HIS B 404 32.56 -14.91 -6.99
N GLY B 405 31.48 -15.56 -7.41
CA GLY B 405 30.25 -14.87 -7.74
C GLY B 405 30.13 -14.45 -9.19
N HIS B 406 31.24 -14.43 -9.93
CA HIS B 406 31.17 -14.10 -11.34
C HIS B 406 30.33 -15.13 -12.08
N VAL B 407 29.43 -14.65 -12.93
CA VAL B 407 28.63 -15.53 -13.79
C VAL B 407 29.41 -15.71 -15.09
N GLY B 408 29.02 -16.70 -15.89
CA GLY B 408 29.74 -16.96 -17.13
C GLY B 408 29.88 -15.72 -18.00
N ALA B 409 28.86 -14.86 -17.99
CA ALA B 409 28.97 -13.60 -18.71
C ALA B 409 30.08 -12.73 -18.14
N ASP B 410 30.22 -12.71 -16.80
CA ASP B 410 31.33 -11.98 -16.20
C ASP B 410 32.66 -12.59 -16.60
N LEU B 411 32.73 -13.92 -16.71
CA LEU B 411 33.97 -14.56 -17.15
C LEU B 411 34.32 -14.14 -18.57
N ALA B 412 33.32 -14.09 -19.46
CA ALA B 412 33.57 -13.63 -20.83
C ALA B 412 34.01 -12.18 -20.84
N ALA B 413 33.39 -11.34 -20.00
CA ALA B 413 33.78 -9.94 -19.93
C ALA B 413 35.20 -9.79 -19.44
N LEU B 414 35.60 -10.58 -18.44
CA LEU B 414 36.97 -10.56 -17.96
C LEU B 414 37.95 -11.00 -19.04
N CYS B 415 37.58 -12.06 -19.76
CA CYS B 415 38.37 -12.49 -20.91
C CYS B 415 38.59 -11.35 -21.90
N SER B 416 37.50 -10.69 -22.29
CA SER B 416 37.60 -9.61 -23.26
C SER B 416 38.41 -8.44 -22.72
N GLU B 417 38.24 -8.13 -21.43
CA GLU B 417 38.98 -7.02 -20.83
C GLU B 417 40.47 -7.31 -20.81
N ALA B 418 40.86 -8.54 -20.46
CA ALA B 418 42.28 -8.90 -20.50
C ALA B 418 42.83 -8.79 -21.91
N ALA B 419 42.08 -9.29 -22.90
CA ALA B 419 42.53 -9.17 -24.28
C ALA B 419 42.68 -7.71 -24.70
N LEU B 420 41.71 -6.88 -24.33
CA LEU B 420 41.77 -5.47 -24.70
C LEU B 420 42.94 -4.76 -24.04
N GLN B 421 43.23 -5.10 -22.79
CA GLN B 421 44.39 -4.50 -22.13
C GLN B 421 45.69 -4.95 -22.78
N ALA B 422 45.77 -6.22 -23.18
CA ALA B 422 46.97 -6.68 -23.87
C ALA B 422 47.15 -5.95 -25.19
N ILE B 423 46.06 -5.75 -25.94
CA ILE B 423 46.14 -4.92 -27.14
C ILE B 423 46.59 -3.51 -26.78
N ARG B 424 46.06 -2.97 -25.68
CA ARG B 424 46.26 -1.58 -25.29
C ARG B 424 47.61 -1.36 -24.63
N LYS B 425 48.24 -2.40 -24.10
CA LYS B 425 49.62 -2.32 -23.65
C LYS B 425 50.61 -2.61 -24.77
N LYS B 426 50.11 -2.92 -25.97
CA LYS B 426 50.94 -3.11 -27.15
C LYS B 426 50.51 -2.19 -28.30
N MET B 427 49.65 -1.21 -28.04
CA MET B 427 49.25 -0.28 -29.09
C MET B 427 50.44 0.54 -29.58
N ASP B 428 51.48 0.67 -28.75
CA ASP B 428 52.66 1.43 -29.17
C ASP B 428 53.34 0.78 -30.36
N LEU B 429 53.49 -0.54 -30.34
CA LEU B 429 54.12 -1.29 -31.43
C LEU B 429 53.11 -2.01 -32.31
N ILE B 430 51.82 -1.70 -32.18
CA ILE B 430 50.79 -2.27 -33.02
C ILE B 430 50.28 -1.27 -34.05
N ASP B 431 50.34 0.03 -33.73
CA ASP B 431 49.89 1.09 -34.64
C ASP B 431 51.05 1.67 -35.44
N LEU B 432 52.08 0.88 -35.69
CA LEU B 432 53.23 1.36 -36.46
C LEU B 432 52.82 1.76 -37.88
N GLU B 433 52.02 0.95 -38.53
CA GLU B 433 51.49 1.20 -39.86
C GLU B 433 50.14 1.91 -39.64
N ASP B 434 49.35 2.04 -40.70
CA ASP B 434 48.07 2.72 -40.58
C ASP B 434 47.11 1.91 -39.71
N GLU B 435 47.24 2.07 -38.40
CA GLU B 435 46.49 1.28 -37.40
C GLU B 435 46.91 -0.19 -37.56
N THR B 436 45.99 -1.14 -37.51
CA THR B 436 46.33 -2.55 -37.54
C THR B 436 46.34 -3.08 -38.96
N ILE B 437 47.35 -3.86 -39.30
CA ILE B 437 47.41 -4.57 -40.57
C ILE B 437 47.15 -6.07 -40.38
N ASP B 438 46.46 -6.45 -39.31
CA ASP B 438 46.24 -7.86 -39.00
C ASP B 438 47.58 -8.53 -38.75
N ALA B 439 48.08 -9.33 -39.70
CA ALA B 439 49.46 -9.80 -39.66
C ALA B 439 49.74 -10.71 -38.48
N GLU B 440 50.96 -11.27 -38.45
CA GLU B 440 51.31 -12.24 -37.41
C GLU B 440 51.38 -11.59 -36.03
N VAL B 441 51.48 -10.26 -35.98
CA VAL B 441 51.70 -9.54 -34.73
C VAL B 441 50.68 -9.94 -33.67
N MET B 442 49.51 -10.41 -34.10
CA MET B 442 48.43 -10.74 -33.19
C MET B 442 48.83 -11.84 -32.21
N ASN B 443 49.78 -12.69 -32.59
CA ASN B 443 50.23 -13.76 -31.71
C ASN B 443 51.07 -13.24 -30.56
N SER B 444 51.61 -12.03 -30.70
CA SER B 444 52.58 -11.53 -29.73
C SER B 444 51.93 -11.09 -28.43
N LEU B 445 50.61 -10.87 -28.44
CA LEU B 445 49.92 -10.34 -27.27
C LEU B 445 50.30 -11.08 -25.98
N ALA B 446 50.03 -12.38 -25.92
CA ALA B 446 50.46 -13.17 -24.78
C ALA B 446 49.91 -12.60 -23.48
N VAL B 447 48.61 -12.71 -23.26
CA VAL B 447 47.98 -12.06 -22.11
C VAL B 447 48.47 -12.74 -20.83
N THR B 448 49.39 -12.08 -20.14
CA THR B 448 49.96 -12.62 -18.91
C THR B 448 49.00 -12.46 -17.74
N MET B 449 49.35 -13.05 -16.59
CA MET B 449 48.52 -12.87 -15.40
C MET B 449 48.36 -11.39 -15.07
N ASP B 450 49.42 -10.59 -15.28
CA ASP B 450 49.38 -9.19 -14.89
C ASP B 450 48.20 -8.46 -15.49
N ASP B 451 47.68 -8.91 -16.64
CA ASP B 451 46.50 -8.30 -17.24
C ASP B 451 45.21 -8.90 -16.69
N PHE B 452 45.20 -10.21 -16.45
CA PHE B 452 44.02 -10.81 -15.83
C PHE B 452 43.75 -10.16 -14.48
N ARG B 453 44.75 -10.12 -13.60
CA ARG B 453 44.63 -9.42 -12.32
C ARG B 453 43.85 -8.12 -12.47
N TRP B 454 44.26 -7.28 -13.42
CA TRP B 454 43.58 -6.01 -13.64
C TRP B 454 42.12 -6.23 -14.02
N ALA B 455 41.87 -7.10 -14.99
CA ALA B 455 40.51 -7.30 -15.47
C ALA B 455 39.61 -7.81 -14.35
N LEU B 456 40.11 -8.76 -13.57
CA LEU B 456 39.37 -9.29 -12.43
C LEU B 456 39.07 -8.21 -11.41
N SER B 457 40.06 -7.36 -11.11
CA SER B 457 39.86 -6.28 -10.14
C SER B 457 38.98 -5.17 -10.67
N GLN B 458 38.76 -5.10 -11.99
CA GLN B 458 37.96 -4.04 -12.60
C GLN B 458 36.65 -4.58 -13.18
N SER B 459 36.13 -5.67 -12.62
CA SER B 459 34.87 -6.25 -13.05
C SER B 459 34.02 -6.55 -11.81
N ASN B 460 32.75 -6.17 -11.87
CA ASN B 460 31.84 -6.36 -10.75
C ASN B 460 31.05 -7.65 -10.92
N PRO B 461 31.11 -8.59 -9.98
CA PRO B 461 30.29 -9.80 -10.11
C PRO B 461 28.83 -9.47 -10.37
N SER B 462 28.24 -10.17 -11.34
CA SER B 462 26.83 -9.96 -11.67
C SER B 462 25.93 -10.50 -10.57
N ALA B 463 26.18 -11.74 -10.14
CA ALA B 463 25.33 -12.45 -9.17
C ALA B 463 26.19 -12.78 -7.96
N LEU B 464 26.27 -11.83 -7.02
CA LEU B 464 26.99 -12.03 -5.78
C LEU B 464 26.06 -12.17 -4.58
N ARG B 465 24.76 -12.02 -4.76
CA ARG B 465 23.78 -12.06 -3.68
C ARG B 465 22.75 -13.15 -3.95
N GLU B 466 23.20 -14.26 -4.53
CA GLU B 466 22.35 -15.41 -4.81
C GLU B 466 22.96 -16.64 -4.16
N THR B 467 22.12 -17.41 -3.47
CA THR B 467 22.59 -18.65 -2.85
C THR B 467 23.24 -19.54 -3.90
N VAL B 468 24.53 -19.78 -3.77
CA VAL B 468 25.30 -20.51 -4.77
C VAL B 468 25.23 -22.00 -4.44
N VAL B 469 24.83 -22.80 -5.42
CA VAL B 469 24.82 -24.25 -5.30
C VAL B 469 26.14 -24.76 -5.87
N GLU B 470 26.89 -25.49 -5.07
CA GLU B 470 28.20 -25.95 -5.48
C GLU B 470 28.56 -27.22 -4.72
N VAL B 471 29.50 -27.97 -5.29
CA VAL B 471 30.07 -29.14 -4.63
C VAL B 471 31.36 -28.70 -3.96
N PRO B 472 31.38 -28.49 -2.64
CA PRO B 472 32.58 -27.95 -2.00
C PRO B 472 33.77 -28.89 -2.13
N GLN B 473 34.96 -28.31 -2.22
CA GLN B 473 36.19 -29.05 -2.45
C GLN B 473 37.03 -29.19 -1.18
N VAL B 474 36.38 -29.28 -0.03
CA VAL B 474 37.05 -29.56 1.24
C VAL B 474 36.82 -31.03 1.54
N THR B 475 37.87 -31.83 1.41
CA THR B 475 37.75 -33.27 1.56
C THR B 475 37.76 -33.65 3.04
N TRP B 476 37.61 -34.95 3.29
CA TRP B 476 37.64 -35.45 4.66
C TRP B 476 38.99 -35.17 5.33
N GLU B 477 40.06 -35.15 4.54
CA GLU B 477 41.39 -34.98 5.11
C GLU B 477 41.53 -33.61 5.79
N ASP B 478 40.93 -32.57 5.22
CA ASP B 478 41.09 -31.24 5.77
C ASP B 478 40.58 -31.18 7.21
N ILE B 479 39.45 -31.83 7.49
CA ILE B 479 38.88 -31.79 8.84
C ILE B 479 39.50 -32.93 9.63
N GLY B 480 40.62 -32.62 10.28
CA GLY B 480 41.25 -33.57 11.16
C GLY B 480 40.64 -33.56 12.55
N GLY B 481 41.07 -34.50 13.38
CA GLY B 481 40.61 -34.53 14.75
C GLY B 481 39.33 -35.30 14.93
N LEU B 482 38.20 -34.59 14.91
CA LEU B 482 36.89 -35.22 15.08
C LEU B 482 36.80 -36.44 14.18
N GLU B 483 36.69 -37.63 14.78
CA GLU B 483 36.71 -38.88 14.04
C GLU B 483 35.43 -39.69 14.25
N ASP B 484 34.98 -39.83 15.50
CA ASP B 484 33.71 -40.49 15.74
C ASP B 484 32.58 -39.82 14.97
N VAL B 485 32.65 -38.49 14.83
CA VAL B 485 31.66 -37.77 14.05
C VAL B 485 31.88 -37.89 12.55
N LYS B 486 33.11 -38.14 12.11
CA LYS B 486 33.34 -38.42 10.70
C LYS B 486 32.79 -39.78 10.28
N ARG B 487 32.62 -40.70 11.24
CA ARG B 487 32.01 -42.00 10.98
C ARG B 487 30.56 -42.06 11.43
N GLU B 488 30.17 -41.29 12.44
CA GLU B 488 28.78 -41.15 12.83
C GLU B 488 28.00 -40.24 11.89
N LEU B 489 28.70 -39.44 11.08
CA LEU B 489 28.08 -38.63 10.03
C LEU B 489 28.18 -39.27 8.67
N GLN B 490 29.28 -39.96 8.37
CA GLN B 490 29.34 -40.71 7.12
C GLN B 490 28.26 -41.78 7.07
N GLU B 491 27.88 -42.33 8.22
CA GLU B 491 26.86 -43.36 8.25
C GLU B 491 25.54 -42.83 7.70
N LEU B 492 24.95 -41.83 8.37
CA LEU B 492 23.61 -41.35 7.99
C LEU B 492 23.54 -40.95 6.53
N VAL B 493 24.64 -40.46 5.97
CA VAL B 493 24.63 -39.92 4.61
C VAL B 493 24.90 -40.99 3.57
N GLN B 494 25.90 -41.83 3.79
CA GLN B 494 26.37 -42.74 2.76
C GLN B 494 25.78 -44.15 2.86
N TYR B 495 25.21 -44.54 4.01
CA TYR B 495 24.61 -45.87 4.09
C TYR B 495 23.26 -45.93 3.40
N PRO B 496 22.32 -45.01 3.62
CA PRO B 496 21.02 -45.11 2.94
C PRO B 496 21.06 -44.80 1.46
N VAL B 497 22.23 -44.48 0.90
CA VAL B 497 22.40 -44.31 -0.54
C VAL B 497 23.14 -45.49 -1.16
N GLU B 498 24.16 -45.99 -0.47
CA GLU B 498 24.96 -47.09 -1.01
C GLU B 498 24.21 -48.41 -0.95
N HIS B 499 23.54 -48.69 0.17
CA HIS B 499 22.77 -49.93 0.34
C HIS B 499 21.38 -49.59 0.85
N PRO B 500 20.55 -48.96 0.01
CA PRO B 500 19.16 -48.69 0.42
C PRO B 500 18.32 -49.94 0.61
N ASP B 501 18.74 -51.08 0.04
CA ASP B 501 17.94 -52.30 0.15
C ASP B 501 17.81 -52.75 1.60
N LYS B 502 18.89 -52.64 2.38
CA LYS B 502 18.81 -53.03 3.78
C LYS B 502 17.86 -52.13 4.56
N PHE B 503 17.89 -50.82 4.29
CA PHE B 503 17.06 -49.89 5.04
C PHE B 503 15.58 -50.12 4.84
N LEU B 504 15.17 -50.58 3.65
CA LEU B 504 13.77 -50.91 3.40
C LEU B 504 13.41 -52.31 3.87
N LYS B 505 14.36 -53.05 4.43
CA LYS B 505 14.12 -54.36 5.01
C LYS B 505 13.82 -54.28 6.51
N PHE B 506 14.69 -53.63 7.28
CA PHE B 506 14.45 -53.45 8.70
C PHE B 506 13.35 -52.46 9.00
N GLY B 507 12.91 -51.67 8.01
CA GLY B 507 11.75 -50.82 8.14
C GLY B 507 12.02 -49.39 8.56
N MET B 508 13.21 -49.10 9.10
CA MET B 508 13.50 -47.74 9.52
C MET B 508 13.60 -46.81 8.31
N THR B 509 13.07 -45.60 8.47
CA THR B 509 13.23 -44.57 7.45
C THR B 509 14.51 -43.79 7.72
N PRO B 510 15.38 -43.59 6.72
CA PRO B 510 16.63 -42.86 6.98
C PRO B 510 16.36 -41.47 7.52
N SER B 511 17.22 -41.03 8.44
CA SER B 511 17.04 -39.76 9.13
C SER B 511 17.56 -38.64 8.24
N LYS B 512 16.64 -37.89 7.62
CA LYS B 512 17.01 -36.74 6.79
C LYS B 512 17.05 -35.48 7.65
N GLY B 513 17.99 -35.49 8.59
CA GLY B 513 18.18 -34.33 9.45
C GLY B 513 19.28 -34.53 10.47
N VAL B 514 20.15 -33.53 10.59
CA VAL B 514 21.27 -33.59 11.52
C VAL B 514 21.62 -32.16 11.92
N LEU B 515 21.66 -31.87 13.21
CA LEU B 515 22.10 -30.58 13.70
C LEU B 515 23.35 -30.77 14.56
N PHE B 516 24.38 -29.98 14.28
CA PHE B 516 25.62 -30.05 15.03
C PHE B 516 25.61 -28.97 16.09
N TYR B 517 25.68 -29.38 17.36
CA TYR B 517 25.74 -28.46 18.48
C TYR B 517 27.06 -28.65 19.21
N GLY B 518 27.73 -27.54 19.49
CA GLY B 518 29.03 -27.58 20.13
C GLY B 518 29.60 -26.18 20.30
N PRO B 519 30.87 -26.10 20.71
CA PRO B 519 31.46 -24.78 20.89
C PRO B 519 31.53 -24.03 19.57
N PRO B 520 31.40 -22.71 19.60
CA PRO B 520 31.43 -21.95 18.35
C PRO B 520 32.75 -22.14 17.62
N GLY B 521 32.68 -22.21 16.30
CA GLY B 521 33.87 -22.38 15.49
C GLY B 521 34.59 -23.68 15.79
N CYS B 522 33.97 -24.82 15.45
CA CYS B 522 34.57 -26.11 15.73
C CYS B 522 34.43 -27.07 14.55
N GLY B 523 34.16 -26.56 13.35
CA GLY B 523 34.12 -27.40 12.16
C GLY B 523 32.75 -27.81 11.68
N LYS B 524 31.68 -27.27 12.25
CA LYS B 524 30.34 -27.64 11.77
C LYS B 524 30.19 -27.35 10.28
N THR B 525 30.53 -26.14 9.86
CA THR B 525 30.48 -25.82 8.43
C THR B 525 31.43 -26.72 7.66
N LEU B 526 32.63 -26.94 8.21
CA LEU B 526 33.61 -27.79 7.53
C LEU B 526 33.10 -29.22 7.42
N LEU B 527 32.48 -29.75 8.49
CA LEU B 527 31.95 -31.11 8.42
C LEU B 527 30.83 -31.21 7.40
N ALA B 528 29.93 -30.23 7.36
CA ALA B 528 28.85 -30.25 6.36
C ALA B 528 29.42 -30.19 4.95
N LYS B 529 30.41 -29.34 4.74
CA LYS B 529 31.03 -29.23 3.41
C LYS B 529 31.71 -30.53 3.02
N ALA B 530 32.38 -31.18 3.97
CA ALA B 530 33.02 -32.47 3.69
C ALA B 530 31.99 -33.52 3.34
N ILE B 531 30.85 -33.53 4.05
CA ILE B 531 29.78 -34.46 3.71
C ILE B 531 29.30 -34.21 2.29
N ALA B 532 29.11 -32.95 1.93
CA ALA B 532 28.73 -32.63 0.56
C ALA B 532 29.78 -33.13 -0.43
N ASN B 533 31.05 -32.94 -0.10
CA ASN B 533 32.13 -33.35 -1.01
C ASN B 533 32.12 -34.86 -1.23
N GLU B 534 31.91 -35.63 -0.17
CA GLU B 534 32.07 -37.07 -0.27
C GLU B 534 31.10 -37.65 -1.29
N CYS B 535 29.80 -37.40 -1.12
CA CYS B 535 28.80 -37.90 -2.07
C CYS B 535 28.46 -36.85 -3.13
N GLN B 536 29.50 -36.24 -3.70
CA GLN B 536 29.38 -35.35 -4.85
C GLN B 536 28.08 -34.54 -4.83
N ALA B 537 27.78 -33.90 -3.70
CA ALA B 537 26.48 -33.29 -3.46
C ALA B 537 26.61 -31.78 -3.36
N ASN B 538 25.57 -31.10 -3.83
CA ASN B 538 25.51 -29.65 -3.71
C ASN B 538 25.41 -29.25 -2.24
N PHE B 539 25.87 -28.04 -1.94
CA PHE B 539 25.97 -27.56 -0.56
C PHE B 539 25.46 -26.13 -0.52
N ILE B 540 24.21 -25.96 -0.08
CA ILE B 540 23.59 -24.65 0.04
C ILE B 540 23.65 -24.27 1.53
N SER B 541 24.50 -23.30 1.85
CA SER B 541 24.63 -22.81 3.22
C SER B 541 23.87 -21.50 3.34
N ILE B 542 22.84 -21.48 4.17
CA ILE B 542 22.14 -20.26 4.53
C ILE B 542 22.62 -19.83 5.91
N LYS B 543 23.64 -18.98 5.93
CA LYS B 543 24.26 -18.59 7.19
C LYS B 543 23.26 -17.83 8.07
N GLY B 544 23.63 -17.71 9.34
CA GLY B 544 22.79 -17.06 10.32
C GLY B 544 22.39 -15.65 9.94
N PRO B 545 23.34 -14.87 9.42
CA PRO B 545 22.97 -13.51 8.97
C PRO B 545 21.88 -13.49 7.92
N GLU B 546 21.82 -14.48 7.02
CA GLU B 546 20.73 -14.51 6.05
C GLU B 546 19.39 -14.76 6.72
N LEU B 547 19.34 -15.68 7.70
CA LEU B 547 18.11 -15.91 8.43
C LEU B 547 17.71 -14.67 9.22
N LEU B 548 18.67 -13.95 9.77
CA LEU B 548 18.36 -12.68 10.43
C LEU B 548 17.84 -11.65 9.45
N THR B 549 18.38 -11.63 8.23
CA THR B 549 17.86 -10.73 7.20
C THR B 549 16.40 -11.03 6.92
N MET B 550 16.05 -12.32 6.81
CA MET B 550 14.65 -12.68 6.61
C MET B 550 13.79 -12.32 7.81
N TRP B 551 14.28 -12.57 9.03
CA TRP B 551 13.47 -12.32 10.22
C TRP B 551 13.23 -10.83 10.41
N PHE B 552 14.29 -10.03 10.36
CA PHE B 552 14.14 -8.58 10.51
C PHE B 552 13.30 -7.99 9.38
N GLY B 553 13.50 -8.47 8.16
CA GLY B 553 12.82 -7.91 7.01
C GLY B 553 11.35 -8.24 6.91
N GLU B 554 10.81 -9.02 7.84
CA GLU B 554 9.40 -9.42 7.80
C GLU B 554 9.08 -10.11 6.48
N SER B 555 10.01 -10.96 6.03
CA SER B 555 9.92 -11.65 4.74
C SER B 555 10.27 -13.12 4.92
N GLU B 556 9.68 -13.76 5.93
CA GLU B 556 9.92 -15.18 6.15
C GLU B 556 9.48 -16.03 4.97
N ALA B 557 8.59 -15.51 4.12
CA ALA B 557 8.18 -16.25 2.93
C ALA B 557 9.36 -16.51 2.01
N ASN B 558 10.40 -15.68 2.08
CA ASN B 558 11.60 -15.92 1.29
C ASN B 558 12.20 -17.29 1.60
N VAL B 559 11.96 -17.81 2.80
CA VAL B 559 12.44 -19.14 3.14
C VAL B 559 11.91 -20.18 2.17
N ARG B 560 10.64 -20.02 1.76
CA ARG B 560 10.05 -20.94 0.79
C ARG B 560 10.92 -21.05 -0.45
N GLU B 561 11.54 -19.94 -0.86
CA GLU B 561 12.43 -19.99 -2.03
C GLU B 561 13.66 -20.83 -1.73
N ILE B 562 14.30 -20.61 -0.58
CA ILE B 562 15.56 -21.28 -0.28
C ILE B 562 15.38 -22.79 -0.34
N PHE B 563 14.36 -23.29 0.36
CA PHE B 563 14.08 -24.72 0.30
C PHE B 563 13.85 -25.16 -1.13
N ASP B 564 13.08 -24.38 -1.90
CA ASP B 564 12.88 -24.69 -3.30
C ASP B 564 14.21 -24.71 -4.05
N LYS B 565 15.09 -23.75 -3.75
CA LYS B 565 16.40 -23.74 -4.38
C LYS B 565 17.14 -25.04 -4.13
N ALA B 566 16.92 -25.66 -2.96
CA ALA B 566 17.53 -26.96 -2.69
C ALA B 566 16.80 -28.08 -3.42
N ARG B 567 15.47 -27.97 -3.54
CA ARG B 567 14.71 -29.05 -4.16
C ARG B 567 15.07 -29.22 -5.63
N GLN B 568 15.18 -28.11 -6.37
CA GLN B 568 15.47 -28.20 -7.79
C GLN B 568 16.87 -28.68 -8.08
N ALA B 569 17.74 -28.76 -7.07
CA ALA B 569 19.12 -29.17 -7.27
C ALA B 569 19.27 -30.68 -7.11
N ALA B 570 20.48 -31.15 -7.36
CA ALA B 570 20.84 -32.56 -7.20
C ALA B 570 20.94 -32.84 -5.70
N PRO B 571 21.32 -34.08 -5.30
CA PRO B 571 21.48 -34.36 -3.86
C PRO B 571 22.17 -33.21 -3.14
N CYS B 572 21.48 -32.65 -2.14
CA CYS B 572 21.82 -31.34 -1.60
C CYS B 572 21.77 -31.39 -0.08
N VAL B 573 22.88 -31.06 0.57
CA VAL B 573 22.89 -30.91 2.03
C VAL B 573 22.56 -29.45 2.31
N LEU B 574 21.27 -29.14 2.33
CA LEU B 574 20.85 -27.80 2.69
C LEU B 574 21.25 -27.54 4.13
N PHE B 575 22.23 -26.67 4.33
CA PHE B 575 22.92 -26.53 5.60
C PHE B 575 22.55 -25.20 6.24
N PHE B 576 21.87 -25.26 7.38
CA PHE B 576 21.48 -24.04 8.11
C PHE B 576 22.60 -23.67 9.07
N ASP B 577 23.65 -23.08 8.50
CA ASP B 577 24.80 -22.67 9.28
C ASP B 577 24.38 -21.65 10.34
N GLU B 578 24.99 -21.76 11.52
CA GLU B 578 24.73 -20.84 12.62
C GLU B 578 23.23 -20.75 12.92
N LEU B 579 22.56 -21.90 12.91
CA LEU B 579 21.16 -21.94 13.29
C LEU B 579 21.01 -21.51 14.75
N ASP B 580 19.82 -21.02 15.07
CA ASP B 580 19.41 -20.40 16.34
C ASP B 580 19.85 -18.94 16.40
N SER B 581 20.53 -18.43 15.37
CA SER B 581 20.88 -17.00 15.36
C SER B 581 19.64 -16.14 15.50
N ILE B 582 18.51 -16.59 14.95
CA ILE B 582 17.27 -15.81 15.09
C ILE B 582 16.90 -15.67 16.56
N ALA B 583 16.98 -16.77 17.31
CA ALA B 583 16.68 -16.72 18.74
C ALA B 583 17.78 -16.02 19.51
N LYS B 584 19.04 -16.21 19.12
CA LYS B 584 20.14 -15.53 19.78
C LYS B 584 20.03 -14.01 19.63
N ALA B 585 19.39 -13.55 18.56
CA ALA B 585 19.24 -12.12 18.32
C ALA B 585 18.13 -11.49 19.13
N ARG B 586 17.36 -12.27 19.87
CA ARG B 586 16.27 -11.77 20.71
C ARG B 586 16.32 -12.42 22.08
N GLY B 587 17.51 -12.50 22.66
CA GLY B 587 17.69 -13.08 23.97
C GLY B 587 17.62 -14.59 23.95
N GLY B 588 16.45 -15.13 23.66
CA GLY B 588 16.26 -16.57 23.60
C GLY B 588 14.97 -17.02 24.26
N ASN B 589 14.96 -18.27 24.75
CA ASN B 589 13.77 -18.78 25.43
C ASN B 589 13.46 -17.98 26.68
N ILE B 590 14.47 -17.35 27.28
CA ILE B 590 14.29 -16.51 28.46
C ILE B 590 14.94 -15.16 28.20
N GLY B 591 14.48 -14.15 28.92
CA GLY B 591 14.94 -12.79 28.72
C GLY B 591 14.15 -11.98 27.71
N ASP B 592 13.20 -12.60 27.02
CA ASP B 592 12.34 -11.91 26.06
C ASP B 592 10.89 -12.28 26.30
N GLY B 593 9.99 -11.37 25.95
CA GLY B 593 8.57 -11.62 26.14
C GLY B 593 8.08 -12.80 25.32
N GLY B 594 8.62 -12.97 24.11
CA GLY B 594 8.18 -14.04 23.25
C GLY B 594 8.78 -15.39 23.63
N GLY B 595 8.25 -16.43 22.98
CA GLY B 595 8.69 -17.79 23.23
C GLY B 595 9.84 -18.19 22.34
N ALA B 596 10.15 -19.49 22.37
CA ALA B 596 11.27 -20.00 21.57
C ALA B 596 11.01 -19.84 20.08
N ALA B 597 9.79 -20.11 19.63
CA ALA B 597 9.49 -20.05 18.21
C ALA B 597 9.49 -18.61 17.71
N ASP B 598 9.72 -18.46 16.41
CA ASP B 598 9.78 -17.16 15.77
C ASP B 598 9.41 -17.31 14.29
N ARG B 599 9.55 -16.23 13.54
CA ARG B 599 9.17 -16.24 12.14
C ARG B 599 9.99 -17.23 11.33
N VAL B 600 11.30 -17.00 11.25
CA VAL B 600 12.13 -17.73 10.30
C VAL B 600 12.27 -19.19 10.72
N ILE B 601 12.46 -19.46 12.01
CA ILE B 601 12.59 -20.85 12.45
C ILE B 601 11.29 -21.60 12.21
N ASN B 602 10.15 -20.94 12.47
CA ASN B 602 8.87 -21.59 12.22
C ASN B 602 8.66 -21.88 10.75
N GLN B 603 9.03 -20.94 9.87
CA GLN B 603 8.89 -21.19 8.44
C GLN B 603 9.83 -22.31 7.99
N ILE B 604 11.04 -22.35 8.53
CA ILE B 604 11.96 -23.45 8.23
C ILE B 604 11.34 -24.77 8.66
N LEU B 605 10.74 -24.81 9.85
CA LEU B 605 10.10 -26.03 10.33
C LEU B 605 8.96 -26.44 9.41
N THR B 606 8.14 -25.48 8.98
CA THR B 606 7.00 -25.80 8.13
C THR B 606 7.45 -26.34 6.78
N GLU B 607 8.43 -25.68 6.16
CA GLU B 607 8.86 -26.09 4.83
C GLU B 607 9.70 -27.37 4.88
N MET B 608 10.35 -27.64 6.01
CA MET B 608 11.17 -28.84 6.12
C MET B 608 10.33 -30.10 6.01
N ASP B 609 9.15 -30.11 6.63
CA ASP B 609 8.29 -31.28 6.55
C ASP B 609 7.93 -31.64 5.12
N GLY B 610 7.87 -30.64 4.22
CA GLY B 610 7.68 -30.95 2.82
C GLY B 610 8.86 -31.69 2.22
N MET B 611 10.08 -31.30 2.61
CA MET B 611 11.30 -31.95 2.13
C MET B 611 11.72 -33.13 3.01
N SER B 612 10.80 -33.67 3.81
CA SER B 612 11.05 -34.90 4.53
C SER B 612 10.80 -36.13 3.67
N THR B 613 10.30 -35.95 2.45
CA THR B 613 10.04 -37.04 1.52
C THR B 613 10.71 -36.79 0.18
N LYS B 614 11.77 -35.97 0.17
CA LYS B 614 12.50 -35.66 -1.05
C LYS B 614 13.65 -36.63 -1.30
N LYS B 615 14.06 -37.38 -0.28
CA LYS B 615 14.99 -38.52 -0.37
C LYS B 615 16.27 -38.18 -1.14
N ASN B 616 16.59 -36.89 -1.27
CA ASN B 616 17.87 -36.48 -1.84
C ASN B 616 18.48 -35.38 -0.99
N VAL B 617 17.64 -34.61 -0.33
CA VAL B 617 18.10 -33.52 0.52
C VAL B 617 18.29 -34.04 1.95
N PHE B 618 19.35 -33.57 2.59
CA PHE B 618 19.82 -34.10 3.87
C PHE B 618 19.99 -32.94 4.87
N ILE B 619 18.92 -32.18 5.07
CA ILE B 619 18.95 -30.92 5.80
C ILE B 619 19.88 -31.03 6.99
N ILE B 620 20.83 -30.11 7.12
CA ILE B 620 21.79 -30.09 8.22
C ILE B 620 21.65 -28.76 8.94
N GLY B 621 21.79 -28.79 10.26
CA GLY B 621 21.78 -27.59 11.08
C GLY B 621 23.09 -27.45 11.83
N ALA B 622 23.40 -26.22 12.22
CA ALA B 622 24.57 -25.93 13.03
C ALA B 622 24.20 -24.89 14.07
N THR B 623 24.58 -25.13 15.32
CA THR B 623 24.23 -24.26 16.42
C THR B 623 25.41 -24.12 17.38
N ASN B 624 25.73 -22.88 17.73
CA ASN B 624 26.75 -22.60 18.72
C ASN B 624 26.19 -22.54 20.14
N ARG B 625 24.87 -22.65 20.29
CA ARG B 625 24.22 -22.54 21.60
C ARG B 625 22.88 -23.25 21.51
N PRO B 626 22.84 -24.57 21.66
CA PRO B 626 21.62 -25.31 21.29
C PRO B 626 20.46 -25.12 22.26
N ASP B 627 20.72 -24.87 23.54
CA ASP B 627 19.65 -24.90 24.53
C ASP B 627 18.54 -23.89 24.25
N ILE B 628 18.82 -22.83 23.49
CA ILE B 628 17.78 -21.87 23.15
C ILE B 628 16.92 -22.34 21.99
N ILE B 629 17.41 -23.28 21.17
CA ILE B 629 16.62 -23.75 20.04
C ILE B 629 15.31 -24.33 20.52
N ASP B 630 14.23 -23.97 19.84
CA ASP B 630 12.94 -24.57 20.13
C ASP B 630 12.99 -26.07 19.83
N PRO B 631 12.58 -26.93 20.75
CA PRO B 631 12.67 -28.38 20.49
C PRO B 631 11.70 -28.89 19.44
N ALA B 632 10.90 -28.02 18.83
CA ALA B 632 9.95 -28.47 17.80
C ALA B 632 10.64 -29.02 16.57
N ILE B 633 11.88 -28.61 16.31
CA ILE B 633 12.57 -29.06 15.10
C ILE B 633 13.36 -30.35 15.33
N LEU B 634 13.82 -30.60 16.56
CA LEU B 634 14.66 -31.77 16.84
C LEU B 634 13.81 -32.96 17.30
N ARG B 635 12.83 -33.30 16.48
CA ARG B 635 11.96 -34.45 16.69
C ARG B 635 11.78 -35.17 15.37
N PRO B 636 11.39 -36.46 15.39
CA PRO B 636 11.42 -37.28 14.18
C PRO B 636 10.89 -36.61 12.92
N GLY B 637 11.47 -36.96 11.78
CA GLY B 637 11.16 -36.32 10.50
C GLY B 637 12.00 -35.09 10.26
N ARG B 638 12.09 -34.22 11.27
CA ARG B 638 12.90 -33.02 11.22
C ARG B 638 14.29 -33.34 11.77
N LEU B 639 15.06 -32.33 12.15
CA LEU B 639 16.45 -32.52 12.52
C LEU B 639 16.52 -33.29 13.84
N ASP B 640 16.08 -34.55 13.81
CA ASP B 640 15.95 -35.32 15.04
C ASP B 640 17.30 -35.76 15.60
N GLN B 641 18.25 -36.10 14.73
CA GLN B 641 19.51 -36.70 15.16
C GLN B 641 20.46 -35.59 15.60
N LEU B 642 20.62 -35.43 16.90
CA LEU B 642 21.60 -34.51 17.43
C LEU B 642 22.99 -35.14 17.35
N ILE B 643 23.98 -34.33 16.98
CA ILE B 643 25.38 -34.76 16.95
C ILE B 643 26.21 -33.73 17.70
N TYR B 644 27.04 -34.21 18.63
CA TYR B 644 27.90 -33.35 19.43
C TYR B 644 29.32 -33.43 18.90
N ILE B 645 29.86 -32.29 18.46
CA ILE B 645 31.28 -32.18 18.14
C ILE B 645 31.96 -31.48 19.32
N PRO B 646 32.83 -32.15 20.05
CA PRO B 646 33.46 -31.51 21.20
C PRO B 646 34.63 -30.63 20.78
N LEU B 647 35.09 -29.81 21.71
CA LEU B 647 36.31 -29.06 21.47
C LEU B 647 37.46 -30.04 21.26
N PRO B 648 38.35 -29.78 20.31
CA PRO B 648 39.34 -30.82 19.95
C PRO B 648 40.23 -31.19 21.12
N ASP B 649 40.58 -32.48 21.18
CA ASP B 649 41.48 -33.01 22.20
C ASP B 649 42.93 -32.91 21.72
N GLU B 650 43.83 -33.51 22.50
CA GLU B 650 45.26 -33.40 22.21
C GLU B 650 45.58 -33.89 20.80
N LYS B 651 45.35 -35.17 20.53
CA LYS B 651 45.62 -35.70 19.20
C LYS B 651 44.80 -34.98 18.14
N SER B 652 43.55 -34.65 18.47
CA SER B 652 42.72 -33.93 17.51
C SER B 652 43.27 -32.54 17.22
N ARG B 653 43.78 -31.86 18.25
CA ARG B 653 44.40 -30.55 18.02
C ARG B 653 45.66 -30.68 17.18
N VAL B 654 46.45 -31.74 17.39
CA VAL B 654 47.60 -31.98 16.53
C VAL B 654 47.15 -32.13 15.08
N ALA B 655 46.10 -32.93 14.87
CA ALA B 655 45.60 -33.16 13.52
C ALA B 655 45.09 -31.86 12.90
N ILE B 656 44.37 -31.04 13.68
CA ILE B 656 43.85 -29.78 13.16
C ILE B 656 44.99 -28.85 12.79
N LEU B 657 46.01 -28.77 13.65
CA LEU B 657 47.17 -27.94 13.35
C LEU B 657 47.80 -28.37 12.04
N LYS B 658 48.08 -29.67 11.90
CA LYS B 658 48.72 -30.16 10.68
C LYS B 658 47.84 -29.91 9.46
N ALA B 659 46.52 -30.05 9.61
CA ALA B 659 45.63 -29.93 8.46
C ALA B 659 45.47 -28.48 8.02
N ASN B 660 45.42 -27.55 8.97
CA ASN B 660 45.21 -26.15 8.59
C ASN B 660 46.50 -25.39 8.35
N LEU B 661 47.66 -25.97 8.71
CA LEU B 661 48.93 -25.44 8.22
C LEU B 661 49.35 -26.09 6.91
N ARG B 662 48.63 -27.12 6.47
CA ARG B 662 48.90 -27.73 5.17
C ARG B 662 48.64 -26.72 4.06
N LYS B 663 49.31 -26.92 2.93
CA LYS B 663 49.23 -26.00 1.80
C LYS B 663 49.88 -24.65 2.13
N SER B 664 50.91 -24.69 2.98
CA SER B 664 51.65 -23.49 3.35
C SER B 664 53.02 -23.93 3.81
N PRO B 665 54.10 -23.24 3.42
CA PRO B 665 55.43 -23.66 3.86
C PRO B 665 55.54 -23.65 5.38
N VAL B 666 56.25 -24.65 5.90
CA VAL B 666 56.48 -24.78 7.34
C VAL B 666 57.83 -25.42 7.55
N ALA B 667 58.55 -24.96 8.58
CA ALA B 667 59.90 -25.43 8.83
C ALA B 667 59.90 -26.80 9.51
N LYS B 668 61.06 -27.45 9.47
CA LYS B 668 61.24 -28.70 10.20
C LYS B 668 61.42 -28.46 11.70
N ASP B 669 61.78 -27.24 12.09
CA ASP B 669 62.03 -26.96 13.50
C ASP B 669 60.78 -27.14 14.33
N VAL B 670 59.63 -26.69 13.83
CA VAL B 670 58.40 -26.77 14.60
C VAL B 670 58.02 -28.21 14.85
N ASP B 671 57.57 -28.49 16.08
CA ASP B 671 57.00 -29.79 16.44
C ASP B 671 55.59 -29.52 16.96
N LEU B 672 54.59 -29.87 16.15
CA LEU B 672 53.22 -29.47 16.44
C LEU B 672 52.64 -30.16 17.66
N GLU B 673 53.26 -31.25 18.14
CA GLU B 673 52.75 -31.92 19.34
C GLU B 673 52.84 -31.00 20.54
N PHE B 674 53.97 -30.32 20.71
CA PHE B 674 54.14 -29.42 21.85
C PHE B 674 53.16 -28.25 21.76
N LEU B 675 52.99 -27.70 20.56
CA LEU B 675 52.02 -26.62 20.39
C LEU B 675 50.61 -27.09 20.73
N ALA B 676 50.25 -28.29 20.29
CA ALA B 676 48.91 -28.82 20.54
C ALA B 676 48.67 -29.00 22.04
N LYS B 677 49.63 -29.61 22.74
CA LYS B 677 49.44 -29.80 24.18
C LYS B 677 49.40 -28.47 24.91
N MET B 678 50.26 -27.52 24.50
CA MET B 678 50.15 -26.16 25.04
C MET B 678 48.84 -25.51 24.64
N THR B 679 48.31 -25.87 23.47
CA THR B 679 46.99 -25.43 23.04
C THR B 679 45.93 -26.19 23.83
N ASN B 680 45.78 -25.83 25.10
CA ASN B 680 45.03 -26.68 26.03
C ASN B 680 43.54 -26.70 25.72
N GLY B 681 42.94 -25.52 25.54
CA GLY B 681 41.49 -25.42 25.43
C GLY B 681 41.01 -24.56 24.29
N PHE B 682 41.73 -24.57 23.18
CA PHE B 682 41.40 -23.74 22.03
C PHE B 682 40.57 -24.53 21.03
N SER B 683 39.52 -23.89 20.52
CA SER B 683 38.64 -24.53 19.55
C SER B 683 39.31 -24.58 18.17
N GLY B 684 38.58 -25.09 17.19
CA GLY B 684 39.11 -25.14 15.84
C GLY B 684 39.30 -23.75 15.24
N ALA B 685 38.31 -22.88 15.41
CA ALA B 685 38.37 -21.56 14.81
C ALA B 685 39.54 -20.75 15.36
N ASP B 686 39.65 -20.67 16.69
CA ASP B 686 40.75 -19.93 17.29
C ASP B 686 42.10 -20.61 17.12
N LEU B 687 42.14 -21.93 16.95
CA LEU B 687 43.40 -22.59 16.63
C LEU B 687 43.87 -22.23 15.22
N THR B 688 42.95 -22.26 14.24
CA THR B 688 43.29 -21.75 12.92
C THR B 688 43.64 -20.27 12.98
N GLU B 689 43.05 -19.53 13.92
CA GLU B 689 43.43 -18.14 14.12
C GLU B 689 44.89 -18.04 14.59
N ILE B 690 45.30 -18.93 15.50
CA ILE B 690 46.70 -18.97 15.92
C ILE B 690 47.59 -19.23 14.72
N CYS B 691 47.21 -20.20 13.88
CA CYS B 691 48.02 -20.49 12.70
C CYS B 691 48.08 -19.28 11.76
N GLN B 692 46.95 -18.59 11.59
CA GLN B 692 46.91 -17.41 10.73
C GLN B 692 47.78 -16.28 11.29
N ARG B 693 47.78 -16.10 12.62
CA ARG B 693 48.66 -15.09 13.21
C ARG B 693 50.12 -15.45 13.00
N ALA B 694 50.46 -16.75 13.13
CA ALA B 694 51.82 -17.17 12.87
C ALA B 694 52.21 -16.86 11.43
N CYS B 695 51.33 -17.18 10.48
CA CYS B 695 51.62 -16.91 9.08
C CYS B 695 51.69 -15.41 8.81
N LYS B 696 50.85 -14.63 9.49
CA LYS B 696 50.86 -13.18 9.32
C LYS B 696 52.18 -12.58 9.79
N LEU B 697 52.67 -13.03 10.95
CA LEU B 697 53.94 -12.53 11.43
C LEU B 697 55.09 -13.01 10.55
N ALA B 698 55.00 -14.23 10.03
CA ALA B 698 56.03 -14.73 9.13
C ALA B 698 56.07 -13.91 7.85
N ILE B 699 54.91 -13.59 7.28
CA ILE B 699 54.88 -12.79 6.05
C ILE B 699 55.34 -11.37 6.34
N ARG B 700 55.02 -10.83 7.51
CA ARG B 700 55.54 -9.51 7.87
C ARG B 700 57.06 -9.52 7.94
N GLU B 701 57.64 -10.55 8.56
CA GLU B 701 59.09 -10.65 8.62
C GLU B 701 59.68 -10.79 7.22
N SER B 702 59.05 -11.62 6.38
CA SER B 702 59.57 -11.83 5.03
C SER B 702 59.54 -10.54 4.21
N ILE B 703 58.43 -9.79 4.29
CA ILE B 703 58.33 -8.56 3.52
C ILE B 703 59.28 -7.50 4.06
N GLU B 704 59.45 -7.44 5.38
CA GLU B 704 60.44 -6.52 5.94
C GLU B 704 61.84 -6.84 5.46
N SER B 705 62.20 -8.12 5.44
CA SER B 705 63.51 -8.51 4.94
C SER B 705 63.62 -8.20 3.45
N GLU B 706 62.53 -8.37 2.70
CA GLU B 706 62.57 -8.07 1.27
C GLU B 706 62.82 -6.59 1.01
N ILE B 707 62.13 -5.72 1.75
CA ILE B 707 62.36 -4.29 1.56
C ILE B 707 63.74 -3.89 2.04
N ARG B 708 64.25 -4.53 3.09
CA ARG B 708 65.62 -4.27 3.52
C ARG B 708 66.61 -4.67 2.44
N ARG B 709 66.37 -5.83 1.79
CA ARG B 709 67.22 -6.25 0.68
C ARG B 709 67.15 -5.27 -0.47
N GLU B 710 65.96 -4.73 -0.74
CA GLU B 710 65.84 -3.68 -1.74
C GLU B 710 66.68 -2.46 -1.36
N ARG B 711 66.66 -2.10 -0.07
CA ARG B 711 67.50 -1.01 0.41
C ARG B 711 68.97 -1.29 0.11
N GLU B 712 69.43 -2.50 0.42
CA GLU B 712 70.81 -2.86 0.10
C GLU B 712 71.08 -2.77 -1.40
N ARG B 713 70.13 -3.22 -2.21
CA ARG B 713 70.30 -3.17 -3.66
C ARG B 713 70.45 -1.73 -4.15
N GLN B 714 69.63 -0.82 -3.62
CA GLN B 714 69.66 0.56 -4.11
C GLN B 714 70.93 1.27 -3.71
N THR B 715 71.47 0.97 -2.53
CA THR B 715 72.65 1.67 -2.03
C THR B 715 73.90 1.15 -2.74
N ASN B 716 75.08 1.55 -2.25
CA ASN B 716 76.31 1.30 -2.99
C ASN B 716 76.61 -0.19 -3.22
N PRO B 717 76.45 -1.10 -2.25
CA PRO B 717 76.90 -2.48 -2.50
C PRO B 717 76.19 -3.16 -3.65
N SER B 718 74.99 -2.71 -4.01
CA SER B 718 74.25 -3.28 -5.13
C SER B 718 74.00 -4.77 -4.92
N GLU B 724 71.06 -16.54 -0.47
CA GLU B 724 70.89 -15.28 0.26
C GLU B 724 69.63 -14.54 -0.16
N ASP B 725 68.89 -15.11 -1.11
CA ASP B 725 67.66 -14.51 -1.61
C ASP B 725 66.42 -14.98 -0.85
N ASP B 726 66.59 -15.80 0.19
CA ASP B 726 65.47 -16.35 0.96
C ASP B 726 65.73 -16.13 2.44
N PRO B 727 65.56 -14.90 2.93
CA PRO B 727 65.71 -14.67 4.38
C PRO B 727 64.75 -15.51 5.22
N VAL B 728 63.53 -15.71 4.75
CA VAL B 728 62.53 -16.49 5.47
C VAL B 728 61.68 -17.25 4.45
N PRO B 729 62.14 -18.38 3.93
CA PRO B 729 61.36 -19.12 2.93
C PRO B 729 60.27 -20.02 3.51
N GLU B 730 59.99 -19.95 4.81
CA GLU B 730 58.85 -20.66 5.38
C GLU B 730 58.48 -20.01 6.70
N ILE B 731 57.30 -20.36 7.20
CA ILE B 731 56.85 -19.89 8.50
C ILE B 731 57.77 -20.50 9.55
N ARG B 732 58.57 -19.65 10.20
CA ARG B 732 59.58 -20.13 11.14
C ARG B 732 58.95 -20.39 12.51
N ARG B 733 59.74 -21.02 13.38
CA ARG B 733 59.20 -21.52 14.64
C ARG B 733 58.91 -20.39 15.62
N ASP B 734 59.83 -19.43 15.74
CA ASP B 734 59.59 -18.30 16.64
C ASP B 734 58.41 -17.46 16.19
N HIS B 735 58.07 -17.49 14.90
CA HIS B 735 56.83 -16.86 14.46
C HIS B 735 55.63 -17.53 15.10
N PHE B 736 55.63 -18.86 15.15
CA PHE B 736 54.57 -19.58 15.87
C PHE B 736 54.60 -19.25 17.35
N GLU B 737 55.79 -19.13 17.93
CA GLU B 737 55.90 -18.73 19.33
C GLU B 737 55.19 -17.40 19.58
N GLU B 738 55.50 -16.39 18.78
CA GLU B 738 54.91 -15.08 18.99
C GLU B 738 53.41 -15.10 18.72
N ALA B 739 52.98 -15.83 17.70
CA ALA B 739 51.55 -15.92 17.42
C ALA B 739 50.80 -16.58 18.57
N MET B 740 51.35 -17.65 19.13
CA MET B 740 50.73 -18.28 20.29
C MET B 740 50.69 -17.32 21.47
N ARG B 741 51.77 -16.55 21.65
CA ARG B 741 51.74 -15.49 22.65
C ARG B 741 50.62 -14.48 22.37
N PHE B 742 50.25 -14.33 21.10
CA PHE B 742 49.18 -13.41 20.69
C PHE B 742 47.84 -14.14 20.52
N ALA B 743 47.74 -15.38 20.97
CA ALA B 743 46.55 -16.18 20.76
C ALA B 743 45.39 -15.67 21.63
N ARG B 744 44.22 -16.27 21.44
CA ARG B 744 43.05 -15.92 22.23
C ARG B 744 42.04 -17.06 22.15
N ARG B 745 41.38 -17.34 23.26
CA ARG B 745 40.39 -18.41 23.36
C ARG B 745 38.99 -17.80 23.52
N SER B 746 38.01 -18.41 22.86
CA SER B 746 36.66 -17.88 22.79
C SER B 746 35.65 -18.66 23.61
N VAL B 747 36.06 -19.74 24.29
CA VAL B 747 35.14 -20.58 25.04
C VAL B 747 35.67 -20.73 26.47
N SER B 748 34.79 -20.57 27.45
CA SER B 748 35.13 -20.70 28.85
C SER B 748 34.64 -22.05 29.37
N ASP B 749 34.96 -22.33 30.64
CA ASP B 749 34.59 -23.61 31.23
C ASP B 749 33.08 -23.78 31.28
N ASN B 750 32.35 -22.74 31.70
CA ASN B 750 30.90 -22.83 31.76
C ASN B 750 30.29 -23.02 30.38
N ASP B 751 30.78 -22.32 29.36
CA ASP B 751 30.22 -22.48 28.02
C ASP B 751 30.41 -23.89 27.50
N ILE B 752 31.61 -24.47 27.67
CA ILE B 752 31.84 -25.83 27.18
C ILE B 752 31.03 -26.84 27.98
N ARG B 753 30.89 -26.62 29.29
CA ARG B 753 30.08 -27.55 30.09
C ARG B 753 28.60 -27.44 29.72
N LYS B 754 28.16 -26.27 29.24
CA LYS B 754 26.76 -26.10 28.89
C LYS B 754 26.34 -27.05 27.78
N TYR B 755 27.22 -27.28 26.80
CA TYR B 755 26.87 -28.16 25.69
C TYR B 755 26.65 -29.59 26.17
N GLU B 756 27.53 -30.10 27.03
CA GLU B 756 27.33 -31.46 27.54
C GLU B 756 26.11 -31.53 28.46
N MET B 757 25.86 -30.49 29.24
CA MET B 757 24.67 -30.48 30.08
C MET B 757 23.41 -30.53 29.22
N PHE B 758 23.38 -29.79 28.12
CA PHE B 758 22.27 -29.90 27.19
C PHE B 758 22.19 -31.28 26.58
N ALA B 759 23.33 -31.85 26.20
CA ALA B 759 23.35 -33.20 25.65
C ALA B 759 22.72 -34.20 26.60
N GLN B 760 22.86 -33.99 27.92
CA GLN B 760 22.23 -34.88 28.88
C GLN B 760 20.71 -34.91 28.72
N THR B 761 20.12 -33.88 28.11
CA THR B 761 18.67 -33.85 27.95
C THR B 761 18.19 -35.01 27.09
N LEU B 762 18.87 -35.26 25.97
CA LEU B 762 18.53 -36.37 25.08
C LEU B 762 19.50 -37.54 25.23
N GLN B 763 20.21 -37.62 26.34
CA GLN B 763 21.12 -38.71 26.64
C GLN B 763 20.77 -39.32 27.99
N GLN B 764 21.28 -40.52 28.24
CA GLN B 764 21.05 -41.21 29.49
C GLN B 764 22.26 -42.07 29.83
N SER B 765 22.36 -42.40 31.11
CA SER B 765 23.41 -43.29 31.63
C SER B 765 22.80 -44.58 32.15
N ARG B 766 21.70 -45.02 31.55
CA ARG B 766 20.98 -46.21 32.00
C ARG B 766 21.72 -47.48 31.57
N GLY B 767 22.90 -47.66 32.16
CA GLY B 767 23.63 -48.91 32.01
C GLY B 767 23.17 -50.01 32.93
N PHE B 768 22.24 -49.71 33.84
CA PHE B 768 21.74 -50.72 34.76
C PHE B 768 21.03 -51.86 34.03
N GLY B 769 20.27 -51.55 32.98
CA GLY B 769 19.54 -52.56 32.27
C GLY B 769 20.41 -53.44 31.39
N SER B 770 21.45 -54.03 31.98
CA SER B 770 22.38 -54.88 31.23
C SER B 770 21.75 -56.19 30.79
N PHE B 771 20.57 -56.53 31.29
CA PHE B 771 19.92 -57.79 30.94
C PHE B 771 19.32 -57.70 29.53
N ARG B 772 20.22 -57.58 28.56
CA ARG B 772 19.85 -57.62 27.15
C ARG B 772 18.72 -56.66 26.83
N ARG C 22 63.81 5.88 -32.07
CA ARG C 22 63.57 6.75 -33.22
C ARG C 22 62.71 7.95 -32.81
N PRO C 23 63.31 9.13 -32.69
CA PRO C 23 62.54 10.29 -32.22
C PRO C 23 61.64 10.91 -33.27
N ASN C 24 61.64 10.40 -34.50
CA ASN C 24 60.85 11.02 -35.56
C ASN C 24 59.35 10.93 -35.27
N ARG C 25 58.90 9.78 -34.77
CA ARG C 25 57.48 9.48 -34.62
C ARG C 25 57.14 9.22 -33.16
N LEU C 26 55.99 9.72 -32.73
CA LEU C 26 55.53 9.53 -31.35
C LEU C 26 54.01 9.54 -31.31
N ILE C 27 53.47 8.96 -30.24
CA ILE C 27 52.03 8.86 -30.03
C ILE C 27 51.60 10.00 -29.11
N VAL C 28 50.55 10.71 -29.50
CA VAL C 28 50.12 11.91 -28.80
C VAL C 28 49.41 11.55 -27.50
N ASP C 29 49.24 12.52 -26.61
CA ASP C 29 48.59 12.31 -25.33
C ASP C 29 48.10 13.65 -24.80
N GLU C 30 47.29 13.59 -23.74
CA GLU C 30 46.72 14.79 -23.16
C GLU C 30 47.78 15.60 -22.43
N ALA C 31 47.73 16.91 -22.60
CA ALA C 31 48.63 17.84 -21.91
C ALA C 31 47.90 18.48 -20.73
N ILE C 32 48.69 18.99 -19.79
CA ILE C 32 48.15 19.57 -18.56
C ILE C 32 48.63 21.00 -18.39
N ASN C 33 49.79 21.32 -18.96
CA ASN C 33 50.32 22.69 -18.84
C ASN C 33 49.69 23.61 -19.87
N GLU C 34 49.42 23.09 -21.07
CA GLU C 34 48.72 23.84 -22.10
C GLU C 34 49.48 25.09 -22.53
N ASP C 35 49.13 26.24 -21.98
CA ASP C 35 49.61 27.55 -22.42
C ASP C 35 49.23 27.86 -23.86
N ASN C 36 48.36 27.05 -24.46
CA ASN C 36 47.88 27.26 -25.83
C ASN C 36 48.96 26.96 -26.85
N SER C 37 50.17 26.63 -26.41
CA SER C 37 51.31 26.46 -27.31
C SER C 37 52.26 25.32 -26.93
N VAL C 38 52.31 24.90 -25.68
CA VAL C 38 53.41 24.06 -25.21
C VAL C 38 53.17 22.61 -25.62
N VAL C 39 54.24 21.97 -26.09
CA VAL C 39 54.27 20.54 -26.35
C VAL C 39 55.28 19.92 -25.40
N SER C 40 54.86 18.94 -24.62
CA SER C 40 55.65 18.43 -23.50
C SER C 40 56.32 17.12 -23.87
N LEU C 41 57.63 17.06 -23.66
CA LEU C 41 58.41 15.84 -23.85
C LEU C 41 59.16 15.52 -22.56
N SER C 42 60.07 14.56 -22.58
CA SER C 42 60.91 14.23 -21.42
C SER C 42 62.36 14.52 -21.78
N GLN C 43 63.08 15.16 -20.85
CA GLN C 43 64.47 15.50 -21.10
C GLN C 43 65.32 14.27 -21.42
N PRO C 44 65.24 13.17 -20.68
CA PRO C 44 65.89 11.93 -21.14
C PRO C 44 65.44 11.49 -22.52
N LYS C 45 64.31 11.99 -23.00
CA LYS C 45 63.87 11.75 -24.37
C LYS C 45 64.15 12.94 -25.29
N MET C 46 64.11 14.16 -24.76
CA MET C 46 64.41 15.32 -25.58
C MET C 46 65.86 15.33 -26.02
N ASP C 47 66.76 14.74 -25.23
CA ASP C 47 68.14 14.60 -25.68
C ASP C 47 68.20 13.84 -26.99
N GLU C 48 67.42 12.75 -27.10
CA GLU C 48 67.27 12.08 -28.38
C GLU C 48 66.56 12.96 -29.39
N LEU C 49 65.62 13.79 -28.93
CA LEU C 49 64.94 14.73 -29.81
C LEU C 49 65.77 15.96 -30.15
N GLN C 50 66.93 16.12 -29.53
CA GLN C 50 67.86 17.21 -29.84
C GLN C 50 67.32 18.58 -29.40
N LEU C 51 66.47 18.60 -28.37
CA LEU C 51 65.97 19.83 -27.78
C LEU C 51 66.29 19.83 -26.29
N PHE C 52 66.65 20.99 -25.75
CA PHE C 52 67.14 21.08 -24.38
C PHE C 52 66.23 21.87 -23.46
N ARG C 53 66.02 23.17 -23.73
CA ARG C 53 65.29 24.04 -22.80
C ARG C 53 63.98 24.54 -23.40
N GLY C 54 64.02 25.21 -24.54
CA GLY C 54 62.81 25.76 -25.13
C GLY C 54 62.86 25.81 -26.65
N ASP C 55 63.74 24.98 -27.24
CA ASP C 55 63.97 25.06 -28.68
C ASP C 55 62.70 24.73 -29.46
N THR C 56 62.62 25.28 -30.66
CA THR C 56 61.47 25.03 -31.52
C THR C 56 61.39 23.56 -31.89
N VAL C 57 60.15 23.08 -32.05
CA VAL C 57 59.88 21.68 -32.30
C VAL C 57 59.59 21.39 -33.77
N LEU C 58 58.91 22.31 -34.44
CA LEU C 58 58.45 22.09 -35.81
C LEU C 58 57.61 20.82 -35.89
N LEU C 59 56.55 20.81 -35.10
CA LEU C 59 55.66 19.66 -35.04
C LEU C 59 55.11 19.33 -36.42
N LYS C 60 55.13 18.04 -36.77
CA LYS C 60 54.62 17.57 -38.05
C LYS C 60 53.26 16.93 -37.83
N GLY C 61 52.29 17.31 -38.66
CA GLY C 61 50.93 16.84 -38.53
C GLY C 61 50.63 15.61 -39.35
N LYS C 62 49.36 15.47 -39.72
CA LYS C 62 48.89 14.32 -40.48
C LYS C 62 48.78 14.60 -41.98
N LYS C 63 48.02 15.63 -42.37
CA LYS C 63 47.66 15.79 -43.77
C LYS C 63 48.63 16.68 -44.55
N ARG C 64 48.59 17.99 -44.27
CA ARG C 64 49.44 18.92 -45.03
C ARG C 64 49.83 20.13 -44.17
N ARG C 65 50.19 19.91 -42.91
CA ARG C 65 50.50 21.05 -42.05
C ARG C 65 51.50 20.67 -40.98
N GLU C 66 52.19 21.69 -40.48
CA GLU C 66 53.16 21.57 -39.40
C GLU C 66 53.03 22.76 -38.48
N ALA C 67 53.47 22.59 -37.23
CA ALA C 67 53.44 23.66 -36.23
C ALA C 67 54.79 23.75 -35.54
N VAL C 68 55.15 24.97 -35.16
CA VAL C 68 56.45 25.19 -34.53
C VAL C 68 56.45 24.64 -33.11
N CYS C 69 55.47 25.05 -32.29
CA CYS C 69 55.34 24.56 -30.92
C CYS C 69 56.58 24.88 -30.07
N ILE C 70 56.47 24.66 -28.77
CA ILE C 70 57.58 24.85 -27.84
C ILE C 70 57.75 23.56 -27.02
N VAL C 71 58.99 23.21 -26.73
CA VAL C 71 59.31 21.99 -26.00
C VAL C 71 59.35 22.28 -24.51
N LEU C 72 58.86 21.33 -23.72
CA LEU C 72 58.87 21.44 -22.26
C LEU C 72 58.68 20.02 -21.72
N SER C 73 58.74 19.89 -20.40
CA SER C 73 58.62 18.56 -19.78
C SER C 73 57.80 18.64 -18.50
N ASP C 74 57.22 17.50 -18.14
CA ASP C 74 56.49 17.33 -16.89
C ASP C 74 56.60 15.86 -16.49
N ASP C 75 55.78 15.45 -15.51
CA ASP C 75 55.94 14.13 -14.91
C ASP C 75 55.42 13.03 -15.82
N THR C 76 54.27 13.24 -16.45
CA THR C 76 53.52 12.16 -17.09
C THR C 76 54.09 11.71 -18.43
N CYS C 77 55.29 12.15 -18.81
CA CYS C 77 55.82 11.79 -20.12
C CYS C 77 56.09 10.29 -20.20
N SER C 78 56.80 9.74 -19.22
CA SER C 78 57.18 8.32 -19.19
C SER C 78 58.10 7.96 -20.35
N ASP C 79 58.71 8.94 -21.01
CA ASP C 79 59.63 8.72 -22.12
C ASP C 79 58.99 7.93 -23.25
N GLU C 80 57.66 7.96 -23.36
CA GLU C 80 56.96 7.14 -24.34
C GLU C 80 56.00 7.97 -25.19
N LYS C 81 55.38 8.99 -24.59
CA LYS C 81 54.29 9.72 -25.22
C LYS C 81 54.62 11.21 -25.32
N ILE C 82 53.97 11.87 -26.27
CA ILE C 82 54.08 13.31 -26.47
C ILE C 82 52.72 13.93 -26.19
N ARG C 83 52.73 15.03 -25.43
CA ARG C 83 51.51 15.66 -24.94
C ARG C 83 51.26 16.97 -25.68
N MET C 84 50.02 17.16 -26.12
CA MET C 84 49.62 18.37 -26.83
C MET C 84 48.19 18.73 -26.43
N ASN C 85 47.98 20.02 -26.15
CA ASN C 85 46.66 20.50 -25.81
C ASN C 85 45.77 20.57 -27.05
N ARG C 86 44.46 20.73 -26.82
CA ARG C 86 43.52 20.66 -27.93
C ARG C 86 43.78 21.75 -28.96
N VAL C 87 44.41 22.86 -28.57
CA VAL C 87 44.72 23.90 -29.55
C VAL C 87 45.62 23.33 -30.65
N VAL C 88 46.71 22.67 -30.25
CA VAL C 88 47.61 22.07 -31.22
C VAL C 88 46.94 20.90 -31.93
N ARG C 89 46.27 20.03 -31.17
CA ARG C 89 45.67 18.84 -31.77
C ARG C 89 44.69 19.21 -32.86
N ASN C 90 43.79 20.14 -32.58
CA ASN C 90 42.84 20.61 -33.60
C ASN C 90 43.56 21.38 -34.70
N ASN C 91 44.61 22.12 -34.36
CA ASN C 91 45.36 22.83 -35.40
C ASN C 91 46.00 21.84 -36.37
N LEU C 92 46.53 20.73 -35.86
CA LEU C 92 47.23 19.75 -36.69
C LEU C 92 46.31 18.68 -37.24
N ARG C 93 45.00 18.78 -37.01
CA ARG C 93 44.04 17.78 -37.47
C ARG C 93 44.33 16.42 -36.84
N VAL C 94 44.71 16.42 -35.57
CA VAL C 94 45.10 15.21 -34.85
C VAL C 94 44.13 14.99 -33.71
N ARG C 95 43.61 13.77 -33.60
CA ARG C 95 42.78 13.37 -32.48
C ARG C 95 43.64 12.71 -31.41
N LEU C 96 43.26 12.91 -30.15
CA LEU C 96 44.02 12.34 -29.05
C LEU C 96 44.07 10.83 -29.18
N GLY C 97 45.27 10.27 -29.05
CA GLY C 97 45.50 8.85 -29.25
C GLY C 97 46.08 8.49 -30.59
N ASP C 98 46.32 9.46 -31.47
CA ASP C 98 46.88 9.21 -32.79
C ASP C 98 48.39 9.17 -32.72
N VAL C 99 49.02 8.88 -33.86
CA VAL C 99 50.47 8.83 -34.00
C VAL C 99 50.89 9.90 -34.98
N ILE C 100 51.88 10.71 -34.60
CA ILE C 100 52.32 11.85 -35.39
C ILE C 100 53.85 11.81 -35.48
N SER C 101 54.40 12.77 -36.23
CA SER C 101 55.83 12.86 -36.46
C SER C 101 56.35 14.20 -35.95
N ILE C 102 57.66 14.26 -35.74
CA ILE C 102 58.35 15.46 -35.28
C ILE C 102 59.57 15.69 -36.15
N GLN C 103 59.89 16.96 -36.40
CA GLN C 103 61.03 17.36 -37.22
C GLN C 103 61.83 18.41 -36.43
N PRO C 104 62.59 17.98 -35.43
CA PRO C 104 63.28 18.95 -34.57
C PRO C 104 64.20 19.85 -35.37
N CYS C 105 64.25 21.12 -34.97
CA CYS C 105 65.11 22.11 -35.60
C CYS C 105 65.35 23.28 -34.66
N PRO C 106 66.32 23.18 -33.75
CA PRO C 106 66.56 24.29 -32.81
C PRO C 106 67.20 25.49 -33.49
N ASP C 107 66.38 26.28 -34.19
CA ASP C 107 66.86 27.45 -34.91
C ASP C 107 65.92 28.62 -34.65
N VAL C 108 66.44 29.83 -34.83
CA VAL C 108 65.71 31.07 -34.60
C VAL C 108 65.65 31.84 -35.91
N LYS C 109 64.43 32.16 -36.35
CA LYS C 109 64.21 32.97 -37.55
C LYS C 109 62.99 33.85 -37.33
N TYR C 110 63.13 35.13 -37.66
CA TYR C 110 62.11 36.11 -37.37
C TYR C 110 61.31 36.46 -38.63
N GLY C 111 60.04 36.80 -38.44
CA GLY C 111 59.17 37.23 -39.50
C GLY C 111 58.83 38.71 -39.39
N LYS C 112 58.21 39.23 -40.45
CA LYS C 112 57.87 40.65 -40.51
C LYS C 112 56.46 40.93 -41.02
N ARG C 113 55.75 39.95 -41.57
CA ARG C 113 54.43 40.16 -42.16
C ARG C 113 53.43 39.14 -41.60
N ILE C 114 53.41 38.99 -40.27
CA ILE C 114 52.45 38.11 -39.62
C ILE C 114 51.10 38.82 -39.59
N HIS C 115 50.11 38.24 -40.26
CA HIS C 115 48.77 38.80 -40.34
C HIS C 115 47.78 37.76 -39.82
N VAL C 116 46.87 38.20 -38.96
CA VAL C 116 45.94 37.30 -38.27
C VAL C 116 44.53 37.83 -38.43
N LEU C 117 43.56 36.90 -38.47
CA LEU C 117 42.14 37.24 -38.56
C LEU C 117 41.37 36.38 -37.58
N PRO C 118 40.35 36.91 -36.92
CA PRO C 118 39.55 36.09 -36.01
C PRO C 118 38.60 35.17 -36.75
N ILE C 119 38.14 34.14 -36.05
CA ILE C 119 37.26 33.13 -36.62
C ILE C 119 35.82 33.49 -36.25
N ASP C 120 34.97 33.58 -37.27
CA ASP C 120 33.59 34.00 -37.06
C ASP C 120 32.88 33.08 -36.07
N ASP C 121 33.23 31.79 -36.08
CA ASP C 121 32.63 30.86 -35.13
C ASP C 121 32.92 31.27 -33.69
N THR C 122 33.99 32.04 -33.46
CA THR C 122 34.36 32.51 -32.14
C THR C 122 34.10 34.00 -31.95
N VAL C 123 33.95 34.76 -33.04
CA VAL C 123 33.57 36.16 -32.96
C VAL C 123 32.32 36.37 -33.80
N GLU C 124 31.16 36.41 -33.14
CA GLU C 124 29.86 36.57 -33.79
C GLU C 124 28.96 37.45 -32.94
N GLY C 125 29.48 38.61 -32.54
CA GLY C 125 28.74 39.52 -31.68
C GLY C 125 29.63 40.30 -30.73
N ILE C 126 30.91 39.98 -30.70
CA ILE C 126 31.90 40.75 -29.94
C ILE C 126 32.71 41.56 -30.95
N THR C 127 32.71 42.88 -30.78
CA THR C 127 33.39 43.78 -31.70
C THR C 127 34.26 44.74 -30.89
N GLY C 128 35.48 44.94 -31.36
CA GLY C 128 36.40 45.83 -30.68
C GLY C 128 37.78 45.70 -31.28
N ASN C 129 38.76 46.29 -30.58
CA ASN C 129 40.15 46.24 -31.00
C ASN C 129 40.77 44.89 -30.59
N LEU C 130 40.38 43.85 -31.34
CA LEU C 130 40.83 42.50 -31.00
C LEU C 130 42.35 42.37 -31.11
N PHE C 131 43.01 43.31 -31.79
CA PHE C 131 44.46 43.35 -31.76
C PHE C 131 44.99 43.80 -30.41
N GLU C 132 44.16 44.44 -29.58
CA GLU C 132 44.57 44.91 -28.28
C GLU C 132 43.81 44.30 -27.12
N VAL C 133 42.54 43.93 -27.33
CA VAL C 133 41.69 43.55 -26.20
C VAL C 133 41.98 42.11 -25.76
N TYR C 134 42.26 41.21 -26.71
CA TYR C 134 42.45 39.78 -26.42
C TYR C 134 43.67 39.25 -27.15
N LEU C 135 44.65 40.11 -27.44
CA LEU C 135 45.80 39.69 -28.22
C LEU C 135 47.13 40.03 -27.55
N LYS C 136 47.20 41.17 -26.87
CA LYS C 136 48.47 41.65 -26.31
C LYS C 136 49.14 40.61 -25.41
N PRO C 137 48.43 39.98 -24.47
CA PRO C 137 49.09 39.06 -23.55
C PRO C 137 49.40 37.69 -24.13
N TYR C 138 49.33 37.51 -25.45
CA TYR C 138 49.60 36.21 -26.07
C TYR C 138 50.56 36.25 -27.25
N PHE C 139 50.76 37.41 -27.89
CA PHE C 139 51.61 37.45 -29.08
C PHE C 139 53.09 37.60 -28.74
N LEU C 140 53.45 37.70 -27.46
CA LEU C 140 54.85 37.69 -27.07
C LEU C 140 54.98 36.99 -25.71
N GLU C 141 56.04 36.21 -25.56
CA GLU C 141 56.36 35.51 -24.32
C GLU C 141 55.45 34.31 -24.08
N ALA C 142 54.44 34.12 -24.94
CA ALA C 142 53.61 32.93 -24.91
C ALA C 142 53.98 31.93 -26.00
N TYR C 143 54.69 32.38 -27.03
CA TYR C 143 55.19 31.51 -28.09
C TYR C 143 54.05 30.77 -28.79
N ARG C 144 53.17 31.55 -29.42
CA ARG C 144 52.07 30.98 -30.17
C ARG C 144 52.62 30.13 -31.31
N PRO C 145 51.89 29.07 -31.71
CA PRO C 145 52.36 28.25 -32.83
C PRO C 145 52.20 28.99 -34.16
N ILE C 146 52.93 30.08 -34.32
CA ILE C 146 52.74 30.96 -35.47
C ILE C 146 53.24 30.26 -36.72
N ARG C 147 52.34 30.09 -37.69
CA ARG C 147 52.66 29.48 -38.97
C ARG C 147 51.44 29.64 -39.87
N LYS C 148 51.67 29.91 -41.16
CA LYS C 148 50.58 30.17 -42.07
C LYS C 148 49.57 29.03 -42.04
N GLY C 149 48.30 29.38 -41.85
CA GLY C 149 47.24 28.41 -41.70
C GLY C 149 47.00 27.94 -40.28
N ASP C 150 47.81 28.40 -39.32
CA ASP C 150 47.64 27.98 -37.94
C ASP C 150 46.41 28.64 -37.31
N ILE C 151 45.74 27.89 -36.45
CA ILE C 151 44.59 28.37 -35.69
C ILE C 151 44.89 28.18 -34.21
N PHE C 152 44.70 29.22 -33.42
CA PHE C 152 45.03 29.20 -32.01
C PHE C 152 43.96 29.89 -31.19
N LEU C 153 43.66 29.32 -30.01
CA LEU C 153 42.76 29.94 -29.06
C LEU C 153 43.55 30.78 -28.07
N VAL C 154 43.02 31.96 -27.75
CA VAL C 154 43.67 32.86 -26.81
C VAL C 154 42.90 33.04 -25.51
N HIS C 155 41.60 32.71 -25.46
CA HIS C 155 40.82 32.80 -24.22
C HIS C 155 40.85 34.22 -23.65
N GLY C 156 40.11 35.12 -24.31
CA GLY C 156 40.08 36.52 -23.94
C GLY C 156 39.02 36.89 -22.92
N GLY C 157 38.14 37.82 -23.30
CA GLY C 157 37.15 38.36 -22.38
C GLY C 157 35.86 37.57 -22.35
N MET C 158 35.80 36.61 -21.44
CA MET C 158 34.56 35.86 -21.17
C MET C 158 34.05 35.15 -22.42
N ARG C 159 34.98 34.73 -23.29
CA ARG C 159 34.65 33.87 -24.41
C ARG C 159 35.92 33.32 -25.04
N ALA C 160 35.90 32.03 -25.40
CA ALA C 160 37.08 31.35 -25.94
C ALA C 160 37.32 31.80 -27.39
N VAL C 161 37.68 33.08 -27.52
CA VAL C 161 37.92 33.64 -28.84
C VAL C 161 39.17 33.00 -29.45
N GLU C 162 39.08 32.62 -30.72
CA GLU C 162 40.17 31.98 -31.42
C GLU C 162 40.47 32.76 -32.70
N PHE C 163 41.71 32.65 -33.16
CA PHE C 163 42.18 33.37 -34.33
C PHE C 163 42.90 32.41 -35.27
N LYS C 164 43.06 32.84 -36.52
CA LYS C 164 43.86 32.12 -37.50
C LYS C 164 44.88 33.08 -38.09
N VAL C 165 46.15 32.68 -38.06
CA VAL C 165 47.21 33.46 -38.69
C VAL C 165 47.29 33.03 -40.15
N VAL C 166 46.98 33.96 -41.05
CA VAL C 166 46.82 33.61 -42.46
C VAL C 166 48.18 33.54 -43.14
N GLU C 167 49.03 34.56 -42.92
CA GLU C 167 50.30 34.67 -43.61
C GLU C 167 51.43 34.74 -42.58
N THR C 168 52.46 33.93 -42.81
CA THR C 168 53.69 33.97 -42.01
C THR C 168 54.85 33.74 -42.96
N ASP C 169 55.57 34.82 -43.29
CA ASP C 169 56.65 34.77 -44.26
C ASP C 169 57.89 33.95 -43.87
N PRO C 170 58.22 33.74 -42.60
CA PRO C 170 58.92 32.50 -42.24
C PRO C 170 57.98 31.32 -42.08
N SER C 171 58.54 30.13 -42.28
CA SER C 171 57.80 28.89 -42.13
C SER C 171 58.75 27.70 -42.20
N PRO C 172 58.47 26.59 -41.53
CA PRO C 172 57.30 26.33 -40.67
C PRO C 172 57.52 26.82 -39.23
N TYR C 173 58.62 27.53 -38.97
CA TYR C 173 58.93 28.01 -37.63
C TYR C 173 59.29 29.48 -37.68
N CYS C 174 59.01 30.19 -36.58
CA CYS C 174 59.31 31.61 -36.49
C CYS C 174 59.48 31.97 -35.02
N ILE C 175 60.16 33.09 -34.79
CA ILE C 175 60.36 33.61 -33.44
C ILE C 175 59.12 34.40 -33.03
N VAL C 176 58.54 34.03 -31.89
CA VAL C 176 57.40 34.77 -31.32
C VAL C 176 58.00 35.73 -30.30
N ALA C 177 58.31 36.94 -30.75
CA ALA C 177 58.98 37.93 -29.92
C ALA C 177 58.66 39.31 -30.48
N PRO C 178 58.81 40.37 -29.69
CA PRO C 178 58.47 41.70 -30.19
C PRO C 178 59.29 42.15 -31.38
N ASP C 179 60.45 41.54 -31.63
CA ASP C 179 61.18 41.85 -32.85
C ASP C 179 60.37 41.49 -34.08
N THR C 180 59.68 40.35 -34.06
CA THR C 180 58.77 39.99 -35.14
C THR C 180 57.58 40.93 -35.15
N VAL C 181 57.12 41.28 -36.35
CA VAL C 181 56.06 42.27 -36.53
C VAL C 181 54.74 41.54 -36.72
N ILE C 182 53.73 41.93 -35.93
CA ILE C 182 52.38 41.42 -36.03
C ILE C 182 51.47 42.57 -36.41
N HIS C 183 50.64 42.36 -37.43
CA HIS C 183 49.81 43.41 -38.01
C HIS C 183 48.37 43.29 -37.55
N CYS C 184 47.62 44.38 -37.74
CA CYS C 184 46.23 44.43 -37.32
C CYS C 184 45.36 43.58 -38.24
N GLU C 185 44.25 43.10 -37.69
CA GLU C 185 43.32 42.24 -38.41
C GLU C 185 42.27 43.09 -39.12
N GLY C 186 41.26 42.40 -39.67
CA GLY C 186 40.16 43.06 -40.33
C GLY C 186 38.82 42.48 -39.92
N GLU C 187 37.91 42.35 -40.88
CA GLU C 187 36.61 41.76 -40.58
C GLU C 187 36.78 40.26 -40.30
N PRO C 188 35.91 39.68 -39.48
CA PRO C 188 36.04 38.26 -39.14
C PRO C 188 35.80 37.38 -40.35
N ILE C 189 36.45 36.21 -40.33
CA ILE C 189 36.36 35.24 -41.42
C ILE C 189 35.58 34.03 -40.92
N LYS C 190 34.98 33.30 -41.86
CA LYS C 190 34.19 32.13 -41.53
C LYS C 190 35.10 30.93 -41.26
N ARG C 191 34.63 30.06 -40.38
CA ARG C 191 35.35 28.83 -40.07
C ARG C 191 35.23 27.85 -41.23
N GLU C 192 36.27 27.03 -41.40
CA GLU C 192 36.33 26.10 -42.51
C GLU C 192 35.34 24.95 -42.30
N ASP C 193 34.16 25.04 -42.92
CA ASP C 193 33.18 23.97 -42.80
C ASP C 193 33.64 22.68 -43.47
N GLU C 194 34.61 22.76 -44.38
CA GLU C 194 35.12 21.54 -45.02
C GLU C 194 35.68 20.59 -43.98
N GLU C 195 36.22 21.11 -42.88
CA GLU C 195 36.72 20.31 -41.78
C GLU C 195 36.04 20.62 -40.46
N GLU C 196 35.44 21.80 -40.32
CA GLU C 196 34.63 22.19 -39.15
C GLU C 196 35.49 22.50 -37.94
N SER C 197 36.80 22.24 -38.02
CA SER C 197 37.75 22.58 -36.96
C SER C 197 37.54 21.79 -35.67
N LEU C 198 36.42 21.05 -35.57
CA LEU C 198 36.10 20.25 -34.39
C LEU C 198 36.45 20.96 -33.08
N ASN C 199 35.91 22.16 -32.86
CA ASN C 199 36.19 22.86 -31.60
C ASN C 199 35.39 22.26 -30.45
N GLU C 200 34.07 22.36 -30.52
CA GLU C 200 33.14 21.77 -29.55
C GLU C 200 33.72 21.75 -28.13
N VAL C 201 33.98 20.57 -27.59
CA VAL C 201 34.58 20.39 -26.27
C VAL C 201 35.59 19.25 -26.35
N GLY C 202 36.21 18.95 -25.22
CA GLY C 202 37.18 17.87 -25.20
C GLY C 202 37.65 17.60 -23.80
N TYR C 203 38.76 16.85 -23.71
CA TYR C 203 39.26 16.43 -22.40
C TYR C 203 39.78 17.61 -21.59
N ASP C 204 40.28 18.66 -22.25
CA ASP C 204 40.90 19.76 -21.52
C ASP C 204 39.90 20.52 -20.65
N ASP C 205 38.62 20.50 -20.99
CA ASP C 205 37.59 21.20 -20.22
C ASP C 205 36.77 20.24 -19.36
N ILE C 206 37.36 19.10 -19.00
CA ILE C 206 36.77 18.15 -18.06
C ILE C 206 37.64 18.14 -16.81
N GLY C 207 37.02 18.38 -15.67
CA GLY C 207 37.76 18.45 -14.42
C GLY C 207 36.98 17.80 -13.29
N GLY C 208 37.73 17.24 -12.35
CA GLY C 208 37.15 16.62 -11.18
C GLY C 208 36.82 15.15 -11.34
N CYS C 209 36.90 14.61 -12.55
CA CYS C 209 36.66 13.20 -12.83
C CYS C 209 37.74 12.65 -13.75
N ARG C 210 39.00 13.00 -13.43
CA ARG C 210 40.10 12.56 -14.28
C ARG C 210 40.23 11.04 -14.28
N LYS C 211 40.05 10.41 -13.12
CA LYS C 211 40.13 8.95 -13.07
C LYS C 211 39.01 8.30 -13.89
N GLN C 212 37.78 8.80 -13.75
CA GLN C 212 36.67 8.24 -14.51
C GLN C 212 36.83 8.52 -15.99
N LEU C 213 37.31 9.70 -16.36
CA LEU C 213 37.55 10.00 -17.76
C LEU C 213 38.64 9.10 -18.34
N ALA C 214 39.68 8.83 -17.55
CA ALA C 214 40.72 7.90 -18.00
C ALA C 214 40.16 6.49 -18.17
N GLN C 215 39.28 6.07 -17.25
CA GLN C 215 38.65 4.77 -17.40
C GLN C 215 37.83 4.70 -18.68
N ILE C 216 37.05 5.73 -18.95
CA ILE C 216 36.26 5.75 -20.18
C ILE C 216 37.16 5.77 -21.40
N LYS C 217 38.26 6.53 -21.35
CA LYS C 217 39.18 6.57 -22.47
C LYS C 217 39.75 5.19 -22.76
N GLU C 218 40.31 4.54 -21.75
CA GLU C 218 40.84 3.20 -21.96
C GLU C 218 39.75 2.21 -22.34
N MET C 219 38.49 2.50 -22.01
CA MET C 219 37.40 1.59 -22.34
C MET C 219 36.92 1.75 -23.78
N VAL C 220 36.97 2.96 -24.32
CA VAL C 220 36.26 3.27 -25.56
C VAL C 220 37.18 3.73 -26.68
N GLU C 221 38.45 4.02 -26.42
CA GLU C 221 39.32 4.58 -27.45
C GLU C 221 39.54 3.59 -28.59
N LEU C 222 39.87 2.34 -28.26
CA LEU C 222 40.19 1.37 -29.30
C LEU C 222 39.03 1.11 -30.24
N PRO C 223 37.81 0.78 -29.78
CA PRO C 223 36.72 0.49 -30.73
C PRO C 223 36.39 1.67 -31.62
N LEU C 224 36.54 2.91 -31.15
CA LEU C 224 36.19 4.06 -31.97
C LEU C 224 37.34 4.45 -32.90
N ARG C 225 38.56 4.50 -32.38
CA ARG C 225 39.71 4.86 -33.21
C ARG C 225 40.14 3.72 -34.11
N HIS C 226 39.93 2.47 -33.69
CA HIS C 226 40.42 1.30 -34.42
C HIS C 226 39.28 0.32 -34.66
N PRO C 227 38.26 0.72 -35.40
CA PRO C 227 37.22 -0.24 -35.79
C PRO C 227 37.73 -1.34 -36.71
N ALA C 228 38.85 -1.11 -37.40
CA ALA C 228 39.36 -2.10 -38.34
C ALA C 228 39.79 -3.37 -37.64
N LEU C 229 40.49 -3.25 -36.51
CA LEU C 229 40.98 -4.44 -35.82
C LEU C 229 39.85 -5.19 -35.15
N PHE C 230 38.80 -4.49 -34.72
CA PHE C 230 37.73 -5.15 -33.99
C PHE C 230 36.88 -6.07 -34.87
N LYS C 231 37.06 -6.02 -36.18
CA LYS C 231 36.49 -7.04 -37.05
C LYS C 231 37.41 -8.24 -37.19
N ALA C 232 38.63 -8.15 -36.70
CA ALA C 232 39.60 -9.24 -36.74
C ALA C 232 40.03 -9.70 -35.36
N ILE C 233 40.00 -8.81 -34.37
CA ILE C 233 40.45 -9.19 -33.03
C ILE C 233 39.54 -10.27 -32.45
N GLY C 234 38.25 -10.18 -32.73
CA GLY C 234 37.28 -11.15 -32.26
C GLY C 234 36.67 -10.83 -30.90
N VAL C 235 37.46 -10.31 -29.96
CA VAL C 235 36.95 -10.07 -28.62
C VAL C 235 35.97 -8.90 -28.65
N LYS C 236 34.81 -9.10 -28.02
CA LYS C 236 33.76 -8.10 -28.05
C LYS C 236 34.11 -6.92 -27.15
N PRO C 237 34.12 -5.69 -27.66
CA PRO C 237 34.25 -4.52 -26.78
C PRO C 237 32.92 -4.18 -26.13
N PRO C 238 32.91 -3.27 -25.16
CA PRO C 238 31.64 -2.92 -24.51
C PRO C 238 30.66 -2.28 -25.48
N ARG C 239 29.55 -2.98 -25.75
CA ARG C 239 28.56 -2.46 -26.68
C ARG C 239 27.96 -1.16 -26.16
N GLY C 240 27.76 -1.05 -24.86
CA GLY C 240 27.23 0.16 -24.26
C GLY C 240 27.89 0.45 -22.94
N ILE C 241 28.01 1.74 -22.64
CA ILE C 241 28.61 2.21 -21.39
C ILE C 241 27.57 3.03 -20.66
N LEU C 242 27.30 2.67 -19.41
CA LEU C 242 26.25 3.31 -18.63
C LEU C 242 26.89 4.32 -17.67
N LEU C 243 27.18 5.50 -18.19
CA LEU C 243 27.59 6.61 -17.35
C LEU C 243 26.46 6.93 -16.38
N TYR C 244 26.82 7.27 -15.15
CA TYR C 244 25.79 7.68 -14.20
C TYR C 244 26.41 8.53 -13.10
N GLY C 245 25.55 9.30 -12.44
CA GLY C 245 25.96 10.19 -11.38
C GLY C 245 24.87 11.21 -11.11
N PRO C 246 25.08 12.06 -10.10
CA PRO C 246 24.08 13.08 -9.80
C PRO C 246 23.91 14.01 -10.99
N PRO C 247 22.72 14.58 -11.16
CA PRO C 247 22.48 15.44 -12.33
C PRO C 247 23.43 16.62 -12.36
N GLY C 248 23.85 16.99 -13.57
CA GLY C 248 24.81 18.06 -13.72
C GLY C 248 26.23 17.69 -13.39
N THR C 249 26.55 16.39 -13.39
CA THR C 249 27.89 15.92 -13.04
C THR C 249 28.84 15.94 -14.23
N GLY C 250 28.34 16.17 -15.44
CA GLY C 250 29.16 16.15 -16.63
C GLY C 250 29.01 14.92 -17.49
N LYS C 251 28.01 14.07 -17.23
CA LYS C 251 27.83 12.87 -18.03
C LYS C 251 27.75 13.20 -19.52
N THR C 252 26.88 14.15 -19.87
CA THR C 252 26.80 14.58 -21.26
C THR C 252 28.13 15.20 -21.71
N LEU C 253 28.76 15.98 -20.82
CA LEU C 253 30.00 16.64 -21.19
C LEU C 253 31.11 15.63 -21.47
N ILE C 254 31.28 14.63 -20.58
CA ILE C 254 32.32 13.65 -20.80
C ILE C 254 32.01 12.78 -22.00
N ALA C 255 30.73 12.45 -22.21
CA ALA C 255 30.37 11.67 -23.39
C ALA C 255 30.71 12.43 -24.66
N ARG C 256 30.36 13.72 -24.73
CA ARG C 256 30.66 14.52 -25.90
C ARG C 256 32.16 14.73 -26.07
N ALA C 257 32.90 14.83 -24.97
CA ALA C 257 34.35 14.97 -25.07
C ALA C 257 34.98 13.71 -25.65
N VAL C 258 34.65 12.54 -25.10
CA VAL C 258 35.21 11.30 -25.61
C VAL C 258 34.71 11.00 -27.02
N ALA C 259 33.59 11.61 -27.43
CA ALA C 259 33.16 11.48 -28.81
C ALA C 259 34.00 12.35 -29.73
N ASN C 260 33.99 13.67 -29.50
CA ASN C 260 34.72 14.58 -30.38
C ASN C 260 36.22 14.34 -30.31
N GLU C 261 36.76 14.13 -29.10
CA GLU C 261 38.20 13.97 -28.96
C GLU C 261 38.72 12.79 -29.77
N THR C 262 37.91 11.73 -29.90
CA THR C 262 38.27 10.57 -30.70
C THR C 262 37.78 10.65 -32.13
N GLY C 263 37.08 11.73 -32.50
CA GLY C 263 36.57 11.87 -33.85
C GLY C 263 35.28 11.13 -34.12
N ALA C 264 34.73 10.42 -33.14
CA ALA C 264 33.49 9.68 -33.35
C ALA C 264 32.31 10.63 -33.46
N PHE C 265 31.39 10.30 -34.37
CA PHE C 265 30.16 11.08 -34.49
C PHE C 265 29.29 10.85 -33.27
N PHE C 266 28.80 11.95 -32.68
CA PHE C 266 28.04 11.92 -31.44
C PHE C 266 26.58 12.21 -31.77
N PHE C 267 25.70 11.25 -31.45
CA PHE C 267 24.27 11.39 -31.69
C PHE C 267 23.55 11.42 -30.34
N LEU C 268 23.03 12.58 -29.97
CA LEU C 268 22.33 12.75 -28.71
C LEU C 268 20.84 12.50 -28.92
N ILE C 269 20.29 11.54 -28.19
CA ILE C 269 18.89 11.15 -28.31
C ILE C 269 18.21 11.30 -26.96
N ASN C 270 18.57 12.36 -26.23
CA ASN C 270 18.07 12.62 -24.88
C ASN C 270 16.61 12.21 -24.74
N GLY C 271 16.32 11.46 -23.67
CA GLY C 271 15.05 10.79 -23.49
C GLY C 271 13.83 11.61 -23.83
N PRO C 272 13.65 12.74 -23.15
CA PRO C 272 12.42 13.53 -23.37
C PRO C 272 12.20 13.91 -24.82
N GLU C 273 13.26 14.11 -25.60
CA GLU C 273 13.08 14.47 -27.01
C GLU C 273 12.36 13.38 -27.79
N ILE C 274 12.45 12.14 -27.34
CA ILE C 274 11.80 11.02 -28.01
C ILE C 274 10.52 10.61 -27.30
N MET C 275 10.51 10.60 -25.98
CA MET C 275 9.32 10.24 -25.23
C MET C 275 8.18 11.22 -25.45
N SER C 276 8.48 12.41 -25.98
CA SER C 276 7.46 13.42 -26.24
C SER C 276 6.74 13.23 -27.56
N LYS C 277 7.19 12.29 -28.40
CA LYS C 277 6.60 12.08 -29.71
C LYS C 277 5.51 11.01 -29.65
N LEU C 278 4.75 10.91 -30.74
CA LEU C 278 3.61 10.01 -30.78
C LEU C 278 4.04 8.57 -30.54
N ALA C 279 3.25 7.85 -29.75
CA ALA C 279 3.52 6.44 -29.50
C ALA C 279 3.56 5.68 -30.82
N GLY C 280 4.56 4.82 -30.96
CA GLY C 280 4.82 4.13 -32.20
C GLY C 280 5.72 4.95 -33.11
N GLU C 281 5.45 6.25 -33.23
CA GLU C 281 6.32 7.13 -33.98
C GLU C 281 7.61 7.43 -33.22
N SER C 282 7.54 7.50 -31.89
CA SER C 282 8.74 7.64 -31.09
C SER C 282 9.62 6.40 -31.19
N GLU C 283 9.00 5.23 -31.27
CA GLU C 283 9.77 4.01 -31.52
C GLU C 283 10.51 4.11 -32.85
N SER C 284 9.82 4.59 -33.88
CA SER C 284 10.47 4.78 -35.17
C SER C 284 11.59 5.80 -35.08
N ASN C 285 11.40 6.86 -34.29
CA ASN C 285 12.44 7.87 -34.14
C ASN C 285 13.68 7.28 -33.50
N LEU C 286 13.51 6.49 -32.44
CA LEU C 286 14.64 5.84 -31.79
C LEU C 286 15.32 4.85 -32.73
N ARG C 287 14.52 4.07 -33.47
CA ARG C 287 15.08 3.11 -34.40
C ARG C 287 15.90 3.81 -35.48
N LYS C 288 15.38 4.89 -36.05
CA LYS C 288 16.12 5.61 -37.07
C LYS C 288 17.31 6.36 -36.50
N ALA C 289 17.28 6.73 -35.22
CA ALA C 289 18.47 7.26 -34.56
C ALA C 289 19.57 6.20 -34.53
N PHE C 290 19.21 4.97 -34.15
CA PHE C 290 20.19 3.89 -34.19
C PHE C 290 20.67 3.62 -35.61
N GLU C 291 19.77 3.69 -36.60
CA GLU C 291 20.18 3.53 -37.99
C GLU C 291 21.15 4.63 -38.41
N GLU C 292 20.90 5.87 -37.99
CA GLU C 292 21.83 6.95 -38.26
C GLU C 292 23.20 6.68 -37.64
N ALA C 293 23.20 6.16 -36.41
CA ALA C 293 24.47 5.80 -35.78
C ALA C 293 25.18 4.71 -36.56
N GLU C 294 24.42 3.74 -37.08
CA GLU C 294 25.02 2.60 -37.75
C GLU C 294 25.52 2.93 -39.15
N LYS C 295 24.85 3.85 -39.86
CA LYS C 295 25.23 4.13 -41.24
C LYS C 295 26.67 4.60 -41.35
N ASN C 296 27.17 5.26 -40.32
CA ASN C 296 28.58 5.61 -40.20
C ASN C 296 29.22 4.82 -39.07
N ALA C 297 30.32 4.14 -39.37
CA ALA C 297 30.89 3.17 -38.42
C ALA C 297 31.31 3.78 -37.10
N PRO C 298 32.12 4.85 -37.05
CA PRO C 298 32.69 5.28 -35.77
C PRO C 298 31.72 6.03 -34.87
N ALA C 299 30.47 6.22 -35.28
CA ALA C 299 29.54 7.02 -34.51
C ALA C 299 29.21 6.36 -33.18
N ILE C 300 28.87 7.19 -32.19
CA ILE C 300 28.37 6.72 -30.91
C ILE C 300 27.06 7.44 -30.61
N ILE C 301 26.13 6.71 -30.01
CA ILE C 301 24.81 7.24 -29.66
C ILE C 301 24.73 7.35 -28.15
N PHE C 302 24.37 8.53 -27.66
CA PHE C 302 24.33 8.82 -26.23
C PHE C 302 22.88 9.03 -25.82
N ILE C 303 22.43 8.26 -24.84
CA ILE C 303 21.05 8.29 -24.36
C ILE C 303 21.05 9.06 -23.05
N ASP C 304 20.68 10.34 -23.11
CA ASP C 304 20.62 11.15 -21.91
C ASP C 304 19.28 10.93 -21.20
N GLU C 305 19.31 11.01 -19.86
CA GLU C 305 18.13 10.81 -19.04
C GLU C 305 17.48 9.45 -19.35
N LEU C 306 18.28 8.39 -19.27
CA LEU C 306 17.78 7.06 -19.52
C LEU C 306 16.74 6.63 -18.49
N ASP C 307 16.68 7.31 -17.34
CA ASP C 307 15.64 7.01 -16.36
C ASP C 307 14.25 7.17 -16.96
N ALA C 308 14.03 8.26 -17.69
CA ALA C 308 12.74 8.48 -18.32
C ALA C 308 12.46 7.42 -19.37
N ILE C 309 13.45 7.08 -20.19
CA ILE C 309 13.24 6.12 -21.27
C ILE C 309 12.96 4.74 -20.71
N ALA C 310 13.78 4.28 -19.77
CA ALA C 310 13.70 2.91 -19.26
C ALA C 310 13.79 2.91 -17.74
N PRO C 311 12.72 3.27 -17.06
CA PRO C 311 12.68 3.09 -15.60
C PRO C 311 12.37 1.64 -15.23
N LYS C 312 12.16 1.37 -13.95
CA LYS C 312 11.88 0.00 -13.52
C LYS C 312 10.69 -0.56 -14.28
N ARG C 313 10.83 -1.79 -14.79
CA ARG C 313 9.82 -2.35 -15.69
C ARG C 313 8.47 -2.45 -14.99
N GLU C 314 8.44 -3.02 -13.78
CA GLU C 314 7.17 -3.20 -13.08
C GLU C 314 6.60 -1.89 -12.57
N LYS C 315 7.39 -0.83 -12.51
CA LYS C 315 6.91 0.48 -12.07
C LYS C 315 6.41 1.34 -13.21
N THR C 316 6.57 0.91 -14.46
CA THR C 316 5.98 1.63 -15.58
C THR C 316 4.47 1.43 -15.61
N HIS C 317 3.78 2.40 -16.20
CA HIS C 317 2.33 2.30 -16.33
C HIS C 317 1.93 1.44 -17.51
N GLY C 318 2.30 1.86 -18.73
CA GLY C 318 1.99 1.08 -19.90
C GLY C 318 2.20 1.87 -21.16
N GLU C 319 1.94 1.20 -22.28
CA GLU C 319 2.14 1.76 -23.60
C GLU C 319 3.59 2.26 -23.72
N VAL C 320 3.77 3.57 -23.97
CA VAL C 320 5.07 4.07 -24.39
C VAL C 320 6.15 3.67 -23.39
N GLU C 321 5.88 3.84 -22.10
CA GLU C 321 6.92 3.63 -21.09
C GLU C 321 7.52 2.24 -21.17
N ARG C 322 6.78 1.27 -21.70
CA ARG C 322 7.35 -0.04 -21.98
C ARG C 322 7.54 -0.30 -23.46
N ARG C 323 6.70 0.29 -24.33
CA ARG C 323 6.88 0.11 -25.75
C ARG C 323 8.28 0.56 -26.18
N ILE C 324 8.76 1.66 -25.61
CA ILE C 324 10.11 2.11 -25.90
C ILE C 324 11.12 1.10 -25.37
N VAL C 325 10.92 0.64 -24.13
CA VAL C 325 11.96 -0.17 -23.48
C VAL C 325 12.26 -1.41 -24.29
N SER C 326 11.21 -2.18 -24.62
CA SER C 326 11.42 -3.31 -25.52
C SER C 326 12.01 -2.85 -26.83
N GLN C 327 11.43 -1.80 -27.43
CA GLN C 327 11.99 -1.25 -28.66
C GLN C 327 13.44 -0.85 -28.45
N LEU C 328 13.79 -0.39 -27.25
CA LEU C 328 15.18 -0.09 -26.95
C LEU C 328 15.99 -1.37 -26.84
N LEU C 329 15.47 -2.34 -26.08
CA LEU C 329 16.23 -3.56 -25.85
C LEU C 329 16.54 -4.27 -27.16
N THR C 330 15.52 -4.48 -28.00
CA THR C 330 15.74 -5.14 -29.28
C THR C 330 16.74 -4.38 -30.14
N LEU C 331 16.93 -3.08 -29.90
CA LEU C 331 17.96 -2.32 -30.57
C LEU C 331 19.24 -2.21 -29.76
N MET C 332 19.15 -2.28 -28.43
CA MET C 332 20.35 -2.17 -27.61
C MET C 332 21.29 -3.34 -27.85
N ASP C 333 20.75 -4.57 -27.90
CA ASP C 333 21.54 -5.75 -28.17
C ASP C 333 21.35 -6.26 -29.59
N GLY C 334 20.39 -5.71 -30.34
CA GLY C 334 20.24 -6.11 -31.74
C GLY C 334 21.47 -5.79 -32.57
N LEU C 335 22.17 -4.71 -32.25
CA LEU C 335 23.39 -4.38 -32.95
C LEU C 335 24.40 -5.51 -32.80
N LYS C 336 25.10 -5.82 -33.89
CA LYS C 336 26.04 -6.94 -33.92
C LYS C 336 27.41 -6.56 -33.39
N GLN C 337 27.66 -5.27 -33.13
CA GLN C 337 28.94 -4.77 -32.61
C GLN C 337 30.03 -4.79 -33.67
N ARG C 338 29.75 -5.36 -34.84
CA ARG C 338 30.64 -5.24 -35.98
C ARG C 338 30.41 -3.97 -36.77
N ALA C 339 29.33 -3.24 -36.48
CA ALA C 339 29.10 -1.93 -37.08
C ALA C 339 29.85 -0.83 -36.37
N HIS C 340 30.48 -1.11 -35.23
CA HIS C 340 31.30 -0.15 -34.50
C HIS C 340 30.47 0.95 -33.86
N VAL C 341 29.23 0.65 -33.48
CA VAL C 341 28.35 1.60 -32.81
C VAL C 341 28.41 1.34 -31.31
N ILE C 342 28.59 2.40 -30.54
CA ILE C 342 28.67 2.33 -29.09
C ILE C 342 27.53 3.16 -28.52
N VAL C 343 26.75 2.53 -27.62
CA VAL C 343 25.59 3.16 -27.03
C VAL C 343 25.91 3.57 -25.59
N MET C 344 26.35 4.80 -25.40
CA MET C 344 26.55 5.34 -24.07
C MET C 344 25.22 5.79 -23.50
N ALA C 345 25.11 5.78 -22.17
CA ALA C 345 23.87 6.18 -21.51
C ALA C 345 24.21 6.98 -20.27
N ALA C 346 23.28 7.87 -19.89
CA ALA C 346 23.40 8.67 -18.68
C ALA C 346 22.18 8.40 -17.79
N THR C 347 22.43 8.10 -16.53
CA THR C 347 21.37 7.84 -15.57
C THR C 347 21.83 8.30 -14.21
N ASN C 348 20.95 8.15 -13.22
CA ASN C 348 21.21 8.55 -11.85
C ASN C 348 21.07 7.32 -10.96
N ARG C 349 22.20 6.78 -10.51
CA ARG C 349 22.17 5.63 -9.61
C ARG C 349 21.33 4.52 -10.23
N PRO C 350 21.89 3.77 -11.20
CA PRO C 350 21.05 2.96 -12.10
C PRO C 350 20.16 1.93 -11.44
N ASN C 351 20.16 1.86 -10.10
CA ASN C 351 19.14 1.06 -9.41
C ASN C 351 17.73 1.44 -9.85
N SER C 352 17.55 2.63 -10.43
CA SER C 352 16.24 3.09 -10.88
C SER C 352 15.88 2.64 -12.28
N ILE C 353 16.87 2.45 -13.17
CA ILE C 353 16.57 2.09 -14.56
C ILE C 353 16.14 0.63 -14.61
N ASP C 354 15.61 0.20 -15.75
CA ASP C 354 15.10 -1.15 -15.88
C ASP C 354 16.23 -2.15 -15.62
N PRO C 355 16.03 -3.12 -14.72
CA PRO C 355 17.06 -4.14 -14.53
C PRO C 355 17.41 -4.91 -15.79
N ALA C 356 16.46 -5.03 -16.72
CA ALA C 356 16.73 -5.76 -17.96
C ALA C 356 17.87 -5.12 -18.75
N LEU C 357 18.01 -3.79 -18.66
CA LEU C 357 19.09 -3.11 -19.36
C LEU C 357 20.44 -3.35 -18.69
N ARG C 358 20.45 -3.84 -17.45
CA ARG C 358 21.70 -4.08 -16.74
C ARG C 358 22.39 -5.35 -17.19
N ARG C 359 21.74 -6.18 -18.00
CA ARG C 359 22.36 -7.41 -18.48
C ARG C 359 23.60 -7.10 -19.31
N PHE C 360 24.34 -8.14 -19.62
CA PHE C 360 25.58 -8.01 -20.40
C PHE C 360 25.31 -8.22 -21.88
N GLY C 361 26.16 -7.60 -22.70
CA GLY C 361 25.91 -7.47 -24.11
C GLY C 361 25.15 -6.22 -24.49
N ARG C 362 24.57 -5.51 -23.51
CA ARG C 362 23.92 -4.24 -23.73
C ARG C 362 24.54 -3.12 -22.91
N PHE C 363 24.67 -3.29 -21.59
CA PHE C 363 25.35 -2.35 -20.70
C PHE C 363 26.22 -3.18 -19.77
N ASP C 364 27.46 -3.45 -20.20
CA ASP C 364 28.38 -4.29 -19.44
C ASP C 364 29.41 -3.49 -18.65
N ARG C 365 29.38 -2.16 -18.73
CA ARG C 365 30.33 -1.34 -17.99
C ARG C 365 29.62 -0.06 -17.56
N GLU C 366 29.70 0.24 -16.27
CA GLU C 366 28.81 1.21 -15.61
C GLU C 366 29.60 2.16 -14.71
N VAL C 367 30.60 2.82 -15.27
CA VAL C 367 31.46 3.72 -14.51
C VAL C 367 30.62 4.73 -13.74
N ASP C 368 31.09 5.13 -12.56
CA ASP C 368 30.39 6.06 -11.69
C ASP C 368 31.18 7.37 -11.67
N ILE C 369 30.62 8.43 -12.25
CA ILE C 369 31.31 9.70 -12.29
C ILE C 369 31.39 10.31 -10.89
N GLY C 370 30.28 10.32 -10.17
CA GLY C 370 30.25 10.89 -8.83
C GLY C 370 30.49 12.38 -8.82
N ILE C 371 30.19 13.02 -7.70
CA ILE C 371 30.39 14.46 -7.56
C ILE C 371 31.88 14.75 -7.49
N PRO C 372 32.34 15.90 -8.00
CA PRO C 372 33.76 16.24 -7.87
C PRO C 372 34.18 16.32 -6.41
N ASP C 373 35.42 15.92 -6.14
CA ASP C 373 35.97 15.95 -4.79
C ASP C 373 36.48 17.37 -4.49
N ALA C 374 37.19 17.51 -3.37
CA ALA C 374 37.65 18.83 -2.94
C ALA C 374 38.62 19.44 -3.95
N THR C 375 39.62 18.67 -4.38
CA THR C 375 40.61 19.17 -5.33
C THR C 375 40.14 19.10 -6.77
N GLY C 376 39.06 18.38 -7.05
CA GLY C 376 38.51 18.39 -8.39
C GLY C 376 37.70 19.64 -8.70
N ARG C 377 37.03 20.19 -7.69
CA ARG C 377 36.31 21.44 -7.88
C ARG C 377 37.26 22.59 -8.20
N LEU C 378 38.50 22.52 -7.69
CA LEU C 378 39.50 23.51 -8.07
C LEU C 378 39.76 23.48 -9.57
N GLU C 379 39.94 22.29 -10.13
CA GLU C 379 40.17 22.19 -11.57
C GLU C 379 38.93 22.60 -12.35
N ILE C 380 37.75 22.24 -11.86
CA ILE C 380 36.52 22.64 -12.54
C ILE C 380 36.40 24.17 -12.59
N LEU C 381 36.70 24.82 -11.46
CA LEU C 381 36.68 26.28 -11.44
C LEU C 381 37.73 26.86 -12.37
N GLN C 382 38.92 26.26 -12.39
CA GLN C 382 39.98 26.77 -13.26
C GLN C 382 39.56 26.71 -14.73
N ILE C 383 38.96 25.60 -15.15
CA ILE C 383 38.54 25.47 -16.54
C ILE C 383 37.36 26.37 -16.85
N HIS C 384 36.38 26.45 -15.93
CA HIS C 384 35.24 27.33 -16.15
C HIS C 384 35.61 28.80 -15.99
N THR C 385 36.45 29.14 -15.01
CA THR C 385 36.97 30.49 -14.87
C THR C 385 38.21 30.70 -15.74
N LYS C 386 38.11 30.36 -17.03
CA LYS C 386 39.18 30.60 -17.97
C LYS C 386 39.04 31.98 -18.61
N ASN C 387 37.85 32.27 -19.14
CA ASN C 387 37.63 33.50 -19.88
C ASN C 387 37.12 34.65 -19.01
N MET C 388 36.80 34.40 -17.74
CA MET C 388 36.30 35.47 -16.90
C MET C 388 37.32 36.57 -16.65
N LYS C 389 38.60 36.30 -16.90
CA LYS C 389 39.67 37.22 -16.55
C LYS C 389 39.62 37.51 -15.05
N LEU C 390 39.76 36.45 -14.25
CA LEU C 390 39.65 36.57 -12.81
C LEU C 390 40.78 37.46 -12.27
N ALA C 391 40.44 38.22 -11.24
CA ALA C 391 41.40 39.15 -10.64
C ALA C 391 42.54 38.36 -9.99
N ASP C 392 43.53 39.07 -9.48
CA ASP C 392 44.68 38.44 -8.83
C ASP C 392 44.38 38.04 -7.39
N ASP C 393 43.56 38.82 -6.69
CA ASP C 393 43.27 38.55 -5.29
C ASP C 393 42.45 37.27 -5.10
N VAL C 394 41.81 36.76 -6.14
CA VAL C 394 41.03 35.53 -6.06
C VAL C 394 41.97 34.35 -6.24
N ASP C 395 41.69 33.27 -5.50
CA ASP C 395 42.55 32.09 -5.47
C ASP C 395 41.96 30.86 -6.12
N LEU C 396 40.64 30.67 -6.02
CA LEU C 396 39.88 29.54 -6.57
C LEU C 396 40.09 28.25 -5.79
N GLU C 397 41.00 28.23 -4.81
CA GLU C 397 41.16 27.06 -3.95
C GLU C 397 40.30 27.17 -2.68
N GLN C 398 40.16 28.37 -2.12
CA GLN C 398 39.21 28.57 -1.03
C GLN C 398 37.78 28.34 -1.52
N VAL C 399 37.47 28.82 -2.73
CA VAL C 399 36.14 28.64 -3.28
C VAL C 399 35.85 27.15 -3.47
N ALA C 400 36.82 26.41 -4.01
CA ALA C 400 36.62 24.98 -4.23
C ALA C 400 36.41 24.25 -2.91
N ASN C 401 37.22 24.57 -1.90
CA ASN C 401 37.08 23.93 -0.59
C ASN C 401 35.73 24.25 0.04
N GLU C 402 35.30 25.51 -0.06
CA GLU C 402 34.03 25.90 0.55
C GLU C 402 32.83 25.31 -0.19
N THR C 403 32.96 25.05 -1.49
CA THR C 403 31.86 24.51 -2.29
C THR C 403 31.80 23.00 -2.09
N HIS C 404 31.55 22.59 -0.85
CA HIS C 404 31.44 21.18 -0.53
C HIS C 404 30.04 20.68 -0.91
N GLY C 405 30.00 19.62 -1.70
CA GLY C 405 28.77 19.07 -2.21
C GLY C 405 28.34 19.64 -3.55
N HIS C 406 28.90 20.76 -3.97
CA HIS C 406 28.57 21.32 -5.27
C HIS C 406 28.98 20.34 -6.37
N VAL C 407 28.08 20.13 -7.32
CA VAL C 407 28.38 19.32 -8.49
C VAL C 407 28.94 20.25 -9.56
N GLY C 408 29.56 19.68 -10.60
CA GLY C 408 30.15 20.51 -11.64
C GLY C 408 29.18 21.53 -12.21
N ALA C 409 27.90 21.15 -12.31
CA ALA C 409 26.89 22.10 -12.76
C ALA C 409 26.77 23.26 -11.77
N ASP C 410 26.85 22.97 -10.47
CA ASP C 410 26.84 24.04 -9.48
C ASP C 410 28.07 24.93 -9.62
N LEU C 411 29.23 24.34 -9.94
CA LEU C 411 30.42 25.15 -10.16
C LEU C 411 30.24 26.08 -11.35
N ALA C 412 29.66 25.58 -12.44
CA ALA C 412 29.39 26.43 -13.59
C ALA C 412 28.40 27.52 -13.24
N ALA C 413 27.38 27.20 -12.45
CA ALA C 413 26.40 28.20 -12.05
C ALA C 413 27.04 29.28 -11.18
N LEU C 414 27.94 28.87 -10.27
CA LEU C 414 28.65 29.84 -9.44
C LEU C 414 29.55 30.73 -10.30
N CYS C 415 30.23 30.13 -11.28
CA CYS C 415 31.01 30.90 -12.24
C CYS C 415 30.16 31.95 -12.92
N SER C 416 29.01 31.54 -13.46
CA SER C 416 28.15 32.48 -14.18
C SER C 416 27.60 33.54 -13.24
N GLU C 417 27.26 33.17 -12.01
CA GLU C 417 26.74 34.15 -11.06
C GLU C 417 27.79 35.19 -10.70
N ALA C 418 29.04 34.78 -10.49
CA ALA C 418 30.10 35.73 -10.23
C ALA C 418 30.29 36.67 -11.41
N ALA C 419 30.29 36.12 -12.63
CA ALA C 419 30.42 36.97 -13.81
C ALA C 419 29.27 37.96 -13.91
N LEU C 420 28.04 37.51 -13.65
CA LEU C 420 26.88 38.38 -13.75
C LEU C 420 26.93 39.47 -12.69
N GLN C 421 27.39 39.15 -11.49
CA GLN C 421 27.52 40.18 -10.47
C GLN C 421 28.58 41.19 -10.84
N ALA C 422 29.70 40.73 -11.41
CA ALA C 422 30.72 41.67 -11.84
C ALA C 422 30.19 42.60 -12.92
N ILE C 423 29.43 42.06 -13.88
CA ILE C 423 28.75 42.93 -14.85
C ILE C 423 27.81 43.89 -14.15
N ARG C 424 27.09 43.39 -13.14
CA ARG C 424 26.04 44.15 -12.48
C ARG C 424 26.57 45.13 -11.47
N LYS C 425 27.80 44.95 -10.98
CA LYS C 425 28.48 45.96 -10.19
C LYS C 425 29.24 46.96 -11.05
N LYS C 426 29.22 46.77 -12.37
CA LYS C 426 29.81 47.70 -13.31
C LYS C 426 28.80 48.18 -14.35
N MET C 427 27.52 47.90 -14.16
CA MET C 427 26.52 48.39 -15.10
C MET C 427 26.46 49.91 -15.12
N ASP C 428 26.91 50.55 -14.04
CA ASP C 428 26.90 52.01 -14.00
C ASP C 428 27.80 52.60 -15.07
N LEU C 429 29.00 52.04 -15.24
CA LEU C 429 29.95 52.51 -16.24
C LEU C 429 30.01 51.61 -17.47
N ILE C 430 29.05 50.69 -17.62
CA ILE C 430 28.97 49.83 -18.79
C ILE C 430 27.84 50.27 -19.72
N ASP C 431 26.78 50.86 -19.17
CA ASP C 431 25.65 51.35 -19.95
C ASP C 431 25.79 52.83 -20.31
N LEU C 432 27.02 53.33 -20.43
CA LEU C 432 27.24 54.73 -20.79
C LEU C 432 26.67 55.04 -22.17
N GLU C 433 26.86 54.14 -23.13
CA GLU C 433 26.35 54.24 -24.48
C GLU C 433 25.02 53.47 -24.51
N ASP C 434 24.47 53.25 -25.69
CA ASP C 434 23.21 52.52 -25.79
C ASP C 434 23.41 51.08 -25.37
N GLU C 435 23.36 50.84 -24.06
CA GLU C 435 23.62 49.51 -23.46
C GLU C 435 25.08 49.17 -23.76
N THR C 436 25.39 47.92 -24.10
CA THR C 436 26.77 47.49 -24.28
C THR C 436 27.19 47.67 -25.73
N ILE C 437 28.40 48.19 -25.92
CA ILE C 437 29.02 48.28 -27.24
C ILE C 437 30.14 47.24 -27.39
N ASP C 438 30.10 46.16 -26.60
CA ASP C 438 31.17 45.18 -26.60
C ASP C 438 32.47 45.83 -26.14
N ALA C 439 33.39 46.12 -27.06
CA ALA C 439 34.53 46.97 -26.75
C ALA C 439 35.47 46.36 -25.72
N GLU C 440 36.59 47.04 -25.48
CA GLU C 440 37.61 46.53 -24.57
C GLU C 440 37.11 46.47 -23.12
N VAL C 441 36.04 47.22 -22.82
CA VAL C 441 35.56 47.38 -21.45
C VAL C 441 35.36 46.02 -20.77
N MET C 442 35.13 44.98 -21.56
CA MET C 442 34.83 43.66 -21.03
C MET C 442 35.99 43.12 -20.19
N ASN C 443 37.21 43.57 -20.46
CA ASN C 443 38.36 43.10 -19.69
C ASN C 443 38.39 43.70 -18.28
N SER C 444 37.65 44.79 -18.07
CA SER C 444 37.78 45.53 -16.82
C SER C 444 37.06 44.82 -15.67
N LEU C 445 36.16 43.88 -15.98
CA LEU C 445 35.35 43.22 -14.95
C LEU C 445 36.20 42.75 -13.77
N ALA C 446 37.15 41.85 -14.01
CA ALA C 446 38.06 41.44 -12.95
C ALA C 446 37.30 40.90 -11.74
N VAL C 447 36.68 39.73 -11.90
CA VAL C 447 35.81 39.20 -10.84
C VAL C 447 36.65 38.85 -9.63
N THR C 448 36.60 39.71 -8.61
CA THR C 448 37.39 39.52 -7.40
C THR C 448 36.74 38.47 -6.50
N MET C 449 37.43 38.08 -5.42
CA MET C 449 36.86 37.15 -4.47
C MET C 449 35.52 37.67 -3.93
N ASP C 450 35.42 38.98 -3.73
CA ASP C 450 34.22 39.55 -3.12
C ASP C 450 32.95 39.16 -3.87
N ASP C 451 33.05 38.88 -5.17
CA ASP C 451 31.89 38.43 -5.94
C ASP C 451 31.71 36.91 -5.85
N PHE C 452 32.81 36.15 -5.86
CA PHE C 452 32.69 34.72 -5.67
C PHE C 452 32.01 34.41 -4.34
N ARG C 453 32.52 34.96 -3.24
CA ARG C 453 31.87 34.82 -1.94
C ARG C 453 30.35 34.91 -2.04
N TRP C 454 29.86 35.97 -2.70
CA TRP C 454 28.42 36.14 -2.86
C TRP C 454 27.81 34.97 -3.63
N ALA C 455 28.41 34.64 -4.78
CA ALA C 455 27.84 33.57 -5.61
C ALA C 455 27.79 32.25 -4.87
N LEU C 456 28.87 31.93 -4.15
CA LEU C 456 28.93 30.70 -3.36
C LEU C 456 27.87 30.71 -2.28
N SER C 457 27.69 31.84 -1.59
CA SER C 457 26.69 31.93 -0.54
C SER C 457 25.26 31.96 -1.08
N GLN C 458 25.07 32.21 -2.37
CA GLN C 458 23.75 32.31 -2.97
C GLN C 458 23.49 31.17 -3.95
N SER C 459 24.14 30.02 -3.73
CA SER C 459 23.94 28.83 -4.56
C SER C 459 23.74 27.63 -3.66
N ASN C 460 22.74 26.81 -3.97
CA ASN C 460 22.41 25.64 -3.18
C ASN C 460 23.09 24.41 -3.77
N PRO C 461 23.92 23.68 -3.03
CA PRO C 461 24.49 22.45 -3.57
C PRO C 461 23.43 21.51 -4.14
N SER C 462 23.68 20.99 -5.33
CA SER C 462 22.74 20.07 -5.96
C SER C 462 22.72 18.73 -5.25
N ALA C 463 23.90 18.16 -5.00
CA ALA C 463 24.04 16.83 -4.42
C ALA C 463 24.79 16.96 -3.10
N LEU C 464 24.06 17.21 -2.02
CA LEU C 464 24.62 17.31 -0.68
C LEU C 464 24.26 16.13 0.20
N ARG C 465 23.42 15.22 -0.29
CA ARG C 465 22.94 14.07 0.48
C ARG C 465 23.29 12.77 -0.22
N GLU C 466 24.47 12.75 -0.86
CA GLU C 466 24.98 11.57 -1.55
C GLU C 466 26.34 11.22 -0.99
N THR C 467 26.56 9.95 -0.68
CA THR C 467 27.86 9.50 -0.18
C THR C 467 28.94 9.89 -1.17
N VAL C 468 29.85 10.76 -0.76
CA VAL C 468 30.86 11.31 -1.64
C VAL C 468 32.09 10.41 -1.61
N VAL C 469 32.52 9.96 -2.79
CA VAL C 469 33.74 9.18 -2.93
C VAL C 469 34.88 10.15 -3.22
N GLU C 470 35.91 10.14 -2.38
CA GLU C 470 37.00 11.09 -2.53
C GLU C 470 38.27 10.49 -1.94
N VAL C 471 39.40 11.03 -2.37
CA VAL C 471 40.69 10.69 -1.80
C VAL C 471 41.03 11.75 -0.75
N PRO C 472 40.88 11.46 0.55
CA PRO C 472 41.08 12.51 1.55
C PRO C 472 42.51 13.01 1.56
N GLN C 473 42.66 14.29 1.89
CA GLN C 473 43.95 14.98 1.86
C GLN C 473 44.53 15.19 3.24
N VAL C 474 44.27 14.26 4.16
CA VAL C 474 44.88 14.27 5.49
C VAL C 474 46.00 13.24 5.47
N THR C 475 47.24 13.71 5.47
CA THR C 475 48.39 12.84 5.34
C THR C 475 48.73 12.19 6.67
N TRP C 476 49.75 11.32 6.64
CA TRP C 476 50.20 10.68 7.87
C TRP C 476 50.69 11.69 8.89
N GLU C 477 51.25 12.81 8.43
CA GLU C 477 51.82 13.79 9.34
C GLU C 477 50.76 14.38 10.26
N ASP C 478 49.55 14.61 9.73
CA ASP C 478 48.51 15.25 10.54
C ASP C 478 48.21 14.43 11.79
N ILE C 479 48.14 13.11 11.66
CA ILE C 479 47.81 12.24 12.79
C ILE C 479 49.12 11.92 13.50
N GLY C 480 49.47 12.76 14.47
CA GLY C 480 50.62 12.51 15.31
C GLY C 480 50.29 11.58 16.46
N GLY C 481 51.32 11.21 17.20
CA GLY C 481 51.10 10.41 18.38
C GLY C 481 51.06 8.92 18.09
N LEU C 482 49.87 8.38 17.91
CA LEU C 482 49.70 6.96 17.62
C LEU C 482 50.66 6.55 16.53
N GLU C 483 51.62 5.68 16.86
CA GLU C 483 52.67 5.27 15.95
C GLU C 483 52.66 3.77 15.68
N ASP C 484 52.55 2.96 16.73
CA ASP C 484 52.42 1.52 16.52
C ASP C 484 51.23 1.20 15.62
N VAL C 485 50.16 1.98 15.73
CA VAL C 485 48.99 1.79 14.86
C VAL C 485 49.21 2.37 13.48
N LYS C 486 50.09 3.36 13.32
CA LYS C 486 50.43 3.84 11.99
C LYS C 486 51.28 2.83 11.23
N ARG C 487 51.97 1.93 11.92
CA ARG C 487 52.73 0.86 11.30
C ARG C 487 52.01 -0.47 11.34
N GLU C 488 51.15 -0.71 12.34
CA GLU C 488 50.30 -1.88 12.37
C GLU C 488 49.10 -1.73 11.44
N LEU C 489 48.80 -0.52 11.00
CA LEU C 489 47.77 -0.29 9.99
C LEU C 489 48.34 -0.10 8.59
N GLN C 490 49.51 0.52 8.46
CA GLN C 490 50.18 0.57 7.16
C GLN C 490 50.49 -0.83 6.65
N GLU C 491 50.76 -1.77 7.55
CA GLU C 491 51.07 -3.13 7.14
C GLU C 491 49.90 -3.75 6.37
N LEU C 492 48.76 -3.91 7.04
CA LEU C 492 47.63 -4.62 6.42
C LEU C 492 47.23 -4.02 5.08
N VAL C 493 47.41 -2.71 4.90
CA VAL C 493 46.94 -2.03 3.70
C VAL C 493 47.98 -2.05 2.60
N GLN C 494 49.22 -1.73 2.93
CA GLN C 494 50.25 -1.50 1.90
C GLN C 494 51.11 -2.72 1.60
N TYR C 495 51.14 -3.73 2.48
CA TYR C 495 51.94 -4.92 2.19
C TYR C 495 51.26 -5.81 1.16
N PRO C 496 49.98 -6.16 1.28
CA PRO C 496 49.37 -7.06 0.29
C PRO C 496 49.11 -6.41 -1.06
N VAL C 497 49.46 -5.14 -1.23
CA VAL C 497 49.38 -4.47 -2.52
C VAL C 497 50.77 -4.28 -3.12
N GLU C 498 51.76 -3.92 -2.30
CA GLU C 498 53.10 -3.67 -2.80
C GLU C 498 53.82 -4.97 -3.17
N HIS C 499 53.70 -6.01 -2.33
CA HIS C 499 54.32 -7.30 -2.57
C HIS C 499 53.29 -8.40 -2.39
N PRO C 500 52.31 -8.49 -3.29
CA PRO C 500 51.34 -9.59 -3.20
C PRO C 500 51.95 -10.96 -3.46
N ASP C 501 53.11 -11.03 -4.09
CA ASP C 501 53.72 -12.31 -4.41
C ASP C 501 54.04 -13.11 -3.13
N LYS C 502 54.54 -12.43 -2.10
CA LYS C 502 54.83 -13.12 -0.85
C LYS C 502 53.57 -13.67 -0.22
N PHE C 503 52.49 -12.89 -0.23
CA PHE C 503 51.26 -13.31 0.45
C PHE C 503 50.65 -14.56 -0.17
N LEU C 504 50.81 -14.76 -1.48
CA LEU C 504 50.33 -15.97 -2.14
C LEU C 504 51.32 -17.12 -2.03
N LYS C 505 52.47 -16.91 -1.39
CA LYS C 505 53.44 -17.95 -1.12
C LYS C 505 53.23 -18.62 0.23
N PHE C 506 53.16 -17.83 1.30
CA PHE C 506 52.90 -18.37 2.63
C PHE C 506 51.46 -18.86 2.79
N GLY C 507 50.55 -18.47 1.89
CA GLY C 507 49.21 -19.02 1.87
C GLY C 507 48.16 -18.19 2.58
N MET C 508 48.56 -17.27 3.45
CA MET C 508 47.57 -16.45 4.16
C MET C 508 46.83 -15.54 3.20
N THR C 509 45.54 -15.39 3.43
CA THR C 509 44.74 -14.43 2.68
C THR C 509 44.77 -13.07 3.40
N PRO C 510 45.07 -11.97 2.71
CA PRO C 510 45.13 -10.68 3.40
C PRO C 510 43.82 -10.34 4.09
N SER C 511 43.92 -9.73 5.26
CA SER C 511 42.76 -9.42 6.08
C SER C 511 42.09 -8.15 5.56
N LYS C 512 40.95 -8.31 4.89
CA LYS C 512 40.19 -7.16 4.39
C LYS C 512 39.16 -6.74 5.43
N GLY C 513 39.68 -6.37 6.59
CA GLY C 513 38.81 -5.91 7.66
C GLY C 513 39.59 -5.43 8.88
N VAL C 514 39.22 -4.24 9.37
CA VAL C 514 39.87 -3.65 10.54
C VAL C 514 38.86 -2.76 11.24
N LEU C 515 38.65 -2.99 12.53
CA LEU C 515 37.80 -2.12 13.33
C LEU C 515 38.64 -1.49 14.42
N PHE C 516 38.53 -0.17 14.57
CA PHE C 516 39.27 0.56 15.59
C PHE C 516 38.35 0.76 16.79
N TYR C 517 38.76 0.25 17.94
CA TYR C 517 38.02 0.40 19.19
C TYR C 517 38.90 1.14 20.19
N GLY C 518 38.33 2.17 20.81
CA GLY C 518 39.06 2.99 21.74
C GLY C 518 38.20 4.10 22.29
N PRO C 519 38.81 5.03 23.02
CA PRO C 519 38.03 6.14 23.58
C PRO C 519 37.43 6.97 22.47
N PRO C 520 36.25 7.53 22.70
CA PRO C 520 35.61 8.34 21.64
C PRO C 520 36.48 9.53 21.27
N GLY C 521 36.48 9.85 19.98
CA GLY C 521 37.27 10.96 19.50
C GLY C 521 38.75 10.79 19.74
N CYS C 522 39.37 9.81 19.06
CA CYS C 522 40.79 9.55 19.24
C CYS C 522 41.51 9.31 17.90
N GLY C 523 40.92 9.73 16.79
CA GLY C 523 41.57 9.65 15.50
C GLY C 523 41.19 8.48 14.62
N LYS C 524 40.16 7.72 14.98
CA LYS C 524 39.75 6.60 14.13
C LYS C 524 39.41 7.08 12.72
N THR C 525 38.56 8.10 12.62
CA THR C 525 38.26 8.67 11.31
C THR C 525 39.52 9.23 10.66
N LEU C 526 40.36 9.90 11.44
CA LEU C 526 41.60 10.46 10.91
C LEU C 526 42.53 9.36 10.42
N LEU C 527 42.65 8.26 11.17
CA LEU C 527 43.50 7.16 10.74
C LEU C 527 42.97 6.53 9.46
N ALA C 528 41.66 6.32 9.37
CA ALA C 528 41.10 5.76 8.15
C ALA C 528 41.33 6.67 6.95
N LYS C 529 41.14 7.98 7.15
CA LYS C 529 41.37 8.93 6.07
C LYS C 529 42.84 8.94 5.65
N ALA C 530 43.76 8.85 6.62
CA ALA C 530 45.17 8.80 6.28
C ALA C 530 45.51 7.53 5.49
N ILE C 531 44.91 6.40 5.88
CA ILE C 531 45.11 5.16 5.13
C ILE C 531 44.63 5.35 3.70
N ALA C 532 43.46 5.96 3.52
CA ALA C 532 42.96 6.24 2.19
C ALA C 532 43.94 7.12 1.42
N ASN C 533 44.48 8.15 2.09
CA ASN C 533 45.38 9.08 1.43
C ASN C 533 46.65 8.38 0.95
N GLU C 534 47.20 7.49 1.79
CA GLU C 534 48.51 6.90 1.46
C GLU C 534 48.47 6.15 0.14
N CYS C 535 47.55 5.18 0.02
CA CYS C 535 47.43 4.42 -1.22
C CYS C 535 46.36 5.01 -2.13
N GLN C 536 46.39 6.32 -2.30
CA GLN C 536 45.56 7.05 -3.26
C GLN C 536 44.18 6.41 -3.44
N ALA C 537 43.50 6.14 -2.33
CA ALA C 537 42.29 5.33 -2.33
C ALA C 537 41.07 6.17 -1.94
N ASN C 538 39.94 5.84 -2.54
CA ASN C 538 38.69 6.49 -2.18
C ASN C 538 38.31 6.15 -0.74
N PHE C 539 37.56 7.05 -0.12
CA PHE C 539 37.20 6.94 1.30
C PHE C 539 35.72 7.26 1.46
N ILE C 540 34.91 6.21 1.59
CA ILE C 540 33.47 6.34 1.78
C ILE C 540 33.20 6.13 3.26
N SER C 541 32.85 7.19 3.97
CA SER C 541 32.51 7.14 5.38
C SER C 541 31.00 7.16 5.53
N ILE C 542 30.44 6.07 6.06
CA ILE C 542 29.03 6.03 6.43
C ILE C 542 28.94 6.21 7.94
N LYS C 543 28.79 7.45 8.38
CA LYS C 543 28.80 7.76 9.80
C LYS C 543 27.64 7.07 10.51
N GLY C 544 27.74 7.03 11.83
CA GLY C 544 26.75 6.38 12.66
C GLY C 544 25.34 6.90 12.45
N PRO C 545 25.19 8.21 12.34
CA PRO C 545 23.85 8.77 12.05
C PRO C 545 23.24 8.23 10.78
N GLU C 546 24.03 7.96 9.74
CA GLU C 546 23.45 7.36 8.53
C GLU C 546 22.94 5.95 8.78
N LEU C 547 23.70 5.15 9.53
CA LEU C 547 23.24 3.81 9.87
C LEU C 547 21.99 3.86 10.74
N LEU C 548 21.90 4.85 11.64
CA LEU C 548 20.68 5.03 12.40
C LEU C 548 19.52 5.45 11.51
N THR C 549 19.79 6.28 10.50
CA THR C 549 18.74 6.63 9.55
C THR C 549 18.20 5.39 8.85
N MET C 550 19.09 4.49 8.43
CA MET C 550 18.64 3.24 7.82
C MET C 550 17.88 2.37 8.81
N TRP C 551 18.38 2.25 10.04
CA TRP C 551 17.75 1.36 11.01
C TRP C 551 16.35 1.86 11.39
N PHE C 552 16.24 3.15 11.75
CA PHE C 552 14.95 3.71 12.11
C PHE C 552 13.98 3.68 10.93
N GLY C 553 14.48 3.98 9.73
CA GLY C 553 13.63 4.08 8.57
C GLY C 553 13.12 2.77 8.04
N GLU C 554 13.50 1.64 8.64
CA GLU C 554 13.08 0.32 8.18
C GLU C 554 13.48 0.13 6.71
N SER C 555 14.68 0.58 6.39
CA SER C 555 15.21 0.55 5.01
C SER C 555 16.63 0.02 5.01
N GLU C 556 16.86 -1.09 5.71
CA GLU C 556 18.19 -1.69 5.74
C GLU C 556 18.65 -2.10 4.35
N ALA C 557 17.73 -2.29 3.40
CA ALA C 557 18.12 -2.63 2.05
C ALA C 557 18.97 -1.53 1.42
N ASN C 558 18.84 -0.29 1.90
CA ASN C 558 19.68 0.79 1.41
C ASN C 558 21.16 0.46 1.61
N VAL C 559 21.48 -0.36 2.61
CA VAL C 559 22.86 -0.76 2.84
C VAL C 559 23.44 -1.41 1.58
N ARG C 560 22.62 -2.22 0.90
CA ARG C 560 23.07 -2.86 -0.34
C ARG C 560 23.62 -1.83 -1.32
N GLU C 561 23.02 -0.64 -1.35
CA GLU C 561 23.51 0.40 -2.24
C GLU C 561 24.89 0.87 -1.79
N ILE C 562 25.05 1.15 -0.49
CA ILE C 562 26.30 1.72 0.00
C ILE C 562 27.47 0.82 -0.37
N PHE C 563 27.36 -0.47 -0.06
CA PHE C 563 28.42 -1.40 -0.44
C PHE C 563 28.65 -1.37 -1.93
N ASP C 564 27.57 -1.35 -2.72
CA ASP C 564 27.72 -1.23 -4.16
C ASP C 564 28.43 0.05 -4.53
N LYS C 565 28.10 1.15 -3.86
CA LYS C 565 28.79 2.41 -4.11
C LYS C 565 30.29 2.26 -3.92
N ALA C 566 30.70 1.41 -2.97
CA ALA C 566 32.13 1.15 -2.78
C ALA C 566 32.67 0.21 -3.85
N ARG C 567 31.86 -0.75 -4.29
CA ARG C 567 32.35 -1.73 -5.27
C ARG C 567 32.68 -1.07 -6.60
N GLN C 568 31.79 -0.19 -7.08
CA GLN C 568 32.01 0.44 -8.38
C GLN C 568 33.17 1.42 -8.38
N ALA C 569 33.71 1.75 -7.21
CA ALA C 569 34.80 2.71 -7.11
C ALA C 569 36.15 2.01 -7.18
N ALA C 570 37.21 2.83 -7.19
CA ALA C 570 38.58 2.35 -7.20
C ALA C 570 38.89 1.82 -5.80
N PRO C 571 40.14 1.38 -5.54
CA PRO C 571 40.48 0.92 -4.18
C PRO C 571 39.88 1.82 -3.11
N CYS C 572 39.04 1.25 -2.25
CA CYS C 572 38.13 2.02 -1.42
C CYS C 572 38.15 1.47 0.00
N VAL C 573 38.49 2.33 0.97
CA VAL C 573 38.39 1.96 2.38
C VAL C 573 36.99 2.36 2.83
N LEU C 574 36.03 1.47 2.57
CA LEU C 574 34.68 1.70 3.03
C LEU C 574 34.69 1.71 4.56
N PHE C 575 34.48 2.88 5.15
CA PHE C 575 34.75 3.11 6.56
C PHE C 575 33.44 3.30 7.30
N PHE C 576 33.12 2.37 8.20
CA PHE C 576 31.90 2.46 9.01
C PHE C 576 32.20 3.25 10.27
N ASP C 577 32.26 4.57 10.10
CA ASP C 577 32.55 5.45 11.21
C ASP C 577 31.48 5.32 12.29
N GLU C 578 31.91 5.39 13.55
CA GLU C 578 31.00 5.31 14.69
C GLU C 578 30.12 4.06 14.60
N LEU C 579 30.73 2.94 14.23
CA LEU C 579 30.02 1.68 14.22
C LEU C 579 29.59 1.33 15.64
N ASP C 580 28.53 0.51 15.73
CA ASP C 580 27.81 0.13 16.94
C ASP C 580 26.81 1.19 17.36
N SER C 581 26.73 2.32 16.65
CA SER C 581 25.73 3.33 16.98
C SER C 581 24.33 2.74 16.95
N ILE C 582 24.08 1.77 16.06
CA ILE C 582 22.78 1.13 16.00
C ILE C 582 22.47 0.44 17.33
N ALA C 583 23.45 -0.29 17.87
CA ALA C 583 23.25 -0.94 19.16
C ALA C 583 23.26 0.05 20.30
N LYS C 584 24.10 1.08 20.21
CA LYS C 584 24.12 2.11 21.25
C LYS C 584 22.79 2.84 21.35
N ALA C 585 22.05 2.90 20.25
CA ALA C 585 20.76 3.60 20.23
C ALA C 585 19.63 2.77 20.83
N ARG C 586 19.88 1.52 21.19
CA ARG C 586 18.87 0.64 21.80
C ARG C 586 19.47 -0.08 23.00
N GLY C 587 20.19 0.67 23.84
CA GLY C 587 20.78 0.10 25.03
C GLY C 587 22.02 -0.72 24.73
N GLY C 588 21.84 -1.85 24.06
CA GLY C 588 22.95 -2.72 23.71
C GLY C 588 22.65 -4.19 23.93
N ASN C 589 23.69 -4.98 24.17
CA ASN C 589 23.48 -6.41 24.42
C ASN C 589 22.65 -6.64 25.68
N ILE C 590 22.66 -5.69 26.61
CA ILE C 590 21.88 -5.77 27.84
C ILE C 590 21.10 -4.48 27.99
N GLY C 591 19.99 -4.56 28.73
CA GLY C 591 19.09 -3.44 28.90
C GLY C 591 17.98 -3.35 27.87
N ASP C 592 17.99 -4.22 26.85
CA ASP C 592 16.94 -4.24 25.84
C ASP C 592 16.49 -5.68 25.63
N GLY C 593 15.21 -5.83 25.24
CA GLY C 593 14.68 -7.15 25.02
C GLY C 593 15.39 -7.90 23.90
N GLY C 594 15.80 -7.17 22.86
CA GLY C 594 16.46 -7.80 21.73
C GLY C 594 17.92 -8.13 22.02
N GLY C 595 18.51 -8.89 21.09
CA GLY C 595 19.89 -9.30 21.20
C GLY C 595 20.85 -8.29 20.58
N ALA C 596 22.11 -8.72 20.46
CA ALA C 596 23.13 -7.84 19.90
C ALA C 596 22.85 -7.50 18.44
N ALA C 597 22.41 -8.48 17.65
CA ALA C 597 22.19 -8.26 16.24
C ALA C 597 20.97 -7.36 16.01
N ASP C 598 20.96 -6.69 14.86
CA ASP C 598 19.87 -5.79 14.50
C ASP C 598 19.80 -5.70 12.98
N ARG C 599 18.95 -4.80 12.48
CA ARG C 599 18.73 -4.69 11.04
C ARG C 599 20.01 -4.29 10.32
N VAL C 600 20.51 -3.08 10.62
CA VAL C 600 21.57 -2.49 9.80
C VAL C 600 22.88 -3.27 9.98
N ILE C 601 23.22 -3.64 11.21
CA ILE C 601 24.46 -4.39 11.42
C ILE C 601 24.38 -5.74 10.72
N ASN C 602 23.22 -6.40 10.79
CA ASN C 602 23.08 -7.68 10.12
C ASN C 602 23.20 -7.54 8.61
N GLN C 603 22.60 -6.49 8.04
CA GLN C 603 22.73 -6.28 6.60
C GLN C 603 24.17 -5.97 6.21
N ILE C 604 24.86 -5.18 7.03
CA ILE C 604 26.27 -4.91 6.79
C ILE C 604 27.07 -6.21 6.81
N LEU C 605 26.78 -7.08 7.78
CA LEU C 605 27.47 -8.36 7.86
C LEU C 605 27.19 -9.20 6.61
N THR C 606 25.94 -9.25 6.18
CA THR C 606 25.58 -10.06 5.02
C THR C 606 26.26 -9.56 3.75
N GLU C 607 26.23 -8.24 3.53
CA GLU C 607 26.80 -7.69 2.30
C GLU C 607 28.32 -7.68 2.34
N MET C 608 28.92 -7.66 3.54
CA MET C 608 30.36 -7.63 3.64
C MET C 608 30.98 -8.92 3.10
N ASP C 609 30.36 -10.07 3.38
CA ASP C 609 30.88 -11.33 2.88
C ASP C 609 30.97 -11.35 1.37
N GLY C 610 30.09 -10.62 0.68
CA GLY C 610 30.23 -10.49 -0.76
C GLY C 610 31.49 -9.74 -1.16
N MET C 611 31.82 -8.68 -0.41
CA MET C 611 33.01 -7.89 -0.66
C MET C 611 34.24 -8.41 0.08
N SER C 612 34.21 -9.68 0.51
CA SER C 612 35.39 -10.33 1.04
C SER C 612 36.29 -10.89 -0.06
N THR C 613 35.85 -10.83 -1.31
CA THR C 613 36.63 -11.30 -2.45
C THR C 613 36.76 -10.22 -3.51
N LYS C 614 36.63 -8.95 -3.11
CA LYS C 614 36.75 -7.84 -4.03
C LYS C 614 38.19 -7.33 -4.14
N LYS C 615 39.06 -7.69 -3.20
CA LYS C 615 40.51 -7.50 -3.25
C LYS C 615 40.91 -6.07 -3.59
N ASN C 616 39.99 -5.10 -3.42
CA ASN C 616 40.34 -3.69 -3.55
C ASN C 616 39.74 -2.90 -2.41
N VAL C 617 38.65 -3.40 -1.84
CA VAL C 617 38.00 -2.73 -0.72
C VAL C 617 38.55 -3.28 0.59
N PHE C 618 38.73 -2.40 1.56
CA PHE C 618 39.44 -2.70 2.80
C PHE C 618 38.57 -2.27 3.98
N ILE C 619 37.36 -2.81 4.04
CA ILE C 619 36.31 -2.37 4.96
C ILE C 619 36.93 -2.05 6.32
N ILE C 620 36.65 -0.85 6.84
CA ILE C 620 37.16 -0.42 8.13
C ILE C 620 35.98 -0.09 9.03
N GLY C 621 36.10 -0.39 10.31
CA GLY C 621 35.10 -0.04 11.29
C GLY C 621 35.68 0.85 12.36
N ALA C 622 34.81 1.61 13.02
CA ALA C 622 35.21 2.44 14.15
C ALA C 622 34.14 2.35 15.22
N THR C 623 34.57 2.16 16.47
CA THR C 623 33.64 1.98 17.57
C THR C 623 34.17 2.70 18.80
N ASN C 624 33.31 3.48 19.44
CA ASN C 624 33.63 4.14 20.70
C ASN C 624 33.29 3.28 21.91
N ARG C 625 32.67 2.12 21.70
CA ARG C 625 32.25 1.24 22.79
C ARG C 625 32.12 -0.17 22.24
N PRO C 626 33.21 -0.92 22.14
CA PRO C 626 33.18 -2.17 21.36
C PRO C 626 32.39 -3.29 22.01
N ASP C 627 32.34 -3.36 23.34
CA ASP C 627 31.79 -4.54 24.00
C ASP C 627 30.35 -4.82 23.63
N ILE C 628 29.60 -3.82 23.17
CA ILE C 628 28.22 -4.06 22.74
C ILE C 628 28.14 -4.63 21.33
N ILE C 629 29.19 -4.47 20.52
CA ILE C 629 29.16 -4.98 19.15
C ILE C 629 28.95 -6.48 19.18
N ASP C 630 28.07 -6.96 18.30
CA ASP C 630 27.87 -8.39 18.15
C ASP C 630 29.16 -9.02 17.62
N PRO C 631 29.66 -10.08 18.24
CA PRO C 631 30.94 -10.66 17.76
C PRO C 631 30.83 -11.38 16.43
N ALA C 632 29.66 -11.39 15.79
CA ALA C 632 29.52 -12.06 14.51
C ALA C 632 30.34 -11.40 13.41
N ILE C 633 30.67 -10.11 13.54
CA ILE C 633 31.40 -9.41 12.51
C ILE C 633 32.91 -9.52 12.70
N LEU C 634 33.39 -9.66 13.93
CA LEU C 634 34.82 -9.66 14.21
C LEU C 634 35.38 -11.09 14.22
N ARG C 635 35.11 -11.80 13.14
CA ARG C 635 35.63 -13.14 12.91
C ARG C 635 36.11 -13.25 11.48
N PRO C 636 36.99 -14.22 11.18
CA PRO C 636 37.70 -14.24 9.88
C PRO C 636 36.83 -13.93 8.67
N GLY C 637 37.42 -13.30 7.67
CA GLY C 637 36.72 -12.82 6.49
C GLY C 637 36.13 -11.45 6.70
N ARG C 638 35.45 -11.24 7.82
CA ARG C 638 34.87 -9.97 8.21
C ARG C 638 35.90 -9.20 9.03
N LEU C 639 35.46 -8.16 9.76
CA LEU C 639 36.39 -7.27 10.44
C LEU C 639 37.08 -8.01 11.58
N ASP C 640 37.91 -9.00 11.22
CA ASP C 640 38.49 -9.88 12.22
C ASP C 640 39.59 -9.20 13.01
N GLN C 641 40.39 -8.34 12.37
CA GLN C 641 41.58 -7.77 12.99
C GLN C 641 41.16 -6.57 13.84
N LEU C 642 41.12 -6.77 15.16
CA LEU C 642 40.89 -5.67 16.06
C LEU C 642 42.16 -4.85 16.23
N ILE C 643 42.01 -3.53 16.29
CA ILE C 643 43.11 -2.61 16.54
C ILE C 643 42.70 -1.66 17.65
N TYR C 644 43.55 -1.52 18.65
CA TYR C 644 43.31 -0.64 19.79
C TYR C 644 44.14 0.62 19.63
N ILE C 645 43.46 1.77 19.56
CA ILE C 645 44.13 3.07 19.63
C ILE C 645 43.91 3.61 21.05
N PRO C 646 44.96 3.72 21.86
CA PRO C 646 44.78 4.20 23.23
C PRO C 646 44.67 5.72 23.27
N LEU C 647 44.23 6.22 24.42
CA LEU C 647 44.26 7.66 24.63
C LEU C 647 45.70 8.14 24.55
N PRO C 648 45.96 9.28 23.92
CA PRO C 648 47.35 9.66 23.65
C PRO C 648 48.16 9.82 24.93
N ASP C 649 49.43 9.43 24.85
CA ASP C 649 50.37 9.56 25.96
C ASP C 649 51.07 10.93 25.89
N GLU C 650 52.08 11.11 26.76
CA GLU C 650 52.75 12.40 26.87
C GLU C 650 53.31 12.84 25.52
N LYS C 651 54.25 12.08 24.98
CA LYS C 651 54.85 12.44 23.69
C LYS C 651 53.79 12.49 22.61
N SER C 652 52.84 11.55 22.65
CA SER C 652 51.77 11.54 21.66
C SER C 652 50.90 12.79 21.78
N ARG C 653 50.61 13.23 22.99
CA ARG C 653 49.84 14.46 23.16
C ARG C 653 50.62 15.67 22.66
N VAL C 654 51.94 15.69 22.87
CA VAL C 654 52.75 16.76 22.31
C VAL C 654 52.63 16.77 20.79
N ALA C 655 52.73 15.58 20.18
CA ALA C 655 52.64 15.48 18.73
C ALA C 655 51.27 15.93 18.24
N ILE C 656 50.20 15.52 18.94
CA ILE C 656 48.86 15.92 18.53
C ILE C 656 48.67 17.42 18.64
N LEU C 657 49.16 18.01 19.73
CA LEU C 657 49.09 19.46 19.89
C LEU C 657 49.79 20.16 18.72
N LYS C 658 51.02 19.76 18.43
CA LYS C 658 51.77 20.39 17.35
C LYS C 658 51.08 20.20 16.01
N ALA C 659 50.49 19.02 15.80
CA ALA C 659 49.89 18.72 14.49
C ALA C 659 48.58 19.47 14.29
N ASN C 660 47.77 19.61 15.33
CA ASN C 660 46.47 20.27 15.17
C ASN C 660 46.54 21.77 15.40
N LEU C 661 47.65 22.29 15.94
CA LEU C 661 47.88 23.73 15.90
C LEU C 661 48.64 24.14 14.64
N ARG C 662 49.12 23.19 13.86
CA ARG C 662 49.77 23.48 12.59
C ARG C 662 48.76 24.14 11.65
N LYS C 663 49.28 24.92 10.71
CA LYS C 663 48.46 25.69 9.77
C LYS C 663 47.67 26.78 10.49
N SER C 664 48.27 27.34 11.54
CA SER C 664 47.67 28.42 12.31
C SER C 664 48.78 29.17 13.01
N PRO C 665 48.78 30.50 13.03
CA PRO C 665 49.86 31.22 13.72
C PRO C 665 49.92 30.84 15.20
N VAL C 666 51.14 30.74 15.70
CA VAL C 666 51.38 30.41 17.10
C VAL C 666 52.66 31.10 17.54
N ALA C 667 52.67 31.59 18.77
CA ALA C 667 53.80 32.37 19.28
C ALA C 667 54.94 31.45 19.69
N LYS C 668 56.13 32.06 19.84
CA LYS C 668 57.28 31.34 20.36
C LYS C 668 57.19 31.14 21.87
N ASP C 669 56.37 31.93 22.55
CA ASP C 669 56.29 31.85 24.00
C ASP C 669 55.77 30.48 24.44
N VAL C 670 54.76 29.94 23.75
CA VAL C 670 54.16 28.68 24.16
C VAL C 670 55.18 27.56 24.04
N ASP C 671 55.18 26.68 25.05
CA ASP C 671 55.98 25.45 25.03
C ASP C 671 55.00 24.29 25.20
N LEU C 672 54.74 23.57 24.11
CA LEU C 672 53.66 22.58 24.10
C LEU C 672 53.95 21.38 25.00
N GLU C 673 55.20 21.17 25.42
CA GLU C 673 55.51 20.05 26.31
C GLU C 673 54.78 20.21 27.64
N PHE C 674 54.83 21.42 28.21
CA PHE C 674 54.17 21.65 29.49
C PHE C 674 52.67 21.50 29.36
N LEU C 675 52.08 22.02 28.28
CA LEU C 675 50.66 21.84 28.05
C LEU C 675 50.30 20.37 27.93
N ALA C 676 51.11 19.60 27.20
CA ALA C 676 50.83 18.18 27.02
C ALA C 676 50.87 17.43 28.35
N LYS C 677 51.91 17.67 29.15
CA LYS C 677 51.98 16.98 30.44
C LYS C 677 50.84 17.41 31.35
N MET C 678 50.50 18.69 31.35
CA MET C 678 49.31 19.14 32.08
C MET C 678 48.05 18.53 31.47
N THR C 679 48.06 18.30 30.17
CA THR C 679 46.97 17.60 29.49
C THR C 679 47.04 16.11 29.83
N ASN C 680 46.67 15.77 31.07
CA ASN C 680 46.99 14.45 31.60
C ASN C 680 46.19 13.34 30.94
N GLY C 681 44.88 13.52 30.81
CA GLY C 681 44.02 12.45 30.34
C GLY C 681 43.02 12.87 29.29
N PHE C 682 43.41 13.78 28.41
CA PHE C 682 42.52 14.30 27.39
C PHE C 682 42.72 13.55 26.08
N SER C 683 41.61 13.16 25.45
CA SER C 683 41.66 12.43 24.20
C SER C 683 42.04 13.37 23.06
N GLY C 684 42.08 12.83 21.84
CA GLY C 684 42.40 13.66 20.69
C GLY C 684 41.33 14.70 20.41
N ALA C 685 40.06 14.29 20.47
CA ALA C 685 38.97 15.20 20.13
C ALA C 685 38.93 16.38 21.10
N ASP C 686 38.95 16.11 22.41
CA ASP C 686 38.92 17.19 23.39
C ASP C 686 40.22 17.97 23.45
N LEU C 687 41.36 17.37 23.08
CA LEU C 687 42.58 18.15 22.98
C LEU C 687 42.52 19.15 21.82
N THR C 688 42.03 18.71 20.66
CA THR C 688 41.78 19.64 19.57
C THR C 688 40.72 20.66 19.97
N GLU C 689 39.78 20.27 20.84
CA GLU C 689 38.82 21.24 21.38
C GLU C 689 39.53 22.30 22.21
N ILE C 690 40.52 21.90 23.02
CA ILE C 690 41.30 22.87 23.76
C ILE C 690 41.99 23.83 22.81
N CYS C 691 42.60 23.29 21.75
CA CYS C 691 43.26 24.15 20.78
C CYS C 691 42.27 25.10 20.12
N GLN C 692 41.07 24.60 19.78
CA GLN C 692 40.05 25.44 19.17
C GLN C 692 39.58 26.53 20.12
N ARG C 693 39.45 26.22 21.41
CA ARG C 693 39.08 27.26 22.38
C ARG C 693 40.17 28.31 22.49
N ALA C 694 41.43 27.88 22.48
CA ALA C 694 42.53 28.84 22.50
C ALA C 694 42.47 29.75 21.28
N CYS C 695 42.25 29.18 20.10
CA CYS C 695 42.16 29.98 18.89
C CYS C 695 40.93 30.89 18.92
N LYS C 696 39.83 30.40 19.48
CA LYS C 696 38.60 31.20 19.57
C LYS C 696 38.82 32.41 20.47
N LEU C 697 39.48 32.22 21.62
CA LEU C 697 39.75 33.35 22.48
C LEU C 697 40.76 34.30 21.86
N ALA C 698 41.74 33.76 21.13
CA ALA C 698 42.70 34.62 20.45
C ALA C 698 42.02 35.47 19.39
N ILE C 699 41.12 34.88 18.60
CA ILE C 699 40.41 35.64 17.58
C ILE C 699 39.47 36.65 18.21
N ARG C 700 38.84 36.30 19.34
CA ARG C 700 38.02 37.28 20.04
C ARG C 700 38.85 38.47 20.49
N GLU C 701 40.03 38.21 21.06
CA GLU C 701 40.91 39.30 21.47
C GLU C 701 41.33 40.15 20.27
N SER C 702 41.68 39.48 19.16
CA SER C 702 42.13 40.21 17.98
C SER C 702 41.02 41.09 17.42
N ILE C 703 39.79 40.57 17.35
CA ILE C 703 38.69 41.35 16.79
C ILE C 703 38.30 42.49 17.73
N GLU C 704 38.36 42.24 19.05
CA GLU C 704 38.11 43.33 19.99
C GLU C 704 39.14 44.44 19.83
N SER C 705 40.42 44.07 19.68
CA SER C 705 41.45 45.07 19.46
C SER C 705 41.24 45.79 18.14
N GLU C 706 40.77 45.08 17.12
CA GLU C 706 40.53 45.70 15.82
C GLU C 706 39.42 46.73 15.90
N ILE C 707 38.32 46.39 16.57
CA ILE C 707 37.23 47.36 16.70
C ILE C 707 37.65 48.53 17.58
N ARG C 708 38.48 48.28 18.60
CA ARG C 708 39.00 49.39 19.40
C ARG C 708 39.88 50.31 18.55
N ARG C 709 40.70 49.72 17.67
CA ARG C 709 41.52 50.53 16.78
C ARG C 709 40.64 51.33 15.82
N GLU C 710 39.54 50.74 15.36
CA GLU C 710 38.58 51.50 14.55
C GLU C 710 38.00 52.66 15.35
N ARG C 711 37.71 52.43 16.64
CA ARG C 711 37.24 53.52 17.49
C ARG C 711 38.27 54.65 17.54
N GLU C 712 39.54 54.30 17.73
CA GLU C 712 40.59 55.33 17.73
C GLU C 712 40.64 56.06 16.39
N ARG C 713 40.50 55.31 15.29
CA ARG C 713 40.53 55.92 13.97
C ARG C 713 39.41 56.92 13.80
N GLN C 714 38.20 56.58 14.24
CA GLN C 714 37.04 57.45 14.02
C GLN C 714 37.13 58.72 14.86
N THR C 715 37.70 58.63 16.06
CA THR C 715 37.75 59.78 16.97
C THR C 715 38.85 60.74 16.51
N ASN C 716 39.14 61.74 17.34
CA ASN C 716 40.02 62.82 16.92
C ASN C 716 41.42 62.38 16.53
N PRO C 717 42.12 61.48 17.24
CA PRO C 717 43.53 61.22 16.88
C PRO C 717 43.70 60.66 15.48
N SER C 718 42.67 60.04 14.91
CA SER C 718 42.74 59.51 13.56
C SER C 718 43.87 58.48 13.43
N GLU C 724 52.21 48.73 14.86
CA GLU C 724 51.09 49.02 15.73
C GLU C 724 49.77 48.50 15.14
N ASP C 725 49.85 47.91 13.94
CA ASP C 725 48.68 47.38 13.26
C ASP C 725 48.41 45.92 13.58
N ASP C 726 49.20 45.31 14.47
CA ASP C 726 49.07 43.90 14.82
C ASP C 726 49.04 43.77 16.34
N PRO C 727 47.92 44.10 16.97
CA PRO C 727 47.82 43.88 18.43
C PRO C 727 48.03 42.43 18.83
N VAL C 728 47.53 41.50 18.03
CA VAL C 728 47.65 40.06 18.33
C VAL C 728 47.82 39.31 17.01
N PRO C 729 49.01 39.28 16.43
CA PRO C 729 49.20 38.57 15.15
C PRO C 729 49.38 37.07 15.26
N GLU C 730 49.19 36.47 16.44
CA GLU C 730 49.17 35.02 16.56
C GLU C 730 48.44 34.65 17.84
N ILE C 731 48.10 33.37 17.95
CA ILE C 731 47.48 32.83 19.16
C ILE C 731 48.50 32.95 20.29
N ARG C 732 48.23 33.81 21.26
CA ARG C 732 49.18 34.08 22.32
C ARG C 732 49.08 33.03 23.42
N ARG C 733 50.04 33.06 24.34
CA ARG C 733 50.19 31.99 25.31
C ARG C 733 49.09 32.04 26.36
N ASP C 734 48.77 33.22 26.89
CA ASP C 734 47.70 33.32 27.88
C ASP C 734 46.35 32.95 27.29
N HIS C 735 46.18 33.05 25.97
CA HIS C 735 44.98 32.52 25.35
C HIS C 735 44.90 31.01 25.54
N PHE C 736 46.02 30.32 25.34
CA PHE C 736 46.07 28.89 25.63
C PHE C 736 45.81 28.61 27.11
N GLU C 737 46.36 29.46 27.99
CA GLU C 737 46.10 29.31 29.42
C GLU C 737 44.60 29.34 29.70
N GLU C 738 43.91 30.37 29.20
CA GLU C 738 42.48 30.50 29.48
C GLU C 738 41.69 29.36 28.84
N ALA C 739 42.07 28.95 27.62
CA ALA C 739 41.36 27.85 26.97
C ALA C 739 41.52 26.56 27.76
N MET C 740 42.74 26.28 28.25
CA MET C 740 42.94 25.10 29.08
C MET C 740 42.12 25.20 30.36
N ARG C 741 42.05 26.39 30.95
CA ARG C 741 41.15 26.60 32.08
C ARG C 741 39.70 26.32 31.70
N PHE C 742 39.35 26.48 30.42
CA PHE C 742 38.01 26.21 29.91
C PHE C 742 37.90 24.82 29.27
N ALA C 743 38.90 23.96 29.47
CA ALA C 743 38.92 22.66 28.83
C ALA C 743 37.87 21.73 29.45
N ARG C 744 37.76 20.54 28.86
CA ARG C 744 36.83 19.53 29.38
C ARG C 744 37.25 18.16 28.84
N ARG C 745 37.13 17.14 29.68
CA ARG C 745 37.50 15.78 29.33
C ARG C 745 36.25 14.92 29.24
N SER C 746 36.22 14.03 28.25
CA SER C 746 35.03 13.23 27.93
C SER C 746 35.16 11.76 28.32
N VAL C 747 36.29 11.34 28.87
CA VAL C 747 36.53 9.94 29.21
C VAL C 747 36.95 9.85 30.67
N SER C 748 36.34 8.92 31.41
CA SER C 748 36.65 8.69 32.81
C SER C 748 37.53 7.44 32.94
N ASP C 749 37.95 7.16 34.18
CA ASP C 749 38.83 6.03 34.42
C ASP C 749 38.17 4.71 34.05
N ASN C 750 36.90 4.53 34.45
CA ASN C 750 36.19 3.31 34.12
C ASN C 750 36.01 3.14 32.62
N ASP C 751 35.67 4.22 31.90
CA ASP C 751 35.49 4.10 30.45
C ASP C 751 36.78 3.69 29.75
N ILE C 752 37.92 4.30 30.12
CA ILE C 752 39.18 3.95 29.48
C ILE C 752 39.60 2.53 29.86
N ARG C 753 39.36 2.13 31.10
CA ARG C 753 39.69 0.77 31.48
C ARG C 753 38.82 -0.26 30.78
N LYS C 754 37.59 0.14 30.42
CA LYS C 754 36.68 -0.79 29.75
C LYS C 754 37.26 -1.27 28.42
N TYR C 755 37.92 -0.38 27.67
CA TYR C 755 38.45 -0.77 26.38
C TYR C 755 39.55 -1.82 26.53
N GLU C 756 40.46 -1.65 27.48
CA GLU C 756 41.49 -2.65 27.68
C GLU C 756 40.90 -3.95 28.23
N MET C 757 39.90 -3.86 29.10
CA MET C 757 39.26 -5.07 29.59
C MET C 757 38.62 -5.85 28.44
N PHE C 758 37.97 -5.15 27.51
CA PHE C 758 37.44 -5.81 26.33
C PHE C 758 38.56 -6.39 25.49
N ALA C 759 39.66 -5.65 25.33
CA ALA C 759 40.80 -6.16 24.56
C ALA C 759 41.31 -7.47 25.14
N GLN C 760 41.22 -7.64 26.45
CA GLN C 760 41.63 -8.91 27.05
C GLN C 760 40.84 -10.09 26.50
N THR C 761 39.65 -9.85 25.96
CA THR C 761 38.84 -10.95 25.44
C THR C 761 39.55 -11.66 24.29
N LEU C 762 40.12 -10.89 23.36
CA LEU C 762 40.86 -11.45 22.23
C LEU C 762 42.37 -11.31 22.41
N GLN C 763 42.83 -11.13 23.65
CA GLN C 763 44.25 -11.04 23.97
C GLN C 763 44.58 -12.06 25.05
N GLN C 764 45.87 -12.34 25.21
CA GLN C 764 46.34 -13.26 26.22
C GLN C 764 47.71 -12.83 26.71
N SER C 765 48.06 -13.33 27.90
CA SER C 765 49.38 -13.10 28.50
C SER C 765 50.15 -14.41 28.61
N ARG C 766 49.93 -15.33 27.68
CA ARG C 766 50.53 -16.66 27.72
C ARG C 766 52.00 -16.57 27.28
N GLY C 767 52.80 -15.90 28.10
CA GLY C 767 54.24 -15.91 27.93
C GLY C 767 54.93 -17.13 28.49
N PHE C 768 54.18 -18.00 29.17
CA PHE C 768 54.77 -19.20 29.75
C PHE C 768 55.34 -20.12 28.67
N GLY C 769 54.66 -20.24 27.54
CA GLY C 769 55.11 -21.13 26.49
C GLY C 769 56.31 -20.61 25.73
N SER C 770 57.38 -20.26 26.45
CA SER C 770 58.58 -19.71 25.83
C SER C 770 59.35 -20.74 25.02
N PHE C 771 59.00 -22.03 25.14
CA PHE C 771 59.71 -23.09 24.41
C PHE C 771 59.29 -23.08 22.93
N ARG C 772 59.68 -22.00 22.27
CA ARG C 772 59.50 -21.88 20.82
C ARG C 772 58.06 -22.19 20.40
N ARG D 22 29.13 64.13 -13.13
CA ARG D 22 28.27 64.74 -14.13
C ARG D 22 26.80 64.53 -13.75
N PRO D 23 26.12 65.57 -13.27
CA PRO D 23 24.74 65.41 -12.82
C PRO D 23 23.71 65.33 -13.94
N ASN D 24 24.14 65.45 -15.20
CA ASN D 24 23.19 65.45 -16.30
C ASN D 24 22.47 64.12 -16.43
N ARG D 25 23.19 63.01 -16.27
CA ARG D 25 22.66 61.68 -16.55
C ARG D 25 22.72 60.81 -15.29
N LEU D 26 21.68 60.00 -15.09
CA LEU D 26 21.61 59.13 -13.92
C LEU D 26 20.79 57.89 -14.28
N ILE D 27 21.00 56.83 -13.50
CA ILE D 27 20.30 55.57 -13.68
C ILE D 27 19.12 55.52 -12.72
N VAL D 28 17.94 55.15 -13.24
CA VAL D 28 16.70 55.21 -12.46
C VAL D 28 16.65 54.06 -11.48
N ASP D 29 15.74 54.14 -10.51
CA ASP D 29 15.59 53.11 -9.49
C ASP D 29 14.20 53.23 -8.88
N GLU D 30 13.83 52.23 -8.09
CA GLU D 30 12.51 52.20 -7.48
C GLU D 30 12.41 53.24 -6.36
N ALA D 31 11.27 53.93 -6.31
CA ALA D 31 10.98 54.90 -5.27
C ALA D 31 10.06 54.28 -4.22
N ILE D 32 10.07 54.88 -3.03
CA ILE D 32 9.31 54.36 -1.90
C ILE D 32 8.36 55.42 -1.37
N ASN D 33 8.70 56.70 -1.55
CA ASN D 33 7.85 57.77 -1.06
C ASN D 33 6.71 58.07 -2.05
N GLU D 34 6.99 57.95 -3.35
CA GLU D 34 5.98 58.10 -4.38
C GLU D 34 5.33 59.48 -4.37
N ASP D 35 4.17 59.62 -3.73
CA ASP D 35 3.33 60.80 -3.80
C ASP D 35 2.85 61.10 -5.21
N ASN D 36 3.06 60.18 -6.15
CA ASN D 36 2.61 60.32 -7.53
C ASN D 36 3.43 61.36 -8.28
N SER D 37 4.36 62.02 -7.61
CA SER D 37 5.12 63.12 -8.20
C SER D 37 6.59 63.19 -7.80
N VAL D 38 6.99 62.63 -6.67
CA VAL D 38 8.29 62.93 -6.09
C VAL D 38 9.38 62.14 -6.79
N VAL D 39 10.49 62.81 -7.08
CA VAL D 39 11.71 62.18 -7.57
C VAL D 39 12.79 62.39 -6.52
N SER D 40 13.39 61.30 -6.06
CA SER D 40 14.25 61.33 -4.88
C SER D 40 15.72 61.31 -5.29
N LEU D 41 16.48 62.27 -4.76
CA LEU D 41 17.93 62.33 -4.95
C LEU D 41 18.60 62.37 -3.59
N SER D 42 19.91 62.62 -3.55
CA SER D 42 20.65 62.76 -2.29
C SER D 42 21.19 64.19 -2.20
N GLN D 43 21.04 64.81 -1.02
CA GLN D 43 21.51 66.17 -0.85
C GLN D 43 22.99 66.32 -1.16
N PRO D 44 23.88 65.47 -0.66
CA PRO D 44 25.27 65.49 -1.15
C PRO D 44 25.39 65.35 -2.65
N LYS D 45 24.35 64.84 -3.31
CA LYS D 45 24.31 64.79 -4.77
C LYS D 45 23.45 65.90 -5.36
N MET D 46 22.40 66.33 -4.65
CA MET D 46 21.57 67.41 -5.15
C MET D 46 22.34 68.72 -5.21
N ASP D 47 23.33 68.90 -4.33
CA ASP D 47 24.19 70.07 -4.42
C ASP D 47 24.86 70.13 -5.78
N GLU D 48 25.34 68.99 -6.28
CA GLU D 48 25.82 68.92 -7.65
C GLU D 48 24.68 69.12 -8.63
N LEU D 49 23.49 68.65 -8.30
CA LEU D 49 22.32 68.85 -9.15
C LEU D 49 21.73 70.24 -9.04
N GLN D 50 22.23 71.08 -8.12
CA GLN D 50 21.80 72.47 -7.99
C GLN D 50 20.37 72.59 -7.47
N LEU D 51 19.90 71.61 -6.70
CA LEU D 51 18.60 71.65 -6.06
C LEU D 51 18.79 71.45 -4.57
N PHE D 52 18.00 72.16 -3.76
CA PHE D 52 18.21 72.17 -2.31
C PHE D 52 17.06 71.56 -1.52
N ARG D 53 15.86 72.14 -1.61
CA ARG D 53 14.74 71.71 -0.77
C ARG D 53 13.60 71.09 -1.58
N GLY D 54 13.04 71.82 -2.54
CA GLY D 54 11.93 71.32 -3.31
C GLY D 54 11.90 71.86 -4.73
N ASP D 55 13.06 72.32 -5.22
CA ASP D 55 13.11 72.99 -6.51
C ASP D 55 12.71 72.05 -7.63
N THR D 56 12.19 72.64 -8.70
CA THR D 56 11.76 71.85 -9.86
C THR D 56 12.94 71.14 -10.49
N VAL D 57 12.68 69.96 -11.05
CA VAL D 57 13.71 69.10 -11.59
C VAL D 57 13.78 69.18 -13.11
N LEU D 58 12.64 69.32 -13.77
CA LEU D 58 12.56 69.26 -15.22
C LEU D 58 13.18 67.96 -15.74
N LEU D 59 12.62 66.86 -15.26
CA LEU D 59 13.11 65.54 -15.63
C LEU D 59 13.07 65.36 -17.14
N LYS D 60 14.17 64.84 -17.69
CA LYS D 60 14.28 64.57 -19.12
C LYS D 60 14.09 63.09 -19.36
N GLY D 61 13.25 62.75 -20.34
CA GLY D 61 12.91 61.38 -20.65
C GLY D 61 13.78 60.77 -21.72
N LYS D 62 13.20 59.80 -22.42
CA LYS D 62 13.91 59.07 -23.47
C LYS D 62 13.59 59.58 -24.87
N LYS D 63 12.32 59.63 -25.25
CA LYS D 63 11.98 59.85 -26.67
C LYS D 63 11.73 61.32 -26.98
N ARG D 64 10.61 61.88 -26.52
CA ARG D 64 10.28 63.26 -26.85
C ARG D 64 9.49 63.94 -25.72
N ARG D 65 9.88 63.72 -24.47
CA ARG D 65 9.10 64.28 -23.38
C ARG D 65 9.97 64.57 -22.17
N GLU D 66 9.47 65.47 -21.33
CA GLU D 66 10.12 65.85 -20.08
C GLU D 66 9.05 66.07 -19.03
N ALA D 67 9.44 65.95 -17.76
CA ALA D 67 8.54 66.15 -16.63
C ALA D 67 9.19 67.08 -15.61
N VAL D 68 8.36 67.87 -14.94
CA VAL D 68 8.88 68.84 -13.97
C VAL D 68 9.36 68.12 -12.71
N CYS D 69 8.50 67.29 -12.12
CA CYS D 69 8.85 66.51 -10.93
C CYS D 69 9.27 67.40 -9.76
N ILE D 70 9.40 66.80 -8.58
CA ILE D 70 9.85 67.49 -7.38
C ILE D 70 11.03 66.72 -6.79
N VAL D 71 11.99 67.45 -6.25
CA VAL D 71 13.21 66.85 -5.70
C VAL D 71 13.00 66.57 -4.21
N LEU D 72 13.53 65.45 -3.75
CA LEU D 72 13.46 65.06 -2.36
C LEU D 72 14.56 64.02 -2.13
N SER D 73 14.73 63.59 -0.87
CA SER D 73 15.78 62.62 -0.55
C SER D 73 15.28 61.61 0.47
N ASP D 74 15.94 60.46 0.46
CA ASP D 74 15.70 59.39 1.43
C ASP D 74 17.00 58.60 1.59
N ASP D 75 16.91 57.44 2.24
CA ASP D 75 18.12 56.71 2.62
C ASP D 75 18.76 56.01 1.42
N THR D 76 17.94 55.39 0.56
CA THR D 76 18.45 54.43 -0.42
C THR D 76 19.12 55.08 -1.63
N CYS D 77 19.39 56.38 -1.61
CA CYS D 77 19.97 57.03 -2.78
C CYS D 77 21.38 56.51 -3.05
N SER D 78 22.23 56.49 -2.03
CA SER D 78 23.63 56.08 -2.16
C SER D 78 24.43 56.98 -3.09
N ASP D 79 23.92 58.17 -3.38
CA ASP D 79 24.59 59.14 -4.24
C ASP D 79 24.90 58.58 -5.62
N GLU D 80 24.16 57.56 -6.06
CA GLU D 80 24.45 56.88 -7.31
C GLU D 80 23.23 56.80 -8.22
N LYS D 81 22.05 56.64 -7.63
CA LYS D 81 20.84 56.34 -8.38
C LYS D 81 19.77 57.39 -8.13
N ILE D 82 18.85 57.50 -9.09
CA ILE D 82 17.69 58.38 -8.99
C ILE D 82 16.44 57.52 -8.96
N ARG D 83 15.52 57.86 -8.05
CA ARG D 83 14.35 57.04 -7.79
C ARG D 83 13.10 57.73 -8.33
N MET D 84 12.27 56.97 -9.03
CA MET D 84 11.03 57.48 -9.60
C MET D 84 9.96 56.41 -9.52
N ASN D 85 8.76 56.80 -9.08
CA ASN D 85 7.64 55.89 -9.01
C ASN D 85 7.09 55.60 -10.40
N ARG D 86 6.26 54.55 -10.49
CA ARG D 86 5.78 54.11 -11.80
C ARG D 86 5.00 55.19 -12.52
N VAL D 87 4.42 56.14 -11.80
CA VAL D 87 3.71 57.23 -12.47
C VAL D 87 4.65 57.99 -13.38
N VAL D 88 5.80 58.41 -12.84
CA VAL D 88 6.78 59.13 -13.64
C VAL D 88 7.41 58.21 -14.69
N ARG D 89 7.77 56.99 -14.29
CA ARG D 89 8.45 56.09 -15.22
C ARG D 89 7.60 55.83 -16.45
N ASN D 90 6.33 55.50 -16.25
CA ASN D 90 5.43 55.30 -17.37
C ASN D 90 5.14 56.60 -18.11
N ASN D 91 5.09 57.72 -17.38
CA ASN D 91 4.90 59.01 -18.05
C ASN D 91 6.05 59.33 -18.99
N LEU D 92 7.28 59.02 -18.56
CA LEU D 92 8.47 59.34 -19.34
C LEU D 92 8.88 58.22 -20.29
N ARG D 93 8.08 57.14 -20.39
CA ARG D 93 8.41 56.00 -21.24
C ARG D 93 9.72 55.35 -20.81
N VAL D 94 9.93 55.26 -19.51
CA VAL D 94 11.17 54.75 -18.93
C VAL D 94 10.85 53.49 -18.12
N ARG D 95 11.59 52.43 -18.38
CA ARG D 95 11.48 51.21 -17.59
C ARG D 95 12.52 51.23 -16.47
N LEU D 96 12.15 50.64 -15.34
CA LEU D 96 13.06 50.61 -14.19
C LEU D 96 14.36 49.91 -14.57
N GLY D 97 15.48 50.55 -14.23
CA GLY D 97 16.79 50.08 -14.62
C GLY D 97 17.40 50.79 -15.81
N ASP D 98 16.70 51.74 -16.40
CA ASP D 98 17.19 52.46 -17.56
C ASP D 98 18.06 53.65 -17.12
N VAL D 99 18.62 54.35 -18.09
CA VAL D 99 19.44 55.53 -17.86
C VAL D 99 18.76 56.72 -18.51
N ILE D 100 18.61 57.80 -17.74
CA ILE D 100 17.89 58.99 -18.18
C ILE D 100 18.75 60.22 -17.89
N SER D 101 18.23 61.38 -18.29
CA SER D 101 18.92 62.65 -18.12
C SER D 101 18.08 63.59 -17.27
N ILE D 102 18.73 64.62 -16.73
CA ILE D 102 18.09 65.63 -15.90
C ILE D 102 18.56 67.00 -16.38
N GLN D 103 17.65 67.98 -16.32
CA GLN D 103 17.92 69.36 -16.73
C GLN D 103 17.48 70.28 -15.59
N PRO D 104 18.25 70.36 -14.51
CA PRO D 104 17.82 71.14 -13.35
C PRO D 104 17.55 72.59 -13.72
N CYS D 105 16.51 73.16 -13.11
CA CYS D 105 16.14 74.55 -13.32
C CYS D 105 15.29 75.04 -12.15
N PRO D 106 15.91 75.50 -11.05
CA PRO D 106 15.11 75.96 -9.91
C PRO D 106 14.44 77.30 -10.18
N ASP D 107 13.32 77.26 -10.91
CA ASP D 107 12.59 78.46 -11.28
C ASP D 107 11.10 78.22 -11.06
N VAL D 108 10.37 79.32 -10.89
CA VAL D 108 8.93 79.29 -10.64
C VAL D 108 8.24 80.04 -11.77
N LYS D 109 7.30 79.37 -12.45
CA LYS D 109 6.50 79.97 -13.50
C LYS D 109 5.10 79.37 -13.45
N TYR D 110 4.09 80.24 -13.51
CA TYR D 110 2.71 79.83 -13.32
C TYR D 110 1.98 79.76 -14.66
N GLY D 111 1.01 78.86 -14.74
CA GLY D 111 0.16 78.70 -15.90
C GLY D 111 -1.26 79.15 -15.62
N LYS D 112 -2.04 79.25 -16.70
CA LYS D 112 -3.42 79.71 -16.60
C LYS D 112 -4.42 78.89 -17.39
N ARG D 113 -3.99 77.98 -18.27
CA ARG D 113 -4.87 77.20 -19.12
C ARG D 113 -4.56 75.72 -19.03
N ILE D 114 -4.43 75.22 -17.80
CA ILE D 114 -4.20 73.80 -17.58
C ILE D 114 -5.53 73.07 -17.77
N HIS D 115 -5.58 72.19 -18.76
CA HIS D 115 -6.78 71.41 -19.08
C HIS D 115 -6.43 69.93 -19.03
N VAL D 116 -7.28 69.15 -18.37
CA VAL D 116 -7.02 67.74 -18.11
C VAL D 116 -8.22 66.92 -18.53
N LEU D 117 -7.97 65.69 -18.97
CA LEU D 117 -9.01 64.76 -19.36
C LEU D 117 -8.70 63.38 -18.78
N PRO D 118 -9.69 62.64 -18.31
CA PRO D 118 -9.41 61.30 -17.79
C PRO D 118 -9.17 60.30 -18.91
N ILE D 119 -8.54 59.19 -18.54
CA ILE D 119 -8.16 58.14 -19.48
C ILE D 119 -9.23 57.05 -19.45
N ASP D 120 -9.79 56.74 -20.61
CA ASP D 120 -10.88 55.77 -20.69
C ASP D 120 -10.48 54.43 -20.09
N ASP D 121 -9.20 54.05 -20.24
CA ASP D 121 -8.73 52.80 -19.65
C ASP D 121 -8.92 52.80 -18.13
N THR D 122 -8.98 53.98 -17.52
CA THR D 122 -9.17 54.10 -16.08
C THR D 122 -10.56 54.60 -15.71
N VAL D 123 -11.29 55.21 -16.64
CA VAL D 123 -12.68 55.59 -16.42
C VAL D 123 -13.54 54.95 -17.50
N GLU D 124 -14.18 53.84 -17.18
CA GLU D 124 -15.02 53.08 -18.09
C GLU D 124 -16.25 52.55 -17.37
N GLY D 125 -16.93 53.44 -16.65
CA GLY D 125 -18.10 53.05 -15.88
C GLY D 125 -18.28 53.86 -14.62
N ILE D 126 -17.31 54.71 -14.29
CA ILE D 126 -17.44 55.66 -13.19
C ILE D 126 -17.68 57.03 -13.79
N THR D 127 -18.79 57.65 -13.40
CA THR D 127 -19.17 58.94 -13.94
C THR D 127 -19.51 59.88 -12.79
N GLY D 128 -19.02 61.11 -12.88
CA GLY D 128 -19.27 62.09 -11.84
C GLY D 128 -18.41 63.32 -12.07
N ASN D 129 -18.39 64.17 -11.06
CA ASN D 129 -17.60 65.40 -11.11
C ASN D 129 -16.13 65.09 -10.80
N LEU D 130 -15.46 64.48 -11.78
CA LEU D 130 -14.08 64.05 -11.59
C LEU D 130 -13.16 65.23 -11.32
N PHE D 131 -13.59 66.44 -11.64
CA PHE D 131 -12.84 67.63 -11.23
C PHE D 131 -12.92 67.86 -9.73
N GLU D 132 -13.90 67.26 -9.05
CA GLU D 132 -14.06 67.44 -7.61
C GLU D 132 -13.95 66.14 -6.83
N VAL D 133 -14.32 65.00 -7.40
CA VAL D 133 -14.44 63.78 -6.61
C VAL D 133 -13.08 63.14 -6.37
N TYR D 134 -12.18 63.20 -7.37
CA TYR D 134 -10.88 62.52 -7.29
C TYR D 134 -9.77 63.47 -7.77
N LEU D 135 -9.98 64.78 -7.64
CA LEU D 135 -9.00 65.73 -8.17
C LEU D 135 -8.56 66.77 -7.14
N LYS D 136 -9.48 67.20 -6.27
CA LYS D 136 -9.19 68.28 -5.33
C LYS D 136 -7.95 68.01 -4.49
N PRO D 137 -7.80 66.83 -3.88
CA PRO D 137 -6.65 66.60 -3.00
C PRO D 137 -5.34 66.35 -3.71
N TYR D 138 -5.24 66.61 -5.02
CA TYR D 138 -4.01 66.34 -5.75
C TYR D 138 -3.53 67.50 -6.63
N PHE D 139 -4.39 68.44 -6.99
CA PHE D 139 -3.99 69.52 -7.89
C PHE D 139 -3.32 70.68 -7.16
N LEU D 140 -3.19 70.62 -5.84
CA LEU D 140 -2.43 71.61 -5.10
C LEU D 140 -1.76 70.94 -3.91
N GLU D 141 -0.52 71.35 -3.63
CA GLU D 141 0.24 70.86 -2.49
C GLU D 141 0.77 69.45 -2.71
N ALA D 142 0.37 68.81 -3.81
CA ALA D 142 0.94 67.52 -4.20
C ALA D 142 1.96 67.65 -5.32
N TYR D 143 1.95 68.77 -6.04
CA TYR D 143 2.95 69.06 -7.07
C TYR D 143 2.95 67.98 -8.16
N ARG D 144 1.81 67.88 -8.84
CA ARG D 144 1.69 66.93 -9.94
C ARG D 144 2.69 67.28 -11.03
N PRO D 145 3.19 66.29 -11.78
CA PRO D 145 4.12 66.59 -12.87
C PRO D 145 3.40 67.25 -14.05
N ILE D 146 2.87 68.45 -13.82
CA ILE D 146 2.02 69.09 -14.81
C ILE D 146 2.86 69.52 -15.99
N ARG D 147 2.52 69.01 -17.18
CA ARG D 147 3.18 69.36 -18.42
C ARG D 147 2.40 68.74 -19.56
N LYS D 148 2.27 69.47 -20.67
CA LYS D 148 1.45 69.00 -21.78
C LYS D 148 1.87 67.60 -22.20
N GLY D 149 0.89 66.70 -22.29
CA GLY D 149 1.15 65.31 -22.58
C GLY D 149 1.42 64.45 -21.37
N ASP D 150 1.48 65.02 -20.18
CA ASP D 150 1.75 64.24 -18.98
C ASP D 150 0.54 63.41 -18.58
N ILE D 151 0.82 62.21 -18.07
CA ILE D 151 -0.20 61.30 -17.56
C ILE D 151 0.15 60.99 -16.11
N PHE D 152 -0.85 61.12 -15.22
CA PHE D 152 -0.63 60.94 -13.80
C PHE D 152 -1.78 60.18 -13.17
N LEU D 153 -1.44 59.28 -12.23
CA LEU D 153 -2.44 58.57 -11.44
C LEU D 153 -2.71 59.34 -10.15
N VAL D 154 -3.99 59.41 -9.78
CA VAL D 154 -4.39 60.10 -8.56
C VAL D 154 -4.95 59.16 -7.49
N HIS D 155 -5.37 57.95 -7.82
CA HIS D 155 -5.85 56.98 -6.85
C HIS D 155 -7.03 57.55 -6.04
N GLY D 156 -8.18 57.62 -6.70
CA GLY D 156 -9.38 58.20 -6.11
C GLY D 156 -10.26 57.21 -5.35
N GLY D 157 -11.51 57.11 -5.77
CA GLY D 157 -12.49 56.31 -5.06
C GLY D 157 -12.50 54.86 -5.51
N MET D 158 -11.73 54.03 -4.82
CA MET D 158 -11.75 52.58 -5.02
C MET D 158 -11.45 52.20 -6.47
N ARG D 159 -10.60 53.00 -7.12
CA ARG D 159 -10.07 52.65 -8.43
C ARG D 159 -8.92 53.58 -8.79
N ALA D 160 -7.84 53.00 -9.34
CA ALA D 160 -6.65 53.78 -9.69
C ALA D 160 -6.92 54.64 -10.93
N VAL D 161 -7.80 55.63 -10.74
CA VAL D 161 -8.16 56.52 -11.83
C VAL D 161 -6.96 57.38 -12.20
N GLU D 162 -6.69 57.50 -13.49
CA GLU D 162 -5.58 58.28 -14.00
C GLU D 162 -6.10 59.31 -15.00
N PHE D 163 -5.33 60.38 -15.15
CA PHE D 163 -5.69 61.50 -16.01
C PHE D 163 -4.51 61.88 -16.88
N LYS D 164 -4.79 62.62 -17.95
CA LYS D 164 -3.77 63.19 -18.81
C LYS D 164 -4.03 64.68 -18.94
N VAL D 165 -3.00 65.49 -18.66
CA VAL D 165 -3.09 66.93 -18.84
C VAL D 165 -2.71 67.22 -20.29
N VAL D 166 -3.67 67.73 -21.07
CA VAL D 166 -3.47 67.87 -22.51
C VAL D 166 -2.68 69.14 -22.81
N GLU D 167 -3.09 70.25 -22.22
CA GLU D 167 -2.50 71.56 -22.52
C GLU D 167 -1.94 72.17 -21.25
N THR D 168 -0.71 72.66 -21.34
CA THR D 168 -0.07 73.42 -20.25
C THR D 168 0.74 74.54 -20.90
N ASP D 169 0.22 75.76 -20.84
CA ASP D 169 0.83 76.91 -21.50
C ASP D 169 2.20 77.36 -20.95
N PRO D 170 2.56 77.12 -19.70
CA PRO D 170 3.99 76.94 -19.38
C PRO D 170 4.48 75.52 -19.69
N SER D 171 5.78 75.43 -19.94
CA SER D 171 6.43 74.16 -20.19
C SER D 171 7.94 74.35 -20.24
N PRO D 172 8.74 73.33 -19.87
CA PRO D 172 8.33 72.00 -19.39
C PRO D 172 8.05 71.99 -17.89
N TYR D 173 8.04 73.15 -17.23
CA TYR D 173 7.83 73.23 -15.78
C TYR D 173 6.77 74.29 -15.49
N CYS D 174 6.04 74.08 -14.39
CA CYS D 174 5.01 75.01 -13.97
C CYS D 174 4.81 74.88 -12.48
N ILE D 175 4.23 75.93 -11.89
CA ILE D 175 3.92 75.93 -10.46
C ILE D 175 2.59 75.21 -10.26
N VAL D 176 2.59 74.21 -9.39
CA VAL D 176 1.37 73.50 -9.01
C VAL D 176 0.89 74.14 -7.72
N ALA D 177 0.03 75.14 -7.85
CA ALA D 177 -0.43 75.94 -6.72
C ALA D 177 -1.77 76.56 -7.10
N PRO D 178 -2.57 76.98 -6.11
CA PRO D 178 -3.89 77.53 -6.44
C PRO D 178 -3.84 78.79 -7.29
N ASP D 179 -2.69 79.48 -7.35
CA ASP D 179 -2.57 80.61 -8.26
C ASP D 179 -2.72 80.15 -9.70
N THR D 180 -2.13 79.01 -10.05
CA THR D 180 -2.32 78.43 -11.37
C THR D 180 -3.76 77.95 -11.53
N VAL D 181 -4.32 78.15 -12.72
CA VAL D 181 -5.72 77.86 -12.99
C VAL D 181 -5.83 76.48 -13.63
N ILE D 182 -6.69 75.63 -13.07
CA ILE D 182 -6.99 74.31 -13.61
C ILE D 182 -8.46 74.28 -14.00
N HIS D 183 -8.73 73.83 -15.22
CA HIS D 183 -10.07 73.89 -15.79
C HIS D 183 -10.75 72.53 -15.75
N CYS D 184 -12.07 72.54 -15.93
CA CYS D 184 -12.85 71.32 -15.88
C CYS D 184 -12.61 70.47 -17.13
N GLU D 185 -12.80 69.16 -16.97
CA GLU D 185 -12.58 68.21 -18.04
C GLU D 185 -13.86 68.01 -18.84
N GLY D 186 -13.84 67.03 -19.74
CA GLY D 186 -15.00 66.69 -20.54
C GLY D 186 -15.23 65.19 -20.59
N GLU D 187 -15.62 64.68 -21.75
CA GLU D 187 -15.82 63.25 -21.90
C GLU D 187 -14.46 62.53 -21.86
N PRO D 188 -14.45 61.27 -21.41
CA PRO D 188 -13.17 60.55 -21.30
C PRO D 188 -12.56 60.29 -22.67
N ILE D 189 -11.23 60.21 -22.68
CA ILE D 189 -10.48 59.97 -23.91
C ILE D 189 -9.87 58.58 -23.84
N LYS D 190 -9.59 58.02 -25.02
CA LYS D 190 -9.02 56.69 -25.11
C LYS D 190 -7.52 56.72 -24.84
N ARG D 191 -7.04 55.62 -24.27
CA ARG D 191 -5.61 55.47 -24.01
C ARG D 191 -4.86 55.25 -25.31
N GLU D 192 -3.61 55.71 -25.35
CA GLU D 192 -2.81 55.62 -26.56
C GLU D 192 -2.36 54.19 -26.81
N ASP D 193 -3.08 53.48 -27.68
CA ASP D 193 -2.72 52.11 -28.01
C ASP D 193 -1.39 52.02 -28.76
N GLU D 194 -0.94 53.12 -29.36
CA GLU D 194 0.35 53.12 -30.04
C GLU D 194 1.48 52.75 -29.08
N GLU D 195 1.34 53.11 -27.81
CA GLU D 195 2.29 52.76 -26.77
C GLU D 195 1.67 51.97 -25.63
N GLU D 196 0.36 52.03 -25.46
CA GLU D 196 -0.39 51.23 -24.48
C GLU D 196 -0.18 51.70 -23.05
N SER D 197 0.74 52.65 -22.84
CA SER D 197 0.98 53.25 -21.53
C SER D 197 1.54 52.28 -20.49
N LEU D 198 1.56 50.98 -20.81
CA LEU D 198 2.07 49.94 -19.91
C LEU D 198 1.68 50.19 -18.46
N ASN D 199 0.38 50.29 -18.17
CA ASN D 199 -0.05 50.49 -16.79
C ASN D 199 0.04 49.18 -16.00
N GLU D 200 -0.76 48.19 -16.38
CA GLU D 200 -0.75 46.85 -15.81
C GLU D 200 -0.41 46.86 -14.31
N VAL D 201 0.73 46.29 -13.94
CA VAL D 201 1.20 46.28 -12.56
C VAL D 201 2.72 46.52 -12.58
N GLY D 202 3.31 46.55 -11.39
CA GLY D 202 4.74 46.76 -11.31
C GLY D 202 5.24 46.57 -9.90
N TYR D 203 6.47 47.02 -9.67
CA TYR D 203 7.11 46.81 -8.38
C TYR D 203 6.40 47.59 -7.26
N ASP D 204 5.78 48.72 -7.58
CA ASP D 204 5.20 49.56 -6.54
C ASP D 204 4.03 48.89 -5.84
N ASP D 205 3.35 47.94 -6.49
CA ASP D 205 2.22 47.24 -5.89
C ASP D 205 2.60 45.83 -5.46
N ILE D 206 3.88 45.60 -5.15
CA ILE D 206 4.36 44.35 -4.58
C ILE D 206 4.83 44.65 -3.17
N GLY D 207 4.31 43.93 -2.20
CA GLY D 207 4.65 44.17 -0.81
C GLY D 207 4.80 42.87 -0.05
N GLY D 208 5.69 42.89 0.93
CA GLY D 208 5.92 41.75 1.79
C GLY D 208 6.98 40.78 1.29
N CYS D 209 7.46 40.95 0.07
CA CYS D 209 8.52 40.12 -0.51
C CYS D 209 9.55 41.00 -1.19
N ARG D 210 9.95 42.08 -0.52
CA ARG D 210 10.91 43.01 -1.11
C ARG D 210 12.25 42.33 -1.35
N LYS D 211 12.71 41.51 -0.40
CA LYS D 211 13.97 40.81 -0.60
C LYS D 211 13.91 39.84 -1.77
N GLN D 212 12.82 39.06 -1.86
CA GLN D 212 12.69 38.12 -2.97
C GLN D 212 12.53 38.85 -4.29
N LEU D 213 11.78 39.96 -4.30
CA LEU D 213 11.66 40.73 -5.53
C LEU D 213 12.99 41.32 -5.95
N ALA D 214 13.80 41.78 -4.98
CA ALA D 214 15.13 42.27 -5.31
C ALA D 214 16.01 41.17 -5.86
N GLN D 215 15.91 39.96 -5.29
CA GLN D 215 16.66 38.84 -5.81
C GLN D 215 16.27 38.54 -7.26
N ILE D 216 14.97 38.52 -7.53
CA ILE D 216 14.51 38.27 -8.90
C ILE D 216 14.97 39.39 -9.82
N LYS D 217 14.93 40.64 -9.36
CA LYS D 217 15.37 41.75 -10.19
C LYS D 217 16.84 41.59 -10.56
N GLU D 218 17.69 41.40 -9.57
CA GLU D 218 19.11 41.20 -9.87
C GLU D 218 19.35 39.94 -10.68
N MET D 219 18.43 38.98 -10.63
CA MET D 219 18.60 37.74 -11.38
C MET D 219 18.20 37.88 -12.84
N VAL D 220 17.19 38.70 -13.14
CA VAL D 220 16.54 38.68 -14.45
C VAL D 220 16.65 39.99 -15.20
N GLU D 221 17.09 41.09 -14.58
CA GLU D 221 17.07 42.38 -15.24
C GLU D 221 18.02 42.41 -16.44
N LEU D 222 19.25 41.94 -16.25
CA LEU D 222 20.24 42.01 -17.34
C LEU D 222 19.82 41.24 -18.57
N PRO D 223 19.45 39.95 -18.50
CA PRO D 223 19.09 39.23 -19.73
C PRO D 223 17.92 39.83 -20.46
N LEU D 224 16.96 40.44 -19.75
CA LEU D 224 15.79 41.01 -20.42
C LEU D 224 16.08 42.41 -20.95
N ARG D 225 16.69 43.26 -20.11
CA ARG D 225 17.00 44.62 -20.55
C ARG D 225 18.19 44.66 -21.51
N HIS D 226 19.13 43.73 -21.37
CA HIS D 226 20.37 43.75 -22.15
C HIS D 226 20.58 42.41 -22.84
N PRO D 227 19.68 42.03 -23.74
CA PRO D 227 19.92 40.83 -24.55
C PRO D 227 21.11 40.96 -25.48
N ALA D 228 21.51 42.19 -25.81
CA ALA D 228 22.62 42.39 -26.75
C ALA D 228 23.93 41.86 -26.19
N LEU D 229 24.21 42.15 -24.91
CA LEU D 229 25.49 41.71 -24.34
C LEU D 229 25.52 40.20 -24.12
N PHE D 230 24.37 39.59 -23.87
CA PHE D 230 24.35 38.17 -23.56
C PHE D 230 24.65 37.30 -24.77
N LYS D 231 24.70 37.87 -25.97
CA LYS D 231 25.23 37.16 -27.12
C LYS D 231 26.74 37.32 -27.23
N ALA D 232 27.34 38.21 -26.42
CA ALA D 232 28.77 38.45 -26.42
C ALA D 232 29.41 38.13 -25.08
N ILE D 233 28.65 38.25 -23.97
CA ILE D 233 29.22 38.00 -22.65
C ILE D 233 29.66 36.55 -22.53
N GLY D 234 28.89 35.63 -23.10
CA GLY D 234 29.18 34.21 -23.08
C GLY D 234 28.59 33.46 -21.89
N VAL D 235 28.59 34.07 -20.70
CA VAL D 235 28.12 33.37 -19.51
C VAL D 235 26.62 33.19 -19.60
N LYS D 236 26.16 31.98 -19.32
CA LYS D 236 24.75 31.64 -19.44
C LYS D 236 23.96 32.25 -18.29
N PRO D 237 22.91 33.04 -18.56
CA PRO D 237 22.02 33.47 -17.49
C PRO D 237 21.03 32.38 -17.15
N PRO D 238 20.26 32.53 -16.07
CA PRO D 238 19.28 31.49 -15.72
C PRO D 238 18.21 31.33 -16.78
N ARG D 239 18.20 30.17 -17.44
CA ARG D 239 17.22 29.92 -18.49
C ARG D 239 15.80 29.94 -17.92
N GLY D 240 15.62 29.43 -16.71
CA GLY D 240 14.32 29.45 -16.07
C GLY D 240 14.44 29.71 -14.59
N ILE D 241 13.43 30.37 -14.05
CA ILE D 241 13.36 30.72 -12.63
C ILE D 241 12.11 30.08 -12.05
N LEU D 242 12.29 29.29 -11.00
CA LEU D 242 11.18 28.53 -10.41
C LEU D 242 10.70 29.24 -9.16
N LEU D 243 9.85 30.25 -9.38
CA LEU D 243 9.15 30.88 -8.27
C LEU D 243 8.28 29.84 -7.58
N TYR D 244 8.19 29.92 -6.25
CA TYR D 244 7.30 29.01 -5.55
C TYR D 244 6.93 29.60 -4.19
N GLY D 245 5.83 29.10 -3.65
CA GLY D 245 5.30 29.55 -2.38
C GLY D 245 3.87 29.11 -2.23
N PRO D 246 3.27 29.40 -1.08
CA PRO D 246 1.87 29.02 -0.88
C PRO D 246 0.98 29.73 -1.88
N PRO D 247 -0.15 29.11 -2.24
CA PRO D 247 -1.01 29.72 -3.27
C PRO D 247 -1.49 31.11 -2.85
N GLY D 248 -1.58 32.00 -3.82
CA GLY D 248 -1.97 33.36 -3.54
C GLY D 248 -0.88 34.21 -2.93
N THR D 249 0.39 33.80 -3.07
CA THR D 249 1.49 34.53 -2.48
C THR D 249 1.98 35.68 -3.36
N GLY D 250 1.52 35.77 -4.60
CA GLY D 250 1.96 36.78 -5.52
C GLY D 250 2.90 36.32 -6.60
N LYS D 251 3.08 35.00 -6.76
CA LYS D 251 4.00 34.48 -7.77
C LYS D 251 3.65 35.05 -9.14
N THR D 252 2.39 34.94 -9.54
CA THR D 252 1.97 35.53 -10.80
C THR D 252 2.16 37.04 -10.78
N LEU D 253 1.85 37.68 -9.65
CA LEU D 253 1.96 39.13 -9.56
C LEU D 253 3.41 39.58 -9.72
N ILE D 254 4.33 38.93 -9.01
CA ILE D 254 5.74 39.34 -9.11
C ILE D 254 6.28 39.01 -10.50
N ALA D 255 5.87 37.88 -11.08
CA ALA D 255 6.31 37.57 -12.43
C ALA D 255 5.85 38.63 -13.42
N ARG D 256 4.58 39.01 -13.34
CA ARG D 256 4.06 40.03 -14.24
C ARG D 256 4.69 41.39 -13.98
N ALA D 257 5.02 41.70 -12.73
CA ALA D 257 5.67 42.96 -12.43
C ALA D 257 7.07 43.01 -13.03
N VAL D 258 7.87 41.97 -12.80
CA VAL D 258 9.22 41.95 -13.36
C VAL D 258 9.19 41.83 -14.87
N ALA D 259 8.08 41.37 -15.45
CA ALA D 259 7.93 41.39 -16.90
C ALA D 259 7.65 42.79 -17.41
N ASN D 260 6.54 43.38 -16.96
CA ASN D 260 6.14 44.70 -17.44
C ASN D 260 7.16 45.76 -17.04
N GLU D 261 7.63 45.71 -15.78
CA GLU D 261 8.55 46.75 -15.31
C GLU D 261 9.81 46.81 -16.16
N THR D 262 10.27 45.67 -16.67
CA THR D 262 11.44 45.62 -17.54
C THR D 262 11.09 45.71 -19.01
N GLY D 263 9.81 45.81 -19.36
CA GLY D 263 9.39 45.89 -20.74
C GLY D 263 9.32 44.57 -21.47
N ALA D 264 9.62 43.46 -20.80
CA ALA D 264 9.58 42.16 -21.45
C ALA D 264 8.14 41.71 -21.68
N PHE D 265 7.90 41.09 -22.83
CA PHE D 265 6.59 40.54 -23.13
C PHE D 265 6.32 39.35 -22.23
N PHE D 266 5.15 39.34 -21.61
CA PHE D 266 4.77 38.32 -20.63
C PHE D 266 3.74 37.39 -21.27
N PHE D 267 4.08 36.11 -21.36
CA PHE D 267 3.18 35.10 -21.93
C PHE D 267 2.79 34.12 -20.82
N LEU D 268 1.53 34.17 -20.41
CA LEU D 268 1.02 33.31 -19.36
C LEU D 268 0.42 32.04 -19.98
N ILE D 269 0.95 30.89 -19.59
CA ILE D 269 0.51 29.60 -20.13
C ILE D 269 0.03 28.72 -18.99
N ASN D 270 -0.65 29.32 -18.02
CA ASN D 270 -1.12 28.63 -16.83
C ASN D 270 -1.56 27.21 -17.13
N GLY D 271 -1.07 26.27 -16.32
CA GLY D 271 -1.18 24.85 -16.59
C GLY D 271 -2.53 24.39 -17.09
N PRO D 272 -3.59 24.62 -16.29
CA PRO D 272 -4.91 24.10 -16.68
C PRO D 272 -5.38 24.57 -18.04
N GLU D 273 -4.98 25.76 -18.48
CA GLU D 273 -5.39 26.24 -19.80
C GLU D 273 -4.87 25.35 -20.92
N ILE D 274 -3.77 24.65 -20.69
CA ILE D 274 -3.18 23.77 -21.69
C ILE D 274 -3.53 22.30 -21.41
N MET D 275 -3.51 21.89 -20.14
CA MET D 275 -3.84 20.52 -19.81
C MET D 275 -5.29 20.17 -20.13
N SER D 276 -6.13 21.17 -20.36
CA SER D 276 -7.53 20.95 -20.69
C SER D 276 -7.76 20.70 -22.18
N LYS D 277 -6.75 20.84 -23.01
CA LYS D 277 -6.91 20.66 -24.45
C LYS D 277 -6.59 19.23 -24.86
N LEU D 278 -6.92 18.90 -26.11
CA LEU D 278 -6.78 17.53 -26.60
C LEU D 278 -5.33 17.07 -26.50
N ALA D 279 -5.15 15.82 -26.08
CA ALA D 279 -3.82 15.24 -26.02
C ALA D 279 -3.16 15.29 -27.40
N GLY D 280 -1.91 15.70 -27.42
CA GLY D 280 -1.19 15.96 -28.66
C GLY D 280 -1.41 17.36 -29.15
N GLU D 281 -2.65 17.84 -29.10
CA GLU D 281 -2.92 19.24 -29.45
C GLU D 281 -2.47 20.18 -28.34
N SER D 282 -2.55 19.75 -27.08
CA SER D 282 -2.02 20.55 -25.99
C SER D 282 -0.51 20.64 -26.07
N GLU D 283 0.15 19.56 -26.51
CA GLU D 283 1.58 19.64 -26.76
C GLU D 283 1.89 20.70 -27.82
N SER D 284 1.10 20.72 -28.89
CA SER D 284 1.28 21.74 -29.93
C SER D 284 1.03 23.13 -29.37
N ASN D 285 0.03 23.27 -28.49
CA ASN D 285 -0.26 24.57 -27.90
C ASN D 285 0.92 25.07 -27.06
N LEU D 286 1.50 24.19 -26.25
CA LEU D 286 2.66 24.58 -25.46
C LEU D 286 3.85 24.91 -26.35
N ARG D 287 4.06 24.09 -27.39
CA ARG D 287 5.18 24.34 -28.30
C ARG D 287 5.02 25.68 -29.00
N LYS D 288 3.82 26.00 -29.47
CA LYS D 288 3.60 27.29 -30.13
C LYS D 288 3.61 28.44 -29.15
N ALA D 289 3.31 28.20 -27.87
CA ALA D 289 3.52 29.23 -26.87
C ALA D 289 4.99 29.56 -26.74
N PHE D 290 5.84 28.52 -26.69
CA PHE D 290 7.28 28.78 -26.66
C PHE D 290 7.75 29.46 -27.93
N GLU D 291 7.18 29.08 -29.08
CA GLU D 291 7.54 29.76 -30.33
C GLU D 291 7.14 31.23 -30.30
N GLU D 292 5.96 31.54 -29.74
CA GLU D 292 5.54 32.92 -29.58
C GLU D 292 6.52 33.68 -28.68
N ALA D 293 6.97 33.04 -27.60
CA ALA D 293 7.95 33.68 -26.74
C ALA D 293 9.26 33.93 -27.49
N GLU D 294 9.66 32.98 -28.35
CA GLU D 294 10.94 33.09 -29.03
C GLU D 294 10.91 34.09 -30.18
N LYS D 295 9.77 34.25 -30.86
CA LYS D 295 9.73 35.12 -32.03
C LYS D 295 10.11 36.55 -31.68
N ASN D 296 9.83 36.98 -30.44
CA ASN D 296 10.30 38.25 -29.92
C ASN D 296 11.32 38.00 -28.82
N ALA D 297 12.48 38.65 -28.94
CA ALA D 297 13.61 38.30 -28.07
C ALA D 297 13.34 38.54 -26.60
N PRO D 298 12.88 39.72 -26.16
CA PRO D 298 12.83 40.00 -24.72
C PRO D 298 11.69 39.33 -23.98
N ALA D 299 10.84 38.55 -24.66
CA ALA D 299 9.68 37.98 -24.01
C ALA D 299 10.08 36.96 -22.94
N ILE D 300 9.19 36.80 -21.96
CA ILE D 300 9.34 35.76 -20.95
C ILE D 300 8.03 34.99 -20.87
N ILE D 301 8.13 33.69 -20.66
CA ILE D 301 6.99 32.79 -20.57
C ILE D 301 6.87 32.31 -19.14
N PHE D 302 5.69 32.47 -18.55
CA PHE D 302 5.44 32.15 -17.16
C PHE D 302 4.48 30.97 -17.09
N ILE D 303 4.91 29.90 -16.43
CA ILE D 303 4.13 28.67 -16.33
C ILE D 303 3.50 28.66 -14.94
N ASP D 304 2.23 29.03 -14.87
CA ASP D 304 1.52 29.01 -13.60
C ASP D 304 0.98 27.61 -13.30
N GLU D 305 0.95 27.27 -12.02
CA GLU D 305 0.49 25.96 -11.57
C GLU D 305 1.28 24.84 -12.27
N LEU D 306 2.60 24.92 -12.17
CA LEU D 306 3.46 23.91 -12.77
C LEU D 306 3.27 22.55 -12.12
N ASP D 307 2.67 22.48 -10.93
CA ASP D 307 2.39 21.20 -10.32
C ASP D 307 1.49 20.35 -11.21
N ALA D 308 0.44 20.96 -11.78
CA ALA D 308 -0.45 20.22 -12.67
C ALA D 308 0.29 19.77 -13.93
N ILE D 309 1.10 20.66 -14.50
CA ILE D 309 1.78 20.33 -15.75
C ILE D 309 2.80 19.22 -15.54
N ALA D 310 3.63 19.35 -14.51
CA ALA D 310 4.75 18.44 -14.29
C ALA D 310 4.84 18.03 -12.83
N PRO D 311 3.93 17.16 -12.39
CA PRO D 311 4.07 16.58 -11.04
C PRO D 311 5.14 15.49 -11.02
N LYS D 312 5.27 14.78 -9.92
CA LYS D 312 6.28 13.73 -9.81
C LYS D 312 6.10 12.72 -10.94
N ARG D 313 7.20 12.37 -11.61
CA ARG D 313 7.11 11.54 -12.81
C ARG D 313 6.48 10.19 -12.51
N GLU D 314 6.96 9.50 -11.48
CA GLU D 314 6.44 8.18 -11.16
C GLU D 314 5.02 8.22 -10.60
N LYS D 315 4.57 9.39 -10.15
CA LYS D 315 3.21 9.53 -9.62
C LYS D 315 2.20 9.92 -10.69
N THR D 316 2.63 10.22 -11.91
CA THR D 316 1.70 10.46 -13.00
C THR D 316 1.05 9.15 -13.44
N HIS D 317 -0.14 9.28 -14.01
CA HIS D 317 -0.85 8.10 -14.53
C HIS D 317 -0.34 7.71 -15.90
N GLY D 318 -0.51 8.60 -16.88
CA GLY D 318 -0.03 8.31 -18.22
C GLY D 318 -0.59 9.28 -19.23
N GLU D 319 -0.17 9.07 -20.48
CA GLU D 319 -0.56 9.94 -21.58
C GLU D 319 -0.20 11.38 -21.24
N VAL D 320 -1.20 12.27 -21.20
CA VAL D 320 -0.93 13.71 -21.18
C VAL D 320 0.00 14.06 -20.02
N GLU D 321 -0.28 13.53 -18.83
CA GLU D 321 0.47 13.94 -17.64
C GLU D 321 1.97 13.74 -17.81
N ARG D 322 2.38 12.81 -18.67
CA ARG D 322 3.79 12.68 -19.02
C ARG D 322 4.10 13.18 -20.43
N ARG D 323 3.14 13.06 -21.35
CA ARG D 323 3.38 13.56 -22.71
C ARG D 323 3.74 15.04 -22.68
N ILE D 324 3.08 15.82 -21.82
CA ILE D 324 3.43 17.22 -21.67
C ILE D 324 4.82 17.35 -21.08
N VAL D 325 5.12 16.56 -20.03
CA VAL D 325 6.36 16.78 -19.29
C VAL D 325 7.56 16.64 -20.20
N SER D 326 7.64 15.52 -20.93
CA SER D 326 8.70 15.38 -21.92
C SER D 326 8.62 16.50 -22.95
N GLN D 327 7.42 16.76 -23.47
CA GLN D 327 7.24 17.86 -24.39
C GLN D 327 7.69 19.17 -23.76
N LEU D 328 7.50 19.31 -22.45
CA LEU D 328 7.99 20.48 -21.75
C LEU D 328 9.51 20.45 -21.66
N LEU D 329 10.07 19.30 -21.26
CA LEU D 329 11.51 19.22 -21.05
C LEU D 329 12.26 19.51 -22.35
N THR D 330 11.86 18.84 -23.44
CA THR D 330 12.53 19.08 -24.71
C THR D 330 12.42 20.53 -25.15
N LEU D 331 11.43 21.27 -24.63
CA LEU D 331 11.34 22.70 -24.87
C LEU D 331 11.94 23.54 -23.76
N MET D 332 11.97 23.01 -22.53
CA MET D 332 12.53 23.77 -21.42
C MET D 332 14.02 24.01 -21.61
N ASP D 333 14.76 22.97 -22.00
CA ASP D 333 16.18 23.08 -22.28
C ASP D 333 16.49 23.10 -23.77
N GLY D 334 15.51 22.85 -24.63
CA GLY D 334 15.74 22.95 -26.06
C GLY D 334 16.13 24.34 -26.49
N LEU D 335 15.59 25.36 -25.81
CA LEU D 335 15.97 26.73 -26.11
C LEU D 335 17.48 26.92 -25.91
N LYS D 336 18.09 27.68 -26.81
CA LYS D 336 19.54 27.87 -26.79
C LYS D 336 19.98 29.00 -25.86
N GLN D 337 19.03 29.78 -25.33
CA GLN D 337 19.31 30.89 -24.42
C GLN D 337 19.90 32.09 -25.16
N ARG D 338 20.21 31.93 -26.43
CA ARG D 338 20.59 33.06 -27.28
C ARG D 338 19.39 33.77 -27.87
N ALA D 339 18.20 33.18 -27.75
CA ALA D 339 16.96 33.85 -28.14
C ALA D 339 16.44 34.80 -27.08
N HIS D 340 17.04 34.80 -25.89
CA HIS D 340 16.68 35.72 -24.81
C HIS D 340 15.30 35.43 -24.23
N VAL D 341 14.90 34.15 -24.24
CA VAL D 341 13.62 33.71 -23.66
C VAL D 341 13.89 33.19 -22.27
N ILE D 342 13.09 33.63 -21.30
CA ILE D 342 13.21 33.20 -19.91
C ILE D 342 11.92 32.52 -19.52
N VAL D 343 12.03 31.31 -18.98
CA VAL D 343 10.87 30.52 -18.58
C VAL D 343 10.72 30.54 -17.07
N MET D 344 9.92 31.48 -16.57
CA MET D 344 9.59 31.48 -15.15
C MET D 344 8.49 30.47 -14.87
N ALA D 345 8.44 29.98 -13.64
CA ALA D 345 7.45 28.98 -13.25
C ALA D 345 6.97 29.27 -11.84
N ALA D 346 5.74 28.86 -11.57
CA ALA D 346 5.14 28.98 -10.26
C ALA D 346 4.72 27.60 -9.77
N THR D 347 5.12 27.27 -8.55
CA THR D 347 4.78 25.97 -7.97
C THR D 347 4.64 26.15 -6.46
N ASN D 348 4.29 25.07 -5.79
CA ASN D 348 4.11 25.06 -4.34
C ASN D 348 5.08 24.04 -3.75
N ARG D 349 6.15 24.52 -3.12
CA ARG D 349 7.11 23.64 -2.47
C ARG D 349 7.59 22.59 -3.48
N PRO D 350 8.51 22.95 -4.39
CA PRO D 350 8.73 22.15 -5.60
C PRO D 350 9.13 20.70 -5.37
N ASN D 351 9.21 20.25 -4.12
CA ASN D 351 9.34 18.82 -3.86
C ASN D 351 8.25 18.01 -4.57
N SER D 352 7.14 18.65 -4.97
CA SER D 352 6.05 17.97 -5.64
C SER D 352 6.21 17.89 -7.16
N ILE D 353 6.90 18.86 -7.77
CA ILE D 353 7.03 18.86 -9.23
C ILE D 353 8.03 17.80 -9.65
N ASP D 354 8.08 17.50 -10.94
CA ASP D 354 8.96 16.45 -11.44
C ASP D 354 10.41 16.75 -11.07
N PRO D 355 11.13 15.82 -10.44
CA PRO D 355 12.55 16.08 -10.17
C PRO D 355 13.37 16.36 -11.42
N ALA D 356 12.95 15.82 -12.57
CA ALA D 356 13.71 16.05 -13.80
C ALA D 356 13.76 17.53 -14.15
N LEU D 357 12.72 18.29 -13.80
CA LEU D 357 12.74 19.73 -14.06
C LEU D 357 13.67 20.48 -13.13
N ARG D 358 14.08 19.86 -12.01
CA ARG D 358 14.98 20.51 -11.06
C ARG D 358 16.42 20.55 -11.54
N ARG D 359 16.75 19.86 -12.62
CA ARG D 359 18.12 19.88 -13.14
C ARG D 359 18.51 21.30 -13.56
N PHE D 360 19.79 21.46 -13.85
CA PHE D 360 20.34 22.75 -14.25
C PHE D 360 20.35 22.90 -15.76
N GLY D 361 20.28 24.15 -16.21
CA GLY D 361 20.03 24.45 -17.60
C GLY D 361 18.55 24.60 -17.93
N ARG D 362 17.67 24.19 -17.02
CA ARG D 362 16.23 24.39 -17.17
C ARG D 362 15.63 25.20 -16.04
N PHE D 363 15.86 24.81 -14.79
CA PHE D 363 15.44 25.56 -13.61
C PHE D 363 16.62 25.55 -12.64
N ASP D 364 17.51 26.53 -12.77
CA ASP D 364 18.71 26.61 -11.97
C ASP D 364 18.61 27.59 -10.81
N ARG D 365 17.48 28.28 -10.66
CA ARG D 365 17.30 29.24 -9.57
C ARG D 365 15.85 29.18 -9.12
N GLU D 366 15.65 28.99 -7.82
CA GLU D 366 14.37 28.57 -7.26
C GLU D 366 14.00 29.40 -6.03
N VAL D 367 13.97 30.72 -6.19
CA VAL D 367 13.69 31.64 -5.09
C VAL D 367 12.40 31.25 -4.41
N ASP D 368 12.32 31.45 -3.09
CA ASP D 368 11.16 31.11 -2.28
C ASP D 368 10.49 32.40 -1.82
N ILE D 369 9.29 32.66 -2.33
CA ILE D 369 8.59 33.88 -1.98
C ILE D 369 8.13 33.83 -0.51
N GLY D 370 7.53 32.72 -0.11
CA GLY D 370 7.07 32.56 1.26
C GLY D 370 5.92 33.51 1.59
N ILE D 371 5.24 33.26 2.70
CA ILE D 371 4.13 34.10 3.12
C ILE D 371 4.69 35.43 3.62
N PRO D 372 3.97 36.54 3.45
CA PRO D 372 4.45 37.82 4.01
C PRO D 372 4.61 37.73 5.51
N ASP D 373 5.62 38.44 6.02
CA ASP D 373 5.90 38.48 7.45
C ASP D 373 5.00 39.51 8.11
N ALA D 374 5.27 39.82 9.38
CA ALA D 374 4.41 40.73 10.14
C ALA D 374 4.41 42.13 9.53
N THR D 375 5.60 42.67 9.24
CA THR D 375 5.71 44.01 8.69
C THR D 375 5.50 44.05 7.18
N GLY D 376 5.51 42.90 6.51
CA GLY D 376 5.18 42.87 5.09
C GLY D 376 3.70 42.97 4.82
N ARG D 377 2.88 42.38 5.70
CA ARG D 377 1.44 42.51 5.54
C ARG D 377 0.99 43.96 5.69
N LEU D 378 1.72 44.75 6.47
CA LEU D 378 1.42 46.18 6.55
C LEU D 378 1.56 46.84 5.19
N GLU D 379 2.66 46.56 4.49
CA GLU D 379 2.86 47.14 3.16
C GLU D 379 1.83 46.60 2.17
N ILE D 380 1.50 45.31 2.28
CA ILE D 380 0.49 44.74 1.38
C ILE D 380 -0.85 45.43 1.58
N LEU D 381 -1.23 45.66 2.84
CA LEU D 381 -2.47 46.37 3.11
C LEU D 381 -2.40 47.80 2.59
N GLN D 382 -1.26 48.46 2.76
CA GLN D 382 -1.13 49.84 2.30
C GLN D 382 -1.32 49.92 0.80
N ILE D 383 -0.70 49.00 0.05
CA ILE D 383 -0.83 49.04 -1.41
C ILE D 383 -2.24 48.65 -1.84
N HIS D 384 -2.82 47.61 -1.21
CA HIS D 384 -4.18 47.22 -1.57
C HIS D 384 -5.21 48.21 -1.05
N THR D 385 -5.03 48.74 0.16
CA THR D 385 -5.89 49.82 0.65
C THR D 385 -5.41 51.18 0.18
N LYS D 386 -5.19 51.32 -1.13
CA LYS D 386 -4.82 52.61 -1.71
C LYS D 386 -6.06 53.39 -2.10
N ASN D 387 -6.94 52.76 -2.87
CA ASN D 387 -8.11 53.44 -3.41
C ASN D 387 -9.34 53.36 -2.52
N MET D 388 -9.29 52.58 -1.44
CA MET D 388 -10.46 52.45 -0.57
C MET D 388 -10.83 53.76 0.12
N LYS D 389 -9.91 54.73 0.15
CA LYS D 389 -10.11 55.95 0.93
C LYS D 389 -10.37 55.59 2.40
N LEU D 390 -9.39 54.91 2.99
CA LEU D 390 -9.54 54.44 4.36
C LEU D 390 -9.68 55.62 5.32
N ALA D 391 -10.49 55.42 6.35
CA ALA D 391 -10.75 56.48 7.33
C ALA D 391 -9.47 56.79 8.09
N ASP D 392 -9.52 57.80 8.96
CA ASP D 392 -8.37 58.20 9.75
C ASP D 392 -8.18 57.31 10.97
N ASP D 393 -9.27 56.83 11.58
CA ASP D 393 -9.18 56.01 12.78
C ASP D 393 -8.54 54.65 12.53
N VAL D 394 -8.47 54.20 11.29
CA VAL D 394 -7.85 52.93 10.96
C VAL D 394 -6.35 53.13 10.82
N ASP D 395 -5.59 52.13 11.26
CA ASP D 395 -4.13 52.21 11.30
C ASP D 395 -3.43 51.30 10.31
N LEU D 396 -3.98 50.12 10.03
CA LEU D 396 -3.44 49.11 9.12
C LEU D 396 -2.23 48.38 9.69
N GLU D 397 -1.72 48.77 10.85
CA GLU D 397 -0.65 48.05 11.51
C GLU D 397 -1.17 47.03 12.52
N GLN D 398 -2.25 47.35 13.22
CA GLN D 398 -2.92 46.35 14.05
C GLN D 398 -3.51 45.24 13.18
N VAL D 399 -4.09 45.61 12.04
CA VAL D 399 -4.66 44.61 11.14
C VAL D 399 -3.57 43.68 10.63
N ALA D 400 -2.43 44.25 10.23
CA ALA D 400 -1.33 43.42 9.72
C ALA D 400 -0.83 42.48 10.80
N ASN D 401 -0.65 42.98 12.02
CA ASN D 401 -0.17 42.13 13.11
C ASN D 401 -1.16 41.02 13.43
N GLU D 402 -2.45 41.34 13.42
CA GLU D 402 -3.47 40.35 13.76
C GLU D 402 -3.63 39.31 12.65
N THR D 403 -3.34 39.68 11.40
CA THR D 403 -3.48 38.76 10.27
C THR D 403 -2.24 37.88 10.17
N HIS D 404 -2.02 37.09 11.22
CA HIS D 404 -0.89 36.17 11.24
C HIS D 404 -1.23 34.92 10.44
N GLY D 405 -0.36 34.59 9.49
CA GLY D 405 -0.58 33.48 8.60
C GLY D 405 -1.30 33.84 7.31
N HIS D 406 -1.95 35.00 7.26
CA HIS D 406 -2.60 35.43 6.03
C HIS D 406 -1.57 35.59 4.92
N VAL D 407 -1.89 35.07 3.74
CA VAL D 407 -1.05 35.25 2.57
C VAL D 407 -1.54 36.51 1.86
N GLY D 408 -0.75 37.04 0.93
CA GLY D 408 -1.14 38.26 0.24
C GLY D 408 -2.52 38.16 -0.38
N ALA D 409 -2.89 36.99 -0.87
CA ALA D 409 -4.24 36.80 -1.38
C ALA D 409 -5.27 36.99 -0.27
N ASP D 410 -4.97 36.49 0.94
CA ASP D 410 -5.87 36.73 2.06
C ASP D 410 -5.96 38.21 2.39
N LEU D 411 -4.84 38.93 2.28
CA LEU D 411 -4.88 40.37 2.52
C LEU D 411 -5.78 41.07 1.51
N ALA D 412 -5.67 40.69 0.23
CA ALA D 412 -6.54 41.26 -0.78
C ALA D 412 -8.01 40.93 -0.51
N ALA D 413 -8.27 39.69 -0.08
CA ALA D 413 -9.64 39.29 0.24
C ALA D 413 -10.18 40.09 1.41
N LEU D 414 -9.36 40.31 2.43
CA LEU D 414 -9.78 41.13 3.57
C LEU D 414 -10.05 42.57 3.13
N CYS D 415 -9.19 43.12 2.29
CA CYS D 415 -9.42 44.44 1.70
C CYS D 415 -10.78 44.50 1.03
N SER D 416 -11.06 43.54 0.14
CA SER D 416 -12.32 43.54 -0.59
C SER D 416 -13.50 43.36 0.34
N GLU D 417 -13.36 42.51 1.37
CA GLU D 417 -14.46 42.30 2.31
C GLU D 417 -14.77 43.56 3.09
N ALA D 418 -13.73 44.28 3.55
CA ALA D 418 -13.97 45.54 4.24
C ALA D 418 -14.66 46.54 3.33
N ALA D 419 -14.21 46.63 2.07
CA ALA D 419 -14.87 47.53 1.13
C ALA D 419 -16.33 47.15 0.92
N LEU D 420 -16.61 45.85 0.77
CA LEU D 420 -17.97 45.41 0.52
C LEU D 420 -18.86 45.66 1.74
N GLN D 421 -18.32 45.50 2.94
CA GLN D 421 -19.11 45.80 4.13
C GLN D 421 -19.38 47.30 4.23
N ALA D 422 -18.40 48.14 3.89
CA ALA D 422 -18.65 49.57 3.89
C ALA D 422 -19.74 49.95 2.90
N ILE D 423 -19.71 49.36 1.71
CA ILE D 423 -20.81 49.55 0.77
C ILE D 423 -22.11 49.08 1.38
N ARG D 424 -22.09 47.93 2.04
CA ARG D 424 -23.28 47.26 2.54
C ARG D 424 -23.82 47.88 3.82
N LYS D 425 -22.99 48.63 4.55
CA LYS D 425 -23.46 49.45 5.66
C LYS D 425 -23.89 50.83 5.20
N LYS D 426 -23.75 51.12 3.90
CA LYS D 426 -24.23 52.38 3.33
C LYS D 426 -25.18 52.14 2.16
N MET D 427 -25.65 50.90 1.96
CA MET D 427 -26.60 50.63 0.90
C MET D 427 -27.91 51.37 1.13
N ASP D 428 -28.20 51.74 2.38
CA ASP D 428 -29.44 52.45 2.67
C ASP D 428 -29.46 53.81 1.99
N LEU D 429 -28.34 54.53 2.03
CA LEU D 429 -28.23 55.85 1.41
C LEU D 429 -27.46 55.82 0.09
N ILE D 430 -27.20 54.63 -0.45
CA ILE D 430 -26.53 54.48 -1.74
C ILE D 430 -27.51 54.09 -2.83
N ASP D 431 -28.57 53.37 -2.49
CA ASP D 431 -29.58 52.92 -3.45
C ASP D 431 -30.76 53.90 -3.52
N LEU D 432 -30.52 55.18 -3.22
CA LEU D 432 -31.60 56.17 -3.26
C LEU D 432 -32.18 56.29 -4.66
N GLU D 433 -31.33 56.37 -5.66
CA GLU D 433 -31.74 56.43 -7.06
C GLU D 433 -31.78 54.98 -7.55
N ASP D 434 -31.88 54.78 -8.86
CA ASP D 434 -31.96 53.43 -9.39
C ASP D 434 -30.64 52.69 -9.18
N GLU D 435 -30.47 52.11 -7.99
CA GLU D 435 -29.21 51.47 -7.57
C GLU D 435 -28.12 52.56 -7.55
N THR D 436 -26.92 52.27 -8.03
CA THR D 436 -25.81 53.21 -7.92
C THR D 436 -25.74 54.09 -9.16
N ILE D 437 -25.54 55.39 -8.95
CA ILE D 437 -25.29 56.33 -10.03
C ILE D 437 -23.82 56.73 -10.09
N ASP D 438 -22.93 55.90 -9.54
CA ASP D 438 -21.50 56.25 -9.45
C ASP D 438 -21.34 57.48 -8.56
N ALA D 439 -21.08 58.64 -9.16
CA ALA D 439 -21.17 59.90 -8.42
C ALA D 439 -20.14 60.01 -7.30
N GLU D 440 -20.11 61.18 -6.64
CA GLU D 440 -19.11 61.44 -5.61
C GLU D 440 -19.31 60.55 -4.39
N VAL D 441 -20.50 59.96 -4.24
CA VAL D 441 -20.88 59.24 -3.04
C VAL D 441 -19.84 58.19 -2.65
N MET D 442 -19.10 57.68 -3.63
CA MET D 442 -18.13 56.63 -3.38
C MET D 442 -17.05 57.06 -2.39
N ASN D 443 -16.78 58.37 -2.30
CA ASN D 443 -15.77 58.84 -1.36
C ASN D 443 -16.26 58.74 0.09
N SER D 444 -17.57 58.66 0.28
CA SER D 444 -18.12 58.73 1.63
C SER D 444 -17.90 57.43 2.41
N LEU D 445 -17.61 56.33 1.71
CA LEU D 445 -17.50 55.03 2.36
C LEU D 445 -16.64 55.08 3.61
N ALA D 446 -15.36 55.45 3.47
CA ALA D 446 -14.53 55.66 4.64
C ALA D 446 -14.46 54.39 5.50
N VAL D 447 -13.81 53.34 5.00
CA VAL D 447 -13.82 52.07 5.70
C VAL D 447 -13.05 52.19 7.01
N THR D 448 -13.78 52.28 8.11
CA THR D 448 -13.19 52.44 9.42
C THR D 448 -12.66 51.11 9.94
N MET D 449 -11.95 51.14 11.07
CA MET D 449 -11.47 49.90 11.67
C MET D 449 -12.61 48.94 11.93
N ASP D 450 -13.77 49.46 12.33
CA ASP D 450 -14.89 48.60 12.70
C ASP D 450 -15.25 47.61 11.59
N ASP D 451 -14.99 47.96 10.33
CA ASP D 451 -15.22 47.03 9.22
C ASP D 451 -14.06 46.08 9.01
N PHE D 452 -12.82 46.57 9.15
CA PHE D 452 -11.67 45.69 9.05
C PHE D 452 -11.77 44.57 10.08
N ARG D 453 -11.95 44.92 11.35
CA ARG D 453 -12.16 43.94 12.41
C ARG D 453 -13.07 42.80 11.93
N TRP D 454 -14.22 43.14 11.37
CA TRP D 454 -15.14 42.12 10.87
C TRP D 454 -14.49 41.28 9.79
N ALA D 455 -13.90 41.94 8.79
CA ALA D 455 -13.33 41.19 7.66
C ALA D 455 -12.23 40.25 8.13
N LEU D 456 -11.36 40.74 9.02
CA LEU D 456 -10.29 39.91 9.58
C LEU D 456 -10.86 38.73 10.34
N SER D 457 -11.91 38.95 11.14
CA SER D 457 -12.50 37.86 11.90
C SER D 457 -13.29 36.90 11.03
N GLN D 458 -13.62 37.28 9.80
CA GLN D 458 -14.43 36.46 8.90
C GLN D 458 -13.61 35.97 7.71
N SER D 459 -12.30 35.83 7.87
CA SER D 459 -11.42 35.33 6.83
C SER D 459 -10.50 34.28 7.43
N ASN D 460 -10.35 33.15 6.73
CA ASN D 460 -9.53 32.05 7.20
C ASN D 460 -8.15 32.14 6.59
N PRO D 461 -7.08 32.20 7.38
CA PRO D 461 -5.73 32.20 6.80
C PRO D 461 -5.54 31.05 5.83
N SER D 462 -4.96 31.36 4.66
CA SER D 462 -4.70 30.33 3.66
C SER D 462 -3.57 29.41 4.11
N ALA D 463 -2.45 29.98 4.55
CA ALA D 463 -1.25 29.24 4.90
C ALA D 463 -0.94 29.51 6.37
N LEU D 464 -1.55 28.72 7.25
CA LEU D 464 -1.31 28.80 8.68
C LEU D 464 -0.50 27.63 9.21
N ARG D 465 -0.19 26.64 8.38
CA ARG D 465 0.52 25.44 8.79
C ARG D 465 1.80 25.28 7.98
N GLU D 466 2.45 26.40 7.69
CA GLU D 466 3.70 26.42 6.95
C GLU D 466 4.74 27.18 7.77
N THR D 467 5.94 26.60 7.89
CA THR D 467 7.02 27.25 8.62
C THR D 467 7.26 28.63 8.02
N VAL D 468 7.02 29.68 8.80
CA VAL D 468 7.09 31.05 8.32
C VAL D 468 8.52 31.55 8.50
N VAL D 469 9.11 32.04 7.42
CA VAL D 469 10.43 32.67 7.46
C VAL D 469 10.23 34.16 7.64
N GLU D 470 10.81 34.72 8.70
CA GLU D 470 10.59 36.12 9.01
C GLU D 470 11.78 36.66 9.80
N VAL D 471 11.95 37.98 9.76
CA VAL D 471 12.93 38.66 10.58
C VAL D 471 12.22 39.14 11.84
N PRO D 472 12.40 38.47 12.99
CA PRO D 472 11.63 38.86 14.18
C PRO D 472 11.98 40.26 14.64
N GLN D 473 10.98 40.93 15.22
CA GLN D 473 11.09 42.32 15.63
C GLN D 473 11.24 42.47 17.14
N VAL D 474 11.90 41.50 17.79
CA VAL D 474 12.22 41.58 19.20
C VAL D 474 13.70 41.96 19.29
N THR D 475 13.96 43.19 19.69
CA THR D 475 15.32 43.71 19.70
C THR D 475 16.07 43.23 20.95
N TRP D 476 17.34 43.62 21.03
CA TRP D 476 18.15 43.27 22.20
C TRP D 476 17.57 43.87 23.47
N GLU D 477 16.92 45.03 23.37
CA GLU D 477 16.42 45.71 24.56
C GLU D 477 15.35 44.88 25.26
N ASP D 478 14.50 44.19 24.49
CA ASP D 478 13.41 43.43 25.11
C ASP D 478 13.95 42.38 26.08
N ILE D 479 15.03 41.70 25.70
CA ILE D 479 15.59 40.64 26.55
C ILE D 479 16.58 41.30 27.50
N GLY D 480 16.06 41.72 28.66
CA GLY D 480 16.90 42.26 29.70
C GLY D 480 17.50 41.15 30.56
N GLY D 481 18.39 41.57 31.45
CA GLY D 481 18.97 40.61 32.38
C GLY D 481 20.20 39.91 31.83
N LEU D 482 20.00 38.73 31.25
CA LEU D 482 21.10 37.96 30.69
C LEU D 482 21.96 38.86 29.83
N GLU D 483 23.21 39.08 30.24
CA GLU D 483 24.11 40.00 29.57
C GLU D 483 25.37 39.31 29.05
N ASP D 484 26.01 38.49 29.87
CA ASP D 484 27.15 37.72 29.39
C ASP D 484 26.76 36.88 28.18
N VAL D 485 25.53 36.38 28.14
CA VAL D 485 25.05 35.63 26.99
C VAL D 485 24.66 36.52 25.83
N LYS D 486 24.30 37.78 26.08
CA LYS D 486 24.07 38.71 24.98
C LYS D 486 25.36 39.12 24.30
N ARG D 487 26.50 38.98 24.99
CA ARG D 487 27.81 39.24 24.39
C ARG D 487 28.55 37.96 24.01
N GLU D 488 28.29 36.86 24.70
CA GLU D 488 28.82 35.56 24.31
C GLU D 488 28.04 34.95 23.14
N LEU D 489 26.85 35.47 22.86
CA LEU D 489 26.09 35.08 21.67
C LEU D 489 26.24 36.06 20.52
N GLN D 490 26.34 37.37 20.82
CA GLN D 490 26.64 38.33 19.75
C GLN D 490 27.97 38.02 19.10
N GLU D 491 28.93 37.48 19.87
CA GLU D 491 30.23 37.16 19.32
C GLU D 491 30.12 36.15 18.18
N LEU D 492 29.64 34.94 18.49
CA LEU D 492 29.63 33.87 17.49
C LEU D 492 28.90 34.28 16.22
N VAL D 493 27.90 35.13 16.33
CA VAL D 493 27.05 35.47 15.19
C VAL D 493 27.61 36.64 14.40
N GLN D 494 28.02 37.70 15.08
CA GLN D 494 28.37 38.94 14.41
C GLN D 494 29.86 39.11 14.13
N TYR D 495 30.74 38.36 14.81
CA TYR D 495 32.17 38.48 14.51
C TYR D 495 32.54 37.80 13.21
N PRO D 496 32.14 36.55 12.94
CA PRO D 496 32.55 35.91 11.68
C PRO D 496 31.85 36.45 10.45
N VAL D 497 30.97 37.43 10.59
CA VAL D 497 30.36 38.12 9.46
C VAL D 497 30.94 39.52 9.28
N GLU D 498 31.19 40.23 10.38
CA GLU D 498 31.69 41.59 10.29
C GLU D 498 33.17 41.63 9.90
N HIS D 499 33.98 40.74 10.48
CA HIS D 499 35.42 40.66 10.19
C HIS D 499 35.79 39.21 9.90
N PRO D 500 35.33 38.65 8.79
CA PRO D 500 35.73 37.29 8.42
C PRO D 500 37.21 37.16 8.09
N ASP D 501 37.89 38.26 7.78
CA ASP D 501 39.30 38.18 7.41
C ASP D 501 40.14 37.65 8.55
N LYS D 502 39.85 38.08 9.79
CA LYS D 502 40.61 37.58 10.93
C LYS D 502 40.39 36.08 11.12
N PHE D 503 39.15 35.61 10.96
CA PHE D 503 38.86 34.20 11.22
C PHE D 503 39.57 33.27 10.26
N LEU D 504 39.82 33.70 9.02
CA LEU D 504 40.57 32.90 8.06
C LEU D 504 42.07 33.07 8.22
N LYS D 505 42.51 33.90 9.16
CA LYS D 505 43.93 34.07 9.47
C LYS D 505 44.38 33.13 10.59
N PHE D 506 43.68 33.15 11.73
CA PHE D 506 44.01 32.26 12.83
C PHE D 506 43.65 30.81 12.54
N GLY D 507 42.84 30.54 11.52
CA GLY D 507 42.58 29.20 11.06
C GLY D 507 41.32 28.55 11.61
N MET D 508 40.76 29.08 12.69
CA MET D 508 39.55 28.48 13.26
C MET D 508 38.37 28.66 12.32
N THR D 509 37.55 27.62 12.23
CA THR D 509 36.29 27.70 11.48
C THR D 509 35.19 28.21 12.41
N PRO D 510 34.41 29.22 12.01
CA PRO D 510 33.37 29.72 12.92
C PRO D 510 32.39 28.61 13.30
N SER D 511 31.94 28.66 14.54
CA SER D 511 31.07 27.61 15.08
C SER D 511 29.63 27.87 14.64
N LYS D 512 29.15 27.10 13.67
CA LYS D 512 27.77 27.22 13.20
C LYS D 512 26.88 26.27 14.00
N GLY D 513 26.79 26.56 15.29
CA GLY D 513 25.95 25.78 16.17
C GLY D 513 25.98 26.26 17.60
N VAL D 514 24.79 26.40 18.21
CA VAL D 514 24.67 26.86 19.59
C VAL D 514 23.38 26.28 20.15
N LEU D 515 23.47 25.60 21.30
CA LEU D 515 22.29 25.11 21.99
C LEU D 515 22.22 25.77 23.36
N PHE D 516 21.05 26.32 23.69
CA PHE D 516 20.83 26.97 24.98
C PHE D 516 20.18 25.97 25.93
N TYR D 517 20.87 25.66 27.02
CA TYR D 517 20.35 24.76 28.04
C TYR D 517 20.21 25.53 29.35
N GLY D 518 19.04 25.41 29.98
CA GLY D 518 18.76 26.13 31.19
C GLY D 518 17.36 25.83 31.70
N PRO D 519 16.91 26.57 32.71
CA PRO D 519 15.58 26.34 33.23
C PRO D 519 14.53 26.62 32.17
N PRO D 520 13.41 25.89 32.18
CA PRO D 520 12.40 26.12 31.16
C PRO D 520 11.85 27.53 31.23
N GLY D 521 11.57 28.10 30.06
CA GLY D 521 11.05 29.45 29.99
C GLY D 521 12.00 30.47 30.57
N CYS D 522 13.15 30.67 29.91
CA CYS D 522 14.15 31.63 30.39
C CYS D 522 14.72 32.49 29.28
N GLY D 523 14.03 32.59 28.14
CA GLY D 523 14.44 33.48 27.07
C GLY D 523 15.20 32.85 25.93
N LYS D 524 15.29 31.51 25.87
CA LYS D 524 16.00 30.88 24.76
C LYS D 524 15.40 31.29 23.42
N THR D 525 14.08 31.17 23.28
CA THR D 525 13.43 31.63 22.05
C THR D 525 13.64 33.11 21.86
N LEU D 526 13.53 33.89 22.94
CA LEU D 526 13.72 35.33 22.85
C LEU D 526 15.15 35.67 22.43
N LEU D 527 16.14 34.97 22.99
CA LEU D 527 17.52 35.23 22.60
C LEU D 527 17.77 34.88 21.14
N ALA D 528 17.23 33.75 20.68
CA ALA D 528 17.39 33.38 19.27
C ALA D 528 16.73 34.42 18.36
N LYS D 529 15.53 34.87 18.73
CA LYS D 529 14.84 35.87 17.92
C LYS D 529 15.61 37.18 17.90
N ALA D 530 16.20 37.57 19.03
CA ALA D 530 17.00 38.78 19.07
C ALA D 530 18.24 38.64 18.19
N ILE D 531 18.89 37.48 18.22
CA ILE D 531 20.01 37.24 17.33
C ILE D 531 19.59 37.39 15.88
N ALA D 532 18.44 36.81 15.52
CA ALA D 532 17.93 36.98 14.17
C ALA D 532 17.70 38.45 13.84
N ASN D 533 17.13 39.19 14.79
CA ASN D 533 16.84 40.60 14.57
C ASN D 533 18.11 41.40 14.31
N GLU D 534 19.17 41.13 15.09
CA GLU D 534 20.36 41.97 15.01
C GLU D 534 20.95 41.95 13.61
N CYS D 535 21.28 40.77 13.10
CA CYS D 535 21.84 40.66 11.75
C CYS D 535 20.76 40.38 10.71
N GLN D 536 19.66 41.14 10.79
CA GLN D 536 18.60 41.15 9.79
C GLN D 536 18.40 39.78 9.16
N ALA D 537 18.25 38.74 9.99
CA ALA D 537 18.28 37.37 9.54
C ALA D 537 16.92 36.70 9.74
N ASN D 538 16.58 35.80 8.83
CA ASN D 538 15.37 35.02 8.96
C ASN D 538 15.46 34.10 10.17
N PHE D 539 14.31 33.75 10.73
CA PHE D 539 14.22 32.98 11.96
C PHE D 539 13.16 31.90 11.80
N ILE D 540 13.61 30.67 11.54
CA ILE D 540 12.73 29.53 11.37
C ILE D 540 12.78 28.73 12.67
N SER D 541 11.69 28.80 13.44
CA SER D 541 11.58 28.06 14.69
C SER D 541 10.74 26.82 14.46
N ILE D 542 11.36 25.65 14.61
CA ILE D 542 10.64 24.38 14.60
C ILE D 542 10.46 23.93 16.04
N LYS D 543 9.33 24.31 16.64
CA LYS D 543 9.09 24.04 18.04
C LYS D 543 9.06 22.53 18.30
N GLY D 544 9.15 22.18 19.58
CA GLY D 544 9.18 20.80 20.00
C GLY D 544 7.99 20.01 19.53
N PRO D 545 6.79 20.58 19.61
CA PRO D 545 5.60 19.88 19.10
C PRO D 545 5.71 19.50 17.64
N GLU D 546 6.36 20.31 16.80
CA GLU D 546 6.53 19.93 15.39
C GLU D 546 7.45 18.72 15.26
N LEU D 547 8.55 18.69 16.02
CA LEU D 547 9.42 17.53 15.99
C LEU D 547 8.71 16.30 16.51
N LEU D 548 7.84 16.45 17.52
CA LEU D 548 7.03 15.33 17.97
C LEU D 548 6.05 14.88 16.90
N THR D 549 5.49 15.82 16.14
CA THR D 549 4.62 15.45 15.03
C THR D 549 5.36 14.61 14.01
N MET D 550 6.59 14.99 13.69
CA MET D 550 7.40 14.19 12.77
C MET D 550 7.74 12.83 13.37
N TRP D 551 8.11 12.78 14.65
CA TRP D 551 8.53 11.52 15.25
C TRP D 551 7.36 10.54 15.34
N PHE D 552 6.23 11.00 15.88
CA PHE D 552 5.05 10.14 16.00
C PHE D 552 4.55 9.71 14.62
N GLY D 553 4.55 10.64 13.66
CA GLY D 553 4.00 10.37 12.35
C GLY D 553 4.83 9.45 11.48
N GLU D 554 5.98 9.00 11.96
CA GLU D 554 6.85 8.12 11.18
C GLU D 554 7.22 8.80 9.86
N SER D 555 7.48 10.10 9.92
CA SER D 555 7.78 10.93 8.76
C SER D 555 9.00 11.81 9.03
N GLU D 556 10.06 11.20 9.56
CA GLU D 556 11.28 11.96 9.82
C GLU D 556 11.87 12.54 8.54
N ALA D 557 11.52 11.99 7.37
CA ALA D 557 12.00 12.56 6.12
C ALA D 557 11.53 13.99 5.94
N ASN D 558 10.42 14.37 6.58
CA ASN D 558 9.96 15.74 6.52
C ASN D 558 11.02 16.71 7.04
N VAL D 559 11.90 16.23 7.92
CA VAL D 559 12.98 17.08 8.42
C VAL D 559 13.83 17.59 7.26
N ARG D 560 14.07 16.73 6.26
CA ARG D 560 14.84 17.15 5.09
C ARG D 560 14.26 18.41 4.47
N GLU D 561 12.93 18.55 4.50
CA GLU D 561 12.31 19.76 3.97
C GLU D 561 12.67 20.97 4.83
N ILE D 562 12.54 20.83 6.15
CA ILE D 562 12.73 21.99 7.04
C ILE D 562 14.12 22.58 6.82
N PHE D 563 15.15 21.72 6.87
CA PHE D 563 16.50 22.22 6.62
C PHE D 563 16.58 22.89 5.26
N ASP D 564 15.98 22.27 4.24
CA ASP D 564 15.95 22.90 2.92
C ASP D 564 15.25 24.24 2.98
N LYS D 565 14.13 24.33 3.73
CA LYS D 565 13.45 25.60 3.88
C LYS D 565 14.38 26.66 4.43
N ALA D 566 15.34 26.27 5.28
CA ALA D 566 16.32 27.22 5.78
C ALA D 566 17.39 27.51 4.74
N ARG D 567 17.77 26.50 3.95
CA ARG D 567 18.84 26.70 2.97
C ARG D 567 18.45 27.71 1.91
N GLN D 568 17.23 27.61 1.37
CA GLN D 568 16.81 28.51 0.30
C GLN D 568 16.61 29.94 0.78
N ALA D 569 16.62 30.17 2.09
CA ALA D 569 16.40 31.50 2.62
C ALA D 569 17.72 32.26 2.78
N ALA D 570 17.60 33.51 3.18
CA ALA D 570 18.74 34.38 3.45
C ALA D 570 19.38 33.92 4.76
N PRO D 571 20.42 34.63 5.25
CA PRO D 571 21.01 34.24 6.55
C PRO D 571 19.94 33.90 7.57
N CYS D 572 19.99 32.67 8.08
CA CYS D 572 18.85 32.07 8.78
C CYS D 572 19.33 31.37 10.04
N VAL D 573 18.79 31.78 11.19
CA VAL D 573 19.06 31.07 12.45
C VAL D 573 17.97 30.01 12.57
N LEU D 574 18.20 28.86 11.92
CA LEU D 574 17.28 27.75 12.06
C LEU D 574 17.31 27.30 13.51
N PHE D 575 16.21 27.53 14.23
CA PHE D 575 16.17 27.44 15.68
C PHE D 575 15.31 26.26 16.08
N PHE D 576 15.94 25.24 16.69
CA PHE D 576 15.23 24.05 17.16
C PHE D 576 14.73 24.31 18.57
N ASP D 577 13.65 25.08 18.66
CA ASP D 577 13.07 25.42 19.95
C ASP D 577 12.62 24.16 20.67
N GLU D 578 12.81 24.15 21.99
CA GLU D 578 12.39 23.03 22.83
C GLU D 578 12.97 21.71 22.30
N LEU D 579 14.24 21.74 21.90
CA LEU D 579 14.92 20.53 21.49
C LEU D 579 14.99 19.56 22.67
N ASP D 580 15.11 18.27 22.35
CA ASP D 580 15.06 17.11 23.24
C ASP D 580 13.62 16.73 23.58
N SER D 581 12.62 17.46 23.08
CA SER D 581 11.24 17.08 23.32
C SER D 581 10.97 15.67 22.82
N ILE D 582 11.65 15.25 21.75
CA ILE D 582 11.49 13.89 21.24
C ILE D 582 11.91 12.89 22.31
N ALA D 583 13.06 13.13 22.94
CA ALA D 583 13.52 12.24 24.00
C ALA D 583 12.69 12.40 25.27
N LYS D 584 12.27 13.63 25.58
CA LYS D 584 11.43 13.85 26.75
C LYS D 584 10.10 13.13 26.63
N ALA D 585 9.64 12.90 25.40
CA ALA D 585 8.37 12.22 25.18
C ALA D 585 8.45 10.71 25.31
N ARG D 586 9.66 10.16 25.50
CA ARG D 586 9.85 8.72 25.66
C ARG D 586 10.79 8.45 26.83
N GLY D 587 10.56 9.15 27.95
CA GLY D 587 11.37 8.96 29.13
C GLY D 587 12.73 9.63 29.02
N GLY D 588 13.57 9.12 28.14
CA GLY D 588 14.89 9.68 27.93
C GLY D 588 15.97 8.62 27.81
N ASN D 589 17.20 8.97 28.18
CA ASN D 589 18.29 8.01 28.11
C ASN D 589 18.06 6.83 29.06
N ILE D 590 17.27 7.03 30.11
CA ILE D 590 16.93 5.98 31.06
C ILE D 590 15.42 5.97 31.23
N GLY D 591 14.90 4.80 31.63
CA GLY D 591 13.47 4.61 31.76
C GLY D 591 12.78 4.09 30.51
N ASP D 592 13.51 3.96 29.41
CA ASP D 592 12.96 3.43 28.16
C ASP D 592 13.92 2.39 27.60
N GLY D 593 13.35 1.42 26.87
CA GLY D 593 14.18 0.37 26.29
C GLY D 593 15.18 0.91 25.29
N GLY D 594 14.78 1.93 24.53
CA GLY D 594 15.65 2.49 23.52
C GLY D 594 16.72 3.41 24.10
N GLY D 595 17.66 3.78 23.24
CA GLY D 595 18.75 4.64 23.63
C GLY D 595 18.42 6.11 23.45
N ALA D 596 19.46 6.94 23.57
CA ALA D 596 19.27 8.39 23.47
C ALA D 596 18.81 8.78 22.07
N ALA D 597 19.39 8.17 21.04
CA ALA D 597 19.07 8.54 19.67
C ALA D 597 17.65 8.10 19.31
N ASP D 598 17.08 8.78 18.32
CA ASP D 598 15.72 8.49 17.86
C ASP D 598 15.60 8.96 16.42
N ARG D 599 14.38 8.89 15.88
CA ARG D 599 14.14 9.22 14.48
C ARG D 599 14.49 10.67 14.19
N VAL D 600 13.75 11.60 14.81
CA VAL D 600 13.82 13.00 14.41
C VAL D 600 15.17 13.61 14.78
N ILE D 601 15.68 13.31 15.97
CA ILE D 601 16.98 13.85 16.35
C ILE D 601 18.07 13.31 15.43
N ASN D 602 18.00 12.03 15.08
CA ASN D 602 19.00 11.46 14.19
C ASN D 602 18.93 12.09 12.81
N GLN D 603 17.72 12.33 12.29
CA GLN D 603 17.60 12.98 11.00
C GLN D 603 18.10 14.41 11.05
N ILE D 604 17.83 15.11 12.14
CA ILE D 604 18.37 16.46 12.32
C ILE D 604 19.88 16.43 12.31
N LEU D 605 20.46 15.46 13.02
CA LEU D 605 21.92 15.33 13.04
C LEU D 605 22.47 15.07 11.64
N THR D 606 21.82 14.17 10.90
CA THR D 606 22.31 13.82 9.57
C THR D 606 22.24 15.03 8.63
N GLU D 607 21.11 15.74 8.64
CA GLU D 607 20.95 16.86 7.71
C GLU D 607 21.77 18.07 8.14
N MET D 608 22.08 18.19 9.42
CA MET D 608 22.85 19.34 9.91
C MET D 608 24.26 19.34 9.32
N ASP D 609 24.89 18.17 9.22
CA ASP D 609 26.23 18.09 8.66
C ASP D 609 26.27 18.64 7.24
N GLY D 610 25.18 18.50 6.48
CA GLY D 610 25.12 19.13 5.18
C GLY D 610 25.17 20.65 5.27
N MET D 611 24.46 21.22 6.24
CA MET D 611 24.44 22.66 6.44
C MET D 611 25.55 23.14 7.36
N SER D 612 26.59 22.35 7.55
CA SER D 612 27.79 22.80 8.24
C SER D 612 28.74 23.57 7.33
N THR D 613 28.43 23.65 6.03
CA THR D 613 29.24 24.38 5.07
C THR D 613 28.39 25.37 4.29
N LYS D 614 27.26 25.80 4.86
CA LYS D 614 26.37 26.74 4.21
C LYS D 614 26.71 28.18 4.56
N LYS D 615 27.49 28.39 5.62
CA LYS D 615 28.11 29.69 5.97
C LYS D 615 27.11 30.84 6.00
N ASN D 616 25.82 30.54 6.09
CA ASN D 616 24.82 31.58 6.30
C ASN D 616 23.84 31.14 7.38
N VAL D 617 23.67 29.84 7.55
CA VAL D 617 22.77 29.31 8.56
C VAL D 617 23.55 29.06 9.85
N PHE D 618 22.90 29.36 10.97
CA PHE D 618 23.55 29.40 12.28
C PHE D 618 22.74 28.54 13.26
N ILE D 619 22.54 27.27 12.91
CA ILE D 619 21.61 26.39 13.60
C ILE D 619 21.69 26.62 15.11
N ILE D 620 20.54 26.85 15.74
CA ILE D 620 20.46 27.09 17.17
C ILE D 620 19.56 26.02 17.78
N GLY D 621 19.90 25.57 18.97
CA GLY D 621 19.07 24.64 19.71
C GLY D 621 18.64 25.24 21.04
N ALA D 622 17.55 24.71 21.57
CA ALA D 622 17.06 25.12 22.89
C ALA D 622 16.58 23.88 23.62
N THR D 623 16.98 23.74 24.88
CA THR D 623 16.64 22.55 25.67
C THR D 623 16.33 22.97 27.09
N ASN D 624 15.22 22.48 27.62
CA ASN D 624 14.85 22.68 29.02
C ASN D 624 15.39 21.60 29.93
N ARG D 625 16.04 20.57 29.37
CA ARG D 625 16.55 19.45 30.15
C ARG D 625 17.67 18.79 29.34
N PRO D 626 18.89 19.32 29.40
CA PRO D 626 19.91 18.90 28.42
C PRO D 626 20.45 17.49 28.64
N ASP D 627 20.49 17.00 29.88
CA ASP D 627 21.20 15.76 30.16
C ASP D 627 20.65 14.57 29.39
N ILE D 628 19.39 14.63 28.94
CA ILE D 628 18.85 13.52 28.14
C ILE D 628 19.27 13.61 26.68
N ILE D 629 19.70 14.78 26.20
CA ILE D 629 20.10 14.91 24.81
C ILE D 629 21.25 13.96 24.51
N ASP D 630 21.16 13.29 23.37
CA ASP D 630 22.26 12.45 22.93
C ASP D 630 23.48 13.33 22.64
N PRO D 631 24.66 13.01 23.17
CA PRO D 631 25.83 13.87 22.94
C PRO D 631 26.35 13.84 21.52
N ALA D 632 25.73 13.09 20.61
CA ALA D 632 26.20 13.03 19.23
C ALA D 632 26.09 14.38 18.52
N ILE D 633 25.17 15.25 18.96
CA ILE D 633 24.97 16.52 18.28
C ILE D 633 25.88 17.62 18.83
N LEU D 634 26.26 17.55 20.10
CA LEU D 634 27.04 18.61 20.74
C LEU D 634 28.54 18.32 20.64
N ARG D 635 28.99 18.08 19.41
CA ARG D 635 30.40 17.88 19.10
C ARG D 635 30.73 18.65 17.84
N PRO D 636 32.04 18.95 17.61
CA PRO D 636 32.42 19.91 16.56
C PRO D 636 31.67 19.75 15.23
N GLY D 637 31.45 20.86 14.55
CA GLY D 637 30.65 20.90 13.33
C GLY D 637 29.17 21.06 13.61
N ARG D 638 28.66 20.28 14.55
CA ARG D 638 27.27 20.35 14.98
C ARG D 638 27.18 21.32 16.16
N LEU D 639 26.08 21.27 16.92
CA LEU D 639 25.84 22.26 17.96
C LEU D 639 26.84 22.08 19.09
N ASP D 640 28.12 22.35 18.79
CA ASP D 640 29.19 22.05 19.73
C ASP D 640 29.22 23.04 20.90
N GLN D 641 28.92 24.32 20.64
CA GLN D 641 29.08 25.37 21.63
C GLN D 641 27.85 25.38 22.54
N LEU D 642 28.02 24.84 23.75
CA LEU D 642 26.97 24.94 24.75
C LEU D 642 26.97 26.33 25.38
N ILE D 643 25.77 26.86 25.62
CA ILE D 643 25.61 28.13 26.30
C ILE D 643 24.59 27.95 27.42
N TYR D 644 24.94 28.39 28.62
CA TYR D 644 24.08 28.29 29.79
C TYR D 644 23.46 29.66 30.07
N ILE D 645 22.14 29.72 30.03
CA ILE D 645 21.39 30.89 30.50
C ILE D 645 20.85 30.56 31.88
N PRO D 646 21.33 31.20 32.94
CA PRO D 646 20.83 30.88 34.28
C PRO D 646 19.48 31.54 34.56
N LEU D 647 18.85 31.09 35.63
CA LEU D 647 17.65 31.77 36.08
C LEU D 647 18.01 33.21 36.46
N PRO D 648 17.19 34.20 36.13
CA PRO D 648 17.61 35.59 36.30
C PRO D 648 17.93 35.93 37.75
N ASP D 649 18.95 36.77 37.93
CA ASP D 649 19.36 37.25 39.24
C ASP D 649 18.58 38.52 39.60
N GLU D 650 18.98 39.16 40.71
CA GLU D 650 18.26 40.32 41.22
C GLU D 650 18.16 41.41 40.16
N LYS D 651 19.32 41.96 39.75
CA LYS D 651 19.32 43.02 38.74
C LYS D 651 18.70 42.52 37.43
N SER D 652 18.97 41.26 37.08
CA SER D 652 18.40 40.72 35.86
C SER D 652 16.88 40.61 35.96
N ARG D 653 16.37 40.24 37.13
CA ARG D 653 14.92 40.19 37.30
C ARG D 653 14.31 41.59 37.24
N VAL D 654 15.00 42.59 37.79
CA VAL D 654 14.54 43.96 37.65
C VAL D 654 14.45 44.34 36.17
N ALA D 655 15.50 44.01 35.41
CA ALA D 655 15.51 44.33 33.99
C ALA D 655 14.40 43.61 33.25
N ILE D 656 14.17 42.33 33.57
CA ILE D 656 13.12 41.57 32.90
C ILE D 656 11.75 42.17 33.23
N LEU D 657 11.53 42.52 34.49
CA LEU D 657 10.27 43.15 34.87
C LEU D 657 10.04 44.42 34.07
N LYS D 658 11.05 45.30 34.04
CA LYS D 658 10.90 46.56 33.32
C LYS D 658 10.68 46.33 31.83
N ALA D 659 11.35 45.31 31.27
CA ALA D 659 11.27 45.08 29.82
C ALA D 659 9.93 44.48 29.42
N ASN D 660 9.38 43.58 30.23
CA ASN D 660 8.13 42.92 29.87
C ASN D 660 6.90 43.67 30.36
N LEU D 661 7.06 44.66 31.25
CA LEU D 661 5.98 45.59 31.52
C LEU D 661 6.02 46.80 30.60
N ARG D 662 7.09 46.94 29.81
CA ARG D 662 7.17 48.01 28.82
C ARG D 662 6.07 47.82 27.78
N LYS D 663 5.68 48.94 27.15
CA LYS D 663 4.59 48.96 26.18
C LYS D 663 3.25 48.67 26.86
N SER D 664 3.12 49.09 28.11
CA SER D 664 1.88 48.93 28.86
C SER D 664 1.87 49.99 29.96
N PRO D 665 0.74 50.66 30.20
CA PRO D 665 0.72 51.68 31.27
C PRO D 665 1.09 51.08 32.62
N VAL D 666 1.85 51.85 33.39
CA VAL D 666 2.26 51.44 34.73
C VAL D 666 2.37 52.69 35.60
N ALA D 667 1.97 52.56 36.86
CA ALA D 667 1.94 53.70 37.76
C ALA D 667 3.33 54.03 38.29
N LYS D 668 3.46 55.24 38.83
CA LYS D 668 4.70 55.64 39.49
C LYS D 668 4.82 55.00 40.88
N ASP D 669 3.72 54.53 41.45
CA ASP D 669 3.76 53.96 42.79
C ASP D 669 4.63 52.72 42.85
N VAL D 670 4.53 51.86 41.83
CA VAL D 670 5.28 50.60 41.84
C VAL D 670 6.77 50.88 41.80
N ASP D 671 7.53 50.13 42.61
CA ASP D 671 8.99 50.13 42.57
C ASP D 671 9.44 48.71 42.28
N LEU D 672 9.90 48.47 41.06
CA LEU D 672 10.15 47.10 40.60
C LEU D 672 11.32 46.44 41.31
N GLU D 673 12.18 47.22 42.00
CA GLU D 673 13.29 46.61 42.73
C GLU D 673 12.78 45.71 43.84
N PHE D 674 11.79 46.19 44.60
CA PHE D 674 11.25 45.37 45.69
C PHE D 674 10.57 44.12 45.16
N LEU D 675 9.81 44.26 44.06
CA LEU D 675 9.18 43.10 43.45
C LEU D 675 10.23 42.09 42.99
N ALA D 676 11.31 42.58 42.38
CA ALA D 676 12.35 41.69 41.88
C ALA D 676 13.02 40.93 43.01
N LYS D 677 13.39 41.63 44.09
CA LYS D 677 14.02 40.94 45.20
C LYS D 677 13.06 39.95 45.86
N MET D 678 11.78 40.34 45.99
CA MET D 678 10.78 39.39 46.46
C MET D 678 10.60 38.25 45.46
N THR D 679 10.80 38.54 44.17
CA THR D 679 10.79 37.52 43.14
C THR D 679 12.07 36.73 43.22
N ASN D 680 12.18 35.86 44.24
CA ASN D 680 13.47 35.28 44.60
C ASN D 680 13.97 34.29 43.56
N GLY D 681 13.10 33.36 43.15
CA GLY D 681 13.54 32.26 42.30
C GLY D 681 12.64 32.00 41.11
N PHE D 682 12.08 33.05 40.53
CA PHE D 682 11.15 32.91 39.42
C PHE D 682 11.88 33.09 38.10
N SER D 683 11.60 32.21 37.15
CA SER D 683 12.22 32.27 35.84
C SER D 683 11.64 33.42 35.02
N GLY D 684 12.10 33.54 33.78
CA GLY D 684 11.56 34.58 32.92
C GLY D 684 10.10 34.34 32.55
N ALA D 685 9.75 33.09 32.21
CA ALA D 685 8.40 32.79 31.78
C ALA D 685 7.40 33.06 32.89
N ASP D 686 7.65 32.52 34.09
CA ASP D 686 6.73 32.74 35.20
C ASP D 686 6.78 34.17 35.74
N LEU D 687 7.88 34.90 35.56
CA LEU D 687 7.88 36.31 35.91
C LEU D 687 7.01 37.12 34.96
N THR D 688 7.10 36.86 33.67
CA THR D 688 6.16 37.47 32.74
C THR D 688 4.75 37.02 33.02
N GLU D 689 4.58 35.79 33.54
CA GLU D 689 3.25 35.36 33.97
C GLU D 689 2.75 36.21 35.13
N ILE D 690 3.62 36.54 36.09
CA ILE D 690 3.24 37.43 37.17
C ILE D 690 2.79 38.78 36.60
N CYS D 691 3.57 39.32 35.65
CA CYS D 691 3.18 40.59 35.05
C CYS D 691 1.84 40.49 34.34
N GLN D 692 1.62 39.37 33.63
CA GLN D 692 0.35 39.18 32.92
C GLN D 692 -0.81 39.05 33.90
N ARG D 693 -0.61 38.38 35.04
CA ARG D 693 -1.67 38.31 36.05
C ARG D 693 -1.96 39.70 36.62
N ALA D 694 -0.93 40.50 36.85
CA ALA D 694 -1.15 41.87 37.32
C ALA D 694 -1.96 42.66 36.31
N CYS D 695 -1.60 42.55 35.03
CA CYS D 695 -2.34 43.27 33.99
C CYS D 695 -3.76 42.73 33.86
N LYS D 696 -3.94 41.42 34.03
CA LYS D 696 -5.27 40.83 33.96
C LYS D 696 -6.17 41.34 35.07
N LEU D 697 -5.64 41.41 36.29
CA LEU D 697 -6.44 41.94 37.39
C LEU D 697 -6.70 43.42 37.20
N ALA D 698 -5.73 44.17 36.68
CA ALA D 698 -5.93 45.59 36.42
C ALA D 698 -7.03 45.81 35.39
N ILE D 699 -7.02 45.02 34.31
CA ILE D 699 -8.05 45.16 33.28
C ILE D 699 -9.41 44.72 33.82
N ARG D 700 -9.44 43.69 34.68
CA ARG D 700 -10.70 43.31 35.30
C ARG D 700 -11.25 44.44 36.15
N GLU D 701 -10.39 45.09 36.95
CA GLU D 701 -10.84 46.23 37.74
C GLU D 701 -11.33 47.36 36.86
N SER D 702 -10.59 47.65 35.78
CA SER D 702 -10.97 48.74 34.89
C SER D 702 -12.32 48.48 34.23
N ILE D 703 -12.54 47.25 33.76
CA ILE D 703 -13.80 46.94 33.09
C ILE D 703 -14.95 46.92 34.09
N GLU D 704 -14.70 46.43 35.31
CA GLU D 704 -15.74 46.50 36.33
C GLU D 704 -16.13 47.93 36.64
N SER D 705 -15.13 48.81 36.76
CA SER D 705 -15.43 50.22 37.00
C SER D 705 -16.16 50.83 35.81
N GLU D 706 -15.82 50.41 34.59
CA GLU D 706 -16.48 50.93 33.40
C GLU D 706 -17.95 50.54 33.38
N ILE D 707 -18.25 49.28 33.68
CA ILE D 707 -19.65 48.86 33.69
C ILE D 707 -20.40 49.51 34.84
N ARG D 708 -19.73 49.74 35.98
CA ARG D 708 -20.38 50.48 37.06
C ARG D 708 -20.69 51.90 36.64
N ARG D 709 -19.77 52.55 35.92
CA ARG D 709 -20.01 53.89 35.41
C ARG D 709 -21.17 53.89 34.43
N GLU D 710 -21.27 52.85 33.59
CA GLU D 710 -22.43 52.71 32.71
C GLU D 710 -23.71 52.60 33.53
N ARG D 711 -23.67 51.85 34.64
CA ARG D 711 -24.82 51.76 35.52
C ARG D 711 -25.22 53.15 36.02
N GLU D 712 -24.24 53.94 36.47
CA GLU D 712 -24.54 55.29 36.91
C GLU D 712 -25.14 56.13 35.78
N ARG D 713 -24.59 55.97 34.57
CA ARG D 713 -25.11 56.72 33.43
C ARG D 713 -26.56 56.38 33.15
N GLN D 714 -26.91 55.09 33.20
CA GLN D 714 -28.27 54.68 32.86
C GLN D 714 -29.29 55.14 33.90
N THR D 715 -28.90 55.17 35.17
CA THR D 715 -29.82 55.52 36.24
C THR D 715 -30.05 57.03 36.26
N ASN D 716 -30.72 57.52 37.31
CA ASN D 716 -31.17 58.91 37.31
C ASN D 716 -30.04 59.93 37.22
N PRO D 717 -28.90 59.81 37.92
CA PRO D 717 -27.92 60.91 37.89
C PRO D 717 -27.38 61.21 36.50
N SER D 718 -27.41 60.24 35.59
CA SER D 718 -26.94 60.45 34.22
C SER D 718 -25.47 60.86 34.21
N GLU D 724 -12.74 62.15 36.01
CA GLU D 724 -13.58 61.11 36.60
C GLU D 724 -13.87 59.98 35.61
N ASP D 725 -13.34 60.12 34.39
CA ASP D 725 -13.53 59.11 33.35
C ASP D 725 -12.44 58.06 33.33
N ASP D 726 -11.50 58.10 34.27
CA ASP D 726 -10.37 57.17 34.33
C ASP D 726 -10.26 56.61 35.74
N PRO D 727 -11.14 55.68 36.11
CA PRO D 727 -10.99 55.04 37.43
C PRO D 727 -9.66 54.34 37.61
N VAL D 728 -9.14 53.71 36.56
CA VAL D 728 -7.88 52.99 36.63
C VAL D 728 -7.17 53.14 35.29
N PRO D 729 -6.49 54.27 35.03
CA PRO D 729 -5.81 54.46 33.74
C PRO D 729 -4.44 53.80 33.64
N GLU D 730 -4.03 52.98 34.60
CA GLU D 730 -2.82 52.18 34.46
C GLU D 730 -2.89 51.01 35.42
N ILE D 731 -1.99 50.04 35.21
CA ILE D 731 -1.87 48.90 36.11
C ILE D 731 -1.40 49.44 37.46
N ARG D 732 -2.27 49.35 38.47
CA ARG D 732 -1.97 49.93 39.77
C ARG D 732 -1.13 48.96 40.60
N ARG D 733 -0.63 49.47 41.73
CA ARG D 733 0.37 48.74 42.51
C ARG D 733 -0.25 47.55 43.24
N ASP D 734 -1.42 47.75 43.85
CA ASP D 734 -2.07 46.64 44.54
C ASP D 734 -2.49 45.54 43.57
N HIS D 735 -2.69 45.87 42.29
CA HIS D 735 -2.89 44.82 41.30
C HIS D 735 -1.66 43.93 41.19
N PHE D 736 -0.47 44.54 41.19
CA PHE D 736 0.76 43.75 41.21
C PHE D 736 0.87 42.95 42.50
N GLU D 737 0.46 43.56 43.63
CA GLU D 737 0.45 42.83 44.89
C GLU D 737 -0.38 41.55 44.79
N GLU D 738 -1.61 41.68 44.31
CA GLU D 738 -2.48 40.50 44.23
C GLU D 738 -1.96 39.48 43.22
N ALA D 739 -1.43 39.97 42.09
CA ALA D 739 -0.89 39.04 41.10
C ALA D 739 0.29 38.26 41.66
N MET D 740 1.18 38.93 42.39
CA MET D 740 2.30 38.24 43.03
C MET D 740 1.80 37.24 44.05
N ARG D 741 0.75 37.61 44.80
CA ARG D 741 0.10 36.65 45.68
C ARG D 741 -0.44 35.45 44.89
N PHE D 742 -0.78 35.65 43.62
CA PHE D 742 -1.29 34.59 42.76
C PHE D 742 -0.19 33.99 41.88
N ALA D 743 1.07 34.30 42.17
CA ALA D 743 2.18 33.85 41.33
C ALA D 743 2.40 32.35 41.49
N ARG D 744 3.34 31.82 40.70
CA ARG D 744 3.70 30.41 40.78
C ARG D 744 5.06 30.22 40.13
N ARG D 745 5.87 29.33 40.72
CA ARG D 745 7.21 29.05 40.25
C ARG D 745 7.26 27.63 39.68
N SER D 746 7.99 27.46 38.58
CA SER D 746 8.01 26.21 37.84
C SER D 746 9.32 25.43 37.98
N VAL D 747 10.30 25.96 38.73
CA VAL D 747 11.60 25.33 38.86
C VAL D 747 11.92 25.16 40.34
N SER D 748 12.39 23.98 40.72
CA SER D 748 12.76 23.67 42.09
C SER D 748 14.29 23.70 42.22
N ASP D 749 14.76 23.51 43.46
CA ASP D 749 16.19 23.57 43.72
C ASP D 749 16.93 22.47 42.97
N ASN D 750 16.40 21.25 42.99
CA ASN D 750 17.05 20.15 42.28
C ASN D 750 17.08 20.39 40.78
N ASP D 751 16.00 20.89 40.20
CA ASP D 751 15.97 21.14 38.75
C ASP D 751 17.00 22.18 38.34
N ILE D 752 17.11 23.28 39.10
CA ILE D 752 18.07 24.31 38.74
C ILE D 752 19.50 23.82 38.97
N ARG D 753 19.73 23.02 40.01
CA ARG D 753 21.06 22.48 40.24
C ARG D 753 21.44 21.47 39.15
N LYS D 754 20.45 20.80 38.56
CA LYS D 754 20.74 19.80 37.54
C LYS D 754 21.44 20.43 36.34
N TYR D 755 21.02 21.64 35.95
CA TYR D 755 21.64 22.28 34.79
C TYR D 755 23.11 22.58 35.02
N GLU D 756 23.46 23.10 36.20
CA GLU D 756 24.87 23.36 36.48
C GLU D 756 25.65 22.06 36.62
N MET D 757 25.04 21.02 37.20
CA MET D 757 25.72 19.74 37.29
C MET D 757 26.02 19.19 35.90
N PHE D 758 25.07 19.31 34.98
CA PHE D 758 25.33 18.92 33.59
C PHE D 758 26.42 19.79 32.98
N ALA D 759 26.39 21.09 33.25
CA ALA D 759 27.41 21.99 32.72
C ALA D 759 28.80 21.55 33.17
N GLN D 760 28.91 20.98 34.37
CA GLN D 760 30.20 20.48 34.82
C GLN D 760 30.77 19.42 33.89
N THR D 761 29.91 18.75 33.11
CA THR D 761 30.41 17.69 32.21
C THR D 761 31.37 18.26 31.18
N LEU D 762 31.03 19.40 30.58
CA LEU D 762 31.89 20.06 29.60
C LEU D 762 32.59 21.28 30.18
N GLN D 763 32.69 21.36 31.50
CA GLN D 763 33.39 22.44 32.18
C GLN D 763 34.43 21.85 33.13
N GLN D 764 35.36 22.70 33.56
CA GLN D 764 36.41 22.29 34.47
C GLN D 764 36.80 23.45 35.36
N SER D 765 37.41 23.12 36.50
CA SER D 765 37.93 24.11 37.45
C SER D 765 39.44 24.02 37.53
N ARG D 766 40.09 23.65 36.41
CA ARG D 766 41.54 23.46 36.38
C ARG D 766 42.26 24.81 36.35
N GLY D 767 42.13 25.55 37.46
CA GLY D 767 42.91 26.75 37.66
C GLY D 767 44.31 26.50 38.16
N PHE D 768 44.66 25.25 38.46
CA PHE D 768 45.99 24.93 38.94
C PHE D 768 47.06 25.24 37.91
N GLY D 769 46.77 25.01 36.63
CA GLY D 769 47.75 25.23 35.59
C GLY D 769 47.96 26.71 35.27
N SER D 770 48.25 27.50 36.29
CA SER D 770 48.43 28.95 36.11
C SER D 770 49.71 29.29 35.35
N PHE D 771 50.61 28.32 35.15
CA PHE D 771 51.88 28.56 34.46
C PHE D 771 51.62 28.70 32.95
N ARG D 772 50.91 29.76 32.60
CA ARG D 772 50.70 30.12 31.20
C ARG D 772 50.19 28.95 30.38
N ARG E 22 -38.42 60.16 6.19
CA ARG E 22 -39.41 60.08 5.12
C ARG E 22 -40.02 58.68 5.07
N PRO E 23 -41.26 58.53 5.53
CA PRO E 23 -41.87 57.19 5.58
C PRO E 23 -42.36 56.67 4.23
N ASN E 24 -42.25 57.47 3.16
CA ASN E 24 -42.78 57.04 1.88
C ASN E 24 -42.04 55.82 1.34
N ARG E 25 -40.71 55.79 1.48
CA ARG E 25 -39.88 54.78 0.85
C ARG E 25 -39.11 54.00 1.91
N LEU E 26 -38.99 52.69 1.70
CA LEU E 26 -38.28 51.81 2.63
C LEU E 26 -37.69 50.64 1.87
N ILE E 27 -36.67 50.02 2.48
CA ILE E 27 -35.98 48.87 1.90
C ILE E 27 -36.57 47.60 2.51
N VAL E 28 -36.90 46.63 1.65
CA VAL E 28 -37.60 45.43 2.08
C VAL E 28 -36.65 44.49 2.79
N ASP E 29 -37.20 43.51 3.50
CA ASP E 29 -36.41 42.55 4.25
C ASP E 29 -37.27 41.30 4.50
N GLU E 30 -36.60 40.25 4.97
CA GLU E 30 -37.29 38.99 5.22
C GLU E 30 -38.21 39.10 6.43
N ALA E 31 -39.40 38.52 6.31
CA ALA E 31 -40.36 38.46 7.40
C ALA E 31 -40.33 37.08 8.05
N ILE E 32 -40.82 37.02 9.29
CA ILE E 32 -40.78 35.78 10.08
C ILE E 32 -42.18 35.40 10.53
N ASN E 33 -43.07 36.39 10.66
CA ASN E 33 -44.43 36.09 11.09
C ASN E 33 -45.30 35.65 9.92
N GLU E 34 -45.06 36.21 8.74
CA GLU E 34 -45.75 35.79 7.52
C GLU E 34 -47.26 35.98 7.60
N ASP E 35 -47.99 34.92 7.94
CA ASP E 35 -49.44 34.86 7.87
C ASP E 35 -49.96 35.07 6.45
N ASN E 36 -49.08 35.05 5.45
CA ASN E 36 -49.46 35.20 4.05
C ASN E 36 -49.91 36.62 3.72
N SER E 37 -49.95 37.50 4.73
CA SER E 37 -50.47 38.85 4.55
C SER E 37 -49.74 39.93 5.30
N VAL E 38 -49.04 39.63 6.39
CA VAL E 38 -48.60 40.64 7.34
C VAL E 38 -47.35 41.33 6.80
N VAL E 39 -47.30 42.65 6.94
CA VAL E 39 -46.12 43.46 6.67
C VAL E 39 -45.70 44.11 7.99
N SER E 40 -44.46 43.89 8.40
CA SER E 40 -44.00 44.23 9.73
C SER E 40 -43.20 45.52 9.72
N LEU E 41 -43.60 46.47 10.58
CA LEU E 41 -42.87 47.72 10.78
C LEU E 41 -42.53 47.85 12.26
N SER E 42 -42.03 49.02 12.68
CA SER E 42 -41.74 49.29 14.08
C SER E 42 -42.65 50.42 14.56
N GLN E 43 -43.24 50.26 15.74
CA GLN E 43 -44.15 51.27 16.27
C GLN E 43 -43.47 52.63 16.38
N PRO E 44 -42.26 52.76 16.93
CA PRO E 44 -41.53 54.04 16.84
C PRO E 44 -41.36 54.52 15.41
N LYS E 45 -41.50 53.64 14.42
CA LYS E 45 -41.50 54.03 13.01
C LYS E 45 -42.91 54.09 12.42
N MET E 46 -43.82 53.25 12.90
CA MET E 46 -45.19 53.30 12.41
C MET E 46 -45.88 54.60 12.79
N ASP E 47 -45.48 55.20 13.91
CA ASP E 47 -46.01 56.53 14.24
C ASP E 47 -45.71 57.52 13.13
N GLU E 48 -44.50 57.47 12.58
CA GLU E 48 -44.19 58.25 11.38
C GLU E 48 -44.98 57.75 10.19
N LEU E 49 -45.23 56.44 10.12
CA LEU E 49 -46.03 55.86 9.05
C LEU E 49 -47.52 56.07 9.25
N GLN E 50 -47.95 56.61 10.39
CA GLN E 50 -49.35 56.93 10.66
C GLN E 50 -50.22 55.70 10.80
N LEU E 51 -49.64 54.57 11.24
CA LEU E 51 -50.38 53.35 11.52
C LEU E 51 -50.08 52.94 12.97
N PHE E 52 -51.10 52.42 13.66
CA PHE E 52 -50.98 52.15 15.08
C PHE E 52 -51.09 50.66 15.43
N ARG E 53 -52.22 50.02 15.14
CA ARG E 53 -52.45 48.65 15.58
C ARG E 53 -52.55 47.68 14.41
N GLY E 54 -53.47 47.89 13.48
CA GLY E 54 -53.66 46.98 12.36
C GLY E 54 -54.14 47.68 11.11
N ASP E 55 -53.91 48.99 11.02
CA ASP E 55 -54.47 49.77 9.93
C ASP E 55 -53.90 49.32 8.59
N THR E 56 -54.69 49.53 7.53
CA THR E 56 -54.27 49.14 6.19
C THR E 56 -53.03 49.93 5.78
N VAL E 57 -52.19 49.28 4.97
CA VAL E 57 -50.91 49.85 4.57
C VAL E 57 -50.95 50.41 3.16
N LEU E 58 -51.70 49.77 2.26
CA LEU E 58 -51.71 50.13 0.84
C LEU E 58 -50.28 50.12 0.29
N LEU E 59 -49.65 48.96 0.42
CA LEU E 59 -48.28 48.79 -0.04
C LEU E 59 -48.16 49.15 -1.52
N LYS E 60 -47.13 49.93 -1.86
CA LYS E 60 -46.86 50.33 -3.22
C LYS E 60 -45.71 49.49 -3.77
N GLY E 61 -45.89 48.95 -4.97
CA GLY E 61 -44.93 48.06 -5.60
C GLY E 61 -43.96 48.79 -6.50
N LYS E 62 -43.46 48.05 -7.49
CA LYS E 62 -42.47 48.57 -8.43
C LYS E 62 -43.09 49.01 -9.75
N LYS E 63 -43.82 48.13 -10.43
CA LYS E 63 -44.20 48.40 -11.83
C LYS E 63 -45.58 49.06 -11.93
N ARG E 64 -46.65 48.29 -11.67
CA ARG E 64 -47.99 48.84 -11.84
C ARG E 64 -48.98 48.20 -10.85
N ARG E 65 -48.57 48.02 -9.60
CA ARG E 65 -49.46 47.33 -8.66
C ARG E 65 -49.21 47.81 -7.24
N GLU E 66 -50.24 47.61 -6.41
CA GLU E 66 -50.20 47.94 -4.99
C GLU E 66 -50.96 46.86 -4.22
N ALA E 67 -50.63 46.73 -2.94
CA ALA E 67 -51.27 45.76 -2.06
C ALA E 67 -51.69 46.44 -0.76
N VAL E 68 -52.80 45.96 -0.20
CA VAL E 68 -53.32 46.57 1.02
C VAL E 68 -52.44 46.20 2.21
N CYS E 69 -52.20 44.90 2.42
CA CYS E 69 -51.34 44.43 3.50
C CYS E 69 -51.85 44.85 4.87
N ILE E 70 -51.27 44.29 5.93
CA ILE E 70 -51.60 44.63 7.30
C ILE E 70 -50.31 44.99 8.03
N VAL E 71 -50.40 45.97 8.92
CA VAL E 71 -49.23 46.46 9.65
C VAL E 71 -49.09 45.70 10.96
N LEU E 72 -47.85 45.42 11.34
CA LEU E 72 -47.55 44.72 12.59
C LEU E 72 -46.08 45.00 12.89
N SER E 73 -45.61 44.53 14.05
CA SER E 73 -44.25 44.77 14.47
C SER E 73 -43.64 43.55 15.13
N ASP E 74 -42.31 43.49 15.08
CA ASP E 74 -41.54 42.46 15.77
C ASP E 74 -40.17 43.05 16.10
N ASP E 75 -39.23 42.18 16.51
CA ASP E 75 -37.96 42.65 17.04
C ASP E 75 -37.04 43.19 15.94
N THR E 76 -36.96 42.49 14.81
CA THR E 76 -35.89 42.70 13.83
C THR E 76 -36.09 43.94 12.97
N CYS E 77 -37.05 44.82 13.29
CA CYS E 77 -37.29 45.98 12.44
C CYS E 77 -36.09 46.92 12.45
N SER E 78 -35.61 47.29 13.64
CA SER E 78 -34.50 48.23 13.80
C SER E 78 -34.85 49.62 13.28
N ASP E 79 -36.13 49.91 13.08
CA ASP E 79 -36.59 51.22 12.60
C ASP E 79 -35.96 51.61 11.27
N GLU E 80 -35.51 50.62 10.49
CA GLU E 80 -34.79 50.91 9.25
C GLU E 80 -35.38 50.17 8.06
N LYS E 81 -35.88 48.95 8.29
CA LYS E 81 -36.29 48.06 7.21
C LYS E 81 -37.74 47.66 7.36
N ILE E 82 -38.34 47.26 6.23
CA ILE E 82 -39.71 46.76 6.18
C ILE E 82 -39.66 45.31 5.74
N ARG E 83 -40.43 44.46 6.43
CA ARG E 83 -40.38 43.02 6.24
C ARG E 83 -41.63 42.55 5.53
N MET E 84 -41.45 41.70 4.51
CA MET E 84 -42.56 41.14 3.75
C MET E 84 -42.23 39.72 3.36
N ASN E 85 -43.20 38.82 3.54
CA ASN E 85 -43.03 37.42 3.16
C ASN E 85 -43.11 37.28 1.64
N ARG E 86 -42.67 36.10 1.16
CA ARG E 86 -42.56 35.90 -0.28
C ARG E 86 -43.91 36.06 -0.99
N VAL E 87 -45.02 35.84 -0.27
CA VAL E 87 -46.32 36.02 -0.90
C VAL E 87 -46.46 37.47 -1.39
N VAL E 88 -46.19 38.43 -0.51
CA VAL E 88 -46.28 39.84 -0.89
C VAL E 88 -45.18 40.19 -1.89
N ARG E 89 -43.94 39.74 -1.64
CA ARG E 89 -42.83 40.11 -2.50
C ARG E 89 -43.07 39.67 -3.94
N ASN E 90 -43.49 38.42 -4.13
CA ASN E 90 -43.81 37.93 -5.46
C ASN E 90 -45.06 38.61 -6.01
N ASN E 91 -46.03 38.91 -5.14
CA ASN E 91 -47.22 39.62 -5.60
C ASN E 91 -46.88 41.00 -6.13
N LEU E 92 -45.95 41.71 -5.47
CA LEU E 92 -45.59 43.06 -5.85
C LEU E 92 -44.44 43.11 -6.84
N ARG E 93 -43.97 41.96 -7.32
CA ARG E 93 -42.84 41.90 -8.25
C ARG E 93 -41.58 42.49 -7.62
N VAL E 94 -41.38 42.20 -6.34
CA VAL E 94 -40.27 42.75 -5.57
C VAL E 94 -39.38 41.61 -5.11
N ARG E 95 -38.08 41.74 -5.34
CA ARG E 95 -37.10 40.79 -4.83
C ARG E 95 -36.56 41.29 -3.50
N LEU E 96 -36.24 40.34 -2.62
CA LEU E 96 -35.71 40.69 -1.31
C LEU E 96 -34.43 41.50 -1.45
N GLY E 97 -34.36 42.63 -0.73
CA GLY E 97 -33.26 43.55 -0.83
C GLY E 97 -33.54 44.77 -1.70
N ASP E 98 -34.72 44.87 -2.28
CA ASP E 98 -35.08 46.00 -3.12
C ASP E 98 -35.61 47.15 -2.28
N VAL E 99 -35.90 48.27 -2.93
CA VAL E 99 -36.45 49.46 -2.29
C VAL E 99 -37.84 49.71 -2.87
N ILE E 100 -38.82 49.92 -2.00
CA ILE E 100 -40.21 50.08 -2.39
C ILE E 100 -40.78 51.31 -1.68
N SER E 101 -42.03 51.61 -1.99
CA SER E 101 -42.74 52.76 -1.43
C SER E 101 -43.98 52.30 -0.67
N ILE E 102 -44.48 53.18 0.19
CA ILE E 102 -45.67 52.92 0.98
C ILE E 102 -46.58 54.14 0.89
N GLN E 103 -47.88 53.90 0.89
CA GLN E 103 -48.91 54.94 0.81
C GLN E 103 -49.91 54.72 1.93
N PRO E 104 -49.55 55.03 3.18
CA PRO E 104 -50.43 54.73 4.30
C PRO E 104 -51.80 55.37 4.14
N CYS E 105 -52.83 54.63 4.55
CA CYS E 105 -54.21 55.11 4.50
C CYS E 105 -55.07 54.32 5.48
N PRO E 106 -55.11 54.70 6.76
CA PRO E 106 -55.92 53.95 7.73
C PRO E 106 -57.41 54.17 7.53
N ASP E 107 -57.98 53.48 6.54
CA ASP E 107 -59.39 53.61 6.22
C ASP E 107 -60.00 52.24 6.00
N VAL E 108 -61.31 52.15 6.17
CA VAL E 108 -62.06 50.91 6.03
C VAL E 108 -63.08 51.09 4.91
N LYS E 109 -63.01 50.20 3.91
CA LYS E 109 -63.97 50.20 2.81
C LYS E 109 -64.22 48.75 2.39
N TYR E 110 -65.49 48.40 2.24
CA TYR E 110 -65.90 47.03 1.99
C TYR E 110 -66.24 46.82 0.52
N GLY E 111 -66.01 45.60 0.03
CA GLY E 111 -66.35 45.22 -1.32
C GLY E 111 -67.49 44.21 -1.34
N LYS E 112 -68.00 43.96 -2.54
CA LYS E 112 -69.13 43.06 -2.72
C LYS E 112 -68.99 42.08 -3.88
N ARG E 113 -67.99 42.24 -4.76
CA ARG E 113 -67.84 41.40 -5.94
C ARG E 113 -66.41 40.86 -6.02
N ILE E 114 -65.90 40.33 -4.91
CA ILE E 114 -64.58 39.72 -4.89
C ILE E 114 -64.69 38.35 -5.54
N HIS E 115 -63.98 38.16 -6.65
CA HIS E 115 -63.98 36.91 -7.39
C HIS E 115 -62.54 36.41 -7.51
N VAL E 116 -62.34 35.13 -7.24
CA VAL E 116 -61.01 34.54 -7.17
C VAL E 116 -60.98 33.28 -8.02
N LEU E 117 -59.80 32.99 -8.59
CA LEU E 117 -59.59 31.80 -9.40
C LEU E 117 -58.25 31.18 -9.01
N PRO E 118 -58.15 29.85 -8.95
CA PRO E 118 -56.87 29.23 -8.62
C PRO E 118 -55.90 29.27 -9.78
N ILE E 119 -54.62 29.09 -9.47
CA ILE E 119 -53.54 29.15 -10.45
C ILE E 119 -53.21 27.72 -10.88
N ASP E 120 -53.26 27.47 -12.19
CA ASP E 120 -53.03 26.13 -12.71
C ASP E 120 -51.68 25.58 -12.27
N ASP E 121 -50.68 26.45 -12.15
CA ASP E 121 -49.36 26.01 -11.69
C ASP E 121 -49.44 25.40 -10.30
N THR E 122 -50.46 25.75 -9.52
CA THR E 122 -50.66 25.23 -8.17
C THR E 122 -51.83 24.25 -8.09
N VAL E 123 -52.74 24.28 -9.06
CA VAL E 123 -53.81 23.28 -9.13
C VAL E 123 -53.75 22.61 -10.50
N GLU E 124 -53.16 21.42 -10.53
CA GLU E 124 -52.98 20.63 -11.76
C GLU E 124 -53.19 19.16 -11.48
N GLY E 125 -54.30 18.82 -10.83
CA GLY E 125 -54.58 17.45 -10.45
C GLY E 125 -55.34 17.33 -9.15
N ILE E 126 -55.54 18.44 -8.45
CA ILE E 126 -56.40 18.49 -7.27
C ILE E 126 -57.69 19.19 -7.67
N THR E 127 -58.80 18.49 -7.48
CA THR E 127 -60.11 19.01 -7.86
C THR E 127 -61.07 18.86 -6.68
N GLY E 128 -61.84 19.90 -6.42
CA GLY E 128 -62.77 19.89 -5.33
C GLY E 128 -63.35 21.27 -5.12
N ASN E 129 -64.06 21.42 -4.00
CA ASN E 129 -64.66 22.69 -3.64
C ASN E 129 -63.61 23.62 -3.02
N LEU E 130 -62.75 24.14 -3.90
CA LEU E 130 -61.63 24.97 -3.43
C LEU E 130 -62.12 26.22 -2.73
N PHE E 131 -63.39 26.60 -2.93
CA PHE E 131 -63.97 27.67 -2.14
C PHE E 131 -64.20 27.27 -0.69
N GLU E 132 -64.22 25.97 -0.41
CA GLU E 132 -64.45 25.48 0.94
C GLU E 132 -63.29 24.66 1.50
N VAL E 133 -62.53 23.97 0.65
CA VAL E 133 -61.56 23.00 1.15
C VAL E 133 -60.29 23.70 1.62
N TYR E 134 -59.86 24.75 0.91
CA TYR E 134 -58.60 25.43 1.20
C TYR E 134 -58.80 26.95 1.19
N LEU E 135 -60.01 27.42 1.49
CA LEU E 135 -60.29 28.84 1.42
C LEU E 135 -60.91 29.40 2.69
N LYS E 136 -61.76 28.61 3.36
CA LYS E 136 -62.51 29.10 4.51
C LYS E 136 -61.61 29.70 5.59
N PRO E 137 -60.52 29.04 6.00
CA PRO E 137 -59.70 29.56 7.09
C PRO E 137 -58.78 30.71 6.70
N TYR E 138 -58.96 31.33 5.53
CA TYR E 138 -58.09 32.41 5.10
C TYR E 138 -58.82 33.64 4.59
N PHE E 139 -60.08 33.55 4.19
CA PHE E 139 -60.77 34.70 3.63
C PHE E 139 -61.38 35.61 4.69
N LEU E 140 -61.25 35.27 5.97
CA LEU E 140 -61.67 36.17 7.04
C LEU E 140 -60.73 35.99 8.24
N GLU E 141 -60.40 37.10 8.88
CA GLU E 141 -59.57 37.12 10.09
C GLU E 141 -58.09 36.88 9.76
N ALA E 142 -57.79 36.59 8.50
CA ALA E 142 -56.40 36.50 8.05
C ALA E 142 -55.96 37.73 7.27
N TYR E 143 -56.91 38.53 6.77
CA TYR E 143 -56.63 39.78 6.10
C TYR E 143 -55.74 39.57 4.88
N ARG E 144 -56.27 38.81 3.92
CA ARG E 144 -55.54 38.58 2.68
C ARG E 144 -55.32 39.90 1.96
N PRO E 145 -54.22 40.03 1.20
CA PRO E 145 -53.98 41.27 0.45
C PRO E 145 -54.93 41.38 -0.73
N ILE E 146 -56.22 41.50 -0.44
CA ILE E 146 -57.24 41.46 -1.48
C ILE E 146 -57.16 42.72 -2.32
N ARG E 147 -56.93 42.55 -3.62
CA ARG E 147 -56.88 43.65 -4.57
C ARG E 147 -56.78 43.05 -5.97
N LYS E 148 -57.48 43.67 -6.93
CA LYS E 148 -57.54 43.11 -8.27
C LYS E 148 -56.14 42.87 -8.81
N GLY E 149 -55.91 41.65 -9.30
CA GLY E 149 -54.60 41.23 -9.76
C GLY E 149 -53.72 40.64 -8.70
N ASP E 150 -54.15 40.61 -7.44
CA ASP E 150 -53.34 40.06 -6.37
C ASP E 150 -53.29 38.54 -6.45
N ILE E 151 -52.13 37.99 -6.09
CA ILE E 151 -51.90 36.56 -6.02
C ILE E 151 -51.44 36.22 -4.62
N PHE E 152 -52.08 35.22 -4.00
CA PHE E 152 -51.79 34.86 -2.63
C PHE E 152 -51.76 33.35 -2.46
N LEU E 153 -50.82 32.87 -1.64
CA LEU E 153 -50.75 31.47 -1.27
C LEU E 153 -51.53 31.24 0.02
N VAL E 154 -52.27 30.14 0.06
CA VAL E 154 -53.07 29.79 1.24
C VAL E 154 -52.57 28.55 1.95
N HIS E 155 -51.77 27.68 1.31
CA HIS E 155 -51.21 26.49 1.95
C HIS E 155 -52.31 25.59 2.51
N GLY E 156 -53.01 24.91 1.60
CA GLY E 156 -54.12 24.06 1.96
C GLY E 156 -53.77 22.63 2.29
N GLY E 157 -54.36 21.69 1.54
CA GLY E 157 -54.21 20.28 1.83
C GLY E 157 -53.01 19.66 1.15
N MET E 158 -51.88 19.65 1.85
CA MET E 158 -50.68 18.94 1.41
C MET E 158 -50.21 19.43 0.05
N ARG E 159 -50.43 20.72 -0.21
CA ARG E 159 -49.85 21.37 -1.39
C ARG E 159 -50.01 22.89 -1.28
N ALA E 160 -48.97 23.63 -1.64
CA ALA E 160 -48.98 25.09 -1.52
C ALA E 160 -49.86 25.71 -2.61
N VAL E 161 -51.16 25.45 -2.48
CA VAL E 161 -52.11 25.95 -3.47
C VAL E 161 -52.19 27.47 -3.35
N GLU E 162 -52.17 28.15 -4.50
CA GLU E 162 -52.22 29.60 -4.55
C GLU E 162 -53.38 30.01 -5.45
N PHE E 163 -53.88 31.23 -5.21
CA PHE E 163 -55.01 31.76 -5.93
C PHE E 163 -54.69 33.18 -6.39
N LYS E 164 -55.48 33.66 -7.34
CA LYS E 164 -55.43 35.05 -7.80
C LYS E 164 -56.83 35.63 -7.73
N VAL E 165 -56.95 36.78 -7.06
CA VAL E 165 -58.21 37.50 -7.00
C VAL E 165 -58.26 38.40 -8.23
N VAL E 166 -59.22 38.12 -9.13
CA VAL E 166 -59.24 38.80 -10.43
C VAL E 166 -59.89 40.18 -10.30
N GLU E 167 -61.04 40.25 -9.64
CA GLU E 167 -61.83 41.47 -9.55
C GLU E 167 -62.02 41.85 -8.08
N THR E 168 -61.77 43.11 -7.77
CA THR E 168 -62.06 43.68 -6.45
C THR E 168 -62.57 45.09 -6.66
N ASP E 169 -63.88 45.28 -6.52
CA ASP E 169 -64.52 46.56 -6.79
C ASP E 169 -64.17 47.71 -5.84
N PRO E 170 -63.75 47.50 -4.59
CA PRO E 170 -62.83 48.46 -3.97
C PRO E 170 -61.38 48.23 -4.38
N SER E 171 -60.61 49.30 -4.30
CA SER E 171 -59.18 49.25 -4.60
C SER E 171 -58.53 50.57 -4.22
N PRO E 172 -57.24 50.57 -3.84
CA PRO E 172 -56.34 49.42 -3.72
C PRO E 172 -56.46 48.72 -2.36
N TYR E 173 -57.43 49.10 -1.54
CA TYR E 173 -57.60 48.53 -0.21
C TYR E 173 -59.06 48.13 -0.01
N CYS E 174 -59.27 47.10 0.81
CA CYS E 174 -60.61 46.61 1.10
C CYS E 174 -60.58 45.92 2.46
N ILE E 175 -61.78 45.81 3.05
CA ILE E 175 -61.93 45.11 4.32
C ILE E 175 -62.04 43.62 4.06
N VAL E 176 -61.19 42.84 4.71
CA VAL E 176 -61.24 41.38 4.63
C VAL E 176 -62.03 40.93 5.85
N ALA E 177 -63.34 40.80 5.68
CA ALA E 177 -64.24 40.48 6.77
C ALA E 177 -65.50 39.84 6.18
N PRO E 178 -66.27 39.10 6.99
CA PRO E 178 -67.45 38.42 6.43
C PRO E 178 -68.49 39.37 5.86
N ASP E 179 -68.46 40.65 6.22
CA ASP E 179 -69.35 41.62 5.58
C ASP E 179 -69.06 41.71 4.08
N THR E 180 -67.79 41.71 3.71
CA THR E 180 -67.41 41.68 2.29
C THR E 180 -67.79 40.33 1.71
N VAL E 181 -68.26 40.34 0.46
CA VAL E 181 -68.78 39.15 -0.21
C VAL E 181 -67.68 38.56 -1.09
N ILE E 182 -67.43 37.27 -0.92
CA ILE E 182 -66.48 36.52 -1.74
C ILE E 182 -67.25 35.45 -2.49
N HIS E 183 -67.03 35.37 -3.80
CA HIS E 183 -67.80 34.51 -4.68
C HIS E 183 -67.01 33.25 -5.05
N CYS E 184 -67.75 32.27 -5.56
CA CYS E 184 -67.14 30.99 -5.93
C CYS E 184 -66.30 31.14 -7.20
N GLU E 185 -65.30 30.26 -7.32
CA GLU E 185 -64.40 30.29 -8.45
C GLU E 185 -64.92 29.40 -9.58
N GLY E 186 -64.10 29.20 -10.60
CA GLY E 186 -64.44 28.35 -11.71
C GLY E 186 -63.31 27.41 -12.08
N GLU E 187 -63.10 27.20 -13.38
CA GLU E 187 -62.00 26.36 -13.82
C GLU E 187 -60.67 27.07 -13.56
N PRO E 188 -59.59 26.31 -13.34
CA PRO E 188 -58.30 26.93 -13.04
C PRO E 188 -57.76 27.71 -14.23
N ILE E 189 -56.98 28.73 -13.92
CA ILE E 189 -56.38 29.59 -14.93
C ILE E 189 -54.88 29.36 -14.96
N LYS E 190 -54.27 29.65 -16.10
CA LYS E 190 -52.85 29.46 -16.28
C LYS E 190 -52.06 30.60 -15.62
N ARG E 191 -50.87 30.25 -15.15
CA ARG E 191 -49.97 31.23 -14.56
C ARG E 191 -49.39 32.13 -15.65
N GLU E 192 -49.11 33.38 -15.29
CA GLU E 192 -48.61 34.36 -16.24
C GLU E 192 -47.17 34.06 -16.62
N ASP E 193 -46.97 33.39 -17.76
CA ASP E 193 -45.62 33.08 -18.21
C ASP E 193 -44.84 34.33 -18.60
N GLU E 194 -45.53 35.44 -18.87
CA GLU E 194 -44.83 36.69 -19.19
C GLU E 194 -43.90 37.11 -18.05
N GLU E 195 -44.27 36.79 -16.81
CA GLU E 195 -43.45 37.05 -15.64
C GLU E 195 -43.11 35.80 -14.86
N GLU E 196 -43.88 34.72 -15.01
CA GLU E 196 -43.59 33.41 -14.42
C GLU E 196 -43.86 33.37 -12.93
N SER E 197 -44.16 34.53 -12.32
CA SER E 197 -44.53 34.63 -10.91
C SER E 197 -43.40 34.26 -9.95
N LEU E 198 -42.29 33.71 -10.47
CA LEU E 198 -41.14 33.32 -9.67
C LEU E 198 -41.54 32.68 -8.34
N ASN E 199 -42.33 31.60 -8.39
CA ASN E 199 -42.71 30.92 -7.14
C ASN E 199 -41.55 30.09 -6.60
N GLU E 200 -41.15 29.05 -7.35
CA GLU E 200 -40.01 28.20 -7.03
C GLU E 200 -39.82 28.01 -5.53
N VAL E 201 -38.73 28.53 -4.97
CA VAL E 201 -38.45 28.47 -3.54
C VAL E 201 -37.84 29.82 -3.13
N GLY E 202 -37.50 29.93 -1.85
CA GLY E 202 -36.92 31.17 -1.37
C GLY E 202 -36.47 31.03 0.06
N TYR E 203 -36.21 32.18 0.68
CA TYR E 203 -35.68 32.18 2.04
C TYR E 203 -36.70 31.67 3.05
N ASP E 204 -37.99 31.85 2.79
CA ASP E 204 -38.99 31.48 3.78
C ASP E 204 -39.06 29.98 4.03
N ASP E 205 -38.63 29.15 3.07
CA ASP E 205 -38.64 27.71 3.22
C ASP E 205 -37.24 27.15 3.49
N ILE E 206 -36.36 27.97 4.07
CA ILE E 206 -35.04 27.54 4.51
C ILE E 206 -35.03 27.65 6.03
N GLY E 207 -34.69 26.55 6.69
CA GLY E 207 -34.69 26.53 8.15
C GLY E 207 -33.51 25.74 8.67
N GLY E 208 -33.04 26.16 9.85
CA GLY E 208 -31.94 25.50 10.51
C GLY E 208 -30.57 26.01 10.14
N CYS E 209 -30.46 26.86 9.13
CA CYS E 209 -29.20 27.46 8.71
C CYS E 209 -29.39 28.95 8.48
N ARG E 210 -30.08 29.61 9.41
CA ARG E 210 -30.35 31.04 9.25
C ARG E 210 -29.06 31.85 9.26
N LYS E 211 -28.11 31.49 10.12
CA LYS E 211 -26.84 32.21 10.15
C LYS E 211 -26.07 32.03 8.85
N GLN E 212 -26.01 30.79 8.35
CA GLN E 212 -25.30 30.55 7.09
C GLN E 212 -26.00 31.20 5.92
N LEU E 213 -27.34 31.17 5.91
CA LEU E 213 -28.07 31.84 4.85
C LEU E 213 -27.86 33.35 4.89
N ALA E 214 -27.79 33.92 6.10
CA ALA E 214 -27.50 35.34 6.22
C ALA E 214 -26.09 35.66 5.72
N GLN E 215 -25.13 34.78 6.03
CA GLN E 215 -23.78 34.98 5.53
C GLN E 215 -23.76 34.96 4.00
N ILE E 216 -24.45 33.99 3.39
CA ILE E 216 -24.50 33.92 1.93
C ILE E 216 -25.20 35.15 1.37
N LYS E 217 -26.27 35.60 2.03
CA LYS E 217 -26.97 36.79 1.55
C LYS E 217 -26.05 38.00 1.54
N GLU E 218 -25.41 38.28 2.68
CA GLU E 218 -24.49 39.41 2.72
C GLU E 218 -23.29 39.20 1.79
N MET E 219 -23.00 37.96 1.42
CA MET E 219 -21.87 37.71 0.54
C MET E 219 -22.22 37.90 -0.93
N VAL E 220 -23.46 37.61 -1.33
CA VAL E 220 -23.79 37.48 -2.74
C VAL E 220 -24.86 38.47 -3.20
N GLU E 221 -25.53 39.19 -2.29
CA GLU E 221 -26.64 40.04 -2.70
C GLU E 221 -26.16 41.18 -3.60
N LEU E 222 -25.10 41.87 -3.19
CA LEU E 222 -24.64 43.04 -3.94
C LEU E 222 -24.23 42.70 -5.37
N PRO E 223 -23.35 41.73 -5.62
CA PRO E 223 -22.94 41.45 -7.00
C PRO E 223 -24.09 41.04 -7.90
N LEU E 224 -25.11 40.37 -7.37
CA LEU E 224 -26.22 39.92 -8.20
C LEU E 224 -27.26 41.02 -8.38
N ARG E 225 -27.63 41.70 -7.29
CA ARG E 225 -28.61 42.77 -7.39
C ARG E 225 -28.01 44.03 -7.99
N HIS E 226 -26.72 44.28 -7.77
CA HIS E 226 -26.08 45.53 -8.18
C HIS E 226 -24.84 45.22 -9.02
N PRO E 227 -25.01 44.58 -10.18
CA PRO E 227 -23.86 44.41 -11.09
C PRO E 227 -23.34 45.72 -11.65
N ALA E 228 -24.15 46.77 -11.65
CA ALA E 228 -23.72 48.04 -12.23
C ALA E 228 -22.56 48.65 -11.45
N LEU E 229 -22.64 48.63 -10.11
CA LEU E 229 -21.59 49.28 -9.32
C LEU E 229 -20.30 48.48 -9.36
N PHE E 230 -20.38 47.16 -9.51
CA PHE E 230 -19.19 46.34 -9.46
C PHE E 230 -18.29 46.52 -10.69
N LYS E 231 -18.79 47.14 -11.74
CA LYS E 231 -17.94 47.56 -12.85
C LYS E 231 -17.25 48.89 -12.57
N ALA E 232 -17.70 49.62 -11.54
CA ALA E 232 -17.13 50.91 -11.17
C ALA E 232 -16.47 50.91 -9.80
N ILE E 233 -17.01 50.11 -8.86
CA ILE E 233 -16.48 50.12 -7.50
C ILE E 233 -15.06 49.55 -7.49
N GLY E 234 -14.79 48.56 -8.34
CA GLY E 234 -13.47 48.01 -8.51
C GLY E 234 -13.15 46.79 -7.69
N VAL E 235 -13.56 46.76 -6.41
CA VAL E 235 -13.19 45.66 -5.54
C VAL E 235 -13.83 44.37 -6.02
N LYS E 236 -13.05 43.31 -6.09
CA LYS E 236 -13.51 42.04 -6.63
C LYS E 236 -14.45 41.35 -5.63
N PRO E 237 -15.67 41.00 -6.01
CA PRO E 237 -16.50 40.16 -5.14
C PRO E 237 -16.11 38.71 -5.27
N PRO E 238 -16.63 37.83 -4.40
CA PRO E 238 -16.28 36.41 -4.51
C PRO E 238 -16.73 35.80 -5.81
N ARG E 239 -15.77 35.39 -6.65
CA ARG E 239 -16.10 34.80 -7.94
C ARG E 239 -16.87 33.50 -7.77
N GLY E 240 -16.53 32.72 -6.74
CA GLY E 240 -17.24 31.48 -6.47
C GLY E 240 -17.38 31.27 -4.98
N ILE E 241 -18.48 30.62 -4.61
CA ILE E 241 -18.79 30.30 -3.22
C ILE E 241 -18.91 28.80 -3.10
N LEU E 242 -18.15 28.20 -2.19
CA LEU E 242 -18.09 26.75 -2.05
C LEU E 242 -18.95 26.34 -0.86
N LEU E 243 -20.26 26.25 -1.11
CA LEU E 243 -21.16 25.66 -0.13
C LEU E 243 -20.74 24.21 0.12
N TYR E 244 -20.83 23.78 1.38
CA TYR E 244 -20.54 22.38 1.66
C TYR E 244 -21.22 21.98 2.96
N GLY E 245 -21.38 20.66 3.11
CA GLY E 245 -22.03 20.08 4.25
C GLY E 245 -22.43 18.65 3.95
N PRO E 246 -22.99 17.95 4.94
CA PRO E 246 -23.43 16.58 4.71
C PRO E 246 -24.51 16.55 3.63
N PRO E 247 -24.62 15.43 2.91
CA PRO E 247 -25.60 15.37 1.83
C PRO E 247 -27.01 15.57 2.36
N GLY E 248 -27.83 16.26 1.57
CA GLY E 248 -29.19 16.55 1.97
C GLY E 248 -29.32 17.66 2.98
N THR E 249 -28.30 18.51 3.12
CA THR E 249 -28.32 19.60 4.09
C THR E 249 -29.01 20.84 3.56
N GLY E 250 -29.34 20.90 2.27
CA GLY E 250 -29.96 22.06 1.67
C GLY E 250 -29.06 22.91 0.82
N LYS E 251 -27.86 22.43 0.49
CA LYS E 251 -26.94 23.22 -0.33
C LYS E 251 -27.62 23.66 -1.62
N THR E 252 -28.21 22.70 -2.35
CA THR E 252 -28.95 23.06 -3.55
C THR E 252 -30.12 23.96 -3.22
N LEU E 253 -30.82 23.69 -2.11
CA LEU E 253 -31.98 24.50 -1.75
C LEU E 253 -31.58 25.93 -1.45
N ILE E 254 -30.52 26.14 -0.65
CA ILE E 254 -30.12 27.50 -0.32
C ILE E 254 -29.57 28.20 -1.56
N ALA E 255 -28.84 27.48 -2.40
CA ALA E 255 -28.35 28.09 -3.64
C ALA E 255 -29.51 28.56 -4.51
N ARG E 256 -30.52 27.71 -4.69
CA ARG E 256 -31.66 28.09 -5.51
C ARG E 256 -32.46 29.21 -4.86
N ALA E 257 -32.53 29.24 -3.53
CA ALA E 257 -33.24 30.32 -2.85
C ALA E 257 -32.53 31.65 -3.06
N VAL E 258 -31.22 31.70 -2.82
CA VAL E 258 -30.48 32.94 -3.01
C VAL E 258 -30.42 33.32 -4.48
N ALA E 259 -30.64 32.37 -5.39
CA ALA E 259 -30.74 32.72 -6.80
C ALA E 259 -32.08 33.35 -7.11
N ASN E 260 -33.18 32.63 -6.87
CA ASN E 260 -34.50 33.15 -7.20
C ASN E 260 -34.84 34.37 -6.37
N GLU E 261 -34.54 34.34 -5.06
CA GLU E 261 -34.91 35.45 -4.19
C GLU E 261 -34.28 36.76 -4.67
N THR E 262 -33.08 36.70 -5.24
CA THR E 262 -32.41 37.89 -5.77
C THR E 262 -32.69 38.11 -7.25
N GLY E 263 -33.46 37.24 -7.89
CA GLY E 263 -33.77 37.37 -9.30
C GLY E 263 -32.70 36.87 -10.23
N ALA E 264 -31.59 36.34 -9.71
CA ALA E 264 -30.54 35.84 -10.56
C ALA E 264 -30.94 34.54 -11.24
N PHE E 265 -30.55 34.39 -12.51
CA PHE E 265 -30.80 33.14 -13.22
C PHE E 265 -29.94 32.04 -12.64
N PHE E 266 -30.55 30.90 -12.35
CA PHE E 266 -29.90 29.77 -11.69
C PHE E 266 -29.68 28.67 -12.72
N PHE E 267 -28.42 28.31 -12.95
CA PHE E 267 -28.06 27.25 -13.90
C PHE E 267 -27.43 26.10 -13.12
N LEU E 268 -28.17 24.99 -13.03
CA LEU E 268 -27.69 23.81 -12.31
C LEU E 268 -26.96 22.89 -13.27
N ILE E 269 -25.69 22.60 -12.98
CA ILE E 269 -24.85 21.76 -13.83
C ILE E 269 -24.36 20.57 -13.03
N ASN E 270 -25.23 20.02 -12.17
CA ASN E 270 -24.89 18.92 -11.28
C ASN E 270 -23.93 17.94 -11.94
N GLY E 271 -22.87 17.60 -11.21
CA GLY E 271 -21.73 16.87 -11.74
C GLY E 271 -22.08 15.70 -12.63
N PRO E 272 -22.82 14.72 -12.10
CA PRO E 272 -23.11 13.51 -12.90
C PRO E 272 -23.76 13.80 -14.24
N GLU E 273 -24.55 14.87 -14.34
CA GLU E 273 -25.19 15.18 -15.61
C GLU E 273 -24.17 15.48 -16.70
N ILE E 274 -22.99 15.98 -16.33
CA ILE E 274 -21.94 16.30 -17.29
C ILE E 274 -20.90 15.20 -17.37
N MET E 275 -20.52 14.61 -16.23
CA MET E 275 -19.54 13.53 -16.23
C MET E 275 -20.04 12.30 -16.97
N SER E 276 -21.33 12.20 -17.22
CA SER E 276 -21.91 11.07 -17.93
C SER E 276 -21.82 11.20 -19.45
N LYS E 277 -21.40 12.35 -19.96
CA LYS E 277 -21.36 12.58 -21.39
C LYS E 277 -19.98 12.22 -21.95
N LEU E 278 -19.90 12.17 -23.29
CA LEU E 278 -18.68 11.75 -23.96
C LEU E 278 -17.51 12.65 -23.57
N ALA E 279 -16.35 12.02 -23.35
CA ALA E 279 -15.14 12.78 -23.05
C ALA E 279 -14.85 13.75 -24.19
N GLY E 280 -14.51 14.98 -23.81
CA GLY E 280 -14.35 16.06 -24.76
C GLY E 280 -15.66 16.77 -25.04
N GLU E 281 -16.73 15.99 -25.23
CA GLU E 281 -18.06 16.59 -25.38
C GLU E 281 -18.61 17.09 -24.05
N SER E 282 -18.27 16.41 -22.95
CA SER E 282 -18.64 16.91 -21.63
C SER E 282 -17.91 18.21 -21.31
N GLU E 283 -16.65 18.32 -21.75
CA GLU E 283 -15.94 19.59 -21.61
C GLU E 283 -16.68 20.69 -22.35
N SER E 284 -17.13 20.41 -23.58
CA SER E 284 -17.90 21.39 -24.33
C SER E 284 -19.21 21.72 -23.62
N ASN E 285 -19.85 20.72 -23.01
CA ASN E 285 -21.10 20.97 -22.29
C ASN E 285 -20.88 21.91 -21.12
N LEU E 286 -19.81 21.67 -20.34
CA LEU E 286 -19.51 22.57 -19.23
C LEU E 286 -19.15 23.96 -19.71
N ARG E 287 -18.36 24.04 -20.79
CA ARG E 287 -17.98 25.34 -21.32
C ARG E 287 -19.20 26.12 -21.80
N LYS E 288 -20.12 25.47 -22.51
CA LYS E 288 -21.32 26.15 -22.96
C LYS E 288 -22.28 26.45 -21.82
N ALA E 289 -22.24 25.67 -20.74
CA ALA E 289 -22.98 26.05 -19.53
C ALA E 289 -22.46 27.37 -18.97
N PHE E 290 -21.13 27.51 -18.89
CA PHE E 290 -20.55 28.78 -18.45
C PHE E 290 -20.90 29.91 -19.42
N GLU E 291 -20.89 29.62 -20.73
CA GLU E 291 -21.29 30.64 -21.70
C GLU E 291 -22.74 31.05 -21.52
N GLU E 292 -23.62 30.09 -21.22
CA GLU E 292 -25.02 30.41 -20.94
C GLU E 292 -25.13 31.30 -19.72
N ALA E 293 -24.34 30.99 -18.68
CA ALA E 293 -24.33 31.84 -17.49
C ALA E 293 -23.84 33.26 -17.83
N GLU E 294 -22.84 33.36 -18.71
CA GLU E 294 -22.25 34.65 -19.02
C GLU E 294 -23.12 35.50 -19.94
N LYS E 295 -23.88 34.88 -20.85
CA LYS E 295 -24.64 35.64 -21.82
C LYS E 295 -25.64 36.57 -21.15
N ASN E 296 -26.13 36.19 -19.97
CA ASN E 296 -26.96 37.05 -19.13
C ASN E 296 -26.18 37.40 -17.86
N ALA E 297 -26.10 38.70 -17.56
CA ALA E 297 -25.19 39.16 -16.52
C ALA E 297 -25.52 38.60 -15.14
N PRO E 298 -26.75 38.70 -14.63
CA PRO E 298 -27.01 38.36 -13.23
C PRO E 298 -27.05 36.86 -12.94
N ALA E 299 -26.86 36.01 -13.93
CA ALA E 299 -26.99 34.58 -13.72
C ALA E 299 -25.92 34.04 -12.77
N ILE E 300 -26.25 32.96 -12.09
CA ILE E 300 -25.29 32.22 -11.27
C ILE E 300 -25.34 30.76 -11.67
N ILE E 301 -24.18 30.11 -11.67
CA ILE E 301 -24.05 28.71 -12.05
C ILE E 301 -23.69 27.92 -10.79
N PHE E 302 -24.46 26.88 -10.52
CA PHE E 302 -24.31 26.07 -9.31
C PHE E 302 -23.83 24.69 -9.70
N ILE E 303 -22.70 24.27 -9.14
CA ILE E 303 -22.07 22.99 -9.46
C ILE E 303 -22.39 22.05 -8.30
N ASP E 304 -23.39 21.20 -8.49
CA ASP E 304 -23.75 20.23 -7.48
C ASP E 304 -22.86 19.00 -7.58
N GLU E 305 -22.56 18.40 -6.42
CA GLU E 305 -21.70 17.23 -6.34
C GLU E 305 -20.35 17.50 -6.99
N LEU E 306 -19.70 18.57 -6.55
CA LEU E 306 -18.39 18.92 -7.08
C LEU E 306 -17.34 17.87 -6.75
N ASP E 307 -17.60 17.00 -5.78
CA ASP E 307 -16.67 15.91 -5.49
C ASP E 307 -16.44 15.05 -6.72
N ALA E 308 -17.53 14.69 -7.42
CA ALA E 308 -17.39 13.88 -8.63
C ALA E 308 -16.64 14.63 -9.72
N ILE E 309 -16.94 15.91 -9.90
CA ILE E 309 -16.32 16.69 -10.97
C ILE E 309 -14.83 16.87 -10.69
N ALA E 310 -14.47 17.29 -9.48
CA ALA E 310 -13.11 17.65 -9.15
C ALA E 310 -12.71 17.05 -7.81
N PRO E 311 -12.46 15.75 -7.77
CA PRO E 311 -11.87 15.16 -6.56
C PRO E 311 -10.38 15.45 -6.46
N LYS E 312 -9.69 14.84 -5.50
CA LYS E 312 -8.27 15.09 -5.33
C LYS E 312 -7.53 14.77 -6.63
N ARG E 313 -6.64 15.68 -7.04
CA ARG E 313 -6.00 15.57 -8.34
C ARG E 313 -5.21 14.28 -8.45
N GLU E 314 -4.35 13.99 -7.47
CA GLU E 314 -3.52 12.80 -7.54
C GLU E 314 -4.31 11.51 -7.35
N LYS E 315 -5.54 11.59 -6.84
CA LYS E 315 -6.38 10.42 -6.66
C LYS E 315 -7.27 10.12 -7.87
N THR E 316 -7.30 11.01 -8.86
CA THR E 316 -8.02 10.73 -10.09
C THR E 316 -7.27 9.68 -10.91
N HIS E 317 -8.02 8.95 -11.74
CA HIS E 317 -7.42 7.96 -12.61
C HIS E 317 -6.83 8.59 -13.86
N GLY E 318 -7.67 9.21 -14.68
CA GLY E 318 -7.19 9.85 -15.88
C GLY E 318 -8.32 10.22 -16.81
N GLU E 319 -7.92 10.83 -17.93
CA GLU E 319 -8.87 11.31 -18.92
C GLU E 319 -9.90 12.23 -18.26
N VAL E 320 -11.18 11.87 -18.32
CA VAL E 320 -12.24 12.82 -17.98
C VAL E 320 -12.03 13.38 -16.58
N GLU E 321 -11.72 12.52 -15.61
CA GLU E 321 -11.66 12.95 -14.22
C GLU E 321 -10.68 14.10 -14.03
N ARG E 322 -9.68 14.23 -14.89
CA ARG E 322 -8.82 15.40 -14.90
C ARG E 322 -9.08 16.33 -16.07
N ARG E 323 -9.51 15.80 -17.21
CA ARG E 323 -9.82 16.67 -18.35
C ARG E 323 -10.87 17.71 -17.97
N ILE E 324 -11.87 17.30 -17.19
CA ILE E 324 -12.87 18.25 -16.71
C ILE E 324 -12.21 19.25 -15.76
N VAL E 325 -11.38 18.78 -14.84
CA VAL E 325 -10.88 19.65 -13.77
C VAL E 325 -10.12 20.82 -14.37
N SER E 326 -9.14 20.53 -15.22
CA SER E 326 -8.47 21.60 -15.93
C SER E 326 -9.47 22.43 -16.73
N GLN E 327 -10.34 21.76 -17.49
CA GLN E 327 -11.38 22.47 -18.22
C GLN E 327 -12.23 23.30 -17.27
N LEU E 328 -12.43 22.81 -16.05
CA LEU E 328 -13.15 23.60 -15.06
C LEU E 328 -12.30 24.77 -14.58
N LEU E 329 -11.04 24.51 -14.25
CA LEU E 329 -10.18 25.56 -13.70
C LEU E 329 -10.03 26.70 -14.69
N THR E 330 -9.69 26.39 -15.94
CA THR E 330 -9.55 27.43 -16.95
C THR E 330 -10.83 28.22 -17.14
N LEU E 331 -11.98 27.65 -16.77
CA LEU E 331 -13.24 28.38 -16.78
C LEU E 331 -13.61 28.94 -15.42
N MET E 332 -13.14 28.32 -14.33
CA MET E 332 -13.47 28.82 -13.00
C MET E 332 -12.85 30.19 -12.77
N ASP E 333 -11.58 30.37 -13.13
CA ASP E 333 -10.91 31.65 -13.01
C ASP E 333 -10.78 32.39 -14.34
N GLY E 334 -11.12 31.73 -15.46
CA GLY E 334 -11.09 32.42 -16.73
C GLY E 334 -12.07 33.58 -16.79
N LEU E 335 -13.21 33.46 -16.11
CA LEU E 335 -14.16 34.55 -16.06
C LEU E 335 -13.50 35.78 -15.44
N LYS E 336 -13.80 36.94 -16.03
CA LYS E 336 -13.18 38.19 -15.60
C LYS E 336 -13.89 38.84 -14.41
N GLN E 337 -15.05 38.31 -14.01
CA GLN E 337 -15.83 38.81 -12.88
C GLN E 337 -16.53 40.12 -13.22
N ARG E 338 -16.24 40.70 -14.38
CA ARG E 338 -17.00 41.84 -14.88
C ARG E 338 -18.25 41.41 -15.64
N ALA E 339 -18.40 40.11 -15.92
CA ALA E 339 -19.63 39.59 -16.50
C ALA E 339 -20.70 39.31 -15.45
N HIS E 340 -20.37 39.44 -14.17
CA HIS E 340 -21.33 39.29 -13.08
C HIS E 340 -21.81 37.85 -12.93
N VAL E 341 -20.96 36.88 -13.25
CA VAL E 341 -21.28 35.47 -13.12
C VAL E 341 -20.66 34.96 -11.81
N ILE E 342 -21.46 34.26 -11.02
CA ILE E 342 -21.03 33.71 -9.75
C ILE E 342 -21.15 32.19 -9.82
N VAL E 343 -20.07 31.49 -9.49
CA VAL E 343 -20.02 30.04 -9.55
C VAL E 343 -20.10 29.46 -8.15
N MET E 344 -21.31 29.14 -7.72
CA MET E 344 -21.48 28.43 -6.45
C MET E 344 -21.22 26.95 -6.65
N ALA E 345 -20.81 26.29 -5.57
CA ALA E 345 -20.51 24.86 -5.63
C ALA E 345 -21.00 24.19 -4.37
N ALA E 346 -21.32 22.90 -4.50
CA ALA E 346 -21.74 22.07 -3.37
C ALA E 346 -20.79 20.88 -3.26
N THR E 347 -20.29 20.65 -2.05
CA THR E 347 -19.37 19.54 -1.81
C THR E 347 -19.59 19.06 -0.38
N ASN E 348 -18.85 18.02 -0.02
CA ASN E 348 -18.93 17.42 1.32
C ASN E 348 -17.53 17.51 1.94
N ARG E 349 -17.36 18.42 2.89
CA ARG E 349 -16.09 18.54 3.60
C ARG E 349 -14.96 18.69 2.59
N PRO E 350 -14.78 19.90 2.02
CA PRO E 350 -13.99 20.04 0.78
C PRO E 350 -12.55 19.55 0.84
N ASN E 351 -12.13 19.00 1.98
CA ASN E 351 -10.85 18.29 2.01
C ASN E 351 -10.76 17.23 0.92
N SER E 352 -11.91 16.79 0.37
CA SER E 352 -11.93 15.77 -0.67
C SER E 352 -11.78 16.33 -2.08
N ILE E 353 -12.23 17.56 -2.33
CA ILE E 353 -12.18 18.12 -3.68
C ILE E 353 -10.74 18.52 -4.01
N ASP E 354 -10.48 18.82 -5.27
CA ASP E 354 -9.13 19.13 -5.70
C ASP E 354 -8.60 20.33 -4.93
N PRO E 355 -7.42 20.24 -4.31
CA PRO E 355 -6.87 21.43 -3.65
C PRO E 355 -6.67 22.61 -4.58
N ALA E 356 -6.46 22.36 -5.87
CA ALA E 356 -6.26 23.46 -6.81
C ALA E 356 -7.48 24.37 -6.87
N LEU E 357 -8.68 23.82 -6.67
CA LEU E 357 -9.88 24.64 -6.66
C LEU E 357 -10.01 25.48 -5.40
N ARG E 358 -9.25 25.16 -4.36
CA ARG E 358 -9.31 25.91 -3.11
C ARG E 358 -8.57 27.24 -3.18
N ARG E 359 -7.81 27.48 -4.24
CA ARG E 359 -7.10 28.75 -4.38
C ARG E 359 -8.08 29.92 -4.43
N PHE E 360 -7.53 31.12 -4.35
CA PHE E 360 -8.32 32.34 -4.36
C PHE E 360 -8.45 32.89 -5.77
N GLY E 361 -9.54 33.62 -6.01
CA GLY E 361 -9.96 33.99 -7.33
C GLY E 361 -10.87 32.99 -8.00
N ARG E 362 -11.00 31.80 -7.44
CA ARG E 362 -11.95 30.79 -7.92
C ARG E 362 -12.94 30.37 -6.85
N PHE E 363 -12.47 29.97 -5.67
CA PHE E 363 -13.31 29.65 -4.52
C PHE E 363 -12.66 30.29 -3.30
N ASP E 364 -13.02 31.55 -3.02
CA ASP E 364 -12.43 32.30 -1.94
C ASP E 364 -13.31 32.36 -0.69
N ARG E 365 -14.49 31.75 -0.72
CA ARG E 365 -15.38 31.75 0.44
C ARG E 365 -16.11 30.42 0.49
N GLU E 366 -16.06 29.75 1.64
CA GLU E 366 -16.38 28.34 1.77
C GLU E 366 -17.28 28.09 2.99
N VAL E 367 -18.40 28.80 3.06
CA VAL E 367 -19.31 28.70 4.19
C VAL E 367 -19.68 27.24 4.44
N ASP E 368 -19.87 26.90 5.71
CA ASP E 368 -20.19 25.53 6.14
C ASP E 368 -21.64 25.50 6.63
N ILE E 369 -22.52 24.84 5.87
CA ILE E 369 -23.92 24.79 6.24
C ILE E 369 -24.10 23.95 7.51
N GLY E 370 -23.48 22.76 7.54
CA GLY E 370 -23.60 21.89 8.68
C GLY E 370 -25.01 21.36 8.89
N ILE E 371 -25.16 20.33 9.72
CA ILE E 371 -26.47 19.74 9.99
C ILE E 371 -27.27 20.72 10.83
N PRO E 372 -28.60 20.75 10.69
CA PRO E 372 -29.40 21.61 11.56
C PRO E 372 -29.24 21.24 13.03
N ASP E 373 -29.28 22.27 13.88
CA ASP E 373 -29.15 22.06 15.32
C ASP E 373 -30.51 21.66 15.91
N ALA E 374 -30.59 21.64 17.24
CA ALA E 374 -31.81 21.18 17.89
C ALA E 374 -32.99 22.08 17.56
N THR E 375 -32.81 23.39 17.67
CA THR E 375 -33.89 24.33 17.41
C THR E 375 -34.05 24.67 15.93
N GLY E 376 -33.09 24.28 15.08
CA GLY E 376 -33.27 24.45 13.65
C GLY E 376 -34.14 23.38 13.02
N ARG E 377 -34.08 22.16 13.55
CA ARG E 377 -34.97 21.11 13.06
C ARG E 377 -36.43 21.44 13.35
N LEU E 378 -36.69 22.20 14.41
CA LEU E 378 -38.07 22.66 14.66
C LEU E 378 -38.56 23.53 13.52
N GLU E 379 -37.73 24.49 13.08
CA GLU E 379 -38.12 25.35 11.97
C GLU E 379 -38.23 24.56 10.68
N ILE E 380 -37.33 23.60 10.46
CA ILE E 380 -37.39 22.78 9.25
C ILE E 380 -38.70 22.00 9.22
N LEU E 381 -39.09 21.42 10.36
CA LEU E 381 -40.35 20.71 10.43
C LEU E 381 -41.53 21.66 10.20
N GLN E 382 -41.47 22.86 10.78
CA GLN E 382 -42.56 23.81 10.61
C GLN E 382 -42.74 24.18 9.15
N ILE E 383 -41.64 24.42 8.43
CA ILE E 383 -41.75 24.79 7.02
C ILE E 383 -42.19 23.60 6.18
N HIS E 384 -41.63 22.42 6.44
CA HIS E 384 -42.04 21.23 5.69
C HIS E 384 -43.43 20.75 6.09
N THR E 385 -43.76 20.77 7.38
CA THR E 385 -45.12 20.48 7.82
C THR E 385 -46.01 21.72 7.73
N LYS E 386 -46.03 22.36 6.57
CA LYS E 386 -46.93 23.49 6.34
C LYS E 386 -48.26 23.03 5.79
N ASN E 387 -48.21 22.24 4.71
CA ASN E 387 -49.41 21.82 4.01
C ASN E 387 -50.00 20.52 4.54
N MET E 388 -49.31 19.81 5.44
CA MET E 388 -49.82 18.54 5.94
C MET E 388 -51.11 18.71 6.73
N LYS E 389 -51.44 19.92 7.18
CA LYS E 389 -52.56 20.14 8.08
C LYS E 389 -52.39 19.30 9.33
N LEU E 390 -51.28 19.55 10.04
CA LEU E 390 -50.95 18.77 11.22
C LEU E 390 -52.01 18.96 12.30
N ALA E 391 -52.27 17.89 13.04
CA ALA E 391 -53.28 17.91 14.09
C ALA E 391 -52.85 18.87 15.20
N ASP E 392 -53.73 19.06 16.18
CA ASP E 392 -53.43 19.95 17.30
C ASP E 392 -52.57 19.27 18.36
N ASP E 393 -52.75 17.96 18.57
CA ASP E 393 -52.00 17.25 19.59
C ASP E 393 -50.51 17.15 19.29
N VAL E 394 -50.10 17.34 18.04
CA VAL E 394 -48.70 17.30 17.66
C VAL E 394 -48.07 18.65 17.95
N ASP E 395 -46.80 18.62 18.38
CA ASP E 395 -46.10 19.82 18.82
C ASP E 395 -44.95 20.22 17.90
N LEU E 396 -44.25 19.26 17.28
CA LEU E 396 -43.13 19.47 16.38
C LEU E 396 -41.85 19.88 17.10
N GLU E 397 -41.90 20.14 18.41
CA GLU E 397 -40.70 20.42 19.18
C GLU E 397 -40.11 19.17 19.82
N GLN E 398 -40.96 18.25 20.27
CA GLN E 398 -40.47 16.95 20.71
C GLN E 398 -39.87 16.18 19.54
N VAL E 399 -40.50 16.25 18.37
CA VAL E 399 -39.97 15.57 17.20
C VAL E 399 -38.61 16.13 16.83
N ALA E 400 -38.47 17.45 16.84
CA ALA E 400 -37.19 18.07 16.49
C ALA E 400 -36.11 17.66 17.48
N ASN E 401 -36.43 17.68 18.78
CA ASN E 401 -35.45 17.30 19.79
C ASN E 401 -35.04 15.83 19.64
N GLU E 402 -36.01 14.96 19.36
CA GLU E 402 -35.71 13.54 19.25
C GLU E 402 -34.93 13.23 17.97
N THR E 403 -35.11 14.02 16.92
CA THR E 403 -34.43 13.79 15.64
C THR E 403 -33.02 14.37 15.71
N HIS E 404 -32.22 13.82 16.63
CA HIS E 404 -30.85 14.25 16.78
C HIS E 404 -29.98 13.60 15.71
N GLY E 405 -29.24 14.42 14.98
CA GLY E 405 -28.44 13.95 13.87
C GLY E 405 -29.14 13.95 12.54
N HIS E 406 -30.47 14.04 12.52
CA HIS E 406 -31.20 14.11 11.26
C HIS E 406 -30.80 15.37 10.50
N VAL E 407 -30.51 15.21 9.21
CA VAL E 407 -30.23 16.34 8.33
C VAL E 407 -31.57 16.80 7.75
N GLY E 408 -31.59 18.01 7.17
CA GLY E 408 -32.83 18.52 6.63
C GLY E 408 -33.51 17.56 5.68
N ALA E 409 -32.72 16.82 4.90
CA ALA E 409 -33.29 15.79 4.04
C ALA E 409 -33.99 14.72 4.86
N ASP E 410 -33.41 14.33 6.00
CA ASP E 410 -34.07 13.38 6.87
C ASP E 410 -35.36 13.96 7.43
N LEU E 411 -35.37 15.26 7.74
CA LEU E 411 -36.60 15.89 8.20
C LEU E 411 -37.68 15.84 7.14
N ALA E 412 -37.32 16.12 5.88
CA ALA E 412 -38.29 16.03 4.79
C ALA E 412 -38.79 14.60 4.62
N ALA E 413 -37.88 13.62 4.74
CA ALA E 413 -38.27 12.23 4.62
C ALA E 413 -39.24 11.83 5.74
N LEU E 414 -38.97 12.29 6.96
CA LEU E 414 -39.87 12.02 8.08
C LEU E 414 -41.23 12.66 7.85
N CYS E 415 -41.23 13.91 7.37
CA CYS E 415 -42.47 14.57 6.98
C CYS E 415 -43.27 13.72 5.99
N SER E 416 -42.62 13.29 4.91
CA SER E 416 -43.31 12.51 3.89
C SER E 416 -43.78 11.17 4.44
N GLU E 417 -42.99 10.54 5.30
CA GLU E 417 -43.39 9.26 5.88
C GLU E 417 -44.61 9.41 6.77
N ALA E 418 -44.66 10.47 7.59
CA ALA E 418 -45.84 10.70 8.41
C ALA E 418 -47.06 10.94 7.53
N ALA E 419 -46.91 11.74 6.48
CA ALA E 419 -48.03 11.97 5.57
C ALA E 419 -48.50 10.67 4.93
N LEU E 420 -47.56 9.84 4.48
CA LEU E 420 -47.92 8.59 3.82
C LEU E 420 -48.61 7.64 4.80
N GLN E 421 -48.17 7.61 6.05
CA GLN E 421 -48.83 6.76 7.03
C GLN E 421 -50.25 7.26 7.32
N ALA E 422 -50.42 8.59 7.39
CA ALA E 422 -51.76 9.12 7.59
C ALA E 422 -52.68 8.76 6.43
N ILE E 423 -52.17 8.85 5.20
CA ILE E 423 -52.95 8.38 4.06
C ILE E 423 -53.24 6.89 4.20
N ARG E 424 -52.26 6.12 4.66
CA ARG E 424 -52.33 4.67 4.70
C ARG E 424 -53.14 4.16 5.89
N LYS E 425 -53.31 4.97 6.93
CA LYS E 425 -54.23 4.66 8.01
C LYS E 425 -55.63 5.16 7.71
N LYS E 426 -55.82 5.82 6.56
CA LYS E 426 -57.14 6.25 6.10
C LYS E 426 -57.47 5.73 4.71
N MET E 427 -56.67 4.79 4.19
CA MET E 427 -56.97 4.21 2.88
C MET E 427 -58.30 3.46 2.90
N ASP E 428 -58.75 3.02 4.08
CA ASP E 428 -60.02 2.31 4.17
C ASP E 428 -61.18 3.20 3.75
N LEU E 429 -61.18 4.45 4.20
CA LEU E 429 -62.24 5.41 3.87
C LEU E 429 -61.80 6.42 2.81
N ILE E 430 -60.67 6.19 2.15
CA ILE E 430 -60.19 7.05 1.08
C ILE E 430 -60.39 6.41 -0.29
N ASP E 431 -60.37 5.07 -0.35
CA ASP E 431 -60.56 4.33 -1.60
C ASP E 431 -62.01 3.90 -1.79
N LEU E 432 -62.97 4.65 -1.22
CA LEU E 432 -64.37 4.31 -1.37
C LEU E 432 -64.81 4.33 -2.82
N GLU E 433 -64.42 5.36 -3.55
CA GLU E 433 -64.70 5.51 -4.98
C GLU E 433 -63.50 4.87 -5.71
N ASP E 434 -63.40 5.10 -7.01
CA ASP E 434 -62.31 4.52 -7.78
C ASP E 434 -60.98 5.14 -7.37
N GLU E 435 -60.40 4.62 -6.29
CA GLU E 435 -59.18 5.17 -5.67
C GLU E 435 -59.51 6.58 -5.19
N THR E 436 -58.63 7.56 -5.39
CA THR E 436 -58.81 8.89 -4.84
C THR E 436 -59.54 9.78 -5.84
N ILE E 437 -60.51 10.55 -5.35
CA ILE E 437 -61.18 11.56 -6.15
C ILE E 437 -60.74 12.96 -5.73
N ASP E 438 -59.55 13.10 -5.14
CA ASP E 438 -59.09 14.38 -4.63
C ASP E 438 -60.04 14.86 -3.53
N ALA E 439 -60.90 15.84 -3.81
CA ALA E 439 -62.00 16.17 -2.92
C ALA E 439 -61.54 16.71 -1.58
N GLU E 440 -62.50 17.14 -0.75
CA GLU E 440 -62.18 17.75 0.53
C GLU E 440 -61.55 16.75 1.49
N VAL E 441 -61.72 15.46 1.23
CA VAL E 441 -61.29 14.41 2.16
C VAL E 441 -59.84 14.59 2.58
N MET E 442 -59.04 15.25 1.73
CA MET E 442 -57.62 15.41 1.98
C MET E 442 -57.35 16.17 3.28
N ASN E 443 -58.30 17.01 3.71
CA ASN E 443 -58.11 17.77 4.94
C ASN E 443 -58.25 16.88 6.17
N SER E 444 -58.88 15.72 6.02
CA SER E 444 -59.23 14.90 7.18
C SER E 444 -58.01 14.19 7.76
N LEU E 445 -56.92 14.08 6.99
CA LEU E 445 -55.76 13.32 7.42
C LEU E 445 -55.34 13.65 8.85
N ALA E 446 -54.97 14.90 9.11
CA ALA E 446 -54.68 15.31 10.48
C ALA E 446 -53.57 14.46 11.07
N VAL E 447 -52.34 14.60 10.57
CA VAL E 447 -51.26 13.72 11.00
C VAL E 447 -50.93 14.00 12.46
N THR E 448 -51.39 13.09 13.33
CA THR E 448 -51.19 13.24 14.77
C THR E 448 -49.77 12.84 15.16
N MET E 449 -49.39 13.07 16.42
CA MET E 449 -48.08 12.64 16.89
C MET E 449 -47.88 11.14 16.67
N ASP E 450 -48.96 10.35 16.85
CA ASP E 450 -48.83 8.91 16.76
C ASP E 450 -48.21 8.46 15.45
N ASP E 451 -48.35 9.25 14.38
CA ASP E 451 -47.72 8.92 13.10
C ASP E 451 -46.29 9.45 13.02
N PHE E 452 -46.04 10.65 13.56
CA PHE E 452 -44.68 11.14 13.60
C PHE E 452 -43.78 10.17 14.36
N ARG E 453 -44.16 9.82 15.59
CA ARG E 453 -43.43 8.82 16.36
C ARG E 453 -42.96 7.66 15.49
N TRP E 454 -43.88 7.08 14.71
CA TRP E 454 -43.52 5.97 13.82
C TRP E 454 -42.47 6.40 12.81
N ALA E 455 -42.72 7.53 12.12
CA ALA E 455 -41.80 7.95 11.07
C ALA E 455 -40.41 8.21 11.63
N LEU E 456 -40.34 8.87 12.78
CA LEU E 456 -39.06 9.13 13.45
C LEU E 456 -38.36 7.84 13.82
N SER E 457 -39.10 6.86 14.35
CA SER E 457 -38.50 5.59 14.73
C SER E 457 -38.13 4.73 13.53
N GLN E 458 -38.65 5.04 12.34
CA GLN E 458 -38.39 4.26 11.14
C GLN E 458 -37.55 5.04 10.12
N SER E 459 -36.73 5.97 10.60
CA SER E 459 -35.83 6.74 9.75
C SER E 459 -34.45 6.76 10.36
N ASN E 460 -33.44 6.51 9.53
CA ASN E 460 -32.06 6.46 10.00
C ASN E 460 -31.38 7.81 9.79
N PRO E 461 -30.85 8.45 10.83
CA PRO E 461 -30.13 9.72 10.62
C PRO E 461 -29.06 9.59 9.55
N SER E 462 -29.03 10.57 8.64
CA SER E 462 -28.04 10.57 7.58
C SER E 462 -26.64 10.87 8.13
N ALA E 463 -26.53 11.92 8.94
CA ALA E 463 -25.25 12.40 9.45
C ALA E 463 -25.29 12.32 10.97
N LEU E 464 -24.94 11.16 11.52
CA LEU E 464 -24.87 10.95 12.95
C LEU E 464 -23.45 10.84 13.46
N ARG E 465 -22.46 10.84 12.58
CA ARG E 465 -21.06 10.67 12.94
C ARG E 465 -20.24 11.86 12.47
N GLU E 466 -20.83 13.05 12.54
CA GLU E 466 -20.19 14.30 12.17
C GLU E 466 -20.25 15.26 13.35
N THR E 467 -19.12 15.89 13.67
CA THR E 467 -19.07 16.87 14.75
C THR E 467 -20.11 17.96 14.49
N VAL E 468 -21.11 18.05 15.36
CA VAL E 468 -22.23 18.95 15.15
C VAL E 468 -21.89 20.30 15.78
N VAL E 469 -22.00 21.37 14.99
CA VAL E 469 -21.81 22.72 15.48
C VAL E 469 -23.19 23.27 15.86
N GLU E 470 -23.34 23.69 17.10
CA GLU E 470 -24.63 24.13 17.59
C GLU E 470 -24.43 25.11 18.73
N VAL E 471 -25.47 25.92 18.97
CA VAL E 471 -25.50 26.82 20.12
C VAL E 471 -26.27 26.10 21.23
N PRO E 472 -25.60 25.56 22.25
CA PRO E 472 -26.32 24.77 23.25
C PRO E 472 -27.31 25.61 24.03
N GLN E 473 -28.40 24.97 24.44
CA GLN E 473 -29.51 25.65 25.10
C GLN E 473 -29.53 25.37 26.60
N VAL E 474 -28.36 25.21 27.22
CA VAL E 474 -28.24 25.08 28.67
C VAL E 474 -27.76 26.42 29.18
N THR E 475 -28.66 27.15 29.85
CA THR E 475 -28.35 28.50 30.30
C THR E 475 -27.56 28.46 31.59
N TRP E 476 -27.18 29.66 32.06
CA TRP E 476 -26.44 29.76 33.31
C TRP E 476 -27.25 29.20 34.49
N GLU E 477 -28.57 29.31 34.42
CA GLU E 477 -29.41 28.88 35.54
C GLU E 477 -29.27 27.39 35.79
N ASP E 478 -29.15 26.59 34.73
CA ASP E 478 -29.09 25.14 34.90
C ASP E 478 -27.92 24.74 35.78
N ILE E 479 -26.77 25.37 35.57
CA ILE E 479 -25.55 25.02 36.33
C ILE E 479 -25.58 25.85 37.61
N GLY E 480 -26.20 25.29 38.65
CA GLY E 480 -26.19 25.91 39.95
C GLY E 480 -24.93 25.58 40.73
N GLY E 481 -24.78 26.23 41.88
CA GLY E 481 -23.67 25.91 42.75
C GLY E 481 -22.42 26.71 42.41
N LEU E 482 -21.53 26.12 41.61
CA LEU E 482 -20.30 26.78 41.22
C LEU E 482 -20.61 28.21 40.78
N GLU E 483 -20.10 29.19 41.52
CA GLU E 483 -20.40 30.60 41.27
C GLU E 483 -19.15 31.41 40.99
N ASP E 484 -18.09 31.25 41.79
CA ASP E 484 -16.83 31.92 41.49
C ASP E 484 -16.34 31.56 40.10
N VAL E 485 -16.59 30.33 39.65
CA VAL E 485 -16.22 29.92 38.30
C VAL E 485 -17.21 30.43 37.25
N LYS E 486 -18.46 30.69 37.62
CA LYS E 486 -19.38 31.33 36.68
C LYS E 486 -19.03 32.78 36.44
N ARG E 487 -18.30 33.42 37.35
CA ARG E 487 -17.81 34.77 37.16
C ARG E 487 -16.34 34.84 36.77
N GLU E 488 -15.54 33.85 37.17
CA GLU E 488 -14.16 33.73 36.70
C GLU E 488 -14.09 33.16 35.29
N LEU E 489 -15.17 32.56 34.80
CA LEU E 489 -15.27 32.12 33.42
C LEU E 489 -16.03 33.09 32.53
N GLN E 490 -17.07 33.75 33.06
CA GLN E 490 -17.72 34.81 32.30
C GLN E 490 -16.75 35.93 31.97
N GLU E 491 -15.78 36.18 32.85
CA GLU E 491 -14.81 37.23 32.61
C GLU E 491 -14.03 36.98 31.32
N LEU E 492 -13.26 35.88 31.27
CA LEU E 492 -12.38 35.65 30.13
C LEU E 492 -13.13 35.65 28.81
N VAL E 493 -14.39 35.25 28.81
CA VAL E 493 -15.14 35.09 27.57
C VAL E 493 -15.83 36.39 27.16
N GLN E 494 -16.50 37.05 28.11
CA GLN E 494 -17.36 38.17 27.77
C GLN E 494 -16.70 39.54 27.92
N TYR E 495 -15.58 39.65 28.65
CA TYR E 495 -14.92 40.95 28.76
C TYR E 495 -14.15 41.31 27.49
N PRO E 496 -13.32 40.43 26.92
CA PRO E 496 -12.58 40.83 25.71
C PRO E 496 -13.42 40.92 24.46
N VAL E 497 -14.72 40.67 24.54
CA VAL E 497 -15.64 40.88 23.43
C VAL E 497 -16.51 42.11 23.65
N GLU E 498 -16.96 42.33 24.88
CA GLU E 498 -17.84 43.46 25.16
C GLU E 498 -17.07 44.79 25.18
N HIS E 499 -15.88 44.80 25.79
CA HIS E 499 -15.05 46.00 25.86
C HIS E 499 -13.63 45.65 25.43
N PRO E 500 -13.42 45.34 24.14
CA PRO E 500 -12.05 45.08 23.67
C PRO E 500 -11.16 46.30 23.71
N ASP E 501 -11.72 47.50 23.79
CA ASP E 501 -10.89 48.71 23.78
C ASP E 501 -9.98 48.76 25.00
N LYS E 502 -10.48 48.37 26.16
CA LYS E 502 -9.64 48.36 27.36
C LYS E 502 -8.50 47.37 27.23
N PHE E 503 -8.77 46.18 26.68
CA PHE E 503 -7.74 45.15 26.60
C PHE E 503 -6.58 45.55 25.70
N LEU E 504 -6.83 46.33 24.65
CA LEU E 504 -5.76 46.83 23.79
C LEU E 504 -5.09 48.08 24.36
N LYS E 505 -5.54 48.56 25.52
CA LYS E 505 -4.92 49.69 26.21
C LYS E 505 -3.89 49.23 27.22
N PHE E 506 -4.27 48.32 28.13
CA PHE E 506 -3.31 47.79 29.10
C PHE E 506 -2.29 46.85 28.47
N GLY E 507 -2.53 46.38 27.25
CA GLY E 507 -1.54 45.63 26.51
C GLY E 507 -1.67 44.12 26.60
N MET E 508 -2.40 43.59 27.58
CA MET E 508 -2.54 42.16 27.71
C MET E 508 -3.33 41.59 26.54
N THR E 509 -2.90 40.42 26.07
CA THR E 509 -3.65 39.69 25.05
C THR E 509 -4.65 38.77 25.73
N PRO E 510 -5.93 38.77 25.34
CA PRO E 510 -6.90 37.91 26.02
C PRO E 510 -6.50 36.45 25.93
N SER E 511 -6.77 35.71 27.01
CA SER E 511 -6.36 34.32 27.11
C SER E 511 -7.37 33.44 26.37
N LYS E 512 -6.99 32.95 25.19
CA LYS E 512 -7.84 32.06 24.41
C LYS E 512 -7.54 30.61 24.78
N GLY E 513 -7.74 30.30 26.06
CA GLY E 513 -7.53 28.96 26.54
C GLY E 513 -7.91 28.78 27.99
N VAL E 514 -8.68 27.73 28.28
CA VAL E 514 -9.14 27.43 29.62
C VAL E 514 -9.34 25.93 29.74
N LEU E 515 -8.72 25.30 30.73
CA LEU E 515 -8.94 23.88 31.00
C LEU E 515 -9.51 23.74 32.40
N PHE E 516 -10.59 22.98 32.52
CA PHE E 516 -11.24 22.73 33.80
C PHE E 516 -10.74 21.41 34.35
N TYR E 517 -10.10 21.46 35.52
CA TYR E 517 -9.62 20.27 36.20
C TYR E 517 -10.32 20.15 37.54
N GLY E 518 -10.85 18.95 37.82
CA GLY E 518 -11.59 18.72 39.04
C GLY E 518 -12.09 17.29 39.10
N PRO E 519 -12.95 16.99 40.07
CA PRO E 519 -13.47 15.63 40.18
C PRO E 519 -14.28 15.27 38.95
N PRO E 520 -14.26 13.99 38.56
CA PRO E 520 -15.01 13.61 37.36
C PRO E 520 -16.50 13.88 37.52
N GLY E 521 -17.13 14.31 36.45
CA GLY E 521 -18.56 14.59 36.48
C GLY E 521 -18.91 15.70 37.45
N CYS E 522 -18.46 16.93 37.16
CA CYS E 522 -18.73 18.06 38.05
C CYS E 522 -19.15 19.31 37.29
N GLY E 523 -19.61 19.16 36.04
CA GLY E 523 -20.13 20.28 35.29
C GLY E 523 -19.21 20.93 34.29
N LYS E 524 -18.05 20.34 34.02
CA LYS E 524 -17.13 20.92 33.03
C LYS E 524 -17.82 21.06 31.68
N THR E 525 -18.43 19.98 31.19
CA THR E 525 -19.18 20.07 29.94
C THR E 525 -20.32 21.06 30.07
N LEU E 526 -21.02 21.03 31.21
CA LEU E 526 -22.12 21.95 31.41
C LEU E 526 -21.65 23.39 31.44
N LEU E 527 -20.52 23.67 32.11
CA LEU E 527 -20.00 25.03 32.13
C LEU E 527 -19.58 25.49 30.74
N ALA E 528 -18.92 24.63 29.97
CA ALA E 528 -18.54 25.01 28.61
C ALA E 528 -19.77 25.28 27.76
N LYS E 529 -20.81 24.45 27.89
CA LYS E 529 -22.02 24.66 27.11
C LYS E 529 -22.71 25.95 27.52
N ALA E 530 -22.71 26.26 28.81
CA ALA E 530 -23.30 27.52 29.27
C ALA E 530 -22.53 28.72 28.72
N ILE E 531 -21.20 28.63 28.70
CA ILE E 531 -20.39 29.70 28.11
C ILE E 531 -20.77 29.87 26.64
N ALA E 532 -20.90 28.77 25.92
CA ALA E 532 -21.33 28.86 24.52
C ALA E 532 -22.70 29.53 24.42
N ASN E 533 -23.63 29.16 25.32
CA ASN E 533 -24.97 29.71 25.27
C ASN E 533 -24.96 31.22 25.49
N GLU E 534 -24.16 31.69 26.44
CA GLU E 534 -24.23 33.10 26.83
C GLU E 534 -23.91 34.00 25.65
N CYS E 535 -22.74 33.82 25.04
CA CYS E 535 -22.36 34.63 23.88
C CYS E 535 -22.72 33.94 22.56
N GLN E 536 -23.95 33.42 22.49
CA GLN E 536 -24.54 32.88 21.27
C GLN E 536 -23.50 32.21 20.38
N ALA E 537 -22.70 31.32 20.94
CA ALA E 537 -21.53 30.77 20.28
C ALA E 537 -21.70 29.28 20.01
N ASN E 538 -21.13 28.83 18.90
CA ASN E 538 -21.13 27.42 18.58
C ASN E 538 -20.29 26.64 19.59
N PHE E 539 -20.62 25.37 19.77
CA PHE E 539 -20.01 24.53 20.79
C PHE E 539 -19.66 23.18 20.17
N ILE E 540 -18.40 22.99 19.82
CA ILE E 540 -17.90 21.75 19.23
C ILE E 540 -17.19 20.99 20.34
N SER E 541 -17.82 19.91 20.81
CA SER E 541 -17.24 19.05 21.84
C SER E 541 -16.65 17.82 21.17
N ILE E 542 -15.33 17.67 21.29
CA ILE E 542 -14.66 16.45 20.86
C ILE E 542 -14.36 15.63 22.12
N LYS E 543 -15.28 14.73 22.45
CA LYS E 543 -15.17 13.96 23.69
C LYS E 543 -13.92 13.08 23.66
N GLY E 544 -13.56 12.58 24.84
CA GLY E 544 -12.37 11.77 25.00
C GLY E 544 -12.35 10.56 24.10
N PRO E 545 -13.48 9.86 23.98
CA PRO E 545 -13.54 8.71 23.06
C PRO E 545 -13.17 9.06 21.62
N GLU E 546 -13.51 10.25 21.15
CA GLU E 546 -13.11 10.64 19.79
C GLU E 546 -11.60 10.80 19.68
N LEU E 547 -10.97 11.42 20.69
CA LEU E 547 -9.52 11.55 20.68
C LEU E 547 -8.86 10.18 20.77
N LEU E 548 -9.44 9.26 21.53
CA LEU E 548 -8.93 7.89 21.56
C LEU E 548 -9.11 7.21 20.20
N THR E 549 -10.21 7.47 19.51
CA THR E 549 -10.38 6.94 18.17
C THR E 549 -9.27 7.42 17.25
N MET E 550 -8.93 8.71 17.32
CA MET E 550 -7.83 9.22 16.52
C MET E 550 -6.49 8.62 16.92
N TRP E 551 -6.24 8.49 18.23
CA TRP E 551 -4.95 8.00 18.70
C TRP E 551 -4.76 6.52 18.31
N PHE E 552 -5.75 5.69 18.62
CA PHE E 552 -5.65 4.27 18.27
C PHE E 552 -5.59 4.08 16.76
N GLY E 553 -6.37 4.84 16.01
CA GLY E 553 -6.45 4.67 14.57
C GLY E 553 -5.25 5.13 13.81
N GLU E 554 -4.23 5.69 14.47
CA GLU E 554 -3.04 6.18 13.80
C GLU E 554 -3.42 7.23 12.76
N SER E 555 -4.37 8.09 13.12
CA SER E 555 -4.92 9.11 12.23
C SER E 555 -5.00 10.44 12.95
N GLU E 556 -3.92 10.83 13.62
CA GLU E 556 -3.89 12.11 14.31
C GLU E 556 -4.08 13.28 13.35
N ALA E 557 -3.82 13.08 12.06
CA ALA E 557 -4.04 14.14 11.09
C ALA E 557 -5.51 14.56 11.05
N ASN E 558 -6.42 13.65 11.43
CA ASN E 558 -7.83 14.01 11.50
C ASN E 558 -8.06 15.19 12.42
N VAL E 559 -7.18 15.38 13.41
CA VAL E 559 -7.30 16.53 14.30
C VAL E 559 -7.28 17.82 13.51
N ARG E 560 -6.45 17.88 12.48
CA ARG E 560 -6.40 19.08 11.63
C ARG E 560 -7.77 19.45 11.12
N GLU E 561 -8.61 18.45 10.83
CA GLU E 561 -9.97 18.73 10.38
C GLU E 561 -10.79 19.36 11.49
N ILE E 562 -10.73 18.79 12.69
CA ILE E 562 -11.58 19.25 13.79
C ILE E 562 -11.33 20.73 14.05
N PHE E 563 -10.06 21.11 14.20
CA PHE E 563 -9.75 22.52 14.40
C PHE E 563 -10.28 23.35 13.25
N ASP E 564 -10.10 22.87 12.01
CA ASP E 564 -10.65 23.57 10.86
C ASP E 564 -12.17 23.67 10.97
N LYS E 565 -12.82 22.59 11.42
CA LYS E 565 -14.26 22.65 11.61
C LYS E 565 -14.65 23.77 12.55
N ALA E 566 -13.80 24.08 13.54
CA ALA E 566 -14.07 25.19 14.43
C ALA E 566 -13.74 26.52 13.76
N ARG E 567 -12.70 26.56 12.93
CA ARG E 567 -12.30 27.83 12.32
C ARG E 567 -13.37 28.36 11.38
N GLN E 568 -13.94 27.49 10.54
CA GLN E 568 -14.94 27.93 9.57
C GLN E 568 -16.25 28.36 10.22
N ALA E 569 -16.43 28.09 11.51
CA ALA E 569 -17.66 28.42 12.20
C ALA E 569 -17.58 29.82 12.82
N ALA E 570 -18.70 30.25 13.38
CA ALA E 570 -18.80 31.52 14.08
C ALA E 570 -18.07 31.38 15.42
N PRO E 571 -18.09 32.43 16.27
CA PRO E 571 -17.44 32.30 17.59
C PRO E 571 -17.72 30.95 18.23
N CYS E 572 -16.66 30.20 18.51
CA CYS E 572 -16.75 28.77 18.78
C CYS E 572 -15.90 28.41 19.98
N VAL E 573 -16.52 27.82 21.00
CA VAL E 573 -15.76 27.28 22.15
C VAL E 573 -15.45 25.83 21.80
N LEU E 574 -14.38 25.64 21.04
CA LEU E 574 -13.94 24.29 20.74
C LEU E 574 -13.53 23.62 22.05
N PHE E 575 -14.32 22.65 22.49
CA PHE E 575 -14.23 22.12 23.84
C PHE E 575 -13.70 20.70 23.80
N PHE E 576 -12.51 20.50 24.36
CA PHE E 576 -11.88 19.17 24.41
C PHE E 576 -12.35 18.46 25.68
N ASP E 577 -13.59 17.96 25.62
CA ASP E 577 -14.17 17.27 26.75
C ASP E 577 -13.35 16.04 27.10
N GLU E 578 -13.22 15.77 28.41
CA GLU E 578 -12.48 14.62 28.90
C GLU E 578 -11.08 14.57 28.32
N LEU E 579 -10.42 15.73 28.27
CA LEU E 579 -9.03 15.78 27.84
C LEU E 579 -8.18 14.98 28.81
N ASP E 580 -7.03 14.52 28.31
CA ASP E 580 -6.07 13.61 28.94
C ASP E 580 -6.52 12.16 28.83
N SER E 581 -7.68 11.89 28.22
CA SER E 581 -8.10 10.50 28.02
C SER E 581 -7.04 9.73 27.24
N ILE E 582 -6.35 10.40 26.31
CA ILE E 582 -5.30 9.72 25.57
C ILE E 582 -4.21 9.23 26.51
N ALA E 583 -3.79 10.08 27.45
CA ALA E 583 -2.79 9.66 28.42
C ALA E 583 -3.35 8.68 29.44
N LYS E 584 -4.61 8.87 29.84
CA LYS E 584 -5.24 7.94 30.78
C LYS E 584 -5.35 6.54 30.19
N ALA E 585 -5.41 6.44 28.87
CA ALA E 585 -5.54 5.15 28.21
C ALA E 585 -4.21 4.41 28.09
N ARG E 586 -3.10 5.02 28.49
CA ARG E 586 -1.78 4.39 28.45
C ARG E 586 -1.04 4.65 29.75
N GLY E 587 -1.74 4.48 30.87
CA GLY E 587 -1.14 4.67 32.18
C GLY E 587 -0.98 6.14 32.54
N GLY E 588 -0.09 6.82 31.82
CA GLY E 588 0.15 8.23 32.06
C GLY E 588 1.62 8.58 32.03
N ASN E 589 2.00 9.65 32.76
CA ASN E 589 3.39 10.05 32.81
C ASN E 589 4.26 8.97 33.44
N ILE E 590 3.68 8.12 34.28
CA ILE E 590 4.39 7.01 34.91
C ILE E 590 3.58 5.74 34.68
N GLY E 591 4.29 4.60 34.73
CA GLY E 591 3.69 3.32 34.45
C GLY E 591 3.75 2.89 33.00
N ASP E 592 4.24 3.74 32.11
CA ASP E 592 4.38 3.41 30.69
C ASP E 592 5.76 3.83 30.22
N GLY E 593 6.26 3.11 29.22
CA GLY E 593 7.58 3.42 28.69
C GLY E 593 7.67 4.80 28.08
N GLY E 594 6.58 5.25 27.44
CA GLY E 594 6.57 6.54 26.81
C GLY E 594 6.38 7.68 27.79
N GLY E 595 6.57 8.89 27.27
CA GLY E 595 6.43 10.10 28.07
C GLY E 595 5.01 10.64 28.08
N ALA E 596 4.88 11.85 28.61
CA ALA E 596 3.55 12.46 28.71
C ALA E 596 2.95 12.73 27.33
N ALA E 597 3.78 13.21 26.39
CA ALA E 597 3.27 13.56 25.08
C ALA E 597 2.88 12.32 24.29
N ASP E 598 1.99 12.51 23.32
CA ASP E 598 1.50 11.42 22.49
C ASP E 598 1.03 12.00 21.16
N ARG E 599 0.42 11.15 20.33
CA ARG E 599 0.01 11.57 18.99
C ARG E 599 -1.03 12.68 19.06
N VAL E 600 -2.20 12.37 19.63
CA VAL E 600 -3.34 13.26 19.51
C VAL E 600 -3.12 14.55 20.31
N ILE E 601 -2.59 14.43 21.52
CA ILE E 601 -2.34 15.64 22.32
C ILE E 601 -1.31 16.52 21.64
N ASN E 602 -0.27 15.91 21.06
CA ASN E 602 0.73 16.70 20.36
C ASN E 602 0.14 17.41 19.14
N GLN E 603 -0.71 16.71 18.38
CA GLN E 603 -1.33 17.34 17.23
C GLN E 603 -2.26 18.46 17.66
N ILE E 604 -3.00 18.26 18.75
CA ILE E 604 -3.84 19.32 19.30
C ILE E 604 -3.00 20.53 19.67
N LEU E 605 -1.86 20.29 20.32
CA LEU E 605 -0.96 21.38 20.69
C LEU E 605 -0.46 22.11 19.46
N THR E 606 -0.07 21.37 18.42
CA THR E 606 0.48 22.00 17.21
C THR E 606 -0.58 22.84 16.51
N GLU E 607 -1.80 22.30 16.36
CA GLU E 607 -2.83 23.03 15.64
C GLU E 607 -3.40 24.17 16.46
N MET E 608 -3.33 24.07 17.78
CA MET E 608 -3.88 25.13 18.64
C MET E 608 -3.13 26.44 18.45
N ASP E 609 -1.80 26.38 18.32
CA ASP E 609 -1.01 27.59 18.11
C ASP E 609 -1.44 28.34 16.87
N GLY E 610 -1.95 27.64 15.86
CA GLY E 610 -2.52 28.33 14.70
C GLY E 610 -3.77 29.10 15.05
N MET E 611 -4.63 28.53 15.90
CA MET E 611 -5.85 29.17 16.34
C MET E 611 -5.65 30.03 17.59
N SER E 612 -4.41 30.41 17.89
CA SER E 612 -4.15 31.38 18.94
C SER E 612 -4.29 32.81 18.45
N THR E 613 -4.53 33.01 17.15
CA THR E 613 -4.72 34.33 16.57
C THR E 613 -6.02 34.40 15.78
N LYS E 614 -6.97 33.53 16.10
CA LYS E 614 -8.27 33.50 15.43
C LYS E 614 -9.29 34.41 16.11
N LYS E 615 -9.03 34.82 17.34
CA LYS E 615 -9.78 35.86 18.07
C LYS E 615 -11.29 35.64 18.04
N ASN E 616 -11.73 34.42 17.75
CA ASN E 616 -13.15 34.08 17.87
C ASN E 616 -13.31 32.74 18.57
N VAL E 617 -12.29 31.89 18.46
CA VAL E 617 -12.32 30.58 19.09
C VAL E 617 -11.68 30.68 20.47
N PHE E 618 -12.27 29.97 21.43
CA PHE E 618 -11.94 30.09 22.84
C PHE E 618 -11.64 28.71 23.42
N ILE E 619 -10.69 28.01 22.82
CA ILE E 619 -10.43 26.59 23.08
C ILE E 619 -10.57 26.31 24.57
N ILE E 620 -11.39 25.31 24.92
CA ILE E 620 -11.61 24.92 26.30
C ILE E 620 -11.21 23.45 26.45
N GLY E 621 -10.63 23.13 27.60
CA GLY E 621 -10.29 21.76 27.92
C GLY E 621 -11.01 21.31 29.18
N ALA E 622 -11.16 19.99 29.33
CA ALA E 622 -11.74 19.40 30.53
C ALA E 622 -10.94 18.16 30.87
N THR E 623 -10.60 18.02 32.15
CA THR E 623 -9.78 16.91 32.61
C THR E 623 -10.28 16.44 33.96
N ASN E 624 -10.46 15.12 34.09
CA ASN E 624 -10.81 14.50 35.35
C ASN E 624 -9.59 14.10 36.18
N ARG E 625 -8.40 14.27 35.63
CA ARG E 625 -7.16 13.87 36.30
C ARG E 625 -6.01 14.67 35.70
N PRO E 626 -5.79 15.91 36.16
CA PRO E 626 -4.90 16.82 35.42
C PRO E 626 -3.43 16.46 35.52
N ASP E 627 -2.99 15.85 36.63
CA ASP E 627 -1.55 15.70 36.86
C ASP E 627 -0.85 14.90 35.77
N ILE E 628 -1.57 14.06 35.03
CA ILE E 628 -0.95 13.31 33.94
C ILE E 628 -0.81 14.15 32.68
N ILE E 629 -1.58 15.23 32.54
CA ILE E 629 -1.48 16.05 31.34
C ILE E 629 -0.07 16.59 31.18
N ASP E 630 0.45 16.52 29.96
CA ASP E 630 1.74 17.11 29.67
C ASP E 630 1.66 18.62 29.86
N PRO E 631 2.57 19.24 30.61
CA PRO E 631 2.46 20.69 30.85
C PRO E 631 2.76 21.54 29.63
N ALA E 632 3.04 20.94 28.47
CA ALA E 632 3.34 21.72 27.27
C ALA E 632 2.13 22.52 26.80
N ILE E 633 0.92 22.10 27.14
CA ILE E 633 -0.27 22.81 26.66
C ILE E 633 -0.70 23.92 27.60
N LEU E 634 -0.42 23.80 28.90
CA LEU E 634 -0.88 24.76 29.89
C LEU E 634 0.16 25.86 30.13
N ARG E 635 0.59 26.47 29.04
CA ARG E 635 1.52 27.60 29.07
C ARG E 635 1.04 28.65 28.09
N PRO E 636 1.48 29.91 28.26
CA PRO E 636 0.87 31.04 27.52
C PRO E 636 0.59 30.77 26.04
N GLY E 637 -0.47 31.37 25.53
CA GLY E 637 -0.95 31.12 24.17
C GLY E 637 -1.88 29.94 24.09
N ARG E 638 -1.48 28.84 24.71
CA ARG E 638 -2.29 27.62 24.78
C ARG E 638 -3.13 27.67 26.05
N LEU E 639 -3.67 26.53 26.49
CA LEU E 639 -4.63 26.51 27.59
C LEU E 639 -3.93 26.88 28.88
N ASP E 640 -3.47 28.14 28.98
CA ASP E 640 -2.64 28.55 30.10
C ASP E 640 -3.45 28.72 31.37
N GLN E 641 -4.68 29.20 31.27
CA GLN E 641 -5.48 29.56 32.45
C GLN E 641 -6.13 28.31 33.01
N LEU E 642 -5.58 27.79 34.09
CA LEU E 642 -6.22 26.69 34.79
C LEU E 642 -7.38 27.20 35.64
N ILE E 643 -8.47 26.44 35.65
CA ILE E 643 -9.63 26.75 36.48
C ILE E 643 -10.02 25.49 37.25
N TYR E 644 -10.18 25.63 38.56
CA TYR E 644 -10.56 24.53 39.43
C TYR E 644 -12.03 24.64 39.78
N ILE E 645 -12.80 23.63 39.41
CA ILE E 645 -14.18 23.48 39.86
C ILE E 645 -14.19 22.45 40.98
N PRO E 646 -14.47 22.82 42.23
CA PRO E 646 -14.45 21.84 43.32
C PRO E 646 -15.73 21.02 43.35
N LEU E 647 -15.68 19.94 44.12
CA LEU E 647 -16.90 19.19 44.38
C LEU E 647 -17.90 20.10 45.08
N PRO E 648 -19.19 20.04 44.73
CA PRO E 648 -20.12 21.05 45.24
C PRO E 648 -20.23 21.02 46.76
N ASP E 649 -20.38 22.21 47.34
CA ASP E 649 -20.56 22.37 48.78
C ASP E 649 -22.04 22.29 49.14
N GLU E 650 -22.35 22.59 50.41
CA GLU E 650 -23.72 22.45 50.91
C GLU E 650 -24.70 23.26 50.07
N LYS E 651 -24.54 24.59 50.07
CA LYS E 651 -25.44 25.44 49.30
C LYS E 651 -25.36 25.10 47.81
N SER E 652 -24.17 24.79 47.32
CA SER E 652 -24.02 24.42 45.91
C SER E 652 -24.75 23.13 45.61
N ARG E 653 -24.70 22.15 46.52
CA ARG E 653 -25.44 20.91 46.31
C ARG E 653 -26.94 21.17 46.34
N VAL E 654 -27.41 22.06 47.21
CA VAL E 654 -28.82 22.43 47.20
C VAL E 654 -29.19 23.01 45.84
N ALA E 655 -28.36 23.91 45.32
CA ALA E 655 -28.63 24.53 44.03
C ALA E 655 -28.64 23.49 42.92
N ILE E 656 -27.68 22.56 42.94
CA ILE E 656 -27.62 21.53 41.91
C ILE E 656 -28.85 20.64 41.97
N LEU E 657 -29.25 20.25 43.18
CA LEU E 657 -30.47 19.45 43.33
C LEU E 657 -31.66 20.17 42.73
N LYS E 658 -31.87 21.42 43.11
CA LYS E 658 -33.01 22.17 42.60
C LYS E 658 -32.94 22.34 41.09
N ALA E 659 -31.73 22.52 40.55
CA ALA E 659 -31.60 22.80 39.12
C ALA E 659 -31.82 21.54 38.29
N ASN E 660 -31.35 20.39 38.76
CA ASN E 660 -31.48 19.17 37.98
C ASN E 660 -32.76 18.40 38.27
N LEU E 661 -33.50 18.76 39.33
CA LEU E 661 -34.87 18.29 39.47
C LEU E 661 -35.88 19.23 38.81
N ARG E 662 -35.42 20.40 38.36
CA ARG E 662 -36.28 21.31 37.62
C ARG E 662 -36.73 20.66 36.32
N LYS E 663 -37.89 21.10 35.82
CA LYS E 663 -38.50 20.54 34.62
C LYS E 663 -38.96 19.11 34.87
N SER E 664 -39.38 18.82 36.11
CA SER E 664 -39.91 17.52 36.48
C SER E 664 -40.79 17.71 37.69
N PRO E 665 -41.95 17.08 37.76
CA PRO E 665 -42.81 17.25 38.94
C PRO E 665 -42.10 16.83 40.21
N VAL E 666 -42.34 17.58 41.28
CA VAL E 666 -41.76 17.29 42.59
C VAL E 666 -42.75 17.75 43.66
N ALA E 667 -42.84 16.97 44.74
CA ALA E 667 -43.81 17.25 45.78
C ALA E 667 -43.33 18.37 46.69
N LYS E 668 -44.28 18.93 47.46
CA LYS E 668 -43.94 19.91 48.47
C LYS E 668 -43.32 19.25 49.71
N ASP E 669 -43.51 17.95 49.89
CA ASP E 669 -43.00 17.28 51.08
C ASP E 669 -41.49 17.33 51.13
N VAL E 670 -40.81 17.13 49.99
CA VAL E 670 -39.36 17.09 49.98
C VAL E 670 -38.79 18.44 50.37
N ASP E 671 -37.74 18.41 51.19
CA ASP E 671 -36.96 19.60 51.53
C ASP E 671 -35.52 19.31 51.13
N LEU E 672 -35.08 19.95 50.04
CA LEU E 672 -33.81 19.59 49.43
C LEU E 672 -32.61 19.99 50.30
N GLU E 673 -32.79 20.85 51.30
CA GLU E 673 -31.67 21.20 52.17
C GLU E 673 -31.17 19.99 52.94
N PHE E 674 -32.10 19.20 53.49
CA PHE E 674 -31.70 18.02 54.25
C PHE E 674 -31.02 16.99 53.35
N LEU E 675 -31.56 16.80 52.14
CA LEU E 675 -30.92 15.89 51.20
C LEU E 675 -29.51 16.37 50.85
N ALA E 676 -29.35 17.68 50.63
CA ALA E 676 -28.04 18.20 50.26
C ALA E 676 -27.03 18.00 51.38
N LYS E 677 -27.42 18.32 52.62
CA LYS E 677 -26.47 18.13 53.73
C LYS E 677 -26.16 16.65 53.93
N MET E 678 -27.18 15.78 53.81
CA MET E 678 -26.90 14.35 53.82
C MET E 678 -26.06 13.94 52.62
N THR E 679 -26.22 14.64 51.50
CA THR E 679 -25.37 14.43 50.33
C THR E 679 -23.99 15.03 50.61
N ASN E 680 -23.21 14.37 51.46
CA ASN E 680 -22.02 14.99 52.03
C ASN E 680 -20.93 15.20 50.99
N GLY E 681 -20.61 14.17 50.22
CA GLY E 681 -19.45 14.23 49.33
C GLY E 681 -19.72 13.73 47.92
N PHE E 682 -20.93 14.00 47.41
CA PHE E 682 -21.32 13.53 46.09
C PHE E 682 -21.10 14.63 45.06
N SER E 683 -20.52 14.23 43.92
CA SER E 683 -20.24 15.18 42.85
C SER E 683 -21.54 15.54 42.11
N GLY E 684 -21.41 16.35 41.07
CA GLY E 684 -22.57 16.72 40.29
C GLY E 684 -23.15 15.54 39.53
N ALA E 685 -22.29 14.74 38.90
CA ALA E 685 -22.78 13.63 38.08
C ALA E 685 -23.53 12.61 38.93
N ASP E 686 -22.93 12.17 40.05
CA ASP E 686 -23.60 11.21 40.91
C ASP E 686 -24.76 11.80 41.68
N LEU E 687 -24.79 13.11 41.94
CA LEU E 687 -25.98 13.73 42.52
C LEU E 687 -27.14 13.72 41.53
N THR E 688 -26.88 14.08 40.28
CA THR E 688 -27.92 13.93 39.27
C THR E 688 -28.29 12.46 39.09
N GLU E 689 -27.35 11.55 39.32
CA GLU E 689 -27.69 10.13 39.31
C GLU E 689 -28.67 9.79 40.44
N ILE E 690 -28.47 10.37 41.62
CA ILE E 690 -29.42 10.18 42.72
C ILE E 690 -30.79 10.68 42.30
N CYS E 691 -30.84 11.87 41.68
CA CYS E 691 -32.12 12.40 41.24
C CYS E 691 -32.77 11.49 40.19
N GLN E 692 -31.96 10.96 39.28
CA GLN E 692 -32.48 10.07 38.24
C GLN E 692 -32.99 8.77 38.85
N ARG E 693 -32.31 8.24 39.86
CA ARG E 693 -32.81 7.04 40.54
C ARG E 693 -34.13 7.33 41.25
N ALA E 694 -34.24 8.50 41.87
CA ALA E 694 -35.51 8.87 42.50
C ALA E 694 -36.63 8.94 41.47
N CYS E 695 -36.36 9.56 40.33
CA CYS E 695 -37.37 9.66 39.28
C CYS E 695 -37.68 8.29 38.70
N LYS E 696 -36.68 7.42 38.59
CA LYS E 696 -36.89 6.08 38.07
C LYS E 696 -37.79 5.27 38.98
N LEU E 697 -37.56 5.35 40.30
CA LEU E 697 -38.42 4.63 41.22
C LEU E 697 -39.82 5.24 41.25
N ALA E 698 -39.93 6.57 41.12
CA ALA E 698 -41.23 7.21 41.08
C ALA E 698 -42.02 6.76 39.85
N ILE E 699 -41.36 6.70 38.69
CA ILE E 699 -42.04 6.27 37.48
C ILE E 699 -42.41 4.79 37.56
N ARG E 700 -41.55 3.97 38.19
CA ARG E 700 -41.89 2.58 38.40
C ARG E 700 -43.14 2.44 39.26
N GLU E 701 -43.21 3.22 40.35
CA GLU E 701 -44.41 3.18 41.20
C GLU E 701 -45.63 3.65 40.43
N SER E 702 -45.50 4.72 39.64
CA SER E 702 -46.63 5.24 38.89
C SER E 702 -47.14 4.23 37.87
N ILE E 703 -46.22 3.58 37.15
CA ILE E 703 -46.64 2.62 36.13
C ILE E 703 -47.24 1.38 36.78
N GLU E 704 -46.69 0.94 37.92
CA GLU E 704 -47.29 -0.17 38.64
C GLU E 704 -48.70 0.17 39.08
N SER E 705 -48.91 1.37 39.61
CA SER E 705 -50.25 1.78 40.00
C SER E 705 -51.17 1.87 38.79
N GLU E 706 -50.64 2.31 37.65
CA GLU E 706 -51.45 2.42 36.44
C GLU E 706 -51.92 1.04 35.97
N ILE E 707 -51.01 0.06 35.96
CA ILE E 707 -51.42 -1.28 35.54
C ILE E 707 -52.36 -1.90 36.56
N ARG E 708 -52.18 -1.61 37.84
CA ARG E 708 -53.13 -2.09 38.84
C ARG E 708 -54.51 -1.47 38.61
N ARG E 709 -54.56 -0.18 38.27
CA ARG E 709 -55.83 0.47 37.96
C ARG E 709 -56.46 -0.16 36.72
N GLU E 710 -55.65 -0.52 35.73
CA GLU E 710 -56.16 -1.25 34.57
C GLU E 710 -56.75 -2.58 35.00
N ARG E 711 -56.09 -3.28 35.93
CA ARG E 711 -56.63 -4.51 36.46
C ARG E 711 -58.01 -4.28 37.08
N GLU E 712 -58.13 -3.24 37.90
CA GLU E 712 -59.44 -2.92 38.48
C GLU E 712 -60.47 -2.63 37.39
N ARG E 713 -60.06 -1.90 36.35
CA ARG E 713 -60.98 -1.57 35.27
C ARG E 713 -61.48 -2.82 34.57
N GLN E 714 -60.58 -3.78 34.31
CA GLN E 714 -60.97 -4.97 33.56
C GLN E 714 -61.89 -5.87 34.37
N THR E 715 -61.70 -5.94 35.68
CA THR E 715 -62.48 -6.83 36.52
C THR E 715 -63.87 -6.26 36.75
N ASN E 716 -64.64 -6.86 37.66
CA ASN E 716 -66.05 -6.52 37.79
C ASN E 716 -66.31 -5.06 38.17
N PRO E 717 -65.59 -4.42 39.11
CA PRO E 717 -65.99 -3.07 39.52
C PRO E 717 -65.94 -2.05 38.40
N SER E 718 -65.16 -2.29 37.35
CA SER E 718 -65.09 -1.38 36.21
C SER E 718 -64.64 0.01 36.65
N GLU E 724 -58.86 10.33 41.84
CA GLU E 724 -58.44 8.95 42.01
C GLU E 724 -57.64 8.45 40.79
N ASP E 725 -57.49 9.31 39.79
CA ASP E 725 -56.76 8.97 38.57
C ASP E 725 -55.28 9.31 38.65
N ASP E 726 -54.80 9.80 39.80
CA ASP E 726 -53.41 10.21 39.97
C ASP E 726 -52.86 9.58 41.24
N PRO E 727 -52.55 8.28 41.21
CA PRO E 727 -51.92 7.66 42.40
C PRO E 727 -50.61 8.32 42.78
N VAL E 728 -49.80 8.74 41.81
CA VAL E 728 -48.51 9.36 42.07
C VAL E 728 -48.28 10.43 41.00
N PRO E 729 -48.86 11.63 41.13
CA PRO E 729 -48.67 12.67 40.13
C PRO E 729 -47.38 13.47 40.25
N GLU E 730 -46.46 13.07 41.12
CA GLU E 730 -45.13 13.68 41.16
C GLU E 730 -44.17 12.73 41.85
N ILE E 731 -42.88 13.02 41.72
CA ILE E 731 -41.84 12.26 42.40
C ILE E 731 -42.02 12.49 43.90
N ARG E 732 -42.42 11.44 44.62
CA ARG E 732 -42.72 11.56 46.03
C ARG E 732 -41.45 11.49 46.87
N ARG E 733 -41.60 11.81 48.16
CA ARG E 733 -40.43 11.99 49.02
C ARG E 733 -39.77 10.66 49.34
N ASP E 734 -40.55 9.63 49.68
CA ASP E 734 -39.96 8.32 49.97
C ASP E 734 -39.27 7.73 48.75
N HIS E 735 -39.67 8.14 47.54
CA HIS E 735 -38.91 7.75 46.36
C HIS E 735 -37.49 8.31 46.42
N PHE E 736 -37.36 9.58 46.81
CA PHE E 736 -36.03 10.15 47.02
C PHE E 736 -35.30 9.44 48.14
N GLU E 737 -36.00 9.07 49.21
CA GLU E 737 -35.39 8.29 50.28
C GLU E 737 -34.75 7.02 49.74
N GLU E 738 -35.54 6.23 48.99
CA GLU E 738 -35.03 4.97 48.50
C GLU E 738 -33.90 5.18 47.49
N ALA E 739 -34.02 6.19 46.64
CA ALA E 739 -32.95 6.46 45.68
C ALA E 739 -31.65 6.84 46.37
N MET E 740 -31.75 7.68 47.41
CA MET E 740 -30.55 8.02 48.18
C MET E 740 -29.97 6.79 48.85
N ARG E 741 -30.83 5.91 49.36
CA ARG E 741 -30.36 4.62 49.86
C ARG E 741 -29.66 3.82 48.77
N PHE E 742 -30.03 4.04 47.51
CA PHE E 742 -29.42 3.37 46.37
C PHE E 742 -28.33 4.21 45.71
N ALA E 743 -27.89 5.30 46.37
CA ALA E 743 -26.93 6.21 45.77
C ALA E 743 -25.55 5.58 45.72
N ARG E 744 -24.61 6.31 45.11
CA ARG E 744 -23.22 5.85 45.03
C ARG E 744 -22.33 7.05 44.73
N ARG E 745 -21.15 7.06 45.34
CA ARG E 745 -20.18 8.13 45.19
C ARG E 745 -18.97 7.63 44.42
N SER E 746 -18.44 8.47 43.52
CA SER E 746 -17.39 8.08 42.60
C SER E 746 -16.03 8.69 42.94
N VAL E 747 -15.93 9.50 43.99
CA VAL E 747 -14.70 10.19 44.34
C VAL E 747 -14.38 9.90 45.80
N SER E 748 -13.12 9.55 46.08
CA SER E 748 -12.64 9.28 47.42
C SER E 748 -11.85 10.47 47.94
N ASP E 749 -11.42 10.37 49.21
CA ASP E 749 -10.69 11.46 49.83
C ASP E 749 -9.38 11.73 49.11
N ASN E 750 -8.63 10.68 48.79
CA ASN E 750 -7.37 10.87 48.09
C ASN E 750 -7.56 11.48 46.71
N ASP E 751 -8.58 11.04 45.96
CA ASP E 751 -8.82 11.59 44.63
C ASP E 751 -9.14 13.08 44.68
N ILE E 752 -10.00 13.49 45.62
CA ILE E 752 -10.35 14.90 45.71
C ILE E 752 -9.17 15.72 46.20
N ARG E 753 -8.37 15.18 47.12
CA ARG E 753 -7.19 15.91 47.58
C ARG E 753 -6.14 16.02 46.46
N LYS E 754 -6.13 15.07 45.54
CA LYS E 754 -5.14 15.11 44.45
C LYS E 754 -5.30 16.36 43.61
N TYR E 755 -6.55 16.77 43.35
CA TYR E 755 -6.77 17.94 42.51
C TYR E 755 -6.22 19.21 43.16
N GLU E 756 -6.45 19.40 44.46
CA GLU E 756 -5.91 20.56 45.14
C GLU E 756 -4.39 20.49 45.24
N MET E 757 -3.85 19.29 45.46
CA MET E 757 -2.39 19.15 45.49
C MET E 757 -1.78 19.53 44.15
N PHE E 758 -2.41 19.13 43.05
CA PHE E 758 -1.95 19.56 41.74
C PHE E 758 -2.09 21.07 41.58
N ALA E 759 -3.22 21.63 42.05
CA ALA E 759 -3.42 23.07 41.97
C ALA E 759 -2.30 23.83 42.67
N GLN E 760 -1.75 23.25 43.75
CA GLN E 760 -0.62 23.89 44.42
C GLN E 760 0.57 24.09 43.49
N THR E 761 0.67 23.30 42.41
CA THR E 761 1.81 23.44 41.50
C THR E 761 1.84 24.83 40.87
N LEU E 762 0.70 25.32 40.41
CA LEU E 762 0.59 26.65 39.80
C LEU E 762 -0.06 27.65 40.76
N GLN E 763 -0.05 27.37 42.05
CA GLN E 763 -0.58 28.26 43.07
C GLN E 763 0.49 28.51 44.13
N GLN E 764 0.27 29.56 44.93
CA GLN E 764 1.19 29.90 45.99
C GLN E 764 0.43 30.53 47.14
N SER E 765 1.05 30.50 48.31
CA SER E 765 0.51 31.12 49.52
C SER E 765 1.41 32.28 49.97
N ARG E 766 2.04 32.96 49.02
CA ARG E 766 3.00 34.03 49.32
C ARG E 766 2.24 35.29 49.71
N GLY E 767 1.57 35.22 50.86
CA GLY E 767 0.97 36.40 51.46
C GLY E 767 1.94 37.25 52.25
N PHE E 768 3.18 36.79 52.41
CA PHE E 768 4.17 37.55 53.16
C PHE E 768 4.48 38.90 52.50
N GLY E 769 4.52 38.94 51.18
CA GLY E 769 4.85 40.17 50.49
C GLY E 769 3.72 41.17 50.48
N SER E 770 3.20 41.49 51.67
CA SER E 770 2.09 42.43 51.79
C SER E 770 2.48 43.87 51.45
N PHE E 771 3.78 44.15 51.33
CA PHE E 771 4.25 45.51 51.03
C PHE E 771 3.99 45.84 49.56
N ARG E 772 2.70 45.93 49.23
CA ARG E 772 2.28 46.38 47.91
C ARG E 772 2.98 45.62 46.79
N ARG F 22 -71.33 -2.05 6.57
CA ARG F 22 -71.81 -2.56 5.28
C ARG F 22 -70.95 -3.75 4.83
N PRO F 23 -71.48 -4.97 4.92
CA PRO F 23 -70.69 -6.15 4.58
C PRO F 23 -70.52 -6.39 3.09
N ASN F 24 -71.15 -5.57 2.24
CA ASN F 24 -71.09 -5.81 0.80
C ASN F 24 -69.66 -5.68 0.27
N ARG F 25 -68.92 -4.68 0.73
CA ARG F 25 -67.62 -4.33 0.17
C ARG F 25 -66.55 -4.43 1.24
N LEU F 26 -65.38 -4.93 0.84
CA LEU F 26 -64.26 -5.10 1.76
C LEU F 26 -62.95 -4.99 0.98
N ILE F 27 -61.88 -4.68 1.71
CA ILE F 27 -60.55 -4.53 1.14
C ILE F 27 -59.78 -5.84 1.34
N VAL F 28 -59.15 -6.32 0.27
CA VAL F 28 -58.52 -7.64 0.29
C VAL F 28 -57.21 -7.58 1.05
N ASP F 29 -56.66 -8.74 1.41
CA ASP F 29 -55.42 -8.83 2.16
C ASP F 29 -54.83 -10.21 1.96
N GLU F 30 -53.58 -10.37 2.40
CA GLU F 30 -52.89 -11.65 2.23
C GLU F 30 -53.46 -12.70 3.16
N ALA F 31 -53.62 -13.92 2.64
CA ALA F 31 -54.07 -15.06 3.42
C ALA F 31 -52.88 -15.94 3.81
N ILE F 32 -53.09 -16.74 4.86
CA ILE F 32 -52.03 -17.58 5.39
C ILE F 32 -52.46 -19.05 5.39
N ASN F 33 -53.76 -19.29 5.48
CA ASN F 33 -54.25 -20.67 5.50
C ASN F 33 -54.34 -21.23 4.08
N GLU F 34 -54.71 -20.39 3.11
CA GLU F 34 -54.73 -20.77 1.70
C GLU F 34 -55.70 -21.92 1.43
N ASP F 35 -55.20 -23.15 1.37
CA ASP F 35 -55.94 -24.32 0.92
C ASP F 35 -56.41 -24.20 -0.53
N ASN F 36 -55.93 -23.19 -1.25
CA ASN F 36 -56.26 -22.98 -2.65
C ASN F 36 -57.71 -22.51 -2.83
N SER F 37 -58.47 -22.41 -1.74
CA SER F 37 -59.89 -22.09 -1.81
C SER F 37 -60.41 -21.18 -0.71
N VAL F 38 -59.75 -21.12 0.45
CA VAL F 38 -60.35 -20.53 1.64
C VAL F 38 -60.26 -19.01 1.57
N VAL F 39 -61.35 -18.34 1.93
CA VAL F 39 -61.40 -16.89 2.12
C VAL F 39 -61.71 -16.65 3.60
N SER F 40 -60.86 -15.88 4.26
CA SER F 40 -60.89 -15.76 5.71
C SER F 40 -61.55 -14.45 6.13
N LEU F 41 -62.54 -14.56 7.02
CA LEU F 41 -63.20 -13.40 7.61
C LEU F 41 -63.11 -13.51 9.13
N SER F 42 -63.82 -12.65 9.85
CA SER F 42 -63.88 -12.70 11.32
C SER F 42 -65.32 -13.00 11.74
N GLN F 43 -65.48 -13.93 12.68
CA GLN F 43 -66.82 -14.30 13.13
C GLN F 43 -67.60 -13.10 13.64
N PRO F 44 -67.05 -12.24 14.50
CA PRO F 44 -67.74 -10.98 14.81
C PRO F 44 -68.07 -10.15 13.59
N LYS F 45 -67.41 -10.40 12.46
CA LYS F 45 -67.75 -9.77 11.19
C LYS F 45 -68.57 -10.68 10.28
N MET F 46 -68.35 -12.00 10.36
CA MET F 46 -69.13 -12.93 9.54
C MET F 46 -70.60 -12.92 9.96
N ASP F 47 -70.88 -12.63 11.23
CA ASP F 47 -72.27 -12.50 11.64
C ASP F 47 -72.96 -11.41 10.84
N GLU F 48 -72.27 -10.28 10.61
CA GLU F 48 -72.78 -9.27 9.69
C GLU F 48 -72.78 -9.79 8.27
N LEU F 49 -71.82 -10.64 7.91
CA LEU F 49 -71.78 -11.24 6.59
C LEU F 49 -72.76 -12.40 6.43
N GLN F 50 -73.42 -12.81 7.50
CA GLN F 50 -74.45 -13.86 7.45
C GLN F 50 -73.88 -15.24 7.14
N LEU F 51 -72.62 -15.47 7.52
CA LEU F 51 -71.98 -16.78 7.39
C LEU F 51 -71.46 -17.19 8.76
N PHE F 52 -71.56 -18.48 9.07
CA PHE F 52 -71.26 -18.98 10.40
C PHE F 52 -70.07 -19.93 10.45
N ARG F 53 -70.14 -21.07 9.77
CA ARG F 53 -69.10 -22.10 9.89
C ARG F 53 -68.34 -22.31 8.58
N GLY F 54 -69.04 -22.65 7.50
CA GLY F 54 -68.38 -22.92 6.24
C GLY F 54 -69.24 -22.56 5.04
N ASP F 55 -70.21 -21.68 5.24
CA ASP F 55 -71.19 -21.40 4.20
C ASP F 55 -70.50 -20.75 2.98
N THR F 56 -71.12 -20.95 1.83
CA THR F 56 -70.58 -20.39 0.59
C THR F 56 -70.59 -18.87 0.65
N VAL F 57 -69.59 -18.27 -0.01
CA VAL F 57 -69.39 -16.83 0.03
C VAL F 57 -69.91 -16.15 -1.23
N LEU F 58 -69.76 -16.79 -2.38
CA LEU F 58 -70.09 -16.18 -3.67
C LEU F 58 -69.31 -14.86 -3.82
N LEU F 59 -67.99 -14.99 -3.76
CA LEU F 59 -67.12 -13.82 -3.87
C LEU F 59 -67.37 -13.09 -5.19
N LYS F 60 -67.47 -11.78 -5.11
CA LYS F 60 -67.68 -10.93 -6.28
C LYS F 60 -66.36 -10.26 -6.65
N GLY F 61 -66.02 -10.32 -7.93
CA GLY F 61 -64.76 -9.81 -8.42
C GLY F 61 -64.85 -8.38 -8.91
N LYS F 62 -63.97 -8.04 -9.84
CA LYS F 62 -63.89 -6.70 -10.39
C LYS F 62 -64.60 -6.55 -11.73
N LYS F 63 -64.26 -7.37 -12.72
CA LYS F 63 -64.71 -7.11 -14.09
C LYS F 63 -66.01 -7.85 -14.44
N ARG F 64 -65.93 -9.17 -14.59
CA ARG F 64 -67.12 -9.93 -15.00
C ARG F 64 -67.10 -11.35 -14.43
N ARG F 65 -66.72 -11.50 -13.17
CA ARG F 65 -66.61 -12.86 -12.62
C ARG F 65 -66.86 -12.86 -11.12
N GLU F 66 -67.25 -14.04 -10.63
CA GLU F 66 -67.49 -14.28 -9.22
C GLU F 66 -66.98 -15.67 -8.87
N ALA F 67 -66.67 -15.87 -7.59
CA ALA F 67 -66.20 -17.16 -7.09
C ALA F 67 -66.98 -17.55 -5.84
N VAL F 68 -67.18 -18.86 -5.67
CA VAL F 68 -67.96 -19.34 -4.54
C VAL F 68 -67.16 -19.19 -3.23
N CYS F 69 -65.93 -19.72 -3.21
CA CYS F 69 -65.05 -19.61 -2.05
C CYS F 69 -65.67 -20.23 -0.80
N ILE F 70 -64.87 -20.38 0.25
CA ILE F 70 -65.34 -20.90 1.53
C ILE F 70 -64.94 -19.90 2.62
N VAL F 71 -65.80 -19.74 3.61
CA VAL F 71 -65.59 -18.79 4.69
C VAL F 71 -64.85 -19.48 5.84
N LEU F 72 -63.95 -18.74 6.48
CA LEU F 72 -63.19 -19.23 7.62
C LEU F 72 -62.62 -18.01 8.34
N SER F 73 -61.96 -18.24 9.47
CA SER F 73 -61.43 -17.14 10.26
C SER F 73 -60.07 -17.49 10.84
N ASP F 74 -59.29 -16.45 11.10
CA ASP F 74 -58.00 -16.56 11.78
C ASP F 74 -57.76 -15.27 12.55
N ASP F 75 -56.52 -15.08 13.03
CA ASP F 75 -56.23 -13.99 13.94
C ASP F 75 -56.18 -12.64 13.23
N THR F 76 -55.56 -12.59 12.05
CA THR F 76 -55.18 -11.31 11.43
C THR F 76 -56.34 -10.57 10.77
N CYS F 77 -57.59 -10.98 11.00
CA CYS F 77 -58.69 -10.32 10.33
C CYS F 77 -58.85 -8.88 10.80
N SER F 78 -58.89 -8.67 12.12
CA SER F 78 -59.09 -7.36 12.72
C SER F 78 -60.45 -6.76 12.38
N ASP F 79 -61.39 -7.57 11.91
CA ASP F 79 -62.74 -7.13 11.56
C ASP F 79 -62.74 -6.02 10.53
N GLU F 80 -61.68 -5.91 9.73
CA GLU F 80 -61.53 -4.81 8.79
C GLU F 80 -61.24 -5.30 7.37
N LYS F 81 -60.49 -6.38 7.25
CA LYS F 81 -59.97 -6.83 5.97
C LYS F 81 -60.42 -8.26 5.66
N ILE F 82 -60.41 -8.58 4.38
CA ILE F 82 -60.73 -9.92 3.89
C ILE F 82 -59.49 -10.49 3.23
N ARG F 83 -59.18 -11.74 3.54
CA ARG F 83 -57.94 -12.38 3.12
C ARG F 83 -58.22 -13.41 2.03
N MET F 84 -57.42 -13.39 0.97
CA MET F 84 -57.56 -14.32 -0.14
C MET F 84 -56.18 -14.66 -0.67
N ASN F 85 -55.95 -15.95 -0.91
CA ASN F 85 -54.69 -16.42 -1.47
C ASN F 85 -54.61 -16.07 -2.96
N ARG F 86 -53.40 -16.18 -3.51
CA ARG F 86 -53.19 -15.76 -4.89
C ARG F 86 -54.04 -16.53 -5.87
N VAL F 87 -54.46 -17.75 -5.52
CA VAL F 87 -55.32 -18.50 -6.42
C VAL F 87 -56.61 -17.73 -6.67
N VAL F 88 -57.28 -17.30 -5.59
CA VAL F 88 -58.50 -16.53 -5.73
C VAL F 88 -58.22 -15.17 -6.34
N ARG F 89 -57.18 -14.48 -5.86
CA ARG F 89 -56.90 -13.12 -6.33
C ARG F 89 -56.68 -13.10 -7.83
N ASN F 90 -55.84 -14.01 -8.34
CA ASN F 90 -55.62 -14.11 -9.78
C ASN F 90 -56.87 -14.60 -10.50
N ASN F 91 -57.64 -15.49 -9.87
CA ASN F 91 -58.88 -15.95 -10.48
C ASN F 91 -59.86 -14.79 -10.67
N LEU F 92 -59.95 -13.90 -9.67
CA LEU F 92 -60.90 -12.80 -9.70
C LEU F 92 -60.33 -11.55 -10.34
N ARG F 93 -59.11 -11.60 -10.88
CA ARG F 93 -58.46 -10.44 -11.49
C ARG F 93 -58.27 -9.33 -10.46
N VAL F 94 -57.90 -9.71 -9.24
CA VAL F 94 -57.77 -8.77 -8.13
C VAL F 94 -56.32 -8.79 -7.66
N ARG F 95 -55.73 -7.60 -7.53
CA ARG F 95 -54.40 -7.46 -6.96
C ARG F 95 -54.51 -7.18 -5.47
N LEU F 96 -53.54 -7.68 -4.71
CA LEU F 96 -53.54 -7.49 -3.27
C LEU F 96 -53.53 -6.01 -2.94
N GLY F 97 -54.43 -5.61 -2.04
CA GLY F 97 -54.62 -4.20 -1.70
C GLY F 97 -55.80 -3.55 -2.37
N ASP F 98 -56.53 -4.26 -3.21
CA ASP F 98 -57.68 -3.71 -3.91
C ASP F 98 -58.93 -3.81 -3.04
N VAL F 99 -60.04 -3.27 -3.54
CA VAL F 99 -61.34 -3.30 -2.86
C VAL F 99 -62.30 -4.10 -3.72
N ILE F 100 -62.99 -5.06 -3.12
CA ILE F 100 -63.88 -5.98 -3.81
C ILE F 100 -65.20 -6.03 -3.07
N SER F 101 -66.15 -6.79 -3.63
CA SER F 101 -67.48 -6.94 -3.08
C SER F 101 -67.76 -8.39 -2.76
N ILE F 102 -68.76 -8.62 -1.91
CA ILE F 102 -69.18 -9.95 -1.50
C ILE F 102 -70.70 -10.03 -1.62
N GLN F 103 -71.20 -11.21 -1.99
CA GLN F 103 -72.63 -11.46 -2.15
C GLN F 103 -72.97 -12.74 -1.38
N PRO F 104 -73.04 -12.66 -0.05
CA PRO F 104 -73.24 -13.88 0.74
C PRO F 104 -74.53 -14.61 0.35
N CYS F 105 -74.45 -15.93 0.35
CA CYS F 105 -75.59 -16.78 0.03
C CYS F 105 -75.38 -18.18 0.60
N PRO F 106 -75.71 -18.41 1.88
CA PRO F 106 -75.50 -19.74 2.46
C PRO F 106 -76.50 -20.76 1.93
N ASP F 107 -76.24 -21.27 0.72
CA ASP F 107 -77.12 -22.23 0.08
C ASP F 107 -76.28 -23.34 -0.52
N VAL F 108 -76.92 -24.50 -0.72
CA VAL F 108 -76.27 -25.69 -1.26
C VAL F 108 -76.98 -26.07 -2.55
N LYS F 109 -76.22 -26.17 -3.64
CA LYS F 109 -76.73 -26.60 -4.93
C LYS F 109 -75.66 -27.41 -5.64
N TYR F 110 -76.05 -28.56 -6.19
CA TYR F 110 -75.11 -29.51 -6.76
C TYR F 110 -75.14 -29.42 -8.29
N GLY F 111 -73.99 -29.72 -8.90
CA GLY F 111 -73.86 -29.76 -10.33
C GLY F 111 -73.61 -31.18 -10.83
N LYS F 112 -73.71 -31.35 -12.14
CA LYS F 112 -73.56 -32.66 -12.76
C LYS F 112 -72.67 -32.68 -13.99
N ARG F 113 -72.28 -31.53 -14.55
CA ARG F 113 -71.50 -31.47 -15.78
C ARG F 113 -70.28 -30.57 -15.58
N ILE F 114 -69.55 -30.79 -14.49
CA ILE F 114 -68.33 -30.05 -14.24
C ILE F 114 -67.22 -30.63 -15.12
N HIS F 115 -66.70 -29.81 -16.03
CA HIS F 115 -65.65 -30.21 -16.96
C HIS F 115 -64.46 -29.27 -16.79
N VAL F 116 -63.26 -29.86 -16.70
CA VAL F 116 -62.05 -29.10 -16.40
C VAL F 116 -60.98 -29.46 -17.42
N LEU F 117 -60.11 -28.48 -17.71
CA LEU F 117 -59.00 -28.68 -18.63
C LEU F 117 -57.75 -28.04 -18.02
N PRO F 118 -56.58 -28.66 -18.18
CA PRO F 118 -55.36 -28.04 -17.64
C PRO F 118 -54.88 -26.89 -18.49
N ILE F 119 -54.04 -26.05 -17.90
CA ILE F 119 -53.52 -24.86 -18.55
C ILE F 119 -52.14 -25.19 -19.12
N ASP F 120 -51.96 -24.94 -20.42
CA ASP F 120 -50.72 -25.29 -21.08
C ASP F 120 -49.53 -24.62 -20.42
N ASP F 121 -49.72 -23.40 -19.90
CA ASP F 121 -48.64 -22.72 -19.21
C ASP F 121 -48.15 -23.51 -18.00
N THR F 122 -48.99 -24.41 -17.47
CA THR F 122 -48.64 -25.24 -16.33
C THR F 122 -48.45 -26.70 -16.72
N VAL F 123 -48.97 -27.12 -17.87
CA VAL F 123 -48.71 -28.46 -18.38
C VAL F 123 -48.12 -28.33 -19.79
N GLU F 124 -46.80 -28.46 -19.88
CA GLU F 124 -46.06 -28.34 -21.13
C GLU F 124 -44.92 -29.35 -21.19
N GLY F 125 -45.23 -30.61 -20.91
CA GLY F 125 -44.22 -31.65 -20.85
C GLY F 125 -44.52 -32.73 -19.83
N ILE F 126 -45.55 -32.53 -19.02
CA ILE F 126 -46.05 -33.57 -18.12
C ILE F 126 -47.33 -34.12 -18.70
N THR F 127 -47.35 -35.43 -18.93
CA THR F 127 -48.49 -36.10 -19.54
C THR F 127 -48.87 -37.30 -18.69
N GLY F 128 -50.16 -37.47 -18.47
CA GLY F 128 -50.64 -38.58 -17.67
C GLY F 128 -52.12 -38.39 -17.38
N ASN F 129 -52.62 -39.24 -16.46
CA ASN F 129 -54.01 -39.18 -16.04
C ASN F 129 -54.21 -38.06 -15.03
N LEU F 130 -54.20 -36.82 -15.55
CA LEU F 130 -54.29 -35.65 -14.67
C LEU F 130 -55.61 -35.61 -13.92
N PHE F 131 -56.61 -36.38 -14.37
CA PHE F 131 -57.82 -36.55 -13.59
C PHE F 131 -57.58 -37.39 -12.34
N GLU F 132 -56.50 -38.16 -12.29
CA GLU F 132 -56.20 -39.00 -11.15
C GLU F 132 -54.87 -38.67 -10.47
N VAL F 133 -53.90 -38.15 -11.20
CA VAL F 133 -52.55 -38.02 -10.64
C VAL F 133 -52.44 -36.79 -9.75
N TYR F 134 -53.12 -35.69 -10.13
CA TYR F 134 -53.00 -34.41 -9.41
C TYR F 134 -54.38 -33.79 -9.20
N LEU F 135 -55.43 -34.63 -9.15
CA LEU F 135 -56.78 -34.10 -9.04
C LEU F 135 -57.58 -34.72 -7.90
N LYS F 136 -57.37 -36.00 -7.62
CA LYS F 136 -58.17 -36.71 -6.62
C LYS F 136 -58.18 -36.01 -5.27
N PRO F 137 -57.03 -35.60 -4.72
CA PRO F 137 -57.02 -35.01 -3.38
C PRO F 137 -57.49 -33.57 -3.31
N TYR F 138 -58.12 -33.04 -4.35
CA TYR F 138 -58.57 -31.65 -4.36
C TYR F 138 -60.01 -31.44 -4.81
N PHE F 139 -60.61 -32.38 -5.53
CA PHE F 139 -61.96 -32.19 -6.04
C PHE F 139 -63.04 -32.53 -5.02
N LEU F 140 -62.67 -33.00 -3.83
CA LEU F 140 -63.64 -33.21 -2.77
C LEU F 140 -62.97 -32.93 -1.43
N GLU F 141 -63.72 -32.29 -0.52
CA GLU F 141 -63.27 -31.99 0.83
C GLU F 141 -62.29 -30.83 0.85
N ALA F 142 -61.89 -30.33 -0.32
CA ALA F 142 -61.07 -29.13 -0.41
C ALA F 142 -61.88 -27.90 -0.82
N TYR F 143 -63.07 -28.11 -1.39
CA TYR F 143 -63.98 -27.03 -1.74
C TYR F 143 -63.33 -26.04 -2.71
N ARG F 144 -62.99 -26.56 -3.89
CA ARG F 144 -62.41 -25.71 -4.92
C ARG F 144 -63.42 -24.63 -5.33
N PRO F 145 -62.93 -23.45 -5.74
CA PRO F 145 -63.86 -22.40 -6.17
C PRO F 145 -64.48 -22.74 -7.52
N ILE F 146 -65.27 -23.80 -7.56
CA ILE F 146 -65.78 -24.33 -8.82
C ILE F 146 -66.82 -23.35 -9.38
N ARG F 147 -66.56 -22.85 -10.58
CA ARG F 147 -67.46 -21.95 -11.29
C ARG F 147 -66.92 -21.75 -12.69
N LYS F 148 -67.82 -21.67 -13.67
CA LYS F 148 -67.41 -21.59 -15.06
C LYS F 148 -66.45 -20.42 -15.27
N GLY F 149 -65.30 -20.72 -15.89
CA GLY F 149 -64.25 -19.74 -16.06
C GLY F 149 -63.25 -19.66 -14.92
N ASP F 150 -63.47 -20.42 -13.85
CA ASP F 150 -62.55 -20.38 -12.71
C ASP F 150 -61.25 -21.10 -13.03
N ILE F 151 -60.15 -20.56 -12.50
CA ILE F 151 -58.82 -21.13 -12.63
C ILE F 151 -58.29 -21.37 -11.23
N PHE F 152 -57.78 -22.57 -10.98
CA PHE F 152 -57.31 -22.95 -9.66
C PHE F 152 -56.02 -23.75 -9.76
N LEU F 153 -55.10 -23.50 -8.82
CA LEU F 153 -53.89 -24.27 -8.70
C LEU F 153 -54.10 -25.42 -7.71
N VAL F 154 -53.57 -26.59 -8.05
CA VAL F 154 -53.70 -27.77 -7.20
C VAL F 154 -52.36 -28.22 -6.62
N HIS F 155 -51.22 -27.82 -7.17
CA HIS F 155 -49.91 -28.18 -6.62
C HIS F 155 -49.74 -29.69 -6.53
N GLY F 156 -49.54 -30.31 -7.69
CA GLY F 156 -49.43 -31.76 -7.78
C GLY F 156 -48.02 -32.31 -7.64
N GLY F 157 -47.56 -33.03 -8.66
CA GLY F 157 -46.28 -33.71 -8.59
C GLY F 157 -45.12 -32.87 -9.04
N MET F 158 -44.50 -32.18 -8.09
CA MET F 158 -43.26 -31.44 -8.32
C MET F 158 -43.43 -30.38 -9.41
N ARG F 159 -44.64 -29.82 -9.49
CA ARG F 159 -44.89 -28.66 -10.34
C ARG F 159 -46.25 -28.06 -10.02
N ALA F 160 -46.32 -26.72 -9.97
CA ALA F 160 -47.55 -26.02 -9.59
C ALA F 160 -48.55 -26.08 -10.75
N VAL F 161 -49.04 -27.30 -11.01
CA VAL F 161 -49.98 -27.50 -12.10
C VAL F 161 -51.30 -26.83 -11.75
N GLU F 162 -51.87 -26.10 -12.71
CA GLU F 162 -53.12 -25.39 -12.52
C GLU F 162 -54.10 -25.83 -13.60
N PHE F 163 -55.40 -25.69 -13.29
CA PHE F 163 -56.47 -26.10 -14.17
C PHE F 163 -57.50 -24.98 -14.28
N LYS F 164 -58.34 -25.08 -15.30
CA LYS F 164 -59.48 -24.18 -15.48
C LYS F 164 -60.73 -25.02 -15.67
N VAL F 165 -61.75 -24.74 -14.87
CA VAL F 165 -63.04 -25.41 -15.01
C VAL F 165 -63.84 -24.61 -16.03
N VAL F 166 -64.13 -25.23 -17.16
CA VAL F 166 -64.73 -24.50 -18.28
C VAL F 166 -66.23 -24.36 -18.09
N GLU F 167 -66.91 -25.46 -17.75
CA GLU F 167 -68.36 -25.48 -17.63
C GLU F 167 -68.77 -25.91 -16.24
N THR F 168 -69.70 -25.17 -15.64
CA THR F 168 -70.32 -25.54 -14.36
C THR F 168 -71.79 -25.16 -14.46
N ASP F 169 -72.65 -26.16 -14.63
CA ASP F 169 -74.08 -25.93 -14.83
C ASP F 169 -74.85 -25.35 -13.63
N PRO F 170 -74.44 -25.50 -12.38
CA PRO F 170 -74.73 -24.46 -11.39
C PRO F 170 -73.76 -23.30 -11.45
N SER F 171 -74.25 -22.15 -10.98
CA SER F 171 -73.44 -20.94 -10.91
C SER F 171 -74.19 -19.86 -10.16
N PRO F 172 -73.50 -18.95 -9.46
CA PRO F 172 -72.04 -18.85 -9.32
C PRO F 172 -71.49 -19.72 -8.19
N TYR F 173 -72.33 -20.55 -7.58
CA TYR F 173 -71.93 -21.40 -6.47
C TYR F 173 -72.37 -22.83 -6.72
N CYS F 174 -71.61 -23.78 -6.17
CA CYS F 174 -71.92 -25.19 -6.31
C CYS F 174 -71.31 -25.95 -5.15
N ILE F 175 -71.85 -27.14 -4.91
CA ILE F 175 -71.34 -28.02 -3.85
C ILE F 175 -70.15 -28.79 -4.40
N VAL F 176 -69.02 -28.70 -3.70
CA VAL F 176 -67.82 -29.46 -4.04
C VAL F 176 -67.86 -30.71 -3.16
N ALA F 177 -68.45 -31.78 -3.68
CA ALA F 177 -68.66 -33.00 -2.93
C ALA F 177 -68.80 -34.15 -3.93
N PRO F 178 -68.59 -35.39 -3.49
CA PRO F 178 -68.66 -36.51 -4.44
C PRO F 178 -70.03 -36.68 -5.08
N ASP F 179 -71.09 -36.12 -4.49
CA ASP F 179 -72.39 -36.14 -5.17
C ASP F 179 -72.32 -35.40 -6.50
N THR F 180 -71.64 -34.26 -6.54
CA THR F 180 -71.42 -33.55 -7.78
C THR F 180 -70.49 -34.35 -8.68
N VAL F 181 -70.78 -34.34 -9.99
CA VAL F 181 -70.06 -35.15 -10.96
C VAL F 181 -68.98 -34.29 -11.62
N ILE F 182 -67.74 -34.80 -11.62
CA ILE F 182 -66.61 -34.18 -12.29
C ILE F 182 -66.13 -35.11 -13.39
N HIS F 183 -65.97 -34.56 -14.59
CA HIS F 183 -65.66 -35.35 -15.77
C HIS F 183 -64.19 -35.25 -16.14
N CYS F 184 -63.75 -36.18 -16.99
CA CYS F 184 -62.36 -36.23 -17.41
C CYS F 184 -62.05 -35.10 -18.37
N GLU F 185 -60.78 -34.70 -18.39
CA GLU F 185 -60.31 -33.60 -19.23
C GLU F 185 -59.86 -34.13 -20.59
N GLY F 186 -59.26 -33.25 -21.38
CA GLY F 186 -58.73 -33.62 -22.68
C GLY F 186 -57.34 -33.07 -22.90
N GLU F 187 -57.06 -32.60 -24.11
CA GLU F 187 -55.76 -32.02 -24.40
C GLU F 187 -55.63 -30.67 -23.68
N PRO F 188 -54.41 -30.27 -23.34
CA PRO F 188 -54.24 -29.01 -22.61
C PRO F 188 -54.61 -27.81 -23.47
N ILE F 189 -55.05 -26.75 -22.79
CA ILE F 189 -55.46 -25.52 -23.46
C ILE F 189 -54.46 -24.42 -23.14
N LYS F 190 -54.40 -23.43 -24.02
CA LYS F 190 -53.46 -22.33 -23.86
C LYS F 190 -53.98 -21.32 -22.83
N ARG F 191 -53.05 -20.69 -22.14
CA ARG F 191 -53.39 -19.65 -21.18
C ARG F 191 -53.84 -18.39 -21.91
N GLU F 192 -54.74 -17.64 -21.27
CA GLU F 192 -55.30 -16.45 -21.88
C GLU F 192 -54.27 -15.32 -21.92
N ASP F 193 -53.61 -15.14 -23.07
CA ASP F 193 -52.63 -14.08 -23.21
C ASP F 193 -53.27 -12.70 -23.16
N GLU F 194 -54.57 -12.60 -23.40
CA GLU F 194 -55.25 -11.31 -23.31
C GLU F 194 -55.10 -10.71 -21.92
N GLU F 195 -55.01 -11.55 -20.89
CA GLU F 195 -54.78 -11.12 -19.52
C GLU F 195 -53.53 -11.72 -18.91
N GLU F 196 -53.04 -12.85 -19.43
CA GLU F 196 -51.78 -13.47 -19.03
C GLU F 196 -51.88 -14.17 -17.67
N SER F 197 -53.00 -13.99 -16.98
CA SER F 197 -53.27 -14.68 -15.71
C SER F 197 -52.35 -14.25 -14.58
N LEU F 198 -51.29 -13.49 -14.89
CA LEU F 198 -50.33 -13.01 -13.90
C LEU F 198 -49.99 -14.07 -12.86
N ASN F 199 -49.50 -15.24 -13.28
CA ASN F 199 -49.13 -16.28 -12.32
C ASN F 199 -47.80 -15.94 -11.65
N GLU F 200 -46.72 -15.92 -12.44
CA GLU F 200 -45.39 -15.53 -12.00
C GLU F 200 -45.11 -15.95 -10.55
N VAL F 201 -44.95 -14.98 -9.65
CA VAL F 201 -44.75 -15.23 -8.23
C VAL F 201 -45.54 -14.19 -7.45
N GLY F 202 -45.46 -14.25 -6.13
CA GLY F 202 -46.16 -13.30 -5.31
C GLY F 202 -45.81 -13.47 -3.84
N TYR F 203 -46.62 -12.84 -3.00
CA TYR F 203 -46.32 -12.84 -1.57
C TYR F 203 -46.42 -14.23 -0.95
N ASP F 204 -47.28 -15.09 -1.52
CA ASP F 204 -47.51 -16.40 -0.89
C ASP F 204 -46.26 -17.28 -0.93
N ASP F 205 -45.35 -17.07 -1.87
CA ASP F 205 -44.14 -17.86 -1.97
C ASP F 205 -42.91 -17.11 -1.47
N ILE F 206 -43.12 -16.16 -0.55
CA ILE F 206 -42.05 -15.46 0.13
C ILE F 206 -42.11 -15.86 1.60
N GLY F 207 -41.00 -16.36 2.12
CA GLY F 207 -40.96 -16.82 3.50
C GLY F 207 -39.66 -16.44 4.17
N GLY F 208 -39.75 -16.21 5.47
CA GLY F 208 -38.59 -15.87 6.28
C GLY F 208 -38.28 -14.39 6.36
N CYS F 209 -38.96 -13.56 5.58
CA CYS F 209 -38.79 -12.11 5.60
C CYS F 209 -40.14 -11.43 5.60
N ARG F 210 -41.06 -11.94 6.42
CA ARG F 210 -42.41 -11.38 6.45
C ARG F 210 -42.40 -9.94 6.93
N LYS F 211 -41.58 -9.62 7.93
CA LYS F 211 -41.50 -8.25 8.41
C LYS F 211 -40.94 -7.32 7.33
N GLN F 212 -39.87 -7.73 6.66
CA GLN F 212 -39.29 -6.90 5.61
C GLN F 212 -40.24 -6.78 4.43
N LEU F 213 -40.94 -7.87 4.07
CA LEU F 213 -41.90 -7.78 2.99
C LEU F 213 -43.06 -6.85 3.35
N ALA F 214 -43.49 -6.88 4.61
CA ALA F 214 -44.53 -5.95 5.06
C ALA F 214 -44.04 -4.51 4.99
N GLN F 215 -42.78 -4.28 5.38
CA GLN F 215 -42.22 -2.94 5.28
C GLN F 215 -42.21 -2.46 3.83
N ILE F 216 -41.77 -3.33 2.92
CA ILE F 216 -41.75 -2.96 1.51
C ILE F 216 -43.17 -2.71 1.00
N LYS F 217 -44.13 -3.54 1.42
CA LYS F 217 -45.50 -3.36 0.99
C LYS F 217 -46.03 -2.00 1.43
N GLU F 218 -45.91 -1.69 2.72
CA GLU F 218 -46.36 -0.39 3.20
C GLU F 218 -45.57 0.75 2.59
N MET F 219 -44.35 0.49 2.10
CA MET F 219 -43.54 1.53 1.50
C MET F 219 -43.91 1.80 0.05
N VAL F 220 -44.33 0.79 -0.69
CA VAL F 220 -44.43 0.88 -2.14
C VAL F 220 -45.83 0.68 -2.68
N GLU F 221 -46.79 0.23 -1.86
CA GLU F 221 -48.11 -0.11 -2.39
C GLU F 221 -48.82 1.14 -2.92
N LEU F 222 -48.83 2.21 -2.14
CA LEU F 222 -49.57 3.41 -2.55
C LEU F 222 -49.07 4.01 -3.85
N PRO F 223 -47.78 4.29 -4.03
CA PRO F 223 -47.34 4.90 -5.30
C PRO F 223 -47.62 4.05 -6.51
N LEU F 224 -47.60 2.72 -6.38
CA LEU F 224 -47.84 1.86 -7.53
C LEU F 224 -49.33 1.64 -7.78
N ARG F 225 -50.08 1.36 -6.71
CA ARG F 225 -51.52 1.15 -6.87
C ARG F 225 -52.27 2.46 -7.07
N HIS F 226 -51.78 3.55 -6.50
CA HIS F 226 -52.48 4.84 -6.51
C HIS F 226 -51.57 5.93 -7.03
N PRO F 227 -51.13 5.83 -8.29
CA PRO F 227 -50.38 6.94 -8.90
C PRO F 227 -51.22 8.19 -9.07
N ALA F 228 -52.55 8.07 -9.09
CA ALA F 228 -53.39 9.24 -9.31
C ALA F 228 -53.29 10.24 -8.17
N LEU F 229 -53.29 9.76 -6.92
CA LEU F 229 -53.25 10.68 -5.80
C LEU F 229 -51.87 11.31 -5.65
N PHE F 230 -50.82 10.60 -6.06
CA PHE F 230 -49.46 11.12 -5.86
C PHE F 230 -49.14 12.29 -6.76
N LYS F 231 -49.99 12.60 -7.74
CA LYS F 231 -49.90 13.85 -8.47
C LYS F 231 -50.66 14.98 -7.77
N ALA F 232 -51.44 14.65 -6.74
CA ALA F 232 -52.19 15.63 -5.97
C ALA F 232 -51.78 15.68 -4.50
N ILE F 233 -51.30 14.56 -3.96
CA ILE F 233 -50.93 14.52 -2.55
C ILE F 233 -49.78 15.47 -2.28
N GLY F 234 -48.83 15.57 -3.21
CA GLY F 234 -47.69 16.44 -3.09
C GLY F 234 -46.48 15.82 -2.41
N VAL F 235 -46.70 15.01 -1.37
CA VAL F 235 -45.57 14.45 -0.63
C VAL F 235 -44.85 13.42 -1.49
N LYS F 236 -43.52 13.53 -1.55
CA LYS F 236 -42.73 12.67 -2.40
C LYS F 236 -42.65 11.26 -1.81
N PRO F 237 -43.01 10.21 -2.55
CA PRO F 237 -42.75 8.85 -2.09
C PRO F 237 -41.31 8.46 -2.36
N PRO F 238 -40.86 7.32 -1.83
CA PRO F 238 -39.48 6.90 -2.08
C PRO F 238 -39.21 6.63 -3.56
N ARG F 239 -38.37 7.46 -4.17
CA ARG F 239 -38.06 7.29 -5.59
C ARG F 239 -37.38 5.95 -5.84
N GLY F 240 -36.53 5.52 -4.92
CA GLY F 240 -35.86 4.24 -5.06
C GLY F 240 -35.75 3.55 -3.72
N ILE F 241 -35.79 2.22 -3.76
CA ILE F 241 -35.68 1.38 -2.57
C ILE F 241 -34.48 0.47 -2.76
N LEU F 242 -33.56 0.51 -1.80
CA LEU F 242 -32.30 -0.24 -1.90
C LEU F 242 -32.41 -1.50 -1.06
N LEU F 243 -33.04 -2.53 -1.65
CA LEU F 243 -33.01 -3.85 -1.05
C LEU F 243 -31.58 -4.33 -0.96
N TYR F 244 -31.24 -5.02 0.13
CA TYR F 244 -29.90 -5.57 0.23
C TYR F 244 -29.91 -6.73 1.22
N GLY F 245 -28.90 -7.58 1.09
CA GLY F 245 -28.75 -8.75 1.91
C GLY F 245 -27.77 -9.71 1.28
N PRO F 246 -27.47 -10.81 1.95
CA PRO F 246 -26.55 -11.80 1.38
C PRO F 246 -27.11 -12.35 0.08
N PRO F 247 -26.25 -12.77 -0.84
CA PRO F 247 -26.73 -13.27 -2.13
C PRO F 247 -27.66 -14.46 -1.95
N GLY F 248 -28.68 -14.53 -2.79
CA GLY F 248 -29.65 -15.59 -2.70
C GLY F 248 -30.65 -15.45 -1.57
N THR F 249 -30.82 -14.23 -1.05
CA THR F 249 -31.74 -13.99 0.06
C THR F 249 -33.17 -13.76 -0.40
N GLY F 250 -33.40 -13.59 -1.69
CA GLY F 250 -34.72 -13.32 -2.21
C GLY F 250 -34.95 -11.89 -2.66
N LYS F 251 -33.90 -11.07 -2.75
CA LYS F 251 -34.07 -9.68 -3.17
C LYS F 251 -34.83 -9.60 -4.49
N THR F 252 -34.35 -10.34 -5.49
CA THR F 252 -35.06 -10.38 -6.77
C THR F 252 -36.47 -10.96 -6.59
N LEU F 253 -36.59 -11.99 -5.75
CA LEU F 253 -37.89 -12.62 -5.57
C LEU F 253 -38.89 -11.67 -4.93
N ILE F 254 -38.48 -10.96 -3.86
CA ILE F 254 -39.39 -10.04 -3.21
C ILE F 254 -39.70 -8.86 -4.11
N ALA F 255 -38.71 -8.38 -4.87
CA ALA F 255 -38.97 -7.29 -5.80
C ALA F 255 -40.00 -7.71 -6.84
N ARG F 256 -39.84 -8.90 -7.43
CA ARG F 256 -40.78 -9.37 -8.43
C ARG F 256 -42.15 -9.64 -7.83
N ALA F 257 -42.20 -10.09 -6.57
CA ALA F 257 -43.48 -10.32 -5.92
C ALA F 257 -44.22 -9.01 -5.71
N VAL F 258 -43.56 -8.01 -5.13
CA VAL F 258 -44.21 -6.73 -4.91
C VAL F 258 -44.51 -6.02 -6.22
N ALA F 259 -43.83 -6.40 -7.31
CA ALA F 259 -44.19 -5.87 -8.62
C ALA F 259 -45.46 -6.52 -9.14
N ASN F 260 -45.43 -7.85 -9.32
CA ASN F 260 -46.58 -8.54 -9.88
C ASN F 260 -47.79 -8.46 -8.97
N GLU F 261 -47.59 -8.62 -7.65
CA GLU F 261 -48.72 -8.62 -6.73
C GLU F 261 -49.48 -7.31 -6.79
N THR F 262 -48.79 -6.20 -7.04
CA THR F 262 -49.43 -4.90 -7.17
C THR F 262 -49.78 -4.54 -8.60
N GLY F 263 -49.48 -5.42 -9.56
CA GLY F 263 -49.77 -5.15 -10.95
C GLY F 263 -48.77 -4.27 -11.66
N ALA F 264 -47.73 -3.80 -10.97
CA ALA F 264 -46.74 -2.94 -11.61
C ALA F 264 -45.88 -3.72 -12.57
N PHE F 265 -45.56 -3.10 -13.70
CA PHE F 265 -44.65 -3.71 -14.66
C PHE F 265 -43.23 -3.76 -14.08
N PHE F 266 -42.61 -4.92 -14.17
CA PHE F 266 -41.30 -5.17 -13.57
C PHE F 266 -40.27 -5.24 -14.68
N PHE F 267 -39.28 -4.35 -14.63
CA PHE F 267 -38.21 -4.31 -15.63
C PHE F 267 -36.90 -4.63 -14.93
N LEU F 268 -36.35 -5.81 -15.23
CA LEU F 268 -35.10 -6.26 -14.63
C LEU F 268 -33.94 -5.84 -15.52
N ILE F 269 -33.01 -5.06 -14.97
CA ILE F 269 -31.86 -4.56 -15.71
C ILE F 269 -30.58 -5.01 -15.03
N ASN F 270 -30.58 -6.25 -14.53
CA ASN F 270 -29.46 -6.82 -13.79
C ASN F 270 -28.12 -6.34 -14.34
N GLY F 271 -27.26 -5.90 -13.43
CA GLY F 271 -26.04 -5.21 -13.77
C GLY F 271 -25.26 -5.80 -14.93
N PRO F 272 -24.83 -7.06 -14.79
CA PRO F 272 -23.98 -7.66 -15.82
C PRO F 272 -24.59 -7.62 -17.22
N GLU F 273 -25.91 -7.67 -17.33
CA GLU F 273 -26.54 -7.64 -18.64
C GLU F 273 -26.26 -6.32 -19.36
N ILE F 274 -26.00 -5.25 -18.62
CA ILE F 274 -25.71 -3.94 -19.20
C ILE F 274 -24.22 -3.64 -19.20
N MET F 275 -23.52 -3.99 -18.14
CA MET F 275 -22.08 -3.74 -18.07
C MET F 275 -21.32 -4.55 -19.12
N SER F 276 -21.94 -5.57 -19.70
CA SER F 276 -21.30 -6.38 -20.73
C SER F 276 -21.38 -5.78 -22.12
N LYS F 277 -22.13 -4.69 -22.29
CA LYS F 277 -22.32 -4.09 -23.61
C LYS F 277 -21.28 -2.99 -23.85
N LEU F 278 -21.21 -2.54 -25.11
CA LEU F 278 -20.20 -1.57 -25.50
C LEU F 278 -20.32 -0.29 -24.69
N ALA F 279 -19.16 0.24 -24.28
CA ALA F 279 -19.14 1.51 -23.56
C ALA F 279 -19.82 2.59 -24.39
N GLY F 280 -20.67 3.37 -23.74
CA GLY F 280 -21.50 4.35 -24.41
C GLY F 280 -22.81 3.74 -24.89
N GLU F 281 -22.75 2.55 -25.48
CA GLU F 281 -23.96 1.84 -25.85
C GLU F 281 -24.65 1.24 -24.64
N SER F 282 -23.89 0.82 -23.62
CA SER F 282 -24.50 0.37 -22.38
C SER F 282 -25.19 1.52 -21.66
N GLU F 283 -24.62 2.72 -21.73
CA GLU F 283 -25.30 3.90 -21.20
C GLU F 283 -26.64 4.10 -21.90
N SER F 284 -26.66 3.96 -23.22
CA SER F 284 -27.90 4.09 -23.97
C SER F 284 -28.88 2.98 -23.58
N ASN F 285 -28.38 1.77 -23.33
CA ASN F 285 -29.25 0.68 -22.93
C ASN F 285 -29.92 0.97 -21.58
N LEU F 286 -29.14 1.46 -20.62
CA LEU F 286 -29.71 1.81 -19.33
C LEU F 286 -30.70 2.97 -19.45
N ARG F 287 -30.35 3.97 -20.26
CA ARG F 287 -31.24 5.11 -20.45
C ARG F 287 -32.57 4.67 -21.07
N LYS F 288 -32.51 3.81 -22.10
CA LYS F 288 -33.74 3.35 -22.71
C LYS F 288 -34.49 2.37 -21.83
N ALA F 289 -33.81 1.68 -20.92
CA ALA F 289 -34.53 0.90 -19.90
C ALA F 289 -35.35 1.82 -19.00
N PHE F 290 -34.74 2.93 -18.56
CA PHE F 290 -35.50 3.90 -17.78
C PHE F 290 -36.64 4.51 -18.59
N GLU F 291 -36.41 4.76 -19.88
CA GLU F 291 -37.49 5.27 -20.73
C GLU F 291 -38.62 4.25 -20.86
N GLU F 292 -38.28 2.97 -20.98
CA GLU F 292 -39.30 1.93 -21.00
C GLU F 292 -40.10 1.92 -19.71
N ALA F 293 -39.40 2.08 -18.57
CA ALA F 293 -40.11 2.15 -17.30
C ALA F 293 -41.03 3.36 -17.24
N GLU F 294 -40.60 4.48 -17.80
CA GLU F 294 -41.37 5.72 -17.72
C GLU F 294 -42.56 5.74 -18.67
N LYS F 295 -42.45 5.10 -19.84
CA LYS F 295 -43.52 5.17 -20.82
C LYS F 295 -44.82 4.64 -20.28
N ASN F 296 -44.76 3.69 -19.35
CA ASN F 296 -45.92 3.20 -18.61
C ASN F 296 -45.78 3.61 -17.15
N ALA F 297 -46.83 4.24 -16.62
CA ALA F 297 -46.72 4.88 -15.30
C ALA F 297 -46.42 3.91 -14.17
N PRO F 298 -47.16 2.82 -13.99
CA PRO F 298 -46.99 2.00 -12.79
C PRO F 298 -45.76 1.11 -12.78
N ALA F 299 -44.95 1.14 -13.83
CA ALA F 299 -43.81 0.23 -13.92
C ALA F 299 -42.77 0.54 -12.84
N ILE F 300 -42.03 -0.50 -12.45
CA ILE F 300 -40.89 -0.35 -11.56
C ILE F 300 -39.69 -1.02 -12.21
N ILE F 301 -38.51 -0.41 -12.03
CA ILE F 301 -37.27 -0.91 -12.59
C ILE F 301 -36.40 -1.41 -11.45
N PHE F 302 -35.92 -2.65 -11.56
CA PHE F 302 -35.16 -3.31 -10.52
C PHE F 302 -33.74 -3.51 -11.01
N ILE F 303 -32.77 -3.00 -10.26
CA ILE F 303 -31.36 -3.05 -10.62
C ILE F 303 -30.73 -4.15 -9.77
N ASP F 304 -30.54 -5.32 -10.36
CA ASP F 304 -29.92 -6.42 -9.65
C ASP F 304 -28.40 -6.30 -9.73
N GLU F 305 -27.72 -6.73 -8.66
CA GLU F 305 -26.27 -6.66 -8.57
C GLU F 305 -25.78 -5.24 -8.80
N LEU F 306 -26.33 -4.31 -8.02
CA LEU F 306 -25.92 -2.91 -8.13
C LEU F 306 -24.48 -2.70 -7.73
N ASP F 307 -23.87 -3.66 -7.04
CA ASP F 307 -22.45 -3.55 -6.72
C ASP F 307 -21.61 -3.43 -7.98
N ALA F 308 -21.89 -4.27 -8.98
CA ALA F 308 -21.15 -4.19 -10.23
C ALA F 308 -21.39 -2.87 -10.94
N ILE F 309 -22.64 -2.41 -10.98
CA ILE F 309 -22.96 -1.19 -11.70
C ILE F 309 -22.31 0.01 -11.02
N ALA F 310 -22.47 0.14 -9.71
CA ALA F 310 -22.02 1.32 -8.97
C ALA F 310 -21.29 0.91 -7.70
N PRO F 311 -20.05 0.46 -7.82
CA PRO F 311 -19.22 0.25 -6.62
C PRO F 311 -18.66 1.55 -6.10
N LYS F 312 -17.77 1.49 -5.10
CA LYS F 312 -17.20 2.72 -4.54
C LYS F 312 -16.56 3.55 -5.64
N ARG F 313 -16.85 4.85 -5.64
CA ARG F 313 -16.43 5.71 -6.74
C ARG F 313 -14.90 5.72 -6.88
N GLU F 314 -14.20 5.96 -5.77
CA GLU F 314 -12.74 6.04 -5.83
C GLU F 314 -12.08 4.69 -6.08
N LYS F 315 -12.82 3.59 -5.89
CA LYS F 315 -12.28 2.26 -6.14
C LYS F 315 -12.53 1.78 -7.57
N THR F 316 -13.29 2.51 -8.37
CA THR F 316 -13.45 2.17 -9.77
C THR F 316 -12.17 2.49 -10.54
N HIS F 317 -11.99 1.77 -11.64
CA HIS F 317 -10.82 2.01 -12.50
C HIS F 317 -11.05 3.20 -13.43
N GLY F 318 -12.04 3.09 -14.32
CA GLY F 318 -12.33 4.18 -15.22
C GLY F 318 -13.25 3.75 -16.33
N GLU F 319 -13.57 4.72 -17.18
CA GLU F 319 -14.49 4.51 -18.29
C GLU F 319 -15.80 3.95 -17.76
N VAL F 320 -16.20 2.75 -18.21
CA VAL F 320 -17.57 2.28 -17.99
C VAL F 320 -17.91 2.31 -16.51
N GLU F 321 -17.01 1.81 -15.66
CA GLU F 321 -17.33 1.66 -14.24
C GLU F 321 -17.77 2.97 -13.60
N ARG F 322 -17.34 4.10 -14.16
CA ARG F 322 -17.87 5.39 -13.73
C ARG F 322 -18.81 6.02 -14.75
N ARG F 323 -18.59 5.75 -16.04
CA ARG F 323 -19.50 6.30 -17.05
C ARG F 323 -20.93 5.88 -16.78
N ILE F 324 -21.13 4.62 -16.36
CA ILE F 324 -22.46 4.16 -15.99
C ILE F 324 -22.95 4.91 -14.76
N VAL F 325 -22.09 5.04 -13.74
CA VAL F 325 -22.55 5.55 -12.45
C VAL F 325 -23.13 6.95 -12.61
N SER F 326 -22.37 7.85 -13.23
CA SER F 326 -22.92 9.16 -13.53
C SER F 326 -24.16 9.03 -14.40
N GLN F 327 -24.07 8.23 -15.47
CA GLN F 327 -25.25 7.98 -16.31
C GLN F 327 -26.38 7.42 -15.48
N LEU F 328 -26.07 6.64 -14.45
CA LEU F 328 -27.11 6.15 -13.56
C LEU F 328 -27.63 7.29 -12.68
N LEU F 329 -26.72 8.07 -12.09
CA LEU F 329 -27.14 9.12 -11.17
C LEU F 329 -28.03 10.13 -11.87
N THR F 330 -27.60 10.63 -13.04
CA THR F 330 -28.41 11.59 -13.77
C THR F 330 -29.78 11.02 -14.14
N LEU F 331 -29.91 9.69 -14.18
CA LEU F 331 -31.21 9.06 -14.38
C LEU F 331 -31.86 8.63 -13.08
N MET F 332 -31.08 8.35 -12.04
CA MET F 332 -31.66 7.93 -10.77
C MET F 332 -32.48 9.04 -10.15
N ASP F 333 -31.95 10.26 -10.14
CA ASP F 333 -32.67 11.42 -9.62
C ASP F 333 -33.23 12.30 -10.74
N GLY F 334 -32.86 12.05 -11.99
CA GLY F 334 -33.43 12.83 -13.09
C GLY F 334 -34.93 12.66 -13.18
N LEU F 335 -35.44 11.48 -12.85
CA LEU F 335 -36.87 11.25 -12.85
C LEU F 335 -37.56 12.21 -11.90
N LYS F 336 -38.72 12.74 -12.31
CA LYS F 336 -39.43 13.74 -11.53
C LYS F 336 -40.34 13.13 -10.47
N GLN F 337 -40.52 11.80 -10.48
CA GLN F 337 -41.35 11.09 -9.51
C GLN F 337 -42.84 11.29 -9.77
N ARG F 338 -43.17 12.18 -10.71
CA ARG F 338 -44.55 12.32 -11.18
C ARG F 338 -44.88 11.32 -12.30
N ALA F 339 -43.87 10.63 -12.83
CA ALA F 339 -44.09 9.56 -13.79
C ALA F 339 -44.44 8.24 -13.12
N HIS F 340 -44.33 8.16 -11.79
CA HIS F 340 -44.71 6.98 -11.03
C HIS F 340 -43.76 5.81 -11.26
N VAL F 341 -42.49 6.10 -11.53
CA VAL F 341 -41.47 5.08 -11.72
C VAL F 341 -40.71 4.92 -10.41
N ILE F 342 -40.54 3.67 -9.98
CA ILE F 342 -39.82 3.34 -8.76
C ILE F 342 -38.62 2.49 -9.12
N VAL F 343 -37.44 2.91 -8.65
CA VAL F 343 -36.20 2.22 -8.96
C VAL F 343 -35.73 1.43 -7.74
N MET F 344 -36.11 0.15 -7.70
CA MET F 344 -35.60 -0.73 -6.66
C MET F 344 -34.21 -1.21 -7.04
N ALA F 345 -33.42 -1.55 -6.03
CA ALA F 345 -32.05 -2.02 -6.26
C ALA F 345 -31.73 -3.15 -5.30
N ALA F 346 -30.82 -4.03 -5.73
CA ALA F 346 -30.34 -5.13 -4.91
C ALA F 346 -28.83 -5.01 -4.77
N THR F 347 -28.35 -5.09 -3.53
CA THR F 347 -26.93 -5.01 -3.27
C THR F 347 -26.61 -5.86 -2.04
N ASN F 348 -25.34 -5.92 -1.70
CA ASN F 348 -24.86 -6.70 -0.56
C ASN F 348 -24.17 -5.74 0.41
N ARG F 349 -24.84 -5.43 1.52
CA ARG F 349 -24.26 -4.58 2.54
C ARG F 349 -23.79 -3.26 1.90
N PRO F 350 -24.71 -2.33 1.61
CA PRO F 350 -24.42 -1.24 0.67
C PRO F 350 -23.23 -0.36 1.01
N ASN F 351 -22.52 -0.65 2.10
CA ASN F 351 -21.24 0.00 2.33
C ASN F 351 -20.30 -0.13 1.13
N SER F 352 -20.55 -1.10 0.23
CA SER F 352 -19.72 -1.32 -0.94
C SER F 352 -20.13 -0.47 -2.14
N ILE F 353 -21.41 -0.14 -2.28
CA ILE F 353 -21.86 0.61 -3.45
C ILE F 353 -21.43 2.07 -3.32
N ASP F 354 -21.55 2.81 -4.40
CA ASP F 354 -21.08 4.20 -4.42
C ASP F 354 -21.81 4.99 -3.34
N PRO F 355 -21.09 5.70 -2.46
CA PRO F 355 -21.78 6.54 -1.48
C PRO F 355 -22.68 7.60 -2.10
N ALA F 356 -22.37 8.04 -3.33
CA ALA F 356 -23.20 9.05 -3.97
C ALA F 356 -24.62 8.56 -4.19
N LEU F 357 -24.80 7.25 -4.39
CA LEU F 357 -26.14 6.70 -4.55
C LEU F 357 -26.91 6.63 -3.24
N ARG F 358 -26.22 6.77 -2.11
CA ARG F 358 -26.87 6.72 -0.81
C ARG F 358 -27.59 8.00 -0.46
N ARG F 359 -27.40 9.07 -1.23
CA ARG F 359 -28.08 10.33 -0.95
C ARG F 359 -29.59 10.16 -1.05
N PHE F 360 -30.31 11.19 -0.63
CA PHE F 360 -31.77 11.17 -0.63
C PHE F 360 -32.32 11.79 -1.90
N GLY F 361 -33.52 11.35 -2.27
CA GLY F 361 -34.07 11.62 -3.58
C GLY F 361 -33.72 10.59 -4.62
N ARG F 362 -32.77 9.69 -4.33
CA ARG F 362 -32.44 8.58 -5.20
C ARG F 362 -32.62 7.22 -4.51
N PHE F 363 -32.01 7.03 -3.35
CA PHE F 363 -32.19 5.83 -2.52
C PHE F 363 -32.37 6.31 -1.08
N ASP F 364 -33.62 6.58 -0.69
CA ASP F 364 -33.92 7.11 0.62
C ASP F 364 -34.42 6.05 1.59
N ARG F 365 -34.56 4.79 1.16
CA ARG F 365 -35.04 3.73 2.03
C ARG F 365 -34.31 2.45 1.66
N GLU F 366 -33.70 1.80 2.65
CA GLU F 366 -32.68 0.77 2.44
C GLU F 366 -32.95 -0.45 3.33
N VAL F 367 -34.15 -1.01 3.23
CA VAL F 367 -34.54 -2.15 4.06
C VAL F 367 -33.51 -3.26 3.96
N ASP F 368 -33.30 -3.99 5.05
CA ASP F 368 -32.33 -5.08 5.13
C ASP F 368 -33.08 -6.40 5.22
N ILE F 369 -33.00 -7.21 4.16
CA ILE F 369 -33.72 -8.48 4.15
C ILE F 369 -33.09 -9.45 5.15
N GLY F 370 -31.76 -9.56 5.13
CA GLY F 370 -31.08 -10.45 6.04
C GLY F 370 -31.39 -11.91 5.79
N ILE F 371 -30.59 -12.82 6.35
CA ILE F 371 -30.80 -14.26 6.17
C ILE F 371 -32.05 -14.67 6.94
N PRO F 372 -32.79 -15.67 6.46
CA PRO F 372 -33.95 -16.14 7.24
C PRO F 372 -33.53 -16.66 8.61
N ASP F 373 -34.40 -16.44 9.59
CA ASP F 373 -34.15 -16.88 10.96
C ASP F 373 -34.54 -18.35 11.09
N ALA F 374 -34.55 -18.84 12.34
CA ALA F 374 -34.82 -20.26 12.56
C ALA F 374 -36.22 -20.65 12.11
N THR F 375 -37.23 -19.87 12.49
CA THR F 375 -38.60 -20.18 12.13
C THR F 375 -38.99 -19.67 10.75
N GLY F 376 -38.14 -18.85 10.12
CA GLY F 376 -38.39 -18.44 8.75
C GLY F 376 -37.98 -19.50 7.74
N ARG F 377 -36.91 -20.24 8.03
CA ARG F 377 -36.51 -21.33 7.16
C ARG F 377 -37.58 -22.42 7.11
N LEU F 378 -38.35 -22.58 8.19
CA LEU F 378 -39.47 -23.52 8.16
C LEU F 378 -40.48 -23.11 7.10
N GLU F 379 -40.85 -21.83 7.07
CA GLU F 379 -41.80 -21.35 6.06
C GLU F 379 -41.20 -21.45 4.66
N ILE F 380 -39.92 -21.15 4.52
CA ILE F 380 -39.27 -21.25 3.21
C ILE F 380 -39.31 -22.68 2.71
N LEU F 381 -39.03 -23.64 3.59
CA LEU F 381 -39.11 -25.04 3.21
C LEU F 381 -40.53 -25.43 2.86
N GLN F 382 -41.51 -24.95 3.63
CA GLN F 382 -42.90 -25.28 3.36
C GLN F 382 -43.32 -24.80 1.98
N ILE F 383 -42.94 -23.56 1.62
CA ILE F 383 -43.33 -23.03 0.32
C ILE F 383 -42.56 -23.73 -0.80
N HIS F 384 -41.26 -23.97 -0.62
CA HIS F 384 -40.50 -24.67 -1.63
C HIS F 384 -40.84 -26.14 -1.70
N THR F 385 -41.02 -26.79 -0.55
CA THR F 385 -41.51 -28.18 -0.52
C THR F 385 -43.03 -28.24 -0.63
N LYS F 386 -43.59 -27.55 -1.63
CA LYS F 386 -45.02 -27.62 -1.88
C LYS F 386 -45.35 -28.76 -2.83
N ASN F 387 -44.66 -28.81 -3.97
CA ASN F 387 -44.96 -29.77 -5.02
C ASN F 387 -44.17 -31.06 -4.90
N MET F 388 -43.19 -31.14 -3.99
CA MET F 388 -42.40 -32.36 -3.86
C MET F 388 -43.23 -33.55 -3.41
N LYS F 389 -44.43 -33.33 -2.87
CA LYS F 389 -45.21 -34.40 -2.26
C LYS F 389 -44.39 -35.08 -1.16
N LEU F 390 -44.01 -34.28 -0.16
CA LEU F 390 -43.16 -34.78 0.90
C LEU F 390 -43.89 -35.87 1.69
N ALA F 391 -43.13 -36.85 2.15
CA ALA F 391 -43.69 -37.98 2.89
C ALA F 391 -44.24 -37.49 4.22
N ASP F 392 -44.87 -38.39 4.96
CA ASP F 392 -45.44 -38.05 6.27
C ASP F 392 -44.39 -38.03 7.37
N ASP F 393 -43.39 -38.92 7.29
CA ASP F 393 -42.38 -38.99 8.33
C ASP F 393 -41.50 -37.75 8.40
N VAL F 394 -41.44 -36.96 7.35
CA VAL F 394 -40.65 -35.73 7.35
C VAL F 394 -41.44 -34.62 8.02
N ASP F 395 -40.74 -33.74 8.73
CA ASP F 395 -41.35 -32.71 9.54
C ASP F 395 -41.09 -31.29 9.03
N LEU F 396 -39.92 -31.03 8.46
CA LEU F 396 -39.48 -29.74 7.93
C LEU F 396 -39.14 -28.73 9.02
N GLU F 397 -39.37 -29.05 10.29
CA GLU F 397 -38.95 -28.18 11.39
C GLU F 397 -37.58 -28.55 11.93
N GLN F 398 -37.26 -29.84 11.97
CA GLN F 398 -35.89 -30.25 12.29
C GLN F 398 -34.93 -29.79 11.20
N VAL F 399 -35.35 -29.90 9.94
CA VAL F 399 -34.50 -29.46 8.84
C VAL F 399 -34.24 -27.96 8.93
N ALA F 400 -35.28 -27.19 9.21
CA ALA F 400 -35.12 -25.73 9.32
C ALA F 400 -34.18 -25.38 10.46
N ASN F 401 -34.35 -26.04 11.61
CA ASN F 401 -33.49 -25.75 12.76
C ASN F 401 -32.05 -26.12 12.47
N GLU F 402 -31.83 -27.26 11.81
CA GLU F 402 -30.47 -27.70 11.53
C GLU F 402 -29.80 -26.85 10.46
N THR F 403 -30.57 -26.26 9.55
CA THR F 403 -30.04 -25.43 8.47
C THR F 403 -29.76 -24.03 9.00
N HIS F 404 -28.86 -23.95 9.99
CA HIS F 404 -28.48 -22.67 10.56
C HIS F 404 -27.47 -21.98 9.64
N GLY F 405 -27.77 -20.74 9.28
CA GLY F 405 -26.95 -19.98 8.36
C GLY F 405 -27.35 -20.14 6.91
N HIS F 406 -28.14 -21.15 6.57
CA HIS F 406 -28.60 -21.31 5.19
C HIS F 406 -29.45 -20.11 4.79
N VAL F 407 -29.18 -19.57 3.60
CA VAL F 407 -29.99 -18.50 3.04
C VAL F 407 -31.11 -19.15 2.23
N GLY F 408 -32.13 -18.38 1.88
CA GLY F 408 -33.25 -18.94 1.14
C GLY F 408 -32.81 -19.68 -0.12
N ALA F 409 -31.76 -19.19 -0.77
CA ALA F 409 -31.22 -19.90 -1.91
C ALA F 409 -30.69 -21.27 -1.51
N ASP F 410 -30.03 -21.34 -0.34
CA ASP F 410 -29.59 -22.64 0.15
C ASP F 410 -30.77 -23.55 0.45
N LEU F 411 -31.87 -22.99 0.96
CA LEU F 411 -33.05 -23.80 1.21
C LEU F 411 -33.60 -24.36 -0.09
N ALA F 412 -33.66 -23.53 -1.14
CA ALA F 412 -34.11 -24.02 -2.44
C ALA F 412 -33.18 -25.10 -2.98
N ALA F 413 -31.87 -24.91 -2.80
CA ALA F 413 -30.91 -25.91 -3.26
C ALA F 413 -31.08 -27.23 -2.51
N LEU F 414 -31.31 -27.15 -1.20
CA LEU F 414 -31.56 -28.36 -0.42
C LEU F 414 -32.84 -29.05 -0.87
N CYS F 415 -33.89 -28.27 -1.13
CA CYS F 415 -35.12 -28.80 -1.70
C CYS F 415 -34.85 -29.56 -2.98
N SER F 416 -34.14 -28.94 -3.91
CA SER F 416 -33.86 -29.57 -5.20
C SER F 416 -32.98 -30.81 -5.03
N GLU F 417 -32.02 -30.76 -4.12
CA GLU F 417 -31.14 -31.91 -3.89
C GLU F 417 -31.92 -33.09 -3.34
N ALA F 418 -32.83 -32.84 -2.39
CA ALA F 418 -33.66 -33.91 -1.87
C ALA F 418 -34.53 -34.51 -2.97
N ALA F 419 -35.13 -33.65 -3.80
CA ALA F 419 -35.93 -34.15 -4.91
C ALA F 419 -35.10 -34.99 -5.86
N LEU F 420 -33.89 -34.53 -6.19
CA LEU F 420 -33.03 -35.24 -7.13
C LEU F 420 -32.59 -36.58 -6.55
N GLN F 421 -32.32 -36.63 -5.24
CA GLN F 421 -31.97 -37.91 -4.63
C GLN F 421 -33.14 -38.87 -4.64
N ALA F 422 -34.35 -38.36 -4.38
CA ALA F 422 -35.52 -39.24 -4.44
C ALA F 422 -35.72 -39.79 -5.84
N ILE F 423 -35.54 -38.96 -6.87
CA ILE F 423 -35.56 -39.46 -8.24
C ILE F 423 -34.46 -40.50 -8.43
N ARG F 424 -33.29 -40.24 -7.88
CA ARG F 424 -32.10 -41.05 -8.11
C ARG F 424 -32.10 -42.33 -7.28
N LYS F 425 -32.86 -42.38 -6.19
CA LYS F 425 -33.09 -43.61 -5.45
C LYS F 425 -34.27 -44.39 -6.01
N LYS F 426 -34.94 -43.86 -7.04
CA LYS F 426 -36.02 -44.55 -7.73
C LYS F 426 -35.76 -44.65 -9.23
N MET F 427 -34.55 -44.32 -9.69
CA MET F 427 -34.24 -44.46 -11.11
C MET F 427 -34.32 -45.91 -11.56
N ASP F 428 -34.18 -46.86 -10.63
CA ASP F 428 -34.27 -48.26 -10.99
C ASP F 428 -35.65 -48.62 -11.54
N LEU F 429 -36.70 -48.12 -10.89
CA LEU F 429 -38.07 -48.38 -11.31
C LEU F 429 -38.71 -47.19 -12.02
N ILE F 430 -37.90 -46.20 -12.40
CA ILE F 430 -38.38 -45.04 -13.15
C ILE F 430 -37.97 -45.12 -14.62
N ASP F 431 -36.82 -45.74 -14.91
CA ASP F 431 -36.31 -45.88 -16.27
C ASP F 431 -36.74 -47.20 -16.90
N LEU F 432 -37.87 -47.75 -16.47
CA LEU F 432 -38.34 -49.02 -17.02
C LEU F 432 -38.62 -48.91 -18.51
N GLU F 433 -39.28 -47.85 -18.93
CA GLU F 433 -39.57 -47.55 -20.32
C GLU F 433 -38.41 -46.69 -20.83
N ASP F 434 -38.56 -46.09 -22.00
CA ASP F 434 -37.49 -45.28 -22.55
C ASP F 434 -37.29 -44.02 -21.72
N GLU F 435 -36.52 -44.15 -20.64
CA GLU F 435 -36.32 -43.09 -19.65
C GLU F 435 -37.69 -42.78 -19.01
N THR F 436 -38.04 -41.51 -18.80
CA THR F 436 -39.26 -41.15 -18.10
C THR F 436 -40.40 -40.97 -19.08
N ILE F 437 -41.56 -41.50 -18.73
CA ILE F 437 -42.78 -41.27 -19.49
C ILE F 437 -43.73 -40.33 -18.74
N ASP F 438 -43.19 -39.50 -17.85
CA ASP F 438 -44.02 -38.64 -17.01
C ASP F 438 -44.91 -39.49 -16.13
N ALA F 439 -46.21 -39.59 -16.44
CA ALA F 439 -47.08 -40.59 -15.82
C ALA F 439 -47.26 -40.36 -14.33
N GLU F 440 -48.14 -41.17 -13.72
CA GLU F 440 -48.48 -40.99 -12.31
C GLU F 440 -47.28 -41.30 -11.41
N VAL F 441 -46.28 -42.01 -11.93
CA VAL F 441 -45.16 -42.49 -11.12
C VAL F 441 -44.52 -41.36 -10.32
N MET F 442 -44.66 -40.12 -10.80
CA MET F 442 -44.03 -38.98 -10.17
C MET F 442 -44.51 -38.78 -8.73
N ASN F 443 -45.72 -39.24 -8.42
CA ASN F 443 -46.25 -39.09 -7.07
C ASN F 443 -45.57 -40.04 -6.09
N SER F 444 -44.92 -41.09 -6.60
CA SER F 444 -44.41 -42.15 -5.73
C SER F 444 -43.15 -41.72 -5.00
N LEU F 445 -42.48 -40.66 -5.47
CA LEU F 445 -41.20 -40.24 -4.90
C LEU F 445 -41.24 -40.18 -3.37
N ALA F 446 -42.10 -39.33 -2.81
CA ALA F 446 -42.28 -39.30 -1.36
C ALA F 446 -40.95 -39.04 -0.66
N VAL F 447 -40.42 -37.82 -0.78
CA VAL F 447 -39.08 -37.53 -0.26
C VAL F 447 -39.12 -37.59 1.26
N THR F 448 -38.60 -38.68 1.82
CA THR F 448 -38.61 -38.89 3.25
C THR F 448 -37.49 -38.08 3.92
N MET F 449 -37.48 -38.05 5.25
CA MET F 449 -36.41 -37.37 5.97
C MET F 449 -35.05 -37.92 5.55
N ASP F 450 -34.97 -39.22 5.28
CA ASP F 450 -33.68 -39.83 4.99
C ASP F 450 -32.97 -39.16 3.80
N ASP F 451 -33.72 -38.54 2.90
CA ASP F 451 -33.11 -37.80 1.80
C ASP F 451 -32.79 -36.36 2.18
N PHE F 452 -33.66 -35.71 2.97
CA PHE F 452 -33.34 -34.38 3.44
C PHE F 452 -32.04 -34.39 4.23
N ARG F 453 -31.94 -35.25 5.24
CA ARG F 453 -30.69 -35.42 5.98
C ARG F 453 -29.47 -35.36 5.06
N TRP F 454 -29.48 -36.15 3.99
CA TRP F 454 -28.36 -36.16 3.05
C TRP F 454 -28.17 -34.79 2.41
N ALA F 455 -29.26 -34.20 1.91
CA ALA F 455 -29.13 -32.91 1.22
C ALA F 455 -28.59 -31.84 2.15
N LEU F 456 -29.10 -31.80 3.39
CA LEU F 456 -28.63 -30.85 4.38
C LEU F 456 -27.15 -31.06 4.68
N SER F 457 -26.74 -32.32 4.84
CA SER F 457 -25.33 -32.61 5.13
C SER F 457 -24.42 -32.38 3.92
N GLN F 458 -24.97 -32.27 2.71
CA GLN F 458 -24.19 -32.09 1.51
C GLN F 458 -24.39 -30.70 0.89
N SER F 459 -24.73 -29.71 1.72
CA SER F 459 -24.91 -28.34 1.27
C SER F 459 -24.17 -27.41 2.21
N ASN F 460 -23.42 -26.46 1.65
CA ASN F 460 -22.63 -25.52 2.43
C ASN F 460 -23.42 -24.24 2.65
N PRO F 461 -23.66 -23.81 3.88
CA PRO F 461 -24.34 -22.52 4.08
C PRO F 461 -23.67 -21.39 3.32
N SER F 462 -24.48 -20.58 2.63
CA SER F 462 -23.95 -19.46 1.88
C SER F 462 -23.44 -18.36 2.80
N ALA F 463 -24.26 -17.97 3.78
CA ALA F 463 -23.96 -16.86 4.68
C ALA F 463 -23.91 -17.40 6.10
N LEU F 464 -22.74 -17.88 6.51
CA LEU F 464 -22.50 -18.38 7.86
C LEU F 464 -21.64 -17.45 8.69
N ARG F 465 -21.12 -16.38 8.11
CA ARG F 465 -20.22 -15.46 8.78
C ARG F 465 -20.78 -14.05 8.75
N GLU F 466 -22.11 -13.94 8.87
CA GLU F 466 -22.81 -12.67 8.90
C GLU F 466 -23.64 -12.60 10.17
N THR F 467 -23.56 -11.47 10.88
CA THR F 467 -24.35 -11.27 12.09
C THR F 467 -25.82 -11.47 11.77
N VAL F 468 -26.44 -12.49 12.34
CA VAL F 468 -27.80 -12.86 12.03
C VAL F 468 -28.74 -12.10 12.94
N VAL F 469 -29.70 -11.39 12.35
CA VAL F 469 -30.74 -10.70 13.10
C VAL F 469 -31.93 -11.64 13.21
N GLU F 470 -32.36 -11.94 14.43
CA GLU F 470 -33.43 -12.90 14.64
C GLU F 470 -34.13 -12.59 15.94
N VAL F 471 -35.37 -13.08 16.06
CA VAL F 471 -36.13 -13.01 17.29
C VAL F 471 -35.94 -14.33 18.03
N PRO F 472 -35.11 -14.39 19.07
CA PRO F 472 -34.82 -15.68 19.70
C PRO F 472 -36.06 -16.28 20.33
N GLN F 473 -36.12 -17.62 20.33
CA GLN F 473 -37.27 -18.37 20.80
C GLN F 473 -37.04 -18.99 22.17
N VAL F 474 -36.26 -18.33 23.02
CA VAL F 474 -36.06 -18.75 24.41
C VAL F 474 -36.94 -17.83 25.26
N THR F 475 -38.04 -18.39 25.79
CA THR F 475 -39.00 -17.61 26.53
C THR F 475 -38.53 -17.37 27.96
N TRP F 476 -39.33 -16.62 28.71
CA TRP F 476 -39.01 -16.36 30.11
C TRP F 476 -38.95 -17.65 30.92
N GLU F 477 -39.76 -18.64 30.54
CA GLU F 477 -39.84 -19.87 31.31
C GLU F 477 -38.50 -20.60 31.32
N ASP F 478 -37.78 -20.59 30.21
CA ASP F 478 -36.53 -21.33 30.13
C ASP F 478 -35.54 -20.87 31.19
N ILE F 479 -35.45 -19.55 31.41
CA ILE F 479 -34.50 -19.00 32.37
C ILE F 479 -35.20 -18.98 33.73
N GLY F 480 -35.06 -20.09 34.45
CA GLY F 480 -35.57 -20.16 35.80
C GLY F 480 -34.59 -19.57 36.79
N GLY F 481 -35.03 -19.49 38.05
CA GLY F 481 -34.16 -19.02 39.10
C GLY F 481 -34.17 -17.51 39.25
N LEU F 482 -33.20 -16.85 38.60
CA LEU F 482 -33.11 -15.39 38.68
C LEU F 482 -34.47 -14.77 38.42
N GLU F 483 -35.02 -14.11 39.43
CA GLU F 483 -36.37 -13.55 39.37
C GLU F 483 -36.39 -12.05 39.55
N ASP F 484 -35.66 -11.53 40.56
CA ASP F 484 -35.55 -10.08 40.71
C ASP F 484 -35.01 -9.45 39.44
N VAL F 485 -34.10 -10.13 38.76
CA VAL F 485 -33.57 -9.63 37.49
C VAL F 485 -34.53 -9.83 36.33
N LYS F 486 -35.43 -10.81 36.40
CA LYS F 486 -36.47 -10.93 35.39
C LYS F 486 -37.50 -9.82 35.50
N ARG F 487 -37.65 -9.21 36.68
CA ARG F 487 -38.53 -8.07 36.85
C ARG F 487 -37.80 -6.74 36.87
N GLU F 488 -36.54 -6.73 37.28
CA GLU F 488 -35.69 -5.54 37.17
C GLU F 488 -35.19 -5.33 35.74
N LEU F 489 -35.26 -6.35 34.89
CA LEU F 489 -34.96 -6.23 33.48
C LEU F 489 -36.20 -6.06 32.61
N GLN F 490 -37.31 -6.72 32.97
CA GLN F 490 -38.56 -6.47 32.26
C GLN F 490 -38.98 -5.02 32.39
N GLU F 491 -38.66 -4.38 33.52
CA GLU F 491 -39.03 -2.98 33.72
C GLU F 491 -38.41 -2.10 32.65
N LEU F 492 -37.07 -2.02 32.61
CA LEU F 492 -36.40 -1.08 31.71
C LEU F 492 -36.83 -1.27 30.26
N VAL F 493 -37.17 -2.49 29.86
CA VAL F 493 -37.45 -2.78 28.47
C VAL F 493 -38.92 -2.56 28.14
N GLN F 494 -39.83 -3.05 28.97
CA GLN F 494 -41.24 -3.07 28.63
C GLN F 494 -42.03 -1.89 29.19
N TYR F 495 -41.52 -1.16 30.19
CA TYR F 495 -42.25 0.00 30.68
C TYR F 495 -42.16 1.19 29.74
N PRO F 496 -40.98 1.60 29.25
CA PRO F 496 -40.92 2.77 28.36
C PRO F 496 -41.48 2.53 26.98
N VAL F 497 -41.95 1.33 26.67
CA VAL F 497 -42.63 1.05 25.42
C VAL F 497 -44.13 0.91 25.62
N GLU F 498 -44.56 0.27 26.72
CA GLU F 498 -45.98 0.06 26.96
C GLU F 498 -46.68 1.35 27.39
N HIS F 499 -46.05 2.12 28.28
CA HIS F 499 -46.60 3.38 28.77
C HIS F 499 -45.54 4.47 28.67
N PRO F 500 -45.19 4.88 27.45
CA PRO F 500 -44.23 5.99 27.30
C PRO F 500 -44.78 7.32 27.78
N ASP F 501 -46.09 7.47 27.92
CA ASP F 501 -46.66 8.75 28.33
C ASP F 501 -46.20 9.12 29.74
N LYS F 502 -46.12 8.16 30.64
CA LYS F 502 -45.66 8.46 31.99
C LYS F 502 -44.20 8.91 31.99
N PHE F 503 -43.36 8.25 31.19
CA PHE F 503 -41.93 8.58 31.19
C PHE F 503 -41.65 10.00 30.70
N LEU F 504 -42.47 10.53 29.79
CA LEU F 504 -42.32 11.90 29.33
C LEU F 504 -43.00 12.90 30.26
N LYS F 505 -43.64 12.42 31.33
CA LYS F 505 -44.24 13.28 32.34
C LYS F 505 -43.28 13.57 33.49
N PHE F 506 -42.72 12.52 34.10
CA PHE F 506 -41.75 12.70 35.17
C PHE F 506 -40.41 13.23 34.67
N GLY F 507 -40.16 13.19 33.37
CA GLY F 507 -39.01 13.83 32.79
C GLY F 507 -37.80 12.93 32.57
N MET F 508 -37.75 11.78 33.23
CA MET F 508 -36.60 10.89 33.06
C MET F 508 -36.56 10.33 31.65
N THR F 509 -35.36 10.23 31.11
CA THR F 509 -35.16 9.56 29.82
C THR F 509 -34.92 8.07 30.06
N PRO F 510 -35.62 7.17 29.36
CA PRO F 510 -35.41 5.74 29.60
C PRO F 510 -33.97 5.35 29.36
N SER F 511 -33.48 4.43 30.18
CA SER F 511 -32.08 4.00 30.14
C SER F 511 -31.91 2.99 29.02
N LYS F 512 -31.27 3.40 27.92
CA LYS F 512 -30.99 2.49 26.80
C LYS F 512 -29.61 1.89 26.97
N GLY F 513 -29.44 1.18 28.09
CA GLY F 513 -28.19 0.51 28.37
C GLY F 513 -28.24 -0.33 29.62
N VAL F 514 -27.77 -1.58 29.51
CA VAL F 514 -27.74 -2.51 30.63
C VAL F 514 -26.58 -3.47 30.42
N LEU F 515 -25.70 -3.59 31.40
CA LEU F 515 -24.63 -4.57 31.36
C LEU F 515 -24.81 -5.55 32.52
N PHE F 516 -24.74 -6.83 32.22
CA PHE F 516 -24.88 -7.88 33.23
C PHE F 516 -23.49 -8.32 33.66
N TYR F 517 -23.18 -8.16 34.94
CA TYR F 517 -21.90 -8.59 35.50
C TYR F 517 -22.17 -9.63 36.57
N GLY F 518 -21.44 -10.74 36.49
CA GLY F 518 -21.63 -11.84 37.41
C GLY F 518 -20.70 -12.99 37.09
N PRO F 519 -20.90 -14.13 37.74
CA PRO F 519 -20.04 -15.27 37.49
C PRO F 519 -20.19 -15.73 36.05
N PRO F 520 -19.11 -16.24 35.46
CA PRO F 520 -19.20 -16.68 34.06
C PRO F 520 -20.23 -17.79 33.89
N GLY F 521 -20.94 -17.75 32.77
CA GLY F 521 -21.95 -18.76 32.50
C GLY F 521 -23.06 -18.77 33.54
N CYS F 522 -23.86 -17.70 33.57
CA CYS F 522 -24.95 -17.61 34.54
C CYS F 522 -26.23 -17.07 33.91
N GLY F 523 -26.36 -17.12 32.60
CA GLY F 523 -27.60 -16.75 31.93
C GLY F 523 -27.66 -15.36 31.33
N LYS F 524 -26.53 -14.64 31.28
CA LYS F 524 -26.53 -13.31 30.68
C LYS F 524 -27.05 -13.37 29.24
N THR F 525 -26.47 -14.25 28.42
CA THR F 525 -26.96 -14.42 27.06
C THR F 525 -28.40 -14.87 27.06
N LEU F 526 -28.75 -15.80 27.96
CA LEU F 526 -30.12 -16.29 28.04
C LEU F 526 -31.08 -15.17 28.43
N LEU F 527 -30.70 -14.34 29.40
CA LEU F 527 -31.56 -13.23 29.80
C LEU F 527 -31.74 -12.24 28.67
N ALA F 528 -30.66 -11.91 27.96
CA ALA F 528 -30.79 -10.99 26.83
C ALA F 528 -31.69 -11.57 25.74
N LYS F 529 -31.54 -12.86 25.45
CA LYS F 529 -32.38 -13.49 24.44
C LYS F 529 -33.84 -13.51 24.88
N ALA F 530 -34.09 -13.75 26.17
CA ALA F 530 -35.46 -13.72 26.67
C ALA F 530 -36.06 -12.32 26.56
N ILE F 531 -35.26 -11.30 26.87
CA ILE F 531 -35.73 -9.93 26.69
C ILE F 531 -36.10 -9.67 25.24
N ALA F 532 -35.25 -10.12 24.31
CA ALA F 532 -35.57 -9.99 22.90
C ALA F 532 -36.87 -10.71 22.56
N ASN F 533 -37.05 -11.91 23.11
CA ASN F 533 -38.24 -12.69 22.82
C ASN F 533 -39.50 -11.99 23.29
N GLU F 534 -39.46 -11.40 24.49
CA GLU F 534 -40.68 -10.86 25.08
C GLU F 534 -41.28 -9.77 24.20
N CYS F 535 -40.49 -8.75 23.88
CA CYS F 535 -40.98 -7.67 23.03
C CYS F 535 -40.61 -7.90 21.57
N GLN F 536 -40.83 -9.13 21.09
CA GLN F 536 -40.72 -9.50 19.68
C GLN F 536 -39.60 -8.73 18.99
N ALA F 537 -38.41 -8.72 19.57
CA ALA F 537 -37.32 -7.85 19.15
C ALA F 537 -36.16 -8.67 18.59
N ASN F 538 -35.49 -8.11 17.60
CA ASN F 538 -34.30 -8.72 17.05
C ASN F 538 -33.20 -8.76 18.10
N PHE F 539 -32.29 -9.73 17.95
CA PHE F 539 -31.24 -9.98 18.94
C PHE F 539 -29.93 -10.21 18.19
N ILE F 540 -29.08 -9.17 18.15
CA ILE F 540 -27.79 -9.24 17.50
C ILE F 540 -26.74 -9.40 18.61
N SER F 541 -26.17 -10.60 18.70
CA SER F 541 -25.13 -10.89 19.68
C SER F 541 -23.78 -10.83 18.98
N ILE F 542 -22.94 -9.89 19.40
CA ILE F 542 -21.55 -9.84 18.96
C ILE F 542 -20.68 -10.40 20.08
N LYS F 543 -20.41 -11.70 20.01
CA LYS F 543 -19.70 -12.38 21.07
C LYS F 543 -18.29 -11.82 21.22
N GLY F 544 -17.66 -12.15 22.34
CA GLY F 544 -16.34 -11.67 22.66
C GLY F 544 -15.31 -12.00 21.60
N PRO F 545 -15.34 -13.23 21.07
CA PRO F 545 -14.41 -13.56 19.98
C PRO F 545 -14.52 -12.65 18.77
N GLU F 546 -15.71 -12.18 18.43
CA GLU F 546 -15.83 -11.24 17.32
C GLU F 546 -15.16 -9.91 17.63
N LEU F 547 -15.34 -9.40 18.86
CA LEU F 547 -14.66 -8.17 19.24
C LEU F 547 -13.15 -8.36 19.26
N LEU F 548 -12.68 -9.54 19.67
CA LEU F 548 -11.25 -9.83 19.59
C LEU F 548 -10.79 -9.90 18.15
N THR F 549 -11.60 -10.43 17.24
CA THR F 549 -11.25 -10.43 15.83
C THR F 549 -11.08 -9.00 15.32
N MET F 550 -11.98 -8.11 15.70
CA MET F 550 -11.83 -6.71 15.31
C MET F 550 -10.59 -6.07 15.93
N TRP F 551 -10.34 -6.34 17.22
CA TRP F 551 -9.22 -5.69 17.90
C TRP F 551 -7.89 -6.16 17.33
N PHE F 552 -7.70 -7.48 17.22
CA PHE F 552 -6.47 -8.02 16.67
C PHE F 552 -6.28 -7.59 15.22
N GLY F 553 -7.36 -7.60 14.44
CA GLY F 553 -7.27 -7.31 13.02
C GLY F 553 -7.02 -5.86 12.68
N GLU F 554 -6.93 -4.98 13.67
CA GLU F 554 -6.70 -3.55 13.43
C GLU F 554 -7.81 -3.00 12.52
N SER F 555 -9.04 -3.44 12.76
CA SER F 555 -10.20 -3.08 11.96
C SER F 555 -11.37 -2.69 12.86
N GLU F 556 -11.10 -1.83 13.84
CA GLU F 556 -12.16 -1.39 14.73
C GLU F 556 -13.25 -0.64 13.97
N ALA F 557 -12.96 -0.12 12.77
CA ALA F 557 -13.99 0.54 11.98
C ALA F 557 -15.12 -0.41 11.64
N ASN F 558 -14.85 -1.73 11.62
CA ASN F 558 -15.91 -2.70 11.38
C ASN F 558 -17.02 -2.56 12.41
N VAL F 559 -16.70 -2.06 13.60
CA VAL F 559 -17.72 -1.86 14.62
C VAL F 559 -18.81 -0.94 14.10
N ARG F 560 -18.42 0.09 13.34
CA ARG F 560 -19.41 1.00 12.76
C ARG F 560 -20.47 0.24 11.99
N GLU F 561 -20.08 -0.84 11.32
CA GLU F 561 -21.05 -1.65 10.59
C GLU F 561 -22.02 -2.34 11.55
N ILE F 562 -21.48 -2.96 12.61
CA ILE F 562 -22.32 -3.74 13.51
C ILE F 562 -23.43 -2.87 14.08
N PHE F 563 -23.07 -1.71 14.62
CA PHE F 563 -24.09 -0.79 15.13
C PHE F 563 -25.09 -0.45 14.04
N ASP F 564 -24.59 -0.15 12.83
CA ASP F 564 -25.49 0.11 11.72
C ASP F 564 -26.39 -1.08 11.46
N LYS F 565 -25.83 -2.30 11.52
CA LYS F 565 -26.66 -3.49 11.34
C LYS F 565 -27.80 -3.52 12.34
N ALA F 566 -27.58 -2.99 13.55
CA ALA F 566 -28.67 -2.90 14.53
C ALA F 566 -29.61 -1.76 14.21
N ARG F 567 -29.09 -0.65 13.69
CA ARG F 567 -29.94 0.51 13.43
C ARG F 567 -30.97 0.21 12.35
N GLN F 568 -30.56 -0.43 11.26
CA GLN F 568 -31.48 -0.70 10.16
C GLN F 568 -32.54 -1.73 10.52
N ALA F 569 -32.41 -2.42 11.65
CA ALA F 569 -33.34 -3.45 12.05
C ALA F 569 -34.47 -2.88 12.89
N ALA F 570 -35.42 -3.73 13.23
CA ALA F 570 -36.54 -3.38 14.08
C ALA F 570 -36.02 -3.27 15.52
N PRO F 571 -36.90 -3.02 16.51
CA PRO F 571 -36.43 -2.97 17.90
C PRO F 571 -35.43 -4.08 18.20
N CYS F 572 -34.23 -3.70 18.61
CA CYS F 572 -33.08 -4.59 18.59
C CYS F 572 -32.30 -4.45 19.89
N VAL F 573 -32.14 -5.56 20.60
CA VAL F 573 -31.26 -5.59 21.79
C VAL F 573 -29.88 -5.97 21.29
N LEU F 574 -29.15 -4.97 20.81
CA LEU F 574 -27.76 -5.21 20.40
C LEU F 574 -26.97 -5.63 21.63
N PHE F 575 -26.58 -6.90 21.68
CA PHE F 575 -26.07 -7.51 22.89
C PHE F 575 -24.58 -7.80 22.74
N PHE F 576 -23.77 -7.13 23.55
CA PHE F 576 -22.31 -7.32 23.52
C PHE F 576 -21.96 -8.45 24.48
N ASP F 577 -22.20 -9.68 24.02
CA ASP F 577 -21.93 -10.85 24.83
C ASP F 577 -20.44 -10.93 25.15
N GLU F 578 -20.14 -11.36 26.38
CA GLU F 578 -18.76 -11.52 26.83
C GLU F 578 -17.97 -10.23 26.64
N LEU F 579 -18.59 -9.10 26.96
CA LEU F 579 -17.89 -7.84 26.91
C LEU F 579 -16.75 -7.85 27.92
N ASP F 580 -15.75 -7.01 27.66
CA ASP F 580 -14.46 -6.90 28.34
C ASP F 580 -13.48 -7.96 27.86
N SER F 581 -13.88 -8.84 26.95
CA SER F 581 -12.94 -9.82 26.41
C SER F 581 -11.73 -9.13 25.80
N ILE F 582 -11.92 -7.95 25.22
CA ILE F 582 -10.80 -7.22 24.65
C ILE F 582 -9.78 -6.90 25.73
N ALA F 583 -10.25 -6.41 26.88
CA ALA F 583 -9.36 -6.11 27.99
C ALA F 583 -8.83 -7.39 28.65
N LYS F 584 -9.68 -8.42 28.74
CA LYS F 584 -9.22 -9.68 29.31
C LYS F 584 -8.11 -10.31 28.49
N ALA F 585 -8.06 -10.01 27.18
CA ALA F 585 -7.05 -10.56 26.31
C ALA F 585 -5.71 -9.84 26.41
N ARG F 586 -5.63 -8.75 27.17
CA ARG F 586 -4.39 -8.01 27.36
C ARG F 586 -4.19 -7.68 28.84
N GLY F 587 -4.41 -8.68 29.69
CA GLY F 587 -4.24 -8.50 31.12
C GLY F 587 -5.37 -7.73 31.76
N GLY F 588 -5.49 -6.45 31.42
CA GLY F 588 -6.55 -5.61 31.96
C GLY F 588 -6.05 -4.24 32.37
N ASN F 589 -6.74 -3.63 33.34
CA ASN F 589 -6.32 -2.32 33.82
C ASN F 589 -4.93 -2.37 34.45
N ILE F 590 -4.52 -3.53 34.95
CA ILE F 590 -3.21 -3.72 35.54
C ILE F 590 -2.57 -4.94 34.90
N GLY F 591 -1.24 -4.97 34.91
CA GLY F 591 -0.48 -6.01 34.28
C GLY F 591 -0.09 -5.74 32.84
N ASP F 592 -0.56 -4.63 32.26
CA ASP F 592 -0.22 -4.25 30.90
C ASP F 592 0.17 -2.79 30.87
N GLY F 593 1.04 -2.43 29.92
CA GLY F 593 1.49 -1.06 29.82
C GLY F 593 0.35 -0.10 29.50
N GLY F 594 -0.61 -0.54 28.69
CA GLY F 594 -1.72 0.31 28.31
C GLY F 594 -2.76 0.43 29.40
N GLY F 595 -3.70 1.35 29.17
CA GLY F 595 -4.77 1.62 30.10
C GLY F 595 -5.99 0.75 29.84
N ALA F 596 -7.08 1.09 30.53
CA ALA F 596 -8.31 0.32 30.38
C ALA F 596 -8.88 0.41 28.97
N ALA F 597 -8.84 1.58 28.37
CA ALA F 597 -9.42 1.76 27.05
C ALA F 597 -8.59 1.07 25.99
N ASP F 598 -9.24 0.74 24.88
CA ASP F 598 -8.60 0.05 23.76
C ASP F 598 -9.35 0.38 22.48
N ARG F 599 -8.97 -0.27 21.39
CA ARG F 599 -9.56 0.03 20.08
C ARG F 599 -11.05 -0.27 20.08
N VAL F 600 -11.41 -1.54 20.26
CA VAL F 600 -12.79 -1.96 20.01
C VAL F 600 -13.73 -1.39 21.05
N ILE F 601 -13.34 -1.38 22.32
CA ILE F 601 -14.22 -0.82 23.35
C ILE F 601 -14.41 0.67 23.12
N ASN F 602 -13.34 1.38 22.73
CA ASN F 602 -13.48 2.81 22.46
C ASN F 602 -14.39 3.07 21.28
N GLN F 603 -14.28 2.26 20.22
CA GLN F 603 -15.16 2.44 19.07
C GLN F 603 -16.61 2.14 19.44
N ILE F 604 -16.82 1.10 20.25
CA ILE F 604 -18.16 0.79 20.74
C ILE F 604 -18.72 1.98 21.52
N LEU F 605 -17.89 2.57 22.39
CA LEU F 605 -18.33 3.72 23.17
C LEU F 605 -18.69 4.88 22.25
N THR F 606 -17.86 5.15 21.24
CA THR F 606 -18.11 6.27 20.33
C THR F 606 -19.40 6.06 19.55
N GLU F 607 -19.60 4.87 18.99
CA GLU F 607 -20.77 4.62 18.17
C GLU F 607 -22.03 4.49 19.00
N MET F 608 -21.90 4.09 20.27
CA MET F 608 -23.07 3.93 21.12
C MET F 608 -23.78 5.25 21.36
N ASP F 609 -23.01 6.33 21.57
CA ASP F 609 -23.62 7.63 21.78
C ASP F 609 -24.50 8.05 20.62
N GLY F 610 -24.17 7.62 19.40
CA GLY F 610 -25.07 7.87 18.29
C GLY F 610 -26.39 7.16 18.43
N MET F 611 -26.37 5.91 18.92
CA MET F 611 -27.57 5.13 19.14
C MET F 611 -28.17 5.34 20.53
N SER F 612 -27.81 6.43 21.21
CA SER F 612 -28.47 6.82 22.44
C SER F 612 -29.76 7.58 22.19
N THR F 613 -30.07 7.89 20.92
CA THR F 613 -31.29 8.60 20.55
C THR F 613 -32.06 7.83 19.48
N LYS F 614 -31.84 6.52 19.39
CA LYS F 614 -32.52 5.68 18.41
C LYS F 614 -33.82 5.10 18.94
N LYS F 615 -34.02 5.14 20.26
CA LYS F 615 -35.30 4.85 20.93
C LYS F 615 -35.92 3.53 20.49
N ASN F 616 -35.14 2.64 19.88
CA ASN F 616 -35.62 1.30 19.57
C ASN F 616 -34.56 0.27 19.96
N VAL F 617 -33.30 0.68 19.97
CA VAL F 617 -32.21 -0.20 20.34
C VAL F 617 -31.94 -0.07 21.83
N PHE F 618 -31.65 -1.19 22.47
CA PHE F 618 -31.56 -1.31 23.92
C PHE F 618 -30.24 -1.96 24.30
N ILE F 619 -29.14 -1.35 23.84
CA ILE F 619 -27.81 -1.94 23.91
C ILE F 619 -27.63 -2.66 25.25
N ILE F 620 -27.22 -3.94 25.20
CA ILE F 620 -26.99 -4.74 26.39
C ILE F 620 -25.54 -5.20 26.38
N GLY F 621 -24.95 -5.31 27.57
CA GLY F 621 -23.61 -5.83 27.72
C GLY F 621 -23.60 -7.01 28.66
N ALA F 622 -22.57 -7.85 28.53
CA ALA F 622 -22.38 -8.98 29.41
C ALA F 622 -20.89 -9.09 29.73
N THR F 623 -20.57 -9.27 31.01
CA THR F 623 -19.19 -9.32 31.45
C THR F 623 -19.04 -10.38 32.53
N ASN F 624 -18.04 -11.24 32.37
CA ASN F 624 -17.69 -12.23 33.38
C ASN F 624 -16.69 -11.71 34.40
N ARG F 625 -16.19 -10.49 34.22
CA ARG F 625 -15.18 -9.91 35.10
C ARG F 625 -15.25 -8.39 34.97
N PRO F 626 -16.17 -7.73 35.68
CA PRO F 626 -16.46 -6.32 35.36
C PRO F 626 -15.36 -5.36 35.77
N ASP F 627 -14.61 -5.65 36.83
CA ASP F 627 -13.70 -4.65 37.39
C ASP F 627 -12.66 -4.16 36.40
N ILE F 628 -12.35 -4.95 35.36
CA ILE F 628 -11.39 -4.49 34.35
C ILE F 628 -12.04 -3.56 33.33
N ILE F 629 -13.37 -3.58 33.20
CA ILE F 629 -14.02 -2.71 32.21
C ILE F 629 -13.71 -1.25 32.53
N ASP F 630 -13.39 -0.50 31.48
CA ASP F 630 -13.20 0.93 31.65
C ASP F 630 -14.52 1.57 32.07
N PRO F 631 -14.53 2.39 33.13
CA PRO F 631 -15.80 2.98 33.58
C PRO F 631 -16.36 4.03 32.65
N ALA F 632 -15.72 4.30 31.51
CA ALA F 632 -16.22 5.30 30.59
C ALA F 632 -17.56 4.91 29.96
N ILE F 633 -17.86 3.61 29.90
CA ILE F 633 -19.09 3.16 29.27
C ILE F 633 -20.26 3.09 30.24
N LEU F 634 -19.99 2.85 31.53
CA LEU F 634 -21.05 2.67 32.52
C LEU F 634 -21.40 3.99 33.21
N ARG F 635 -21.69 4.99 32.39
CA ARG F 635 -22.14 6.29 32.85
C ARG F 635 -23.30 6.75 31.98
N PRO F 636 -24.12 7.69 32.47
CA PRO F 636 -25.41 8.00 31.81
C PRO F 636 -25.34 8.10 30.29
N GLY F 637 -26.43 7.71 29.65
CA GLY F 637 -26.49 7.63 28.19
C GLY F 637 -25.99 6.30 27.66
N ARG F 638 -24.85 5.86 28.16
CA ARG F 638 -24.25 4.58 27.81
C ARG F 638 -24.74 3.52 28.81
N LEU F 639 -24.06 2.38 28.88
CA LEU F 639 -24.56 1.26 29.68
C LEU F 639 -24.49 1.61 31.15
N ASP F 640 -25.29 2.58 31.58
CA ASP F 640 -25.18 3.12 32.93
C ASP F 640 -25.75 2.16 33.97
N GLN F 641 -26.83 1.45 33.64
CA GLN F 641 -27.55 0.65 34.62
C GLN F 641 -26.84 -0.70 34.76
N LEU F 642 -26.09 -0.86 35.85
CA LEU F 642 -25.50 -2.16 36.15
C LEU F 642 -26.56 -3.09 36.75
N ILE F 643 -26.50 -4.35 36.35
CA ILE F 643 -27.37 -5.38 36.89
C ILE F 643 -26.51 -6.57 37.31
N TYR F 644 -26.71 -7.05 38.54
CA TYR F 644 -25.96 -8.17 39.07
C TYR F 644 -26.84 -9.42 39.04
N ILE F 645 -26.41 -10.44 38.32
CA ILE F 645 -27.03 -11.75 38.38
C ILE F 645 -26.15 -12.64 39.26
N PRO F 646 -26.60 -13.05 40.44
CA PRO F 646 -25.76 -13.86 41.31
C PRO F 646 -25.76 -15.32 40.87
N LEU F 647 -24.83 -16.08 41.43
CA LEU F 647 -24.85 -17.51 41.22
C LEU F 647 -26.14 -18.07 41.80
N PRO F 648 -26.79 -19.02 41.12
CA PRO F 648 -28.14 -19.42 41.54
C PRO F 648 -28.16 -19.99 42.95
N ASP F 649 -29.24 -19.69 43.68
CA ASP F 649 -29.45 -20.19 45.02
C ASP F 649 -30.18 -21.54 44.97
N GLU F 650 -30.59 -22.02 46.16
CA GLU F 650 -31.20 -23.34 46.25
C GLU F 650 -32.42 -23.47 45.34
N LYS F 651 -33.45 -22.66 45.62
CA LYS F 651 -34.66 -22.70 44.80
C LYS F 651 -34.35 -22.36 43.36
N SER F 652 -33.45 -21.40 43.14
CA SER F 652 -33.08 -21.04 41.78
C SER F 652 -32.37 -22.19 41.08
N ARG F 653 -31.52 -22.93 41.79
CA ARG F 653 -30.88 -24.09 41.17
C ARG F 653 -31.90 -25.18 40.86
N VAL F 654 -32.90 -25.36 41.73
CA VAL F 654 -33.97 -26.31 41.42
C VAL F 654 -34.67 -25.89 40.13
N ALA F 655 -35.00 -24.60 40.01
CA ALA F 655 -35.67 -24.10 38.82
C ALA F 655 -34.81 -24.29 37.58
N ILE F 656 -33.52 -24.01 37.69
CA ILE F 656 -32.63 -24.16 36.54
C ILE F 656 -32.54 -25.62 36.12
N LEU F 657 -32.41 -26.53 37.10
CA LEU F 657 -32.39 -27.95 36.80
C LEU F 657 -33.65 -28.36 36.04
N LYS F 658 -34.81 -27.99 36.58
CA LYS F 658 -36.07 -28.38 35.93
C LYS F 658 -36.18 -27.76 34.54
N ALA F 659 -35.69 -26.53 34.37
CA ALA F 659 -35.87 -25.85 33.09
C ALA F 659 -34.93 -26.40 32.02
N ASN F 660 -33.70 -26.75 32.39
CA ASN F 660 -32.75 -27.24 31.40
C ASN F 660 -32.80 -28.75 31.21
N LEU F 661 -33.48 -29.49 32.09
CA LEU F 661 -33.82 -30.87 31.80
C LEU F 661 -35.16 -30.99 31.08
N ARG F 662 -35.91 -29.90 30.97
CA ARG F 662 -37.14 -29.89 30.21
C ARG F 662 -36.85 -30.19 28.74
N LYS F 663 -37.85 -30.73 28.05
CA LYS F 663 -37.73 -31.14 26.65
C LYS F 663 -36.77 -32.32 26.52
N SER F 664 -36.74 -33.19 27.53
CA SER F 664 -35.92 -34.39 27.52
C SER F 664 -36.55 -35.37 28.49
N PRO F 665 -36.65 -36.66 28.14
CA PRO F 665 -37.24 -37.62 29.08
C PRO F 665 -36.48 -37.67 30.40
N VAL F 666 -37.24 -37.80 31.48
CA VAL F 666 -36.66 -37.88 32.83
C VAL F 666 -37.57 -38.77 33.67
N ALA F 667 -36.96 -39.57 34.54
CA ALA F 667 -37.71 -40.54 35.33
C ALA F 667 -38.38 -39.87 36.51
N LYS F 668 -39.35 -40.58 37.09
CA LYS F 668 -39.99 -40.12 38.32
C LYS F 668 -39.09 -40.33 39.54
N ASP F 669 -38.10 -41.22 39.43
CA ASP F 669 -37.25 -41.52 40.58
C ASP F 669 -36.46 -40.28 41.02
N VAL F 670 -35.95 -39.50 40.07
CA VAL F 670 -35.12 -38.35 40.42
C VAL F 670 -35.96 -37.32 41.18
N ASP F 671 -35.36 -36.75 42.23
CA ASP F 671 -35.94 -35.63 42.97
C ASP F 671 -34.93 -34.48 42.89
N LEU F 672 -35.23 -33.48 42.08
CA LEU F 672 -34.25 -32.44 41.77
C LEU F 672 -33.92 -31.56 42.96
N GLU F 673 -34.73 -31.56 44.02
CA GLU F 673 -34.43 -30.76 45.20
C GLU F 673 -33.12 -31.21 45.84
N PHE F 674 -32.95 -32.53 46.00
CA PHE F 674 -31.74 -33.05 46.61
C PHE F 674 -30.52 -32.75 45.75
N LEU F 675 -30.65 -32.90 44.43
CA LEU F 675 -29.55 -32.56 43.54
C LEU F 675 -29.20 -31.09 43.65
N ALA F 676 -30.21 -30.22 43.71
CA ALA F 676 -29.96 -28.78 43.79
C ALA F 676 -29.23 -28.43 45.08
N LYS F 677 -29.69 -28.96 46.21
CA LYS F 677 -29.02 -28.64 47.47
C LYS F 677 -27.61 -29.21 47.49
N MET F 678 -27.42 -30.43 46.97
CA MET F 678 -26.07 -30.94 46.80
C MET F 678 -25.28 -30.11 45.80
N THR F 679 -25.96 -29.52 44.82
CA THR F 679 -25.34 -28.60 43.89
C THR F 679 -25.11 -27.26 44.60
N ASN F 680 -24.11 -27.23 45.49
CA ASN F 680 -23.99 -26.14 46.44
C ASN F 680 -23.58 -24.83 45.77
N GLY F 681 -22.55 -24.87 44.93
CA GLY F 681 -21.99 -23.64 44.39
C GLY F 681 -21.74 -23.68 42.90
N PHE F 682 -22.62 -24.34 42.16
CA PHE F 682 -22.45 -24.50 40.72
C PHE F 682 -23.25 -23.43 39.98
N SER F 683 -22.62 -22.81 38.99
CA SER F 683 -23.27 -21.77 38.20
C SER F 683 -24.27 -22.40 37.25
N GLY F 684 -24.92 -21.56 36.43
CA GLY F 684 -25.86 -22.07 35.46
C GLY F 684 -25.19 -22.90 34.38
N ALA F 685 -24.06 -22.43 33.86
CA ALA F 685 -23.39 -23.13 32.77
C ALA F 685 -22.93 -24.52 33.20
N ASP F 686 -22.23 -24.60 34.34
CA ASP F 686 -21.76 -25.90 34.81
C ASP F 686 -22.89 -26.78 35.35
N LEU F 687 -23.99 -26.20 35.81
CA LEU F 687 -25.15 -27.02 36.17
C LEU F 687 -25.79 -27.65 34.94
N THR F 688 -25.96 -26.86 33.87
CA THR F 688 -26.40 -27.45 32.61
C THR F 688 -25.37 -28.46 32.10
N GLU F 689 -24.09 -28.24 32.40
CA GLU F 689 -23.08 -29.24 32.06
C GLU F 689 -23.31 -30.54 32.82
N ILE F 690 -23.67 -30.45 34.09
CA ILE F 690 -24.02 -31.64 34.85
C ILE F 690 -25.19 -32.36 34.20
N CYS F 691 -26.22 -31.61 33.81
CA CYS F 691 -27.36 -32.23 33.15
C CYS F 691 -26.96 -32.88 31.83
N GLN F 692 -26.09 -32.22 31.08
CA GLN F 692 -25.62 -32.77 29.80
C GLN F 692 -24.80 -34.04 30.02
N ARG F 693 -23.98 -34.08 31.07
CA ARG F 693 -23.23 -35.30 31.37
C ARG F 693 -24.18 -36.43 31.76
N ALA F 694 -25.22 -36.12 32.53
CA ALA F 694 -26.21 -37.13 32.87
C ALA F 694 -26.88 -37.68 31.62
N CYS F 695 -27.27 -36.78 30.71
CA CYS F 695 -27.91 -37.23 29.47
C CYS F 695 -26.93 -38.00 28.59
N LYS F 696 -25.65 -37.60 28.59
CA LYS F 696 -24.64 -38.29 27.80
C LYS F 696 -24.44 -39.71 28.31
N LEU F 697 -24.37 -39.89 29.63
CA LEU F 697 -24.23 -41.23 30.17
C LEU F 697 -25.50 -42.05 29.93
N ALA F 698 -26.67 -41.42 30.03
CA ALA F 698 -27.90 -42.13 29.76
C ALA F 698 -27.96 -42.61 28.31
N ILE F 699 -27.57 -41.76 27.36
CA ILE F 699 -27.58 -42.15 25.96
C ILE F 699 -26.53 -43.22 25.69
N ARG F 700 -25.38 -43.15 26.37
CA ARG F 700 -24.39 -44.20 26.22
C ARG F 700 -24.94 -45.54 26.71
N GLU F 701 -25.62 -45.54 27.86
CA GLU F 701 -26.23 -46.77 28.36
C GLU F 701 -27.28 -47.28 27.39
N SER F 702 -28.12 -46.38 26.87
CA SER F 702 -29.18 -46.78 25.95
C SER F 702 -28.60 -47.39 24.68
N ILE F 703 -27.57 -46.77 24.11
CA ILE F 703 -27.01 -47.28 22.87
C ILE F 703 -26.27 -48.60 23.11
N GLU F 704 -25.61 -48.73 24.27
CA GLU F 704 -24.98 -50.00 24.60
C GLU F 704 -26.01 -51.10 24.72
N SER F 705 -27.14 -50.81 25.38
CA SER F 705 -28.21 -51.80 25.48
C SER F 705 -28.79 -52.12 24.11
N GLU F 706 -28.88 -51.11 23.23
CA GLU F 706 -29.42 -51.34 21.89
C GLU F 706 -28.52 -52.27 21.09
N ILE F 707 -27.21 -52.04 21.14
CA ILE F 707 -26.30 -52.91 20.40
C ILE F 707 -26.27 -54.31 21.02
N ARG F 708 -26.42 -54.41 22.34
CA ARG F 708 -26.52 -55.73 22.96
C ARG F 708 -27.78 -56.45 22.50
N ARG F 709 -28.90 -55.72 22.39
CA ARG F 709 -30.13 -56.32 21.88
C ARG F 709 -29.96 -56.76 20.43
N GLU F 710 -29.22 -55.98 19.63
CA GLU F 710 -28.90 -56.41 18.28
C GLU F 710 -28.09 -57.70 18.30
N ARG F 711 -27.14 -57.81 19.23
CA ARG F 711 -26.38 -59.04 19.38
C ARG F 711 -27.30 -60.22 19.66
N GLU F 712 -28.25 -60.03 20.58
CA GLU F 712 -29.22 -61.10 20.86
C GLU F 712 -30.02 -61.45 19.61
N ARG F 713 -30.44 -60.42 18.85
CA ARG F 713 -31.21 -60.65 17.65
C ARG F 713 -30.44 -61.48 16.63
N GLN F 714 -29.16 -61.17 16.45
CA GLN F 714 -28.36 -61.85 15.43
C GLN F 714 -28.09 -63.31 15.80
N THR F 715 -27.92 -63.59 17.09
CA THR F 715 -27.58 -64.94 17.54
C THR F 715 -28.82 -65.83 17.49
N ASN F 716 -28.71 -67.03 18.05
CA ASN F 716 -29.76 -68.03 17.88
C ASN F 716 -31.12 -67.61 18.43
N PRO F 717 -31.25 -67.00 19.62
CA PRO F 717 -32.61 -66.76 20.14
C PRO F 717 -33.46 -65.86 19.27
N SER F 718 -32.85 -65.02 18.43
CA SER F 718 -33.58 -64.16 17.53
C SER F 718 -34.52 -63.22 18.29
N GLU F 724 -40.02 -54.92 26.51
CA GLU F 724 -38.63 -55.34 26.54
C GLU F 724 -37.80 -54.58 25.50
N ASP F 725 -38.45 -53.70 24.74
CA ASP F 725 -37.78 -52.91 23.71
C ASP F 725 -37.27 -51.58 24.23
N ASP F 726 -37.42 -51.30 25.52
CA ASP F 726 -37.00 -50.03 26.12
C ASP F 726 -36.16 -50.31 27.35
N PRO F 727 -34.90 -50.71 27.17
CA PRO F 727 -34.04 -50.89 28.36
C PRO F 727 -33.88 -49.62 29.18
N VAL F 728 -33.80 -48.47 28.53
CA VAL F 728 -33.64 -47.19 29.22
C VAL F 728 -34.41 -46.12 28.44
N PRO F 729 -35.73 -46.02 28.63
CA PRO F 729 -36.52 -45.02 27.90
C PRO F 729 -36.49 -43.62 28.49
N GLU F 730 -35.66 -43.34 29.49
CA GLU F 730 -35.46 -41.98 29.97
C GLU F 730 -34.13 -41.92 30.71
N ILE F 731 -33.68 -40.69 30.96
CA ILE F 731 -32.48 -40.45 31.75
C ILE F 731 -32.75 -40.95 33.16
N ARG F 732 -32.07 -42.02 33.56
CA ARG F 732 -32.33 -42.64 34.85
C ARG F 732 -31.58 -41.91 35.96
N ARG F 733 -31.91 -42.28 37.20
CA ARG F 733 -31.42 -41.52 38.35
C ARG F 733 -29.94 -41.76 38.60
N ASP F 734 -29.49 -43.02 38.53
CA ASP F 734 -28.07 -43.30 38.73
C ASP F 734 -27.22 -42.67 37.65
N HIS F 735 -27.78 -42.41 36.46
CA HIS F 735 -27.05 -41.62 35.47
C HIS F 735 -26.77 -40.22 35.99
N PHE F 736 -27.76 -39.59 36.62
CA PHE F 736 -27.54 -38.30 37.26
C PHE F 736 -26.51 -38.42 38.38
N GLU F 737 -26.58 -39.51 39.15
CA GLU F 737 -25.58 -39.74 40.19
C GLU F 737 -24.17 -39.72 39.62
N GLU F 738 -23.93 -40.51 38.57
CA GLU F 738 -22.59 -40.60 38.01
C GLU F 738 -22.17 -39.27 37.38
N ALA F 739 -23.11 -38.58 36.71
CA ALA F 739 -22.77 -37.30 36.11
C ALA F 739 -22.39 -36.28 37.18
N MET F 740 -23.13 -36.24 38.29
CA MET F 740 -22.76 -35.35 39.38
C MET F 740 -21.40 -35.72 39.95
N ARG F 741 -21.12 -37.02 40.07
CA ARG F 741 -19.78 -37.45 40.44
C ARG F 741 -18.74 -36.96 39.44
N PHE F 742 -19.14 -36.75 38.19
CA PHE F 742 -18.26 -36.25 37.14
C PHE F 742 -18.38 -34.74 36.95
N ALA F 743 -19.04 -34.05 37.87
CA ALA F 743 -19.31 -32.62 37.71
C ALA F 743 -18.03 -31.82 37.91
N ARG F 744 -18.14 -30.50 37.70
CA ARG F 744 -17.01 -29.60 37.88
C ARG F 744 -17.54 -28.18 38.04
N ARG F 745 -16.91 -27.41 38.93
CA ARG F 745 -17.30 -26.04 39.22
C ARG F 745 -16.22 -25.09 38.70
N SER F 746 -16.66 -23.96 38.14
CA SER F 746 -15.76 -23.02 37.47
C SER F 746 -15.55 -21.73 38.24
N VAL F 747 -16.17 -21.56 39.41
CA VAL F 747 -16.08 -20.32 40.18
C VAL F 747 -15.65 -20.67 41.60
N SER F 748 -14.67 -19.92 42.12
CA SER F 748 -14.18 -20.10 43.46
C SER F 748 -14.74 -19.02 44.38
N ASP F 749 -14.41 -19.12 45.67
CA ASP F 749 -14.94 -18.16 46.64
C ASP F 749 -14.46 -16.75 46.34
N ASN F 750 -13.18 -16.58 46.04
CA ASN F 750 -12.66 -15.26 45.73
C ASN F 750 -13.29 -14.68 44.48
N ASP F 751 -13.48 -15.50 43.43
CA ASP F 751 -14.09 -14.99 42.20
C ASP F 751 -15.51 -14.50 42.43
N ILE F 752 -16.31 -15.28 43.17
CA ILE F 752 -17.69 -14.87 43.42
C ILE F 752 -17.74 -13.65 44.33
N ARG F 753 -16.84 -13.57 45.31
CA ARG F 753 -16.81 -12.39 46.17
C ARG F 753 -16.36 -11.15 45.40
N LYS F 754 -15.55 -11.33 44.36
CA LYS F 754 -15.07 -10.18 43.59
C LYS F 754 -16.21 -9.42 42.96
N TYR F 755 -17.24 -10.13 42.47
CA TYR F 755 -18.35 -9.44 41.82
C TYR F 755 -19.11 -8.56 42.80
N GLU F 756 -19.38 -9.06 44.01
CA GLU F 756 -20.08 -8.23 44.99
C GLU F 756 -19.19 -7.09 45.47
N MET F 757 -17.88 -7.33 45.60
CA MET F 757 -16.98 -6.24 45.99
C MET F 757 -16.99 -5.14 44.93
N PHE F 758 -16.99 -5.51 43.66
CA PHE F 758 -17.13 -4.51 42.60
C PHE F 758 -18.47 -3.81 42.68
N ALA F 759 -19.54 -4.57 42.94
CA ALA F 759 -20.87 -3.97 43.06
C ALA F 759 -20.89 -2.91 44.15
N GLN F 760 -20.10 -3.09 45.21
CA GLN F 760 -20.03 -2.07 46.25
C GLN F 760 -19.56 -0.73 45.71
N THR F 761 -18.86 -0.71 44.56
CA THR F 761 -18.37 0.55 44.02
C THR F 761 -19.52 1.48 43.67
N LEU F 762 -20.56 0.96 43.02
CA LEU F 762 -21.75 1.73 42.65
C LEU F 762 -22.93 1.43 43.56
N GLN F 763 -22.68 0.88 44.75
CA GLN F 763 -23.70 0.61 45.74
C GLN F 763 -23.33 1.27 47.06
N GLN F 764 -24.31 1.37 47.95
CA GLN F 764 -24.10 1.97 49.26
C GLN F 764 -25.03 1.31 50.27
N SER F 765 -24.66 1.43 51.53
CA SER F 765 -25.46 0.95 52.66
C SER F 765 -25.94 2.11 53.51
N ARG F 766 -26.17 3.27 52.89
CA ARG F 766 -26.57 4.48 53.61
C ARG F 766 -28.04 4.40 54.01
N GLY F 767 -28.33 3.47 54.91
CA GLY F 767 -29.63 3.41 55.54
C GLY F 767 -29.83 4.36 56.69
N PHE F 768 -28.76 5.09 57.07
CA PHE F 768 -28.86 6.04 58.17
C PHE F 768 -29.84 7.17 57.86
N GLY F 769 -29.86 7.64 56.62
CA GLY F 769 -30.72 8.75 56.25
C GLY F 769 -32.18 8.35 56.14
N SER F 770 -32.73 7.74 57.20
CA SER F 770 -34.11 7.28 57.19
C SER F 770 -35.10 8.43 57.22
N PHE F 771 -34.66 9.66 57.48
CA PHE F 771 -35.55 10.82 57.56
C PHE F 771 -35.98 11.23 56.15
N ARG F 772 -36.75 10.35 55.53
CA ARG F 772 -37.37 10.64 54.24
C ARG F 772 -36.37 11.17 53.22
#